data_4U33
#
_entry.id   4U33
#
_cell.length_a   343.231
_cell.length_b   242.601
_cell.length_c   243.672
_cell.angle_alpha   90.000
_cell.angle_beta   135.150
_cell.angle_gamma   90.000
#
_symmetry.space_group_name_H-M   'C 1 2 1'
#
loop_
_entity.id
_entity.type
_entity.pdbx_description
1 polymer 'Alpha-1,4-glucan:maltose-1-phosphate maltosyltransferase'
2 branched alpha-D-glucopyranose-(1-4)-alpha-D-glucopyranose
#
_entity_poly.entity_id   1
_entity_poly.type   'polypeptide(L)'
_entity_poly.pdbx_seq_one_letter_code
;MGSSHHHHHHSSGLEVLFQGPHMSGRAIGTETEWWVPGRVEIDDVAPVVSCGVYPAKAVVGEVVPVSAAVWREGHEAVAA
TLVVRYLGVRYPHLTDRPRARVLPTPSEPQQRVKPLLIPMTSGQEPFVFHGQFTPDRVGLWTFRVDGWGDPIHTWRHGLI
AKLDAGQGETELSNDLLVGAVLLERAATGVPRGLRDPLLAAAAALRTPGDPVTRTALALTPEIEELLADYPLRDLVTRGE
QFGVWVDRPLARFGAWYEMFPRSTGGWDDDGNPVHGTFATAAAELPRIAGMGFDVVYLPPIHPIGKVHRKGRNNSPTAAP
TDVGSPWAIGSDEGGHDTVHPSLGTIDDFDDFVSAARDLGMEVALDLALQCAPDHPWAREHRQWFTELPDGTIAYAENPP
KKYQDIYPLNFDNDPEGLYDEVLRVVQHWVNHGVKFFRVDNPHTKPPNFWAWLIAQVKTVDPDVLFLSEAFTPPARQYGL
AKLGFTQSYSYFTWRTTKWELTEFGNQIAELADYRRPNLFVNTPDILHAVLQHNGPGMFAIRAVLAATMSPAWGMYCGYE
LFEHRAVREGSEEYLDSEKYELRPRDFASALDQGRSLQPFITRLNIIRRLHPAFQQLRTIHFHHVDNDALLAYSKFDPAT
GDCVLVVVTLNAFGPEEATLWLDMAALGMEDYDRFWVRDEITGEEYQWGQANYIRIDPARAVAHIINMPAVPYESRNTLL
RRR
;
_entity_poly.pdbx_strand_id   A,B,C,D,E,F
#
loop_
_chem_comp.id
_chem_comp.type
_chem_comp.name
_chem_comp.formula
GLC D-saccharide, alpha linking alpha-D-glucopyranose 'C6 H12 O6'
#
# COMPACT_ATOMS: atom_id res chain seq x y z
N PRO A 37 -47.04 7.35 -5.86
CA PRO A 37 -46.16 7.43 -4.69
C PRO A 37 -45.53 6.09 -4.28
N GLY A 38 -44.20 5.92 -4.28
CA GLY A 38 -43.18 6.58 -5.09
C GLY A 38 -43.25 6.74 -6.60
N ARG A 39 -43.33 7.98 -7.10
CA ARG A 39 -43.40 8.19 -8.55
C ARG A 39 -42.17 7.72 -9.29
N VAL A 40 -41.00 7.94 -8.74
CA VAL A 40 -39.78 7.49 -9.39
C VAL A 40 -39.18 6.42 -8.53
N GLU A 41 -38.85 5.28 -9.13
CA GLU A 41 -38.45 4.14 -8.34
C GLU A 41 -37.04 4.26 -7.84
N ILE A 42 -36.84 4.04 -6.55
CA ILE A 42 -35.51 4.07 -5.98
C ILE A 42 -35.33 2.82 -5.17
N ASP A 43 -34.35 2.02 -5.52
CA ASP A 43 -34.25 0.70 -4.93
C ASP A 43 -32.79 0.27 -4.88
N ASP A 44 -32.50 -0.78 -4.12
CA ASP A 44 -31.18 -1.36 -4.07
C ASP A 44 -30.15 -0.34 -3.68
N VAL A 45 -30.48 0.48 -2.71
CA VAL A 45 -29.57 1.49 -2.21
C VAL A 45 -28.45 0.85 -1.44
N ALA A 46 -27.24 1.42 -1.53
CA ALA A 46 -26.10 0.95 -0.76
C ALA A 46 -25.22 2.13 -0.40
N PRO A 47 -24.55 2.11 0.75
CA PRO A 47 -24.45 1.02 1.71
C PRO A 47 -25.52 1.04 2.78
N VAL A 48 -26.22 -0.06 2.89
CA VAL A 48 -27.16 -0.22 3.97
C VAL A 48 -26.87 -1.56 4.61
N VAL A 49 -26.93 -1.60 5.93
CA VAL A 49 -26.52 -2.76 6.69
C VAL A 49 -27.70 -3.34 7.44
N SER A 50 -27.93 -4.65 7.28
CA SER A 50 -29.05 -5.29 7.96
C SER A 50 -30.31 -4.51 7.73
N CYS A 51 -30.50 -4.07 6.51
CA CYS A 51 -31.66 -3.30 6.11
C CYS A 51 -31.91 -2.07 6.93
N GLY A 52 -30.86 -1.44 7.40
CA GLY A 52 -31.01 -0.17 8.05
C GLY A 52 -31.07 -0.23 9.55
N VAL A 53 -31.00 -1.42 10.10
CA VAL A 53 -31.01 -1.52 11.54
C VAL A 53 -29.74 -0.93 12.12
N TYR A 54 -28.62 -1.18 11.46
CA TYR A 54 -27.34 -0.71 11.95
C TYR A 54 -26.71 0.28 11.00
N PRO A 55 -26.07 1.31 11.53
CA PRO A 55 -25.41 2.25 10.64
C PRO A 55 -24.15 1.68 10.01
N ALA A 56 -23.84 2.16 8.82
CA ALA A 56 -22.66 1.73 8.11
C ALA A 56 -21.44 2.37 8.74
N LYS A 57 -20.27 1.87 8.39
CA LYS A 57 -19.05 2.34 9.00
C LYS A 57 -18.22 3.16 8.01
N ALA A 58 -17.62 4.23 8.49
CA ALA A 58 -16.71 5.03 7.70
C ALA A 58 -15.87 5.82 8.66
N VAL A 59 -14.79 6.44 8.19
CA VAL A 59 -14.00 7.34 9.02
C VAL A 59 -13.81 8.66 8.35
N VAL A 60 -13.30 9.62 9.09
CA VAL A 60 -13.09 10.95 8.55
C VAL A 60 -12.09 10.91 7.42
N GLY A 61 -12.46 11.56 6.32
CA GLY A 61 -11.62 11.62 5.16
C GLY A 61 -11.62 10.35 4.33
N GLU A 62 -12.61 9.50 4.52
CA GLU A 62 -12.71 8.30 3.73
C GLU A 62 -13.71 8.55 2.65
N VAL A 63 -13.43 8.11 1.45
CA VAL A 63 -14.42 8.30 0.41
C VAL A 63 -15.46 7.22 0.54
N VAL A 64 -16.71 7.61 0.76
CA VAL A 64 -17.76 6.64 0.89
C VAL A 64 -18.54 6.57 -0.38
N PRO A 65 -18.50 5.42 -1.06
CA PRO A 65 -19.19 5.31 -2.33
C PRO A 65 -20.60 4.87 -2.13
N VAL A 66 -21.53 5.56 -2.79
CA VAL A 66 -22.94 5.29 -2.63
C VAL A 66 -23.52 4.96 -3.97
N SER A 67 -24.43 4.00 -4.02
CA SER A 67 -25.05 3.63 -5.28
C SER A 67 -26.49 3.25 -5.04
N ALA A 68 -27.31 3.42 -6.06
CA ALA A 68 -28.72 3.13 -5.96
C ALA A 68 -29.30 2.93 -7.34
N ALA A 69 -30.48 2.35 -7.43
CA ALA A 69 -31.07 2.13 -8.72
C ALA A 69 -32.27 3.03 -8.87
N VAL A 70 -32.27 3.86 -9.89
CA VAL A 70 -33.41 4.74 -10.09
C VAL A 70 -33.93 4.62 -11.51
N TRP A 71 -35.23 4.47 -11.66
CA TRP A 71 -35.79 4.31 -12.99
C TRP A 71 -37.20 4.85 -13.05
N ARG A 72 -37.67 5.07 -14.27
CA ARG A 72 -38.98 5.63 -14.48
C ARG A 72 -39.47 5.17 -15.83
N GLU A 73 -40.63 5.66 -16.25
CA GLU A 73 -41.25 5.23 -17.49
C GLU A 73 -40.46 5.56 -18.73
N GLY A 74 -40.46 4.63 -19.68
CA GLY A 74 -40.00 4.91 -21.03
C GLY A 74 -38.57 5.39 -21.20
N HIS A 75 -38.34 6.11 -22.27
CA HIS A 75 -37.01 6.63 -22.58
C HIS A 75 -36.89 8.04 -22.04
N GLU A 76 -37.86 8.45 -21.24
CA GLU A 76 -37.80 9.73 -20.56
C GLU A 76 -36.64 9.73 -19.58
N ALA A 77 -35.79 10.74 -19.66
CA ALA A 77 -34.56 10.77 -18.87
C ALA A 77 -34.83 10.93 -17.38
N VAL A 78 -33.91 10.41 -16.58
CA VAL A 78 -34.06 10.44 -15.15
C VAL A 78 -32.72 10.80 -14.55
N ALA A 79 -32.72 11.40 -13.37
CA ALA A 79 -31.49 11.78 -12.73
C ALA A 79 -31.61 11.61 -11.22
N ALA A 80 -30.47 11.50 -10.54
CA ALA A 80 -30.52 11.32 -9.11
C ALA A 80 -29.57 12.24 -8.43
N THR A 81 -29.93 12.65 -7.22
CA THR A 81 -29.10 13.53 -6.43
C THR A 81 -28.86 12.84 -5.10
N LEU A 82 -27.61 12.72 -4.69
CA LEU A 82 -27.32 12.10 -3.42
C LEU A 82 -27.36 13.18 -2.38
N VAL A 83 -28.20 13.01 -1.38
CA VAL A 83 -28.39 14.04 -0.38
C VAL A 83 -27.73 13.65 0.91
N VAL A 84 -26.68 14.35 1.29
CA VAL A 84 -25.98 14.03 2.51
C VAL A 84 -26.23 15.10 3.54
N ARG A 85 -26.44 14.67 4.77
CA ARG A 85 -26.69 15.59 5.86
C ARG A 85 -25.89 15.10 7.04
N TYR A 86 -25.28 16.03 7.76
CA TYR A 86 -24.54 15.69 8.96
C TYR A 86 -25.32 16.05 10.18
N LEU A 87 -25.66 15.07 10.99
CA LEU A 87 -26.39 15.33 12.20
C LEU A 87 -25.36 15.64 13.25
N GLY A 88 -25.72 15.59 14.51
CA GLY A 88 -24.79 15.97 15.55
C GLY A 88 -23.79 14.87 15.81
N VAL A 89 -23.41 14.73 17.08
CA VAL A 89 -22.68 13.57 17.47
C VAL A 89 -23.81 12.65 17.89
N ARG A 90 -23.95 12.37 19.18
CA ARG A 90 -25.00 11.48 19.66
C ARG A 90 -24.78 10.11 19.01
N TYR A 91 -25.41 9.08 19.54
CA TYR A 91 -25.21 7.79 18.92
C TYR A 91 -26.56 7.15 18.73
N PRO A 92 -26.70 6.37 17.67
CA PRO A 92 -27.98 5.74 17.36
C PRO A 92 -28.63 5.01 18.55
N HIS A 93 -29.93 4.80 18.43
CA HIS A 93 -30.80 4.17 19.42
C HIS A 93 -30.22 4.19 20.85
N LYS A 114 -28.76 23.77 4.72
CA LYS A 114 -28.24 22.73 5.60
C LYS A 114 -28.02 21.33 4.97
N PRO A 115 -28.65 21.03 3.83
CA PRO A 115 -28.23 19.72 3.30
C PRO A 115 -27.14 19.88 2.28
N LEU A 116 -26.42 18.80 2.00
CA LEU A 116 -25.36 18.86 1.00
C LEU A 116 -25.81 18.02 -0.17
N LEU A 117 -25.83 18.59 -1.37
CA LEU A 117 -26.36 17.85 -2.51
C LEU A 117 -25.28 17.48 -3.49
N ILE A 118 -25.20 16.20 -3.83
CA ILE A 118 -24.19 15.71 -4.74
C ILE A 118 -24.82 14.99 -5.91
N PRO A 119 -24.53 15.43 -7.12
CA PRO A 119 -25.15 14.76 -8.26
C PRO A 119 -24.53 13.39 -8.52
N MET A 120 -25.35 12.46 -8.97
CA MET A 120 -24.95 11.08 -9.19
C MET A 120 -24.93 10.79 -10.66
N THR A 121 -24.10 9.86 -11.10
CA THR A 121 -23.94 9.62 -12.51
C THR A 121 -24.24 8.21 -12.92
N SER A 122 -24.93 8.05 -14.05
CA SER A 122 -25.23 6.74 -14.60
C SER A 122 -23.96 6.12 -15.11
N GLY A 123 -23.97 4.83 -15.33
CA GLY A 123 -22.76 4.17 -15.78
C GLY A 123 -23.05 3.00 -16.69
N GLN A 124 -22.28 1.94 -16.49
CA GLN A 124 -22.36 0.75 -17.31
C GLN A 124 -23.72 0.09 -17.14
N GLU A 125 -24.08 -0.16 -15.88
CA GLU A 125 -25.34 -0.80 -15.56
C GLU A 125 -26.48 0.16 -15.77
N PRO A 126 -27.45 -0.21 -16.60
CA PRO A 126 -28.57 0.68 -16.87
C PRO A 126 -29.29 0.98 -15.59
N PHE A 127 -29.72 2.22 -15.40
CA PHE A 127 -30.55 2.58 -14.28
C PHE A 127 -29.84 2.60 -12.94
N VAL A 128 -28.56 2.28 -12.93
CA VAL A 128 -27.81 2.29 -11.68
C VAL A 128 -27.00 3.55 -11.57
N PHE A 129 -27.15 4.26 -10.45
CA PHE A 129 -26.52 5.55 -10.30
C PHE A 129 -25.51 5.47 -9.19
N HIS A 130 -24.40 6.19 -9.35
CA HIS A 130 -23.29 6.15 -8.42
C HIS A 130 -22.97 7.49 -7.81
N GLY A 131 -22.50 7.51 -6.58
CA GLY A 131 -22.22 8.75 -5.88
C GLY A 131 -21.15 8.58 -4.82
N GLN A 132 -20.70 9.68 -4.23
CA GLN A 132 -19.65 9.62 -3.23
C GLN A 132 -19.84 10.75 -2.23
N PHE A 133 -19.39 10.59 -1.01
CA PHE A 133 -19.28 11.73 -0.11
C PHE A 133 -18.18 11.48 0.89
N THR A 134 -17.50 12.51 1.31
CA THR A 134 -16.40 12.34 2.25
C THR A 134 -16.62 13.09 3.54
N PRO A 135 -16.92 12.34 4.60
CA PRO A 135 -17.26 12.91 5.90
C PRO A 135 -16.09 13.66 6.47
N ASP A 136 -16.28 14.86 6.99
CA ASP A 136 -15.16 15.62 7.48
C ASP A 136 -15.15 15.82 8.97
N ARG A 137 -16.19 15.34 9.64
CA ARG A 137 -16.30 15.45 11.11
C ARG A 137 -16.74 14.12 11.69
N VAL A 138 -16.29 13.79 12.90
CA VAL A 138 -16.74 12.58 13.57
C VAL A 138 -18.21 12.67 13.91
N GLY A 139 -18.92 11.57 13.84
CA GLY A 139 -20.32 11.60 14.20
C GLY A 139 -21.23 10.81 13.28
N LEU A 140 -22.52 11.06 13.37
CA LEU A 140 -23.49 10.32 12.58
C LEU A 140 -23.97 11.08 11.37
N TRP A 141 -23.80 10.50 10.19
CA TRP A 141 -24.18 11.14 8.97
C TRP A 141 -25.37 10.43 8.37
N THR A 142 -26.11 11.12 7.50
CA THR A 142 -27.27 10.56 6.85
C THR A 142 -27.21 10.77 5.37
N PHE A 143 -27.70 9.81 4.60
CA PHE A 143 -27.79 10.02 3.17
C PHE A 143 -29.03 9.38 2.63
N ARG A 144 -29.50 9.89 1.51
CA ARG A 144 -30.63 9.32 0.85
C ARG A 144 -30.47 9.67 -0.60
N VAL A 145 -31.11 8.94 -1.50
CA VAL A 145 -31.00 9.27 -2.90
C VAL A 145 -32.34 9.83 -3.35
N ASP A 146 -32.32 10.99 -4.01
CA ASP A 146 -33.55 11.59 -4.50
C ASP A 146 -33.56 11.40 -5.98
N GLY A 147 -34.68 11.00 -6.54
CA GLY A 147 -34.75 10.73 -7.95
C GLY A 147 -35.69 11.69 -8.60
N TRP A 148 -35.38 12.11 -9.81
CA TRP A 148 -36.22 13.05 -10.50
C TRP A 148 -36.09 12.84 -11.98
N GLY A 149 -37.04 13.37 -12.75
CA GLY A 149 -36.93 13.27 -14.19
C GLY A 149 -36.50 14.62 -14.70
N ASP A 150 -35.42 14.65 -15.45
CA ASP A 150 -34.91 15.92 -15.96
C ASP A 150 -35.32 16.05 -17.44
N PRO A 151 -36.37 16.88 -17.69
CA PRO A 151 -36.97 17.03 -19.00
C PRO A 151 -36.04 17.65 -20.01
N ILE A 152 -35.16 18.51 -19.54
CA ILE A 152 -34.25 19.20 -20.43
C ILE A 152 -33.41 18.18 -21.19
N HIS A 153 -32.87 17.21 -20.48
CA HIS A 153 -32.02 16.19 -21.07
C HIS A 153 -32.82 15.43 -22.12
N THR A 154 -34.06 15.07 -21.83
CA THR A 154 -34.86 14.34 -22.80
C THR A 154 -34.96 15.16 -24.06
N TRP A 155 -35.33 16.42 -23.88
CA TRP A 155 -35.60 17.32 -24.99
C TRP A 155 -34.37 17.58 -25.81
N ARG A 156 -33.26 17.85 -25.13
CA ARG A 156 -32.03 18.19 -25.79
C ARG A 156 -31.57 17.02 -26.66
N HIS A 157 -31.42 15.86 -26.05
CA HIS A 157 -30.89 14.69 -26.75
C HIS A 157 -31.75 14.29 -27.93
N GLY A 158 -33.05 14.41 -27.76
CA GLY A 158 -33.99 14.10 -28.82
C GLY A 158 -33.85 15.05 -30.00
N LEU A 159 -33.67 16.34 -29.70
CA LEU A 159 -33.55 17.35 -30.75
C LEU A 159 -32.26 17.21 -31.55
N ILE A 160 -31.16 16.92 -30.88
CA ILE A 160 -29.89 16.77 -31.60
C ILE A 160 -29.98 15.67 -32.65
N ALA A 161 -30.68 14.59 -32.31
CA ALA A 161 -30.91 13.50 -33.24
C ALA A 161 -31.71 14.01 -34.42
N LYS A 162 -32.73 14.79 -34.12
CA LYS A 162 -33.57 15.42 -35.12
C LYS A 162 -32.79 16.52 -35.85
N LEU A 163 -31.86 17.15 -35.15
CA LEU A 163 -31.09 18.26 -35.73
C LEU A 163 -30.23 17.78 -36.88
N ASP A 164 -29.73 16.56 -36.80
CA ASP A 164 -28.89 16.01 -37.86
C ASP A 164 -29.65 15.79 -39.17
N ALA A 165 -30.93 15.43 -39.07
CA ALA A 165 -31.74 15.22 -40.27
C ALA A 165 -32.64 16.42 -40.63
N GLY A 166 -32.20 17.62 -40.26
CA GLY A 166 -32.92 18.86 -40.56
C GLY A 166 -34.42 18.88 -40.34
N GLU A 171 -41.13 22.06 -39.94
CA GLU A 171 -40.35 20.84 -40.01
C GLU A 171 -40.38 20.21 -38.62
N LEU A 172 -39.29 20.35 -37.88
CA LEU A 172 -39.24 20.05 -36.46
C LEU A 172 -40.01 21.12 -35.70
N SER A 173 -40.29 22.22 -36.41
CA SER A 173 -41.18 23.33 -36.02
C SER A 173 -41.95 23.30 -34.70
N ASN A 174 -42.06 22.12 -34.10
CA ASN A 174 -42.85 21.86 -32.91
C ASN A 174 -42.01 21.76 -31.63
N ASP A 175 -40.97 20.93 -31.69
CA ASP A 175 -40.12 20.60 -30.55
C ASP A 175 -39.44 21.81 -29.98
N LEU A 176 -39.04 22.70 -30.88
CA LEU A 176 -38.30 23.89 -30.48
C LEU A 176 -39.14 24.75 -29.54
N LEU A 177 -40.43 24.93 -29.84
CA LEU A 177 -41.28 25.67 -28.92
C LEU A 177 -41.35 24.96 -27.58
N VAL A 178 -41.34 23.64 -27.62
CA VAL A 178 -41.40 22.85 -26.39
C VAL A 178 -40.15 23.10 -25.58
N GLY A 179 -39.01 23.20 -26.25
CA GLY A 179 -37.80 23.53 -25.53
C GLY A 179 -38.03 24.89 -24.97
N ALA A 180 -38.53 25.77 -25.83
CA ALA A 180 -38.72 27.15 -25.49
C ALA A 180 -39.63 27.32 -24.28
N VAL A 181 -40.49 26.34 -24.01
CA VAL A 181 -41.36 26.46 -22.85
C VAL A 181 -40.64 25.86 -21.64
N LEU A 182 -39.55 25.14 -21.89
CA LEU A 182 -38.79 24.54 -20.80
C LEU A 182 -37.85 25.51 -20.08
N LEU A 183 -36.93 26.12 -20.80
CA LEU A 183 -35.89 26.93 -20.16
C LEU A 183 -36.35 28.09 -19.31
N GLU A 184 -37.38 28.81 -19.74
CA GLU A 184 -37.96 29.85 -18.89
C GLU A 184 -38.56 29.22 -17.65
N ARG A 185 -39.26 28.11 -17.80
CA ARG A 185 -39.82 27.46 -16.62
C ARG A 185 -38.64 27.09 -15.74
N ALA A 186 -37.53 26.72 -16.38
CA ALA A 186 -36.29 26.47 -15.67
C ALA A 186 -35.80 27.77 -15.04
N ALA A 187 -36.02 28.88 -15.73
CA ALA A 187 -35.51 30.16 -15.28
C ALA A 187 -36.06 30.55 -13.92
N THR A 188 -37.28 30.13 -13.62
CA THR A 188 -37.90 30.50 -12.35
C THR A 188 -37.04 30.08 -11.16
N GLY A 189 -36.33 28.96 -11.34
CA GLY A 189 -35.40 28.44 -10.35
C GLY A 189 -34.11 29.20 -10.16
N VAL A 190 -33.71 29.96 -11.18
CA VAL A 190 -32.46 30.75 -11.15
C VAL A 190 -32.64 32.23 -10.81
N PRO A 191 -31.77 32.75 -9.93
CA PRO A 191 -31.89 34.10 -9.34
C PRO A 191 -31.61 35.22 -10.35
N ARG A 192 -32.63 36.04 -10.56
CA ARG A 192 -32.65 37.23 -11.42
C ARG A 192 -31.30 37.74 -11.91
N GLY A 193 -30.27 37.61 -11.09
CA GLY A 193 -28.91 37.92 -11.52
C GLY A 193 -28.44 37.11 -12.70
N LEU A 194 -28.21 35.81 -12.51
CA LEU A 194 -27.71 34.97 -13.60
C LEU A 194 -28.88 34.30 -14.34
N ARG A 195 -30.09 34.65 -13.92
CA ARG A 195 -31.31 34.11 -14.50
C ARG A 195 -31.42 34.31 -16.03
N ASP A 196 -30.72 35.30 -16.57
CA ASP A 196 -31.19 35.92 -17.80
C ASP A 196 -30.78 35.19 -19.10
N PRO A 197 -29.57 34.60 -19.18
CA PRO A 197 -29.22 34.08 -20.51
C PRO A 197 -30.14 32.94 -20.97
N LEU A 198 -30.88 32.32 -20.06
CA LEU A 198 -31.86 31.33 -20.49
C LEU A 198 -32.96 32.01 -21.28
N LEU A 199 -33.51 33.09 -20.75
CA LEU A 199 -34.55 33.81 -21.48
C LEU A 199 -34.01 34.29 -22.81
N ALA A 200 -32.71 34.56 -22.85
CA ALA A 200 -32.03 34.83 -24.11
C ALA A 200 -32.07 33.60 -24.99
N ALA A 201 -31.79 32.46 -24.38
CA ALA A 201 -31.85 31.18 -25.06
C ALA A 201 -33.31 30.86 -25.38
N ALA A 202 -34.22 31.27 -24.50
CA ALA A 202 -35.66 31.03 -24.65
C ALA A 202 -36.38 31.86 -25.71
N ALA A 203 -35.84 33.03 -26.06
CA ALA A 203 -36.47 33.86 -27.09
C ALA A 203 -35.79 33.96 -28.45
N ALA A 204 -34.86 33.06 -28.77
CA ALA A 204 -34.23 33.11 -30.08
C ALA A 204 -34.75 32.17 -31.18
N LEU A 205 -35.78 31.38 -30.92
CA LEU A 205 -36.50 30.69 -32.01
C LEU A 205 -38.00 30.71 -31.81
N ARG A 206 -38.48 31.30 -30.71
CA ARG A 206 -39.92 31.49 -30.62
C ARG A 206 -40.16 32.42 -31.79
N THR A 207 -39.23 33.34 -32.01
CA THR A 207 -39.21 34.11 -33.24
C THR A 207 -38.95 33.11 -34.38
N PRO A 208 -39.80 33.12 -35.41
CA PRO A 208 -39.68 32.18 -36.53
C PRO A 208 -38.34 32.23 -37.23
N GLY A 209 -37.95 31.13 -37.83
CA GLY A 209 -36.71 31.13 -38.57
C GLY A 209 -36.16 29.75 -38.82
N ASP A 210 -34.87 29.72 -39.15
CA ASP A 210 -34.14 28.48 -39.38
C ASP A 210 -34.02 27.72 -38.06
N PRO A 211 -33.85 26.39 -38.13
CA PRO A 211 -33.61 25.62 -36.91
C PRO A 211 -32.27 25.92 -36.22
N VAL A 212 -31.18 25.94 -36.98
CA VAL A 212 -29.86 26.09 -36.39
C VAL A 212 -29.67 27.44 -35.70
N THR A 213 -30.56 28.39 -35.98
CA THR A 213 -30.46 29.72 -35.38
C THR A 213 -30.45 29.75 -33.86
N ARG A 214 -31.33 28.98 -33.23
CA ARG A 214 -31.44 29.05 -31.78
C ARG A 214 -30.84 27.84 -31.11
N THR A 215 -30.44 26.86 -31.90
CA THR A 215 -29.73 25.73 -31.33
C THR A 215 -28.40 26.23 -30.75
N ALA A 216 -27.97 27.39 -31.23
CA ALA A 216 -26.83 28.11 -30.68
C ALA A 216 -26.91 28.19 -29.15
N LEU A 217 -28.11 28.47 -28.66
CA LEU A 217 -28.33 29.02 -27.33
C LEU A 217 -28.71 27.86 -26.44
N ALA A 218 -28.89 26.72 -27.09
CA ALA A 218 -29.19 25.46 -26.43
C ALA A 218 -27.95 24.60 -26.30
N LEU A 219 -27.19 24.48 -27.38
CA LEU A 219 -25.98 23.65 -27.37
C LEU A 219 -24.78 24.42 -26.80
N THR A 220 -25.00 25.68 -26.46
CA THR A 220 -23.95 26.54 -25.91
C THR A 220 -23.35 25.96 -24.65
N PRO A 221 -22.02 25.82 -24.62
CA PRO A 221 -21.38 25.28 -23.40
C PRO A 221 -21.66 26.12 -22.17
N GLU A 222 -22.33 27.26 -22.32
CA GLU A 222 -22.65 28.10 -21.17
C GLU A 222 -23.91 27.72 -20.42
N ILE A 223 -24.92 27.18 -21.10
CA ILE A 223 -26.17 26.91 -20.38
C ILE A 223 -26.40 25.51 -19.84
N GLU A 224 -25.54 24.55 -20.13
CA GLU A 224 -25.70 23.29 -19.44
C GLU A 224 -25.06 23.53 -18.08
N GLU A 225 -23.93 24.24 -18.09
CA GLU A 225 -23.23 24.50 -16.84
C GLU A 225 -24.07 25.29 -15.86
N LEU A 226 -24.82 26.30 -16.30
CA LEU A 226 -25.65 26.98 -15.31
C LEU A 226 -26.79 26.06 -14.89
N LEU A 227 -27.36 25.32 -15.84
CA LEU A 227 -28.43 24.39 -15.51
C LEU A 227 -27.91 23.33 -14.57
N ALA A 228 -26.64 22.98 -14.70
CA ALA A 228 -26.04 22.05 -13.77
C ALA A 228 -26.12 22.63 -12.38
N ASP A 229 -25.80 23.92 -12.26
CA ASP A 229 -25.83 24.61 -10.97
C ASP A 229 -27.24 24.69 -10.42
N TYR A 230 -28.19 25.04 -11.28
CA TYR A 230 -29.60 25.05 -10.91
C TYR A 230 -30.35 24.18 -11.90
N PRO A 231 -30.84 23.03 -11.45
CA PRO A 231 -31.42 22.12 -12.43
C PRO A 231 -32.92 22.19 -12.46
N LEU A 232 -33.52 21.80 -13.58
CA LEU A 232 -34.97 21.76 -13.63
C LEU A 232 -35.43 20.35 -13.33
N ARG A 233 -35.98 20.13 -12.14
CA ARG A 233 -36.32 18.78 -11.72
C ARG A 233 -37.82 18.55 -11.69
N ASP A 234 -38.25 17.43 -12.27
CA ASP A 234 -39.65 17.06 -12.32
C ASP A 234 -39.84 15.78 -11.55
N LEU A 235 -41.01 15.62 -10.95
CA LEU A 235 -41.36 14.37 -10.30
C LEU A 235 -40.38 14.00 -9.23
N VAL A 236 -39.83 14.97 -8.53
CA VAL A 236 -38.82 14.66 -7.54
C VAL A 236 -39.36 13.71 -6.48
N THR A 237 -38.63 12.62 -6.22
CA THR A 237 -39.07 11.62 -5.27
C THR A 237 -37.98 11.31 -4.29
N ARG A 238 -38.26 11.25 -3.01
CA ARG A 238 -37.16 11.01 -2.11
C ARG A 238 -37.05 9.57 -1.69
N GLY A 239 -35.82 9.08 -1.68
CA GLY A 239 -35.53 7.71 -1.28
C GLY A 239 -35.42 7.61 0.21
N GLU A 240 -35.26 6.40 0.71
CA GLU A 240 -35.17 6.17 2.14
C GLU A 240 -33.88 6.73 2.65
N GLN A 241 -33.82 7.01 3.95
CA GLN A 241 -32.63 7.58 4.55
C GLN A 241 -31.85 6.58 5.35
N PHE A 242 -30.55 6.50 5.09
CA PHE A 242 -29.72 5.57 5.79
C PHE A 242 -28.60 6.31 6.45
N GLY A 243 -27.94 5.68 7.41
CA GLY A 243 -26.97 6.38 8.20
C GLY A 243 -25.58 5.78 8.19
N VAL A 244 -24.60 6.64 8.35
CA VAL A 244 -23.22 6.21 8.41
C VAL A 244 -22.67 6.73 9.69
N TRP A 245 -21.95 5.90 10.43
CA TRP A 245 -21.34 6.41 11.62
C TRP A 245 -19.86 6.57 11.40
N VAL A 246 -19.41 7.82 11.41
CA VAL A 246 -18.03 8.12 11.13
C VAL A 246 -17.20 8.21 12.39
N ASP A 247 -16.06 7.56 12.41
CA ASP A 247 -15.16 7.51 13.55
C ASP A 247 -13.88 8.24 13.23
N ARG A 248 -13.03 8.47 14.21
CA ARG A 248 -11.74 9.05 13.93
C ARG A 248 -10.92 8.09 13.09
N PRO A 249 -9.92 8.57 12.36
CA PRO A 249 -9.21 7.74 11.40
C PRO A 249 -8.52 6.54 11.98
N LEU A 250 -8.25 6.55 13.28
CA LEU A 250 -7.54 5.44 13.89
C LEU A 250 -8.40 4.20 13.90
N ALA A 251 -9.69 4.38 13.67
CA ALA A 251 -10.61 3.26 13.61
C ALA A 251 -10.30 2.35 12.46
N ARG A 252 -9.77 2.90 11.38
CA ARG A 252 -9.44 2.13 10.19
C ARG A 252 -7.97 1.88 10.02
N PHE A 253 -7.18 2.93 10.14
CA PHE A 253 -5.76 2.85 9.84
C PHE A 253 -4.88 3.12 11.04
N GLY A 254 -4.23 2.09 11.54
CA GLY A 254 -3.24 2.22 12.59
C GLY A 254 -2.61 0.87 12.82
N ALA A 255 -1.43 0.81 13.41
CA ALA A 255 -0.80 -0.48 13.63
C ALA A 255 -0.66 -0.74 15.11
N TRP A 256 -0.83 -1.99 15.52
CA TRP A 256 -0.86 -2.36 16.93
C TRP A 256 0.35 -3.12 17.42
N TYR A 257 0.76 -2.85 18.66
CA TYR A 257 1.82 -3.61 19.30
C TYR A 257 1.30 -4.10 20.63
N GLU A 258 1.41 -5.40 20.87
CA GLU A 258 0.89 -5.99 22.09
C GLU A 258 2.03 -6.28 22.99
N MET A 259 2.05 -5.67 24.17
CA MET A 259 3.14 -5.89 25.10
C MET A 259 2.63 -6.13 26.49
N PHE A 260 3.39 -6.86 27.28
CA PHE A 260 3.05 -7.13 28.66
C PHE A 260 3.82 -6.21 29.57
N PRO A 261 3.15 -5.30 30.27
CA PRO A 261 3.92 -4.36 31.07
C PRO A 261 4.84 -5.06 32.04
N ARG A 262 4.35 -6.11 32.68
CA ARG A 262 5.15 -6.80 33.67
C ARG A 262 6.43 -7.40 33.12
N SER A 263 6.47 -7.78 31.85
CA SER A 263 7.68 -8.39 31.32
C SER A 263 8.85 -7.44 31.08
N THR A 264 8.65 -6.15 31.35
CA THR A 264 9.71 -5.17 31.16
C THR A 264 10.64 -5.03 32.35
N GLY A 265 10.81 -6.11 33.10
CA GLY A 265 11.60 -6.09 34.31
C GLY A 265 13.11 -6.23 34.14
N GLY A 266 13.52 -7.15 33.29
CA GLY A 266 14.91 -7.13 32.89
C GLY A 266 15.91 -7.83 33.77
N TRP A 267 15.47 -8.82 34.54
CA TRP A 267 16.40 -9.69 35.26
C TRP A 267 17.12 -9.01 36.44
N ASP A 268 17.72 -9.82 37.30
CA ASP A 268 18.48 -9.33 38.45
C ASP A 268 19.87 -9.88 38.31
N ASP A 269 20.69 -9.76 39.33
CA ASP A 269 22.07 -10.20 39.23
C ASP A 269 22.16 -11.71 38.98
N ASP A 270 21.24 -12.46 39.57
CA ASP A 270 21.04 -13.84 39.16
C ASP A 270 20.21 -13.76 37.90
N GLY A 271 20.30 -14.74 37.01
CA GLY A 271 19.57 -14.60 35.75
C GLY A 271 18.08 -14.85 35.90
N ASN A 272 17.40 -14.03 36.70
CA ASN A 272 16.00 -14.25 37.00
C ASN A 272 15.13 -13.06 36.66
N PRO A 273 14.04 -13.29 35.93
CA PRO A 273 13.19 -12.17 35.56
C PRO A 273 12.75 -11.38 36.76
N VAL A 274 12.51 -10.09 36.58
CA VAL A 274 12.04 -9.24 37.65
C VAL A 274 10.73 -8.65 37.23
N HIS A 275 9.75 -8.59 38.11
CA HIS A 275 8.49 -8.00 37.73
C HIS A 275 8.74 -6.57 37.37
N GLY A 276 8.13 -6.14 36.28
CA GLY A 276 8.31 -4.78 35.80
C GLY A 276 7.23 -3.91 36.36
N THR A 277 7.26 -2.64 35.99
CA THR A 277 6.26 -1.70 36.45
C THR A 277 5.88 -0.77 35.30
N PHE A 278 4.83 0.02 35.48
CA PHE A 278 4.43 0.97 34.47
C PHE A 278 5.60 1.87 34.13
N ALA A 279 6.37 2.20 35.14
CA ALA A 279 7.53 3.04 34.96
C ALA A 279 8.49 2.39 34.02
N THR A 280 8.83 1.13 34.25
CA THR A 280 9.75 0.43 33.36
C THR A 280 9.15 0.16 32.00
N ALA A 281 7.85 -0.12 31.97
CA ALA A 281 7.22 -0.38 30.71
C ALA A 281 7.31 0.84 29.84
N ALA A 282 7.05 1.99 30.43
CA ALA A 282 7.05 3.25 29.70
C ALA A 282 8.38 3.51 29.05
N ALA A 283 9.43 2.93 29.62
CA ALA A 283 10.77 3.07 29.09
C ALA A 283 10.91 2.40 27.74
N GLU A 284 10.06 1.42 27.46
CA GLU A 284 10.15 0.68 26.21
C GLU A 284 9.31 1.28 25.13
N LEU A 285 8.53 2.31 25.47
CA LEU A 285 7.65 2.93 24.49
C LEU A 285 8.37 3.58 23.34
N PRO A 286 9.56 4.16 23.57
CA PRO A 286 10.12 4.74 22.36
C PRO A 286 10.41 3.73 21.26
N ARG A 287 11.11 2.64 21.55
CA ARG A 287 11.50 1.73 20.48
C ARG A 287 10.29 1.30 19.72
N ILE A 288 9.17 1.19 20.42
CA ILE A 288 7.92 0.82 19.81
C ILE A 288 7.46 1.87 18.84
N ALA A 289 7.50 3.13 19.24
CA ALA A 289 7.09 4.20 18.34
C ALA A 289 7.98 4.16 17.12
N GLY A 290 9.24 3.84 17.36
CA GLY A 290 10.26 3.81 16.34
C GLY A 290 9.91 2.87 15.23
N MET A 291 9.21 1.80 15.56
CA MET A 291 8.78 0.83 14.57
C MET A 291 7.52 1.26 13.88
N GLY A 292 6.94 2.37 14.29
CA GLY A 292 5.81 2.89 13.57
C GLY A 292 4.44 2.49 14.06
N PHE A 293 4.38 1.84 15.20
CA PHE A 293 3.10 1.44 15.75
C PHE A 293 2.33 2.61 16.33
N ASP A 294 1.04 2.66 16.05
CA ASP A 294 0.21 3.73 16.53
C ASP A 294 -0.57 3.42 17.80
N VAL A 295 -0.68 2.14 18.15
CA VAL A 295 -1.43 1.72 19.32
C VAL A 295 -0.71 0.66 20.13
N VAL A 296 -0.67 0.80 21.45
CA VAL A 296 -0.06 -0.22 22.31
C VAL A 296 -1.14 -0.93 23.07
N TYR A 297 -1.23 -2.24 22.89
CA TYR A 297 -2.28 -3.01 23.52
C TYR A 297 -1.71 -3.77 24.69
N LEU A 298 -2.35 -3.61 25.83
CA LEU A 298 -1.88 -4.17 27.07
C LEU A 298 -2.84 -5.22 27.59
N PRO A 299 -2.33 -6.42 27.91
CA PRO A 299 -3.14 -7.40 28.60
C PRO A 299 -3.61 -6.77 29.88
N PRO A 300 -4.64 -7.32 30.51
CA PRO A 300 -5.25 -6.59 31.61
C PRO A 300 -4.24 -6.14 32.65
N ILE A 301 -4.39 -4.92 33.11
CA ILE A 301 -3.45 -4.36 34.07
C ILE A 301 -3.96 -4.51 35.49
N HIS A 302 -5.00 -5.31 35.67
CA HIS A 302 -5.63 -5.44 36.96
C HIS A 302 -4.97 -6.51 37.80
N PRO A 303 -5.29 -6.56 39.11
CA PRO A 303 -4.77 -7.57 40.04
C PRO A 303 -5.11 -8.96 39.60
N ILE A 304 -4.18 -9.88 39.75
CA ILE A 304 -4.40 -11.24 39.32
C ILE A 304 -4.85 -12.05 40.52
N GLY A 305 -5.88 -12.85 40.34
CA GLY A 305 -6.43 -13.64 41.43
C GLY A 305 -5.41 -14.54 42.05
N LYS A 306 -5.56 -14.78 43.35
CA LYS A 306 -4.66 -15.67 44.06
C LYS A 306 -5.24 -17.07 44.21
N VAL A 307 -6.53 -17.24 43.93
CA VAL A 307 -7.15 -18.55 44.06
C VAL A 307 -7.21 -19.29 42.75
N HIS A 308 -6.66 -20.51 42.75
CA HIS A 308 -6.64 -21.37 41.59
C HIS A 308 -5.79 -20.75 40.48
N ARG A 309 -4.92 -19.83 40.88
CA ARG A 309 -4.03 -19.14 39.96
C ARG A 309 -3.22 -20.17 39.19
N LYS A 310 -3.04 -19.99 37.89
CA LYS A 310 -2.32 -20.99 37.11
C LYS A 310 -0.82 -20.80 37.04
N GLY A 311 -0.10 -21.91 36.94
CA GLY A 311 1.35 -21.88 36.90
C GLY A 311 1.88 -21.86 35.50
N ARG A 312 3.20 -21.88 35.35
CA ARG A 312 3.82 -21.80 34.05
C ARG A 312 3.28 -22.88 33.13
N ASN A 313 3.11 -22.53 31.86
CA ASN A 313 2.62 -23.45 30.84
C ASN A 313 1.22 -23.99 31.06
N ASN A 314 0.36 -23.16 31.62
CA ASN A 314 -1.05 -23.49 31.85
C ASN A 314 -1.19 -24.58 32.88
N SER A 315 -0.16 -24.78 33.70
CA SER A 315 -0.20 -25.75 34.77
C SER A 315 -1.34 -25.41 35.71
N PRO A 316 -2.03 -26.43 36.22
CA PRO A 316 -3.19 -26.12 37.05
C PRO A 316 -2.82 -25.48 38.40
N THR A 317 -1.70 -25.90 38.98
CA THR A 317 -1.30 -25.41 40.30
C THR A 317 -0.15 -24.43 40.23
N ALA A 318 -0.29 -23.31 40.93
CA ALA A 318 0.71 -22.25 40.86
C ALA A 318 1.72 -22.30 42.00
N ALA A 319 2.99 -22.19 41.66
CA ALA A 319 4.05 -22.12 42.67
C ALA A 319 3.87 -20.80 43.42
N PRO A 320 4.56 -20.64 44.57
CA PRO A 320 4.31 -19.40 45.33
C PRO A 320 4.71 -18.13 44.61
N THR A 321 5.74 -18.20 43.78
CA THR A 321 6.24 -17.02 43.09
C THR A 321 5.62 -16.76 41.71
N ASP A 322 4.97 -17.77 41.11
CA ASP A 322 4.43 -17.62 39.75
C ASP A 322 3.42 -16.50 39.70
N VAL A 323 3.26 -15.90 38.53
CA VAL A 323 2.47 -14.68 38.43
C VAL A 323 1.03 -14.83 37.98
N GLY A 324 0.73 -15.88 37.23
CA GLY A 324 -0.64 -16.10 36.80
C GLY A 324 -1.04 -15.24 35.63
N SER A 325 -2.15 -15.57 34.98
CA SER A 325 -2.54 -14.87 33.77
C SER A 325 -3.30 -13.63 34.11
N PRO A 326 -2.94 -12.51 33.48
CA PRO A 326 -3.59 -11.24 33.74
C PRO A 326 -5.07 -11.33 33.56
N TRP A 327 -5.54 -12.33 32.82
CA TRP A 327 -6.96 -12.46 32.55
C TRP A 327 -7.74 -13.05 33.71
N ALA A 328 -7.04 -13.52 34.73
CA ALA A 328 -7.67 -13.92 35.99
C ALA A 328 -7.94 -12.70 36.85
N ILE A 329 -8.83 -11.83 36.38
CA ILE A 329 -8.98 -10.53 36.99
C ILE A 329 -9.52 -10.60 38.38
N GLY A 330 -8.99 -9.76 39.26
CA GLY A 330 -9.54 -9.59 40.60
C GLY A 330 -8.86 -10.33 41.73
N SER A 331 -8.75 -9.65 42.87
CA SER A 331 -8.19 -10.21 44.09
C SER A 331 -8.63 -9.33 45.24
N ASP A 332 -8.33 -9.74 46.45
CA ASP A 332 -8.64 -8.93 47.63
C ASP A 332 -8.08 -7.52 47.50
N GLU A 333 -7.02 -7.38 46.71
CA GLU A 333 -6.42 -6.10 46.40
C GLU A 333 -7.31 -5.18 45.56
N GLY A 334 -7.98 -5.73 44.57
CA GLY A 334 -8.82 -4.88 43.75
C GLY A 334 -9.59 -5.56 42.64
N GLY A 335 -10.45 -4.79 41.99
CA GLY A 335 -11.23 -5.27 40.87
C GLY A 335 -10.84 -4.65 39.54
N HIS A 336 -11.81 -4.57 38.64
CA HIS A 336 -11.55 -4.04 37.32
C HIS A 336 -11.18 -2.57 37.32
N ASP A 337 -11.42 -1.88 38.42
CA ASP A 337 -11.12 -0.47 38.43
C ASP A 337 -9.78 -0.13 39.04
N THR A 338 -9.05 -1.16 39.46
CA THR A 338 -7.79 -0.94 40.14
C THR A 338 -6.60 -1.50 39.40
N VAL A 339 -5.50 -0.78 39.43
CA VAL A 339 -4.26 -1.25 38.85
C VAL A 339 -3.64 -2.34 39.72
N HIS A 340 -3.15 -3.40 39.10
CA HIS A 340 -2.42 -4.43 39.82
C HIS A 340 -1.26 -3.77 40.53
N PRO A 341 -1.17 -3.94 41.85
CA PRO A 341 -0.24 -3.18 42.68
C PRO A 341 1.20 -3.36 42.27
N SER A 342 1.57 -4.53 41.81
CA SER A 342 2.95 -4.77 41.38
C SER A 342 3.33 -3.86 40.22
N LEU A 343 2.35 -3.44 39.44
CA LEU A 343 2.62 -2.50 38.35
C LEU A 343 2.86 -1.08 38.86
N GLY A 344 2.10 -0.65 39.85
CA GLY A 344 2.32 0.68 40.41
C GLY A 344 1.03 1.38 40.81
N THR A 345 1.14 2.60 41.28
CA THR A 345 -0.05 3.37 41.62
C THR A 345 -0.75 3.74 40.33
N ILE A 346 -2.00 4.16 40.40
CA ILE A 346 -2.72 4.52 39.19
C ILE A 346 -2.11 5.75 38.55
N ASP A 347 -1.40 6.54 39.33
CA ASP A 347 -0.74 7.69 38.77
C ASP A 347 0.31 7.19 37.79
N ASP A 348 0.95 6.08 38.13
CA ASP A 348 1.96 5.51 37.27
C ASP A 348 1.38 5.22 35.90
N PHE A 349 0.16 4.69 35.88
CA PHE A 349 -0.53 4.44 34.64
C PHE A 349 -0.72 5.74 33.91
N ASP A 350 -1.24 6.74 34.62
CA ASP A 350 -1.50 8.03 34.00
C ASP A 350 -0.21 8.54 33.36
N ASP A 351 0.91 8.26 34.01
CA ASP A 351 2.21 8.65 33.53
C ASP A 351 2.59 7.88 32.27
N PHE A 352 2.28 6.59 32.26
CA PHE A 352 2.56 5.73 31.10
C PHE A 352 1.75 6.15 29.91
N VAL A 353 0.47 6.41 30.13
CA VAL A 353 -0.37 6.89 29.06
C VAL A 353 0.18 8.16 28.47
N SER A 354 0.54 9.08 29.34
CA SER A 354 1.05 10.36 28.90
C SER A 354 2.32 10.18 28.13
N ALA A 355 3.11 9.20 28.52
CA ALA A 355 4.34 8.92 27.81
C ALA A 355 4.03 8.53 26.39
N ALA A 356 3.08 7.64 26.23
CA ALA A 356 2.73 7.15 24.92
C ALA A 356 2.24 8.29 24.07
N ARG A 357 1.38 9.11 24.65
CA ARG A 357 0.79 10.23 23.92
C ARG A 357 1.87 11.18 23.42
N ASP A 358 2.96 11.29 24.16
CA ASP A 358 4.05 12.12 23.74
C ASP A 358 4.68 11.59 22.50
N LEU A 359 4.68 10.27 22.35
CA LEU A 359 5.32 9.63 21.20
C LEU A 359 4.40 9.45 20.02
N GLY A 360 3.18 9.92 20.14
CA GLY A 360 2.23 9.82 19.07
C GLY A 360 1.36 8.58 19.13
N MET A 361 1.48 7.82 20.21
CA MET A 361 0.74 6.57 20.29
C MET A 361 -0.48 6.62 21.20
N GLU A 362 -1.22 5.52 21.22
CA GLU A 362 -2.45 5.38 21.98
C GLU A 362 -2.34 4.11 22.78
N VAL A 363 -3.08 4.02 23.87
CA VAL A 363 -3.04 2.83 24.70
C VAL A 363 -4.36 2.08 24.61
N ALA A 364 -4.31 0.79 24.40
CA ALA A 364 -5.54 0.03 24.34
C ALA A 364 -5.54 -1.01 25.42
N LEU A 365 -6.59 -1.03 26.23
CA LEU A 365 -6.63 -1.94 27.37
C LEU A 365 -7.56 -3.09 27.11
N ASP A 366 -7.22 -4.24 27.67
CA ASP A 366 -8.02 -5.43 27.53
C ASP A 366 -9.24 -5.33 28.43
N LEU A 367 -10.41 -5.54 27.85
CA LEU A 367 -11.62 -5.53 28.64
C LEU A 367 -12.12 -6.93 28.67
N ALA A 368 -11.93 -7.62 29.78
CA ALA A 368 -12.34 -8.99 29.88
C ALA A 368 -13.38 -9.15 30.96
N LEU A 369 -14.62 -9.42 30.57
CA LEU A 369 -15.69 -9.52 31.53
C LEU A 369 -15.80 -10.90 32.13
N GLN A 370 -14.96 -11.15 33.12
CA GLN A 370 -14.87 -12.41 33.82
C GLN A 370 -14.31 -12.08 35.18
N CYS A 371 -14.30 -13.05 36.10
CA CYS A 371 -13.75 -12.80 37.43
C CYS A 371 -12.96 -13.99 37.95
N ALA A 372 -11.93 -13.70 38.73
CA ALA A 372 -11.22 -14.73 39.46
C ALA A 372 -11.99 -14.91 40.74
N PRO A 373 -11.75 -16.00 41.47
CA PRO A 373 -12.56 -16.16 42.67
C PRO A 373 -12.39 -15.04 43.70
N ASP A 374 -11.19 -14.56 43.97
CA ASP A 374 -11.01 -13.50 44.96
C ASP A 374 -11.52 -12.14 44.51
N HIS A 375 -12.05 -12.07 43.30
CA HIS A 375 -12.57 -10.80 42.83
C HIS A 375 -13.64 -10.34 43.78
N PRO A 376 -13.62 -9.07 44.13
CA PRO A 376 -14.62 -8.53 45.04
C PRO A 376 -16.05 -8.86 44.62
N TRP A 377 -16.32 -8.97 43.33
CA TRP A 377 -17.69 -9.25 42.92
C TRP A 377 -18.16 -10.61 43.43
N ALA A 378 -17.24 -11.55 43.58
CA ALA A 378 -17.61 -12.88 44.05
C ALA A 378 -18.27 -12.82 45.42
N ARG A 379 -17.90 -11.82 46.21
CA ARG A 379 -18.51 -11.65 47.51
C ARG A 379 -19.53 -10.52 47.40
N GLU A 380 -19.10 -9.33 47.00
CA GLU A 380 -19.93 -8.14 47.06
C GLU A 380 -21.23 -8.24 46.26
N HIS A 381 -21.15 -8.64 45.01
CA HIS A 381 -22.37 -8.85 44.24
C HIS A 381 -22.32 -10.25 43.65
N ARG A 382 -23.06 -11.20 44.19
CA ARG A 382 -22.94 -12.57 43.72
C ARG A 382 -24.10 -13.00 42.85
N GLN A 383 -25.12 -12.14 42.76
CA GLN A 383 -26.23 -12.44 41.86
C GLN A 383 -25.67 -12.59 40.47
N TRP A 384 -24.56 -11.90 40.22
CA TRP A 384 -23.95 -11.81 38.93
C TRP A 384 -23.31 -13.10 38.44
N PHE A 385 -23.42 -14.16 39.20
CA PHE A 385 -22.88 -15.42 38.75
C PHE A 385 -23.92 -16.52 38.72
N THR A 386 -23.61 -17.60 38.02
CA THR A 386 -24.48 -18.74 37.99
C THR A 386 -23.95 -19.76 38.97
N GLU A 387 -24.58 -19.80 40.14
CA GLU A 387 -24.15 -20.61 41.27
C GLU A 387 -24.82 -21.97 41.24
N LEU A 388 -24.03 -23.01 41.46
CA LEU A 388 -24.51 -24.37 41.36
C LEU A 388 -25.44 -24.71 42.53
N PRO A 389 -26.05 -25.90 42.53
CA PRO A 389 -26.87 -26.21 43.70
C PRO A 389 -26.08 -26.29 45.00
N ASP A 390 -24.84 -26.78 44.96
CA ASP A 390 -24.06 -26.82 46.18
C ASP A 390 -23.39 -25.49 46.50
N GLY A 391 -23.78 -24.44 45.78
CA GLY A 391 -23.28 -23.11 46.08
C GLY A 391 -21.99 -22.68 45.42
N THR A 392 -21.25 -23.61 44.83
CA THR A 392 -20.04 -23.26 44.08
C THR A 392 -20.42 -22.60 42.79
N ILE A 393 -19.43 -22.00 42.14
CA ILE A 393 -19.65 -21.42 40.84
C ILE A 393 -18.77 -22.13 39.84
N ALA A 394 -19.36 -22.51 38.71
CA ALA A 394 -18.66 -23.30 37.72
C ALA A 394 -17.59 -22.47 37.07
N TYR A 395 -16.40 -23.03 36.89
CA TYR A 395 -15.32 -22.27 36.29
C TYR A 395 -15.61 -22.04 34.82
N ALA A 396 -15.10 -20.93 34.30
CA ALA A 396 -15.36 -20.55 32.92
C ALA A 396 -14.85 -21.57 31.95
N GLU A 397 -15.60 -21.78 30.89
CA GLU A 397 -15.19 -22.73 29.88
C GLU A 397 -15.55 -22.23 28.50
N ASN A 398 -14.63 -22.43 27.56
CA ASN A 398 -14.82 -22.12 26.15
C ASN A 398 -14.28 -23.31 25.38
N PRO A 399 -15.17 -24.10 24.77
CA PRO A 399 -14.73 -25.39 24.22
C PRO A 399 -13.72 -25.23 23.10
N PRO A 400 -12.63 -26.01 23.14
CA PRO A 400 -12.34 -26.98 24.20
C PRO A 400 -11.45 -26.40 25.30
N LYS A 401 -11.13 -25.11 25.22
CA LYS A 401 -10.29 -24.47 26.24
C LYS A 401 -10.97 -24.44 27.59
N LYS A 402 -10.20 -24.65 28.64
CA LYS A 402 -10.73 -24.59 29.99
C LYS A 402 -10.05 -23.49 30.79
N TYR A 403 -10.86 -22.68 31.46
CA TYR A 403 -10.34 -21.53 32.18
C TYR A 403 -10.56 -21.71 33.68
N GLN A 404 -9.80 -22.63 34.28
CA GLN A 404 -10.03 -23.02 35.65
C GLN A 404 -9.88 -21.87 36.63
N ASP A 405 -9.17 -20.83 36.24
CA ASP A 405 -8.94 -19.71 37.13
C ASP A 405 -10.02 -18.63 37.12
N ILE A 406 -11.09 -18.76 36.35
CA ILE A 406 -12.10 -17.70 36.32
C ILE A 406 -13.57 -18.12 36.29
N TYR A 407 -14.44 -17.16 36.61
CA TYR A 407 -15.88 -17.34 36.62
C TYR A 407 -16.53 -16.55 35.51
N PRO A 408 -17.43 -17.15 34.74
CA PRO A 408 -18.17 -16.37 33.75
C PRO A 408 -19.19 -15.53 34.43
N LEU A 409 -19.51 -14.35 33.95
CA LEU A 409 -20.56 -13.57 34.58
C LEU A 409 -21.91 -14.06 34.15
N ASN A 410 -22.96 -13.66 34.85
CA ASN A 410 -24.31 -14.01 34.45
C ASN A 410 -25.08 -12.74 34.19
N PHE A 411 -25.41 -12.48 32.94
CA PHE A 411 -25.99 -11.20 32.59
C PHE A 411 -27.49 -11.18 32.72
N ASP A 412 -28.10 -12.31 33.08
CA ASP A 412 -29.56 -12.37 33.15
C ASP A 412 -30.18 -12.16 34.54
N ASN A 413 -29.50 -12.59 35.59
CA ASN A 413 -30.02 -12.42 36.94
C ASN A 413 -30.22 -10.96 37.32
N ASP A 414 -29.20 -10.15 37.13
CA ASP A 414 -29.30 -8.74 37.47
C ASP A 414 -28.77 -7.91 36.34
N PRO A 415 -29.56 -7.78 35.28
CA PRO A 415 -29.06 -7.12 34.10
C PRO A 415 -28.71 -5.66 34.36
N GLU A 416 -29.67 -4.81 34.70
CA GLU A 416 -29.36 -3.39 34.84
C GLU A 416 -28.39 -3.21 36.00
N GLY A 417 -28.28 -4.22 36.85
CA GLY A 417 -27.30 -4.21 37.90
C GLY A 417 -25.88 -4.35 37.40
N LEU A 418 -25.62 -5.41 36.64
CA LEU A 418 -24.29 -5.65 36.09
C LEU A 418 -23.97 -4.69 34.97
N TYR A 419 -24.95 -4.43 34.12
CA TYR A 419 -24.79 -3.52 33.00
C TYR A 419 -24.18 -2.22 33.48
N ASP A 420 -24.79 -1.64 34.51
CA ASP A 420 -24.36 -0.35 35.00
C ASP A 420 -22.98 -0.37 35.60
N GLU A 421 -22.62 -1.47 36.24
CA GLU A 421 -21.30 -1.55 36.82
C GLU A 421 -20.25 -1.64 35.73
N VAL A 422 -20.47 -2.49 34.74
CA VAL A 422 -19.48 -2.62 33.69
C VAL A 422 -19.33 -1.29 32.96
N LEU A 423 -20.43 -0.58 32.75
CA LEU A 423 -20.32 0.73 32.16
C LEU A 423 -19.50 1.62 33.04
N ARG A 424 -19.70 1.51 34.34
CA ARG A 424 -18.94 2.31 35.28
C ARG A 424 -17.47 1.99 35.11
N VAL A 425 -17.14 0.71 35.02
CA VAL A 425 -15.74 0.33 34.91
C VAL A 425 -15.11 0.86 33.65
N VAL A 426 -15.78 0.71 32.52
CA VAL A 426 -15.22 1.17 31.27
C VAL A 426 -14.99 2.66 31.32
N GLN A 427 -15.93 3.39 31.88
CA GLN A 427 -15.82 4.83 31.96
C GLN A 427 -14.65 5.30 32.78
N HIS A 428 -14.22 4.48 33.71
CA HIS A 428 -13.11 4.83 34.60
C HIS A 428 -11.91 5.07 33.73
N TRP A 429 -11.61 4.11 32.87
CA TRP A 429 -10.45 4.19 32.02
C TRP A 429 -10.57 5.21 30.93
N VAL A 430 -11.77 5.45 30.44
CA VAL A 430 -11.96 6.51 29.46
C VAL A 430 -11.49 7.81 30.09
N ASN A 431 -11.79 7.98 31.37
CA ASN A 431 -11.35 9.16 32.10
C ASN A 431 -9.85 9.20 32.29
N HIS A 432 -9.18 8.08 32.08
CA HIS A 432 -7.74 8.07 32.21
C HIS A 432 -7.02 8.01 30.89
N GLY A 433 -7.70 8.38 29.82
CA GLY A 433 -7.05 8.53 28.54
C GLY A 433 -7.07 7.33 27.63
N VAL A 434 -7.80 6.31 28.02
CA VAL A 434 -7.92 5.10 27.22
C VAL A 434 -9.16 5.11 26.36
N LYS A 435 -9.01 5.23 25.05
CA LYS A 435 -10.17 5.32 24.21
C LYS A 435 -10.20 4.28 23.11
N PHE A 436 -9.52 3.16 23.37
CA PHE A 436 -9.62 1.97 22.54
C PHE A 436 -9.58 0.75 23.46
N PHE A 437 -10.58 -0.13 23.37
CA PHE A 437 -10.61 -1.29 24.25
C PHE A 437 -10.57 -2.57 23.46
N ARG A 438 -9.75 -3.53 23.87
CA ARG A 438 -9.79 -4.79 23.17
C ARG A 438 -10.69 -5.72 23.90
N VAL A 439 -11.95 -5.75 23.49
CA VAL A 439 -12.95 -6.56 24.14
C VAL A 439 -12.58 -8.00 24.02
N ASP A 440 -12.71 -8.75 25.09
CA ASP A 440 -12.10 -10.06 25.09
C ASP A 440 -13.20 -11.10 24.97
N ASN A 441 -13.09 -11.97 23.99
CA ASN A 441 -14.09 -13.01 23.75
C ASN A 441 -15.53 -12.54 23.71
N PRO A 442 -15.85 -11.52 22.93
CA PRO A 442 -17.18 -10.95 23.00
C PRO A 442 -18.30 -11.89 22.65
N HIS A 443 -17.99 -12.95 21.93
CA HIS A 443 -19.03 -13.85 21.50
C HIS A 443 -19.56 -14.71 22.62
N THR A 444 -18.94 -14.69 23.79
CA THR A 444 -19.43 -15.48 24.91
C THR A 444 -20.24 -14.65 25.88
N LYS A 445 -20.66 -13.47 25.44
CA LYS A 445 -21.50 -12.62 26.24
C LYS A 445 -22.66 -12.22 25.37
N PRO A 446 -23.77 -11.86 25.96
CA PRO A 446 -24.98 -11.53 25.21
C PRO A 446 -24.79 -10.40 24.23
N PRO A 447 -25.26 -10.57 23.00
CA PRO A 447 -25.18 -9.55 21.99
C PRO A 447 -25.78 -8.26 22.45
N ASN A 448 -26.96 -8.29 23.04
CA ASN A 448 -27.63 -7.05 23.37
C ASN A 448 -26.81 -6.26 24.36
N PHE A 449 -26.04 -6.94 25.21
CA PHE A 449 -25.20 -6.22 26.14
C PHE A 449 -24.22 -5.34 25.38
N TRP A 450 -23.48 -5.93 24.45
CA TRP A 450 -22.50 -5.19 23.70
C TRP A 450 -23.15 -4.05 22.97
N ALA A 451 -24.28 -4.29 22.37
CA ALA A 451 -24.97 -3.25 21.66
C ALA A 451 -25.28 -2.12 22.62
N TRP A 452 -25.67 -2.46 23.83
CA TRP A 452 -25.97 -1.47 24.84
C TRP A 452 -24.69 -0.77 25.29
N LEU A 453 -23.67 -1.55 25.64
CA LEU A 453 -22.46 -0.98 26.21
C LEU A 453 -21.79 -0.02 25.24
N ILE A 454 -21.72 -0.41 23.99
CA ILE A 454 -21.10 0.43 22.99
C ILE A 454 -21.85 1.74 22.84
N ALA A 455 -23.15 1.69 22.65
CA ALA A 455 -23.92 2.89 22.43
C ALA A 455 -23.92 3.75 23.68
N GLN A 456 -23.94 3.10 24.84
CA GLN A 456 -23.94 3.84 26.07
C GLN A 456 -22.62 4.58 26.23
N VAL A 457 -21.48 3.92 26.01
CA VAL A 457 -20.19 4.58 26.11
C VAL A 457 -19.94 5.64 25.06
N LYS A 458 -20.19 5.30 23.82
CA LYS A 458 -19.89 6.19 22.71
C LYS A 458 -20.72 7.44 22.73
N THR A 459 -21.88 7.42 23.38
CA THR A 459 -22.66 8.64 23.41
C THR A 459 -22.07 9.69 24.35
N VAL A 460 -21.44 9.28 25.46
CA VAL A 460 -20.76 10.26 26.29
C VAL A 460 -19.46 10.71 25.59
N ASP A 461 -18.67 9.76 25.09
CA ASP A 461 -17.46 10.06 24.33
C ASP A 461 -17.42 9.23 23.05
N PRO A 462 -17.58 9.88 21.91
CA PRO A 462 -17.73 9.17 20.65
C PRO A 462 -16.42 8.78 20.04
N ASP A 463 -15.35 9.08 20.74
CA ASP A 463 -14.04 8.77 20.22
C ASP A 463 -13.53 7.48 20.84
N VAL A 464 -14.38 6.79 21.57
CA VAL A 464 -13.99 5.52 22.18
C VAL A 464 -14.20 4.40 21.21
N LEU A 465 -13.22 3.54 21.01
CA LEU A 465 -13.31 2.49 19.99
C LEU A 465 -13.11 1.10 20.55
N PHE A 466 -13.76 0.12 19.93
CA PHE A 466 -13.72 -1.24 20.45
C PHE A 466 -13.19 -2.23 19.43
N LEU A 467 -12.39 -3.18 19.88
CA LEU A 467 -11.89 -4.23 19.03
C LEU A 467 -12.41 -5.56 19.55
N SER A 468 -13.06 -6.37 18.71
CA SER A 468 -13.66 -7.61 19.20
C SER A 468 -12.84 -8.82 18.82
N GLU A 469 -12.31 -9.50 19.82
CA GLU A 469 -11.53 -10.70 19.58
C GLU A 469 -12.46 -11.90 19.50
N ALA A 470 -13.25 -11.97 18.45
CA ALA A 470 -14.21 -13.05 18.34
C ALA A 470 -13.82 -14.04 17.30
N PHE A 471 -13.14 -15.10 17.70
CA PHE A 471 -12.79 -16.16 16.78
C PHE A 471 -13.92 -17.14 16.77
N THR A 472 -14.87 -16.92 15.89
CA THR A 472 -16.12 -17.65 15.92
C THR A 472 -16.67 -17.72 14.50
N PRO A 473 -17.59 -18.64 14.22
CA PRO A 473 -18.12 -18.74 12.87
C PRO A 473 -18.74 -17.45 12.39
N PRO A 474 -18.89 -17.30 11.08
CA PRO A 474 -19.23 -16.01 10.49
C PRO A 474 -20.41 -15.31 11.10
N ALA A 475 -21.54 -15.98 11.20
CA ALA A 475 -22.77 -15.32 11.61
C ALA A 475 -22.59 -14.56 12.89
N ARG A 476 -21.77 -15.11 13.77
CA ARG A 476 -21.44 -14.44 15.01
C ARG A 476 -20.33 -13.41 14.81
N GLN A 477 -19.26 -13.81 14.15
CA GLN A 477 -18.12 -12.91 13.97
C GLN A 477 -18.51 -11.66 13.26
N TYR A 478 -19.11 -11.78 12.10
CA TYR A 478 -19.50 -10.60 11.37
C TYR A 478 -20.72 -9.99 12.04
N GLY A 479 -21.47 -10.81 12.73
CA GLY A 479 -22.67 -10.34 13.37
C GLY A 479 -22.30 -9.32 14.40
N LEU A 480 -21.30 -9.65 15.20
CA LEU A 480 -20.84 -8.80 16.28
C LEU A 480 -20.36 -7.46 15.80
N ALA A 481 -19.69 -7.47 14.67
CA ALA A 481 -19.21 -6.23 14.10
C ALA A 481 -20.36 -5.31 13.80
N LYS A 482 -21.43 -5.89 13.26
CA LYS A 482 -22.60 -5.12 12.88
C LYS A 482 -23.16 -4.33 14.07
N LEU A 483 -23.03 -4.85 15.28
CA LEU A 483 -23.62 -4.18 16.42
C LEU A 483 -22.86 -2.93 16.82
N GLY A 484 -21.67 -2.73 16.27
CA GLY A 484 -20.97 -1.50 16.56
C GLY A 484 -19.49 -1.60 16.81
N PHE A 485 -18.97 -2.82 16.90
CA PHE A 485 -17.55 -2.99 17.13
C PHE A 485 -16.74 -2.38 15.99
N THR A 486 -15.85 -1.46 16.35
CA THR A 486 -15.09 -0.69 15.37
C THR A 486 -14.12 -1.51 14.57
N GLN A 487 -13.54 -2.54 15.16
CA GLN A 487 -12.68 -3.47 14.43
C GLN A 487 -12.93 -4.86 14.91
N SER A 488 -12.50 -5.87 14.15
CA SER A 488 -12.69 -7.23 14.59
C SER A 488 -11.48 -8.03 14.28
N TYR A 489 -11.10 -8.96 15.14
CA TYR A 489 -10.03 -9.88 14.79
C TYR A 489 -10.57 -10.71 13.66
N SER A 490 -9.72 -11.44 12.96
CA SER A 490 -10.21 -12.18 11.81
C SER A 490 -9.65 -13.56 11.75
N TYR A 491 -10.06 -14.30 10.75
CA TYR A 491 -9.56 -15.65 10.61
C TYR A 491 -8.21 -15.66 9.92
N PHE A 492 -7.56 -14.49 9.88
CA PHE A 492 -6.39 -14.27 9.05
C PHE A 492 -5.29 -15.28 9.26
N THR A 493 -5.06 -15.62 10.51
CA THR A 493 -3.93 -16.44 10.86
C THR A 493 -3.95 -17.76 10.16
N TRP A 494 -5.14 -18.24 9.87
CA TRP A 494 -5.31 -19.56 9.31
C TRP A 494 -5.55 -19.51 7.83
N ARG A 495 -5.17 -18.43 7.21
CA ARG A 495 -5.17 -18.37 5.75
C ARG A 495 -3.74 -18.38 5.25
N THR A 496 -3.33 -19.46 4.59
CA THR A 496 -1.95 -19.56 4.14
C THR A 496 -1.74 -20.06 2.72
N THR A 497 -2.78 -20.28 1.96
CA THR A 497 -2.54 -20.71 0.60
C THR A 497 -2.88 -19.59 -0.33
N LYS A 498 -2.32 -19.61 -1.53
CA LYS A 498 -2.53 -18.52 -2.44
C LYS A 498 -4.01 -18.31 -2.60
N TRP A 499 -4.75 -19.40 -2.68
CA TRP A 499 -6.18 -19.34 -2.84
C TRP A 499 -6.90 -18.86 -1.60
N GLU A 500 -6.44 -19.30 -0.43
CA GLU A 500 -7.06 -18.85 0.80
C GLU A 500 -6.84 -17.36 0.99
N LEU A 501 -5.61 -16.91 0.84
CA LEU A 501 -5.28 -15.51 1.03
C LEU A 501 -6.02 -14.66 0.02
N THR A 502 -6.17 -15.15 -1.19
CA THR A 502 -6.89 -14.39 -2.18
C THR A 502 -8.29 -14.14 -1.71
N GLU A 503 -8.96 -15.20 -1.26
CA GLU A 503 -10.31 -15.07 -0.80
C GLU A 503 -10.40 -14.23 0.43
N PHE A 504 -9.51 -14.43 1.38
CA PHE A 504 -9.53 -13.63 2.59
C PHE A 504 -9.41 -12.18 2.28
N GLY A 505 -8.52 -11.87 1.35
CA GLY A 505 -8.30 -10.50 0.94
C GLY A 505 -9.50 -9.86 0.28
N ASN A 506 -10.09 -10.51 -0.71
CA ASN A 506 -11.24 -9.93 -1.38
C ASN A 506 -12.41 -9.72 -0.44
N GLN A 507 -12.57 -10.64 0.52
CA GLN A 507 -13.71 -10.51 1.40
C GLN A 507 -13.57 -9.26 2.23
N ILE A 508 -12.34 -8.81 2.44
CA ILE A 508 -12.08 -7.70 3.34
C ILE A 508 -13.03 -6.58 3.07
N ALA A 509 -13.20 -6.27 1.80
CA ALA A 509 -14.34 -5.45 1.44
C ALA A 509 -14.68 -5.74 0.07
N GLU A 510 -15.88 -6.20 -0.30
CA GLU A 510 -17.01 -6.81 0.43
C GLU A 510 -17.50 -6.35 1.79
N LEU A 511 -16.95 -6.87 2.87
CA LEU A 511 -17.54 -6.56 4.16
C LEU A 511 -17.18 -5.20 4.78
N ALA A 512 -16.56 -4.30 4.03
CA ALA A 512 -16.11 -3.04 4.62
C ALA A 512 -17.19 -2.19 5.22
N ASP A 513 -18.39 -2.28 4.71
CA ASP A 513 -19.42 -1.40 5.21
C ASP A 513 -19.70 -1.68 6.66
N TYR A 514 -19.42 -2.88 7.14
CA TYR A 514 -19.63 -3.17 8.55
C TYR A 514 -18.52 -3.88 9.29
N ARG A 515 -17.51 -4.41 8.64
CA ARG A 515 -16.42 -4.99 9.39
C ARG A 515 -15.07 -4.39 9.00
N ARG A 516 -14.29 -4.00 9.99
CA ARG A 516 -12.94 -3.59 9.74
C ARG A 516 -12.07 -4.63 10.38
N PRO A 517 -11.28 -5.33 9.60
CA PRO A 517 -10.48 -6.33 10.27
C PRO A 517 -9.16 -5.81 10.77
N ASN A 518 -8.71 -6.28 11.92
CA ASN A 518 -7.39 -6.02 12.43
C ASN A 518 -6.55 -7.25 12.27
N LEU A 519 -5.57 -7.21 11.40
CA LEU A 519 -4.86 -8.43 11.06
C LEU A 519 -3.66 -8.62 11.93
N PHE A 520 -3.71 -9.61 12.81
CA PHE A 520 -2.62 -9.85 13.73
C PHE A 520 -1.81 -10.98 13.23
N VAL A 521 -0.51 -10.78 13.16
CA VAL A 521 0.38 -11.82 12.70
C VAL A 521 0.43 -12.96 13.69
N ASN A 522 0.40 -12.59 14.97
CA ASN A 522 0.34 -13.55 16.05
C ASN A 522 -0.34 -12.90 17.21
N THR A 523 -0.77 -13.69 18.18
CA THR A 523 -1.24 -13.19 19.46
C THR A 523 -0.64 -14.12 20.47
N PRO A 524 -0.66 -13.75 21.76
CA PRO A 524 -0.12 -14.65 22.77
C PRO A 524 -0.73 -16.04 22.73
N ASP A 525 -1.96 -16.12 22.23
CA ASP A 525 -2.67 -17.38 22.12
C ASP A 525 -2.45 -18.13 20.81
N ILE A 526 -1.91 -17.45 19.80
CA ILE A 526 -1.81 -18.06 18.49
C ILE A 526 -0.41 -18.02 17.92
N LEU A 527 0.27 -19.16 17.92
CA LEU A 527 1.54 -19.28 17.24
C LEU A 527 1.35 -20.27 16.12
N HIS A 528 1.00 -19.76 14.96
CA HIS A 528 0.60 -20.63 13.87
C HIS A 528 1.70 -21.56 13.45
N ALA A 529 1.30 -22.72 12.98
CA ALA A 529 2.22 -23.75 12.62
C ALA A 529 3.22 -23.26 11.61
N VAL A 530 2.75 -22.47 10.66
CA VAL A 530 3.61 -22.07 9.55
C VAL A 530 4.79 -21.26 10.06
N LEU A 531 4.58 -20.49 11.11
CA LEU A 531 5.66 -19.73 11.73
C LEU A 531 6.63 -20.65 12.45
N GLN A 532 6.14 -21.78 12.94
CA GLN A 532 6.94 -22.68 13.76
C GLN A 532 8.15 -23.29 13.07
N HIS A 533 8.02 -23.64 11.80
CA HIS A 533 9.11 -24.36 11.16
C HIS A 533 9.75 -23.73 9.95
N ASN A 534 9.23 -22.62 9.47
CA ASN A 534 9.75 -22.03 8.26
C ASN A 534 10.80 -20.95 8.46
N GLY A 535 11.16 -20.68 9.70
CA GLY A 535 12.29 -19.80 9.92
C GLY A 535 11.97 -18.36 9.66
N PRO A 536 12.95 -17.47 9.85
CA PRO A 536 12.71 -16.04 9.91
C PRO A 536 12.09 -15.51 8.64
N GLY A 537 12.27 -16.22 7.54
CA GLY A 537 11.69 -15.77 6.29
C GLY A 537 10.19 -15.63 6.39
N MET A 538 9.53 -16.61 6.99
CA MET A 538 8.09 -16.59 7.04
C MET A 538 7.59 -15.42 7.83
N PHE A 539 8.31 -15.08 8.90
CA PHE A 539 7.91 -13.97 9.74
C PHE A 539 7.81 -12.71 8.93
N ALA A 540 8.71 -12.57 7.97
CA ALA A 540 8.62 -11.46 7.05
C ALA A 540 7.36 -11.58 6.24
N ILE A 541 7.11 -12.77 5.72
CA ILE A 541 6.01 -12.97 4.79
C ILE A 541 4.67 -12.62 5.38
N ARG A 542 4.41 -13.09 6.58
CA ARG A 542 3.14 -12.78 7.20
C ARG A 542 3.04 -11.29 7.50
N ALA A 543 4.15 -10.69 7.88
CA ALA A 543 4.18 -9.27 8.18
C ALA A 543 3.81 -8.45 6.96
N VAL A 544 4.33 -8.86 5.80
CA VAL A 544 4.03 -8.16 4.56
C VAL A 544 2.58 -8.29 4.24
N LEU A 545 2.05 -9.49 4.46
CA LEU A 545 0.66 -9.78 4.16
C LEU A 545 -0.23 -8.99 5.07
N ALA A 546 0.07 -9.00 6.35
CA ALA A 546 -0.78 -8.29 7.29
C ALA A 546 -0.79 -6.80 7.03
N ALA A 547 0.40 -6.24 6.89
CA ALA A 547 0.56 -4.82 6.77
C ALA A 547 -0.08 -4.23 5.54
N THR A 548 0.05 -4.91 4.41
CA THR A 548 -0.51 -4.44 3.15
C THR A 548 -2.00 -4.70 2.92
N MET A 549 -2.47 -5.89 3.25
CA MET A 549 -3.85 -6.25 3.05
C MET A 549 -4.86 -5.44 3.82
N SER A 550 -4.56 -5.05 5.05
CA SER A 550 -5.51 -4.29 5.84
C SER A 550 -4.98 -2.98 6.34
N PRO A 551 -5.84 -1.98 6.44
CA PRO A 551 -5.39 -0.72 7.00
C PRO A 551 -4.92 -0.87 8.41
N ALA A 552 -5.54 -1.78 9.14
CA ALA A 552 -5.17 -2.01 10.52
C ALA A 552 -4.54 -3.36 10.74
N TRP A 553 -3.37 -3.41 11.33
CA TRP A 553 -2.69 -4.67 11.56
C TRP A 553 -2.02 -4.68 12.91
N GLY A 554 -1.51 -5.82 13.33
CA GLY A 554 -0.96 -5.91 14.66
C GLY A 554 0.10 -6.97 14.82
N MET A 555 0.82 -6.87 15.93
CA MET A 555 1.91 -7.78 16.20
C MET A 555 2.00 -8.02 17.69
N TYR A 556 2.22 -9.26 18.10
CA TYR A 556 2.41 -9.55 19.51
C TYR A 556 3.88 -9.58 19.77
N CYS A 557 4.29 -9.03 20.90
CA CYS A 557 5.68 -8.85 21.23
C CYS A 557 6.52 -10.10 21.04
N GLY A 558 7.76 -9.91 20.65
CA GLY A 558 8.66 -11.02 20.46
C GLY A 558 8.59 -11.59 19.07
N TYR A 559 7.58 -11.18 18.33
CA TYR A 559 7.42 -11.63 16.97
C TYR A 559 8.65 -11.22 16.22
N GLU A 560 9.10 -10.01 16.47
CA GLU A 560 10.26 -9.48 15.79
C GLU A 560 11.51 -10.22 16.15
N LEU A 561 11.46 -11.06 17.17
CA LEU A 561 12.63 -11.82 17.55
C LEU A 561 12.61 -13.22 17.00
N PHE A 562 11.61 -13.51 16.18
CA PHE A 562 11.46 -14.81 15.55
C PHE A 562 11.17 -15.92 16.54
N GLU A 563 10.49 -15.59 17.63
CA GLU A 563 10.09 -16.60 18.61
C GLU A 563 9.19 -17.60 17.93
N HIS A 564 9.66 -18.84 17.83
CA HIS A 564 9.00 -19.84 17.00
C HIS A 564 8.87 -21.22 17.63
N ARG A 565 9.04 -21.33 18.94
CA ARG A 565 8.99 -22.62 19.60
C ARG A 565 7.66 -22.81 20.27
N ALA A 566 6.95 -23.88 19.92
CA ALA A 566 5.66 -24.15 20.53
C ALA A 566 5.79 -25.16 21.62
N VAL A 567 4.81 -25.22 22.51
CA VAL A 567 4.88 -26.09 23.67
C VAL A 567 5.01 -27.57 23.29
N ARG A 568 4.23 -28.00 22.31
CA ARG A 568 4.34 -29.37 21.81
C ARG A 568 4.00 -29.34 20.35
N GLU A 569 4.47 -30.32 19.60
CA GLU A 569 4.17 -30.35 18.18
C GLU A 569 2.66 -30.41 18.01
N GLY A 570 2.14 -29.68 17.04
CA GLY A 570 0.72 -29.70 16.79
C GLY A 570 -0.08 -28.72 17.62
N SER A 571 0.60 -27.88 18.37
CA SER A 571 -0.08 -26.89 19.18
C SER A 571 0.12 -25.48 18.68
N GLU A 572 -0.74 -24.58 19.12
CA GLU A 572 -0.61 -23.18 18.75
C GLU A 572 -0.29 -22.34 19.97
N GLU A 573 0.21 -22.97 21.03
CA GLU A 573 0.54 -22.24 22.24
C GLU A 573 2.03 -22.02 22.37
N TYR A 574 2.39 -20.80 22.73
CA TYR A 574 3.78 -20.45 22.85
C TYR A 574 4.42 -21.23 23.97
N LEU A 575 5.56 -21.87 23.70
CA LEU A 575 6.24 -22.59 24.75
C LEU A 575 6.68 -21.59 25.80
N ASP A 576 6.48 -21.93 27.05
CA ASP A 576 6.81 -21.03 28.15
C ASP A 576 6.05 -19.72 28.01
N SER A 577 4.76 -19.81 27.75
CA SER A 577 3.95 -18.65 27.40
C SER A 577 4.03 -17.50 28.36
N GLU A 578 4.01 -16.30 27.81
CA GLU A 578 4.09 -15.06 28.57
C GLU A 578 2.88 -14.86 29.44
N LYS A 579 1.79 -15.53 29.13
CA LYS A 579 0.59 -15.35 29.91
C LYS A 579 0.81 -15.84 31.31
N TYR A 580 1.56 -16.92 31.43
CA TYR A 580 1.76 -17.57 32.71
C TYR A 580 3.12 -17.27 33.34
N GLU A 581 3.98 -16.62 32.58
CA GLU A 581 5.37 -16.42 32.99
C GLU A 581 5.88 -15.02 32.64
N LEU A 582 6.88 -14.55 33.36
CA LEU A 582 7.51 -13.27 33.03
C LEU A 582 8.48 -13.50 31.90
N ARG A 583 8.43 -12.67 30.87
CA ARG A 583 9.34 -12.85 29.75
C ARG A 583 10.03 -11.55 29.36
N PRO A 584 11.17 -11.27 29.99
CA PRO A 584 11.96 -10.15 29.52
C PRO A 584 12.59 -10.52 28.20
N ARG A 585 12.75 -9.56 27.29
CA ARG A 585 13.41 -9.82 26.03
C ARG A 585 14.47 -8.79 25.83
N ASP A 586 15.51 -9.16 25.11
CA ASP A 586 16.60 -8.24 24.89
C ASP A 586 16.67 -7.90 23.43
N PHE A 587 15.88 -6.91 23.05
CA PHE A 587 15.73 -6.54 21.66
C PHE A 587 17.00 -6.01 21.07
N ALA A 588 17.73 -5.25 21.88
CA ALA A 588 18.90 -4.57 21.37
C ALA A 588 19.90 -5.56 20.81
N SER A 589 20.19 -6.62 21.55
CA SER A 589 21.21 -7.56 21.09
C SER A 589 20.83 -8.17 19.76
N ALA A 590 19.55 -8.44 19.57
CA ALA A 590 19.10 -9.04 18.33
C ALA A 590 19.39 -8.11 17.18
N LEU A 591 19.20 -6.83 17.42
CA LEU A 591 19.49 -5.83 16.41
C LEU A 591 20.94 -5.90 16.05
N ASP A 592 21.78 -6.01 17.08
CA ASP A 592 23.22 -6.03 16.89
C ASP A 592 23.69 -7.28 16.18
N GLN A 593 23.06 -8.40 16.49
CA GLN A 593 23.46 -9.66 15.87
C GLN A 593 22.69 -9.94 14.60
N GLY A 594 21.94 -8.96 14.14
CA GLY A 594 21.22 -9.10 12.89
C GLY A 594 20.26 -10.25 12.88
N ARG A 595 19.64 -10.52 14.01
CA ARG A 595 18.63 -11.56 14.06
C ARG A 595 17.31 -10.97 14.53
N SER A 596 17.03 -9.74 14.11
CA SER A 596 15.79 -9.07 14.48
C SER A 596 15.05 -8.56 13.28
N LEU A 597 13.73 -8.65 13.31
CA LEU A 597 12.93 -8.21 12.19
C LEU A 597 12.46 -6.81 12.47
N GLN A 598 13.03 -6.19 13.48
CA GLN A 598 12.65 -4.83 13.80
C GLN A 598 12.87 -3.87 12.65
N PRO A 599 14.01 -3.96 11.94
CA PRO A 599 14.18 -3.02 10.84
C PRO A 599 13.12 -3.17 9.79
N PHE A 600 12.82 -4.39 9.41
CA PHE A 600 11.86 -4.65 8.35
C PHE A 600 10.52 -4.10 8.70
N ILE A 601 10.07 -4.36 9.90
CA ILE A 601 8.78 -3.90 10.33
C ILE A 601 8.71 -2.39 10.28
N THR A 602 9.80 -1.75 10.65
CA THR A 602 9.82 -0.32 10.62
C THR A 602 9.55 0.13 9.20
N ARG A 603 10.27 -0.47 8.26
CA ARG A 603 10.15 -0.09 6.87
C ARG A 603 8.75 -0.38 6.38
N LEU A 604 8.12 -1.42 6.90
CA LEU A 604 6.76 -1.71 6.48
C LEU A 604 5.84 -0.62 6.96
N ASN A 605 5.94 -0.21 8.21
CA ASN A 605 5.04 0.82 8.68
C ASN A 605 5.29 2.16 8.03
N ILE A 606 6.53 2.48 7.71
CA ILE A 606 6.80 3.72 7.01
C ILE A 606 6.10 3.74 5.67
N ILE A 607 6.14 2.61 4.98
CA ILE A 607 5.51 2.51 3.68
C ILE A 607 4.03 2.78 3.76
N ARG A 608 3.39 2.23 4.77
CA ARG A 608 1.98 2.45 5.00
C ARG A 608 1.67 3.92 5.20
N ARG A 609 2.48 4.60 6.00
CA ARG A 609 2.26 5.99 6.22
C ARG A 609 2.48 6.78 4.94
N LEU A 610 3.46 6.33 4.16
CA LEU A 610 3.81 7.03 2.94
C LEU A 610 2.74 7.00 1.87
N HIS A 611 2.11 5.84 1.69
CA HIS A 611 1.11 5.65 0.64
C HIS A 611 -0.30 5.50 1.17
N PRO A 612 -1.18 6.46 0.87
CA PRO A 612 -2.53 6.45 1.40
C PRO A 612 -3.35 5.31 0.87
N ALA A 613 -2.82 4.61 -0.10
CA ALA A 613 -3.52 3.48 -0.64
C ALA A 613 -3.64 2.44 0.44
N PHE A 614 -2.67 2.39 1.32
CA PHE A 614 -2.69 1.36 2.32
C PHE A 614 -3.64 1.63 3.45
N GLN A 615 -4.27 2.79 3.49
CA GLN A 615 -5.28 3.03 4.51
C GLN A 615 -6.65 2.65 4.02
N GLN A 616 -6.74 2.07 2.83
CA GLN A 616 -8.03 1.75 2.26
C GLN A 616 -8.48 0.31 2.48
N LEU A 617 -9.77 0.11 2.74
CA LEU A 617 -10.36 -1.22 2.85
C LEU A 617 -10.83 -1.69 1.50
N ARG A 618 -11.53 -0.82 0.82
CA ARG A 618 -12.27 -1.17 -0.37
C ARG A 618 -11.48 -1.60 -1.59
N THR A 619 -10.32 -1.02 -1.82
CA THR A 619 -9.76 -1.09 -3.17
C THR A 619 -8.79 -2.21 -3.51
N ILE A 620 -8.66 -3.22 -2.67
CA ILE A 620 -7.74 -4.30 -3.02
C ILE A 620 -8.18 -4.95 -4.32
N HIS A 621 -7.23 -5.26 -5.19
CA HIS A 621 -7.52 -5.92 -6.44
C HIS A 621 -6.40 -6.89 -6.74
N PHE A 622 -6.73 -8.10 -7.15
CA PHE A 622 -5.72 -9.12 -7.34
C PHE A 622 -5.37 -9.29 -8.81
N HIS A 623 -4.09 -9.35 -9.10
CA HIS A 623 -3.60 -9.49 -10.45
C HIS A 623 -3.02 -10.88 -10.60
N HIS A 624 -3.06 -11.41 -11.81
CA HIS A 624 -2.68 -12.80 -12.03
C HIS A 624 -1.19 -13.00 -12.06
N VAL A 625 -0.69 -13.95 -11.29
CA VAL A 625 0.70 -14.38 -11.39
C VAL A 625 0.79 -15.87 -11.55
N ASP A 626 1.35 -16.36 -12.64
CA ASP A 626 1.30 -17.77 -12.92
C ASP A 626 2.31 -18.54 -12.09
N ASN A 627 2.21 -18.39 -10.78
CA ASN A 627 2.95 -19.22 -9.86
C ASN A 627 2.13 -19.39 -8.61
N ASP A 628 1.93 -20.63 -8.20
CA ASP A 628 1.06 -20.92 -7.07
C ASP A 628 1.63 -20.38 -5.80
N ALA A 629 2.92 -20.09 -5.80
CA ALA A 629 3.57 -19.62 -4.61
C ALA A 629 3.67 -18.11 -4.56
N LEU A 630 3.20 -17.44 -5.59
CA LEU A 630 3.34 -16.00 -5.63
C LEU A 630 2.00 -15.39 -5.64
N LEU A 631 1.82 -14.36 -4.86
CA LEU A 631 0.54 -13.69 -4.74
C LEU A 631 0.72 -12.22 -5.04
N ALA A 632 -0.06 -11.66 -5.95
CA ALA A 632 0.08 -10.26 -6.30
C ALA A 632 -1.21 -9.50 -6.31
N TYR A 633 -1.28 -8.41 -5.54
CA TYR A 633 -2.48 -7.61 -5.40
C TYR A 633 -2.15 -6.13 -5.30
N SER A 634 -3.12 -5.27 -5.56
CA SER A 634 -2.88 -3.85 -5.56
C SER A 634 -3.94 -3.04 -4.86
N LYS A 635 -3.56 -1.91 -4.29
CA LYS A 635 -4.51 -1.03 -3.64
C LYS A 635 -4.32 0.36 -4.17
N PHE A 636 -5.38 1.17 -4.17
CA PHE A 636 -5.24 2.55 -4.58
C PHE A 636 -6.08 3.45 -3.71
N ASP A 637 -5.82 4.75 -3.72
CA ASP A 637 -6.61 5.67 -2.92
C ASP A 637 -7.45 6.53 -3.81
N PRO A 638 -8.76 6.46 -3.66
CA PRO A 638 -9.71 7.24 -4.46
C PRO A 638 -9.43 8.72 -4.42
N ALA A 639 -8.92 9.21 -3.30
CA ALA A 639 -8.65 10.63 -3.14
C ALA A 639 -7.44 11.09 -3.93
N THR A 640 -6.27 10.63 -3.56
CA THR A 640 -5.05 11.14 -4.14
C THR A 640 -4.65 10.42 -5.40
N GLY A 641 -5.26 9.29 -5.65
CA GLY A 641 -4.91 8.50 -6.82
C GLY A 641 -3.71 7.61 -6.60
N ASP A 642 -3.16 7.65 -5.40
CA ASP A 642 -2.02 6.82 -5.06
C ASP A 642 -2.26 5.38 -5.41
N CYS A 643 -1.25 4.66 -5.84
CA CYS A 643 -1.45 3.28 -6.24
C CYS A 643 -0.24 2.44 -5.93
N VAL A 644 -0.44 1.27 -5.34
CA VAL A 644 0.68 0.40 -4.93
C VAL A 644 0.41 -1.06 -5.25
N LEU A 645 1.44 -1.80 -5.65
CA LEU A 645 1.31 -3.21 -5.95
C LEU A 645 2.24 -4.02 -5.08
N VAL A 646 1.75 -5.11 -4.52
CA VAL A 646 2.56 -5.96 -3.67
C VAL A 646 2.67 -7.31 -4.29
N VAL A 647 3.89 -7.84 -4.36
CA VAL A 647 4.06 -9.22 -4.77
C VAL A 647 4.86 -9.95 -3.71
N VAL A 648 4.31 -11.03 -3.17
CA VAL A 648 4.93 -11.80 -2.11
C VAL A 648 5.01 -13.25 -2.47
N THR A 649 5.93 -13.96 -1.84
CA THR A 649 6.03 -15.38 -2.05
C THR A 649 5.48 -16.02 -0.82
N LEU A 650 4.81 -17.16 -0.96
CA LEU A 650 4.32 -17.82 0.22
C LEU A 650 5.21 -18.96 0.67
N ASN A 651 6.24 -19.26 -0.10
CA ASN A 651 7.18 -20.27 0.32
C ASN A 651 8.46 -19.54 0.69
N ALA A 652 8.88 -19.73 1.91
CA ALA A 652 10.02 -19.01 2.47
C ALA A 652 11.36 -19.52 2.01
N PHE A 653 11.38 -20.73 1.46
CA PHE A 653 12.66 -21.36 1.20
C PHE A 653 13.22 -21.33 -0.21
N GLY A 654 12.40 -21.43 -1.23
CA GLY A 654 12.98 -21.48 -2.56
C GLY A 654 12.69 -20.26 -3.38
N PRO A 655 13.64 -19.85 -4.23
CA PRO A 655 13.33 -18.75 -5.14
C PRO A 655 12.20 -19.18 -6.01
N GLU A 656 11.30 -18.27 -6.33
CA GLU A 656 10.18 -18.60 -7.16
C GLU A 656 10.02 -17.51 -8.21
N GLU A 657 9.75 -17.89 -9.46
CA GLU A 657 9.65 -16.91 -10.53
C GLU A 657 8.42 -17.10 -11.37
N ALA A 658 7.97 -16.03 -12.02
CA ALA A 658 6.75 -16.08 -12.80
C ALA A 658 6.56 -14.89 -13.72
N THR A 659 5.48 -14.91 -14.50
CA THR A 659 5.06 -13.80 -15.33
C THR A 659 3.87 -13.13 -14.65
N LEU A 660 3.92 -11.84 -14.43
CA LEU A 660 2.83 -11.20 -13.72
C LEU A 660 1.95 -10.48 -14.70
N TRP A 661 0.66 -10.75 -14.70
CA TRP A 661 -0.22 -10.13 -15.66
C TRP A 661 -1.13 -9.11 -15.05
N LEU A 662 -0.82 -7.85 -15.23
CA LEU A 662 -1.59 -6.80 -14.61
C LEU A 662 -2.93 -6.64 -15.29
N ASP A 663 -3.95 -6.28 -14.53
CA ASP A 663 -5.23 -5.91 -15.13
C ASP A 663 -5.17 -4.42 -15.25
N MET A 664 -4.74 -3.93 -16.38
CA MET A 664 -4.41 -2.55 -16.53
C MET A 664 -5.60 -1.68 -16.31
N ALA A 665 -6.77 -2.16 -16.66
CA ALA A 665 -7.96 -1.35 -16.51
C ALA A 665 -8.13 -0.95 -15.07
N ALA A 666 -7.86 -1.89 -14.18
CA ALA A 666 -7.94 -1.70 -12.75
C ALA A 666 -6.95 -0.69 -12.22
N LEU A 667 -5.82 -0.55 -12.90
CA LEU A 667 -4.79 0.38 -12.51
C LEU A 667 -4.93 1.68 -13.23
N GLY A 668 -5.93 1.79 -14.09
CA GLY A 668 -6.19 3.04 -14.79
C GLY A 668 -5.38 3.27 -16.04
N MET A 669 -4.95 2.19 -16.68
CA MET A 669 -4.18 2.31 -17.89
C MET A 669 -4.75 1.44 -19.00
N GLU A 670 -4.45 1.75 -20.24
CA GLU A 670 -4.88 0.90 -21.35
C GLU A 670 -4.01 -0.34 -21.41
N ASP A 671 -4.47 -1.38 -22.09
CA ASP A 671 -3.72 -2.62 -22.11
C ASP A 671 -2.35 -2.46 -22.74
N TYR A 672 -2.25 -1.60 -23.74
CA TYR A 672 -1.01 -1.46 -24.49
C TYR A 672 0.01 -0.58 -23.78
N ASP A 673 -0.40 0.09 -22.72
CA ASP A 673 0.43 1.09 -22.07
C ASP A 673 1.73 0.56 -21.54
N ARG A 674 2.73 1.44 -21.44
CA ARG A 674 3.97 1.12 -20.76
C ARG A 674 4.28 2.24 -19.77
N PHE A 675 4.83 1.90 -18.62
CA PHE A 675 4.88 2.84 -17.54
C PHE A 675 6.03 2.56 -16.60
N TRP A 676 6.32 3.47 -15.69
CA TRP A 676 7.45 3.32 -14.80
C TRP A 676 7.04 3.08 -13.37
N VAL A 677 7.78 2.23 -12.68
CA VAL A 677 7.45 1.87 -11.32
C VAL A 677 8.66 2.02 -10.43
N ARG A 678 8.46 2.06 -9.12
CA ARG A 678 9.57 2.19 -8.21
C ARG A 678 9.39 1.17 -7.11
N ASP A 679 10.48 0.54 -6.68
CA ASP A 679 10.42 -0.44 -5.61
C ASP A 679 10.66 0.25 -4.28
N GLU A 680 9.67 0.26 -3.40
CA GLU A 680 9.76 1.06 -2.20
C GLU A 680 10.80 0.59 -1.20
N ILE A 681 11.15 -0.68 -1.20
CA ILE A 681 12.25 -1.07 -0.35
C ILE A 681 13.58 -0.69 -1.00
N THR A 682 13.75 -1.05 -2.27
CA THR A 682 15.01 -0.83 -3.00
C THR A 682 15.28 0.58 -3.53
N GLY A 683 14.25 1.22 -4.04
CA GLY A 683 14.40 2.52 -4.67
C GLY A 683 14.66 2.39 -6.15
N GLU A 684 14.82 1.17 -6.63
CA GLU A 684 15.12 0.94 -8.04
C GLU A 684 13.91 1.29 -8.88
N GLU A 685 14.13 1.74 -10.11
CA GLU A 685 13.03 2.10 -10.98
C GLU A 685 13.09 1.28 -12.23
N TYR A 686 11.96 0.88 -12.77
CA TYR A 686 11.98 0.19 -14.04
C TYR A 686 10.74 0.39 -14.86
N GLN A 687 10.81 -0.07 -16.10
CA GLN A 687 9.71 0.05 -17.04
C GLN A 687 9.00 -1.26 -17.15
N TRP A 688 7.67 -1.20 -17.08
CA TRP A 688 6.82 -2.37 -17.08
C TRP A 688 5.72 -2.19 -18.09
N GLY A 689 4.98 -3.26 -18.34
CA GLY A 689 3.86 -3.23 -19.26
C GLY A 689 2.83 -4.19 -18.74
N GLN A 690 1.94 -4.66 -19.59
CA GLN A 690 0.91 -5.59 -19.15
C GLN A 690 1.44 -6.90 -18.61
N ALA A 691 2.45 -7.47 -19.23
CA ALA A 691 3.01 -8.72 -18.76
C ALA A 691 4.46 -8.53 -18.42
N ASN A 692 4.83 -8.89 -17.20
CA ASN A 692 6.16 -8.60 -16.72
C ASN A 692 6.80 -9.78 -16.02
N TYR A 693 8.11 -9.84 -16.04
CA TYR A 693 8.80 -10.95 -15.41
C TYR A 693 9.06 -10.57 -14.00
N ILE A 694 8.83 -11.50 -13.08
CA ILE A 694 9.12 -11.23 -11.68
C ILE A 694 9.75 -12.46 -11.06
N ARG A 695 10.81 -12.26 -10.28
CA ARG A 695 11.42 -13.38 -9.58
C ARG A 695 11.75 -12.97 -8.17
N ILE A 696 11.35 -13.80 -7.22
CA ILE A 696 11.48 -13.49 -5.80
C ILE A 696 12.39 -14.44 -5.08
N ASP A 697 13.38 -13.90 -4.40
CA ASP A 697 14.35 -14.72 -3.72
C ASP A 697 14.27 -14.39 -2.27
N PRO A 698 13.76 -15.31 -1.47
CA PRO A 698 13.75 -15.06 -0.05
C PRO A 698 15.19 -15.01 0.36
N ALA A 699 15.51 -14.52 1.54
CA ALA A 699 16.90 -14.41 1.94
C ALA A 699 17.55 -13.35 1.09
N ARG A 700 16.75 -12.67 0.30
CA ARG A 700 17.15 -11.40 -0.27
C ARG A 700 16.00 -10.44 -0.06
N ALA A 701 14.83 -10.78 -0.58
CA ALA A 701 13.62 -10.05 -0.23
C ALA A 701 12.40 -10.90 -0.50
N VAL A 702 11.52 -11.01 0.47
CA VAL A 702 10.36 -11.88 0.31
C VAL A 702 9.26 -11.15 -0.40
N ALA A 703 9.47 -9.89 -0.73
CA ALA A 703 8.43 -9.15 -1.40
C ALA A 703 8.91 -7.94 -2.16
N HIS A 704 8.12 -7.57 -3.16
CA HIS A 704 8.36 -6.37 -3.92
C HIS A 704 7.19 -5.46 -3.65
N ILE A 705 7.43 -4.31 -3.05
CA ILE A 705 6.33 -3.39 -2.88
C ILE A 705 6.58 -2.27 -3.86
N ILE A 706 5.72 -2.16 -4.85
CA ILE A 706 5.97 -1.37 -6.03
C ILE A 706 5.11 -0.15 -6.08
N ASN A 707 5.67 1.01 -6.30
CA ASN A 707 4.84 2.20 -6.45
C ASN A 707 4.46 2.28 -7.91
N MET A 708 3.19 2.45 -8.22
CA MET A 708 2.73 2.39 -9.60
C MET A 708 2.23 3.73 -10.04
N PRO A 709 2.12 3.96 -11.35
CA PRO A 709 1.66 5.28 -11.79
C PRO A 709 0.31 5.60 -11.21
N ALA A 710 0.12 6.83 -10.76
CA ALA A 710 -1.09 7.19 -10.07
C ALA A 710 -2.31 7.05 -10.91
N VAL A 711 -3.33 6.47 -10.33
CA VAL A 711 -4.60 6.30 -11.01
C VAL A 711 -5.14 7.64 -11.40
N PRO A 712 -5.46 7.81 -12.68
CA PRO A 712 -5.89 9.10 -13.22
C PRO A 712 -7.10 9.62 -12.50
N TYR A 713 -7.58 10.78 -12.85
CA TYR A 713 -8.82 11.29 -12.27
C TYR A 713 -10.02 10.54 -12.86
N GLU A 714 -9.97 9.22 -12.72
CA GLU A 714 -11.06 8.29 -12.95
C GLU A 714 -11.01 7.41 -11.72
N SER A 715 -10.46 8.00 -10.67
CA SER A 715 -10.32 7.34 -9.39
C SER A 715 -11.68 6.99 -8.87
N ARG A 716 -12.56 7.96 -8.94
CA ARG A 716 -13.87 7.87 -8.32
C ARG A 716 -14.71 6.74 -8.92
N ASN A 717 -14.66 6.52 -10.22
CA ASN A 717 -15.46 5.43 -10.75
C ASN A 717 -14.80 4.06 -10.65
N THR A 718 -13.49 3.99 -10.44
CA THR A 718 -12.86 2.68 -10.25
C THR A 718 -13.17 2.22 -8.83
N LEU A 719 -13.88 3.05 -8.08
CA LEU A 719 -14.29 2.72 -6.72
C LEU A 719 -15.75 2.29 -6.67
N LEU A 720 -16.45 2.43 -7.79
CA LEU A 720 -17.89 2.25 -7.87
C LEU A 720 -18.34 0.97 -7.17
N ARG A 721 -19.59 1.02 -6.69
CA ARG A 721 -20.30 -0.05 -5.96
C ARG A 721 -20.03 -0.06 -4.45
N PRO B 37 -33.17 -6.02 24.90
CA PRO B 37 -33.71 -5.79 23.56
C PRO B 37 -32.89 -6.48 22.48
N GLY B 38 -33.50 -7.45 21.79
CA GLY B 38 -32.79 -8.34 20.91
C GLY B 38 -31.87 -9.25 21.70
N ARG B 39 -32.42 -9.98 22.66
CA ARG B 39 -31.62 -10.88 23.49
C ARG B 39 -30.98 -11.97 22.67
N VAL B 40 -31.75 -12.51 21.74
CA VAL B 40 -31.21 -13.55 20.89
C VAL B 40 -31.17 -12.97 19.50
N GLU B 41 -30.04 -13.07 18.83
CA GLU B 41 -29.89 -12.37 17.58
C GLU B 41 -30.60 -13.08 16.47
N ILE B 42 -31.38 -12.36 15.69
CA ILE B 42 -32.04 -12.92 14.54
C ILE B 42 -31.79 -12.03 13.35
N ASP B 43 -31.17 -12.57 12.32
CA ASP B 43 -30.70 -11.74 11.23
C ASP B 43 -30.71 -12.50 9.93
N ASP B 44 -30.58 -11.79 8.82
CA ASP B 44 -30.45 -12.41 7.50
C ASP B 44 -31.61 -13.32 7.22
N VAL B 45 -32.79 -12.90 7.59
CA VAL B 45 -34.00 -13.66 7.35
C VAL B 45 -34.32 -13.71 5.88
N ALA B 46 -34.83 -14.83 5.40
CA ALA B 46 -35.25 -14.97 4.02
C ALA B 46 -36.45 -15.89 3.95
N PRO B 47 -37.37 -15.65 3.00
CA PRO B 47 -37.32 -14.69 1.93
C PRO B 47 -37.89 -13.35 2.28
N VAL B 48 -37.10 -12.33 2.05
CA VAL B 48 -37.56 -10.98 2.19
C VAL B 48 -37.18 -10.27 0.92
N VAL B 49 -38.08 -9.42 0.42
CA VAL B 49 -37.92 -8.76 -0.84
C VAL B 49 -37.83 -7.25 -0.64
N SER B 50 -36.80 -6.61 -1.17
CA SER B 50 -36.63 -5.17 -1.04
C SER B 50 -36.80 -4.77 0.39
N CYS B 51 -36.23 -5.55 1.29
CA CYS B 51 -36.28 -5.31 2.71
C CYS B 51 -37.66 -5.16 3.27
N GLY B 52 -38.62 -5.86 2.69
CA GLY B 52 -39.94 -5.89 3.28
C GLY B 52 -40.93 -4.91 2.70
N VAL B 53 -40.49 -4.13 1.74
CA VAL B 53 -41.41 -3.21 1.11
C VAL B 53 -42.44 -4.00 0.34
N TYR B 54 -41.98 -5.04 -0.32
CA TYR B 54 -42.83 -5.88 -1.15
C TYR B 54 -42.91 -7.30 -0.61
N PRO B 55 -44.09 -7.90 -0.67
CA PRO B 55 -44.24 -9.28 -0.23
C PRO B 55 -43.62 -10.28 -1.19
N ALA B 56 -43.20 -11.41 -0.65
CA ALA B 56 -42.62 -12.45 -1.46
C ALA B 56 -43.71 -13.18 -2.20
N LYS B 57 -43.34 -13.97 -3.19
CA LYS B 57 -44.31 -14.66 -4.02
C LYS B 57 -44.30 -16.15 -3.76
N ALA B 58 -45.48 -16.74 -3.72
CA ALA B 58 -45.60 -18.18 -3.61
C ALA B 58 -46.98 -18.56 -4.09
N VAL B 59 -47.24 -19.85 -4.32
CA VAL B 59 -48.59 -20.29 -4.67
C VAL B 59 -49.06 -21.38 -3.75
N VAL B 60 -50.33 -21.73 -3.86
CA VAL B 60 -50.87 -22.75 -3.01
C VAL B 60 -50.24 -24.10 -3.27
N GLY B 61 -49.84 -24.75 -2.19
CA GLY B 61 -49.21 -26.05 -2.27
C GLY B 61 -47.77 -25.99 -2.70
N GLU B 62 -47.16 -24.83 -2.62
CA GLU B 62 -45.76 -24.68 -2.96
C GLU B 62 -45.00 -24.74 -1.67
N VAL B 63 -43.89 -25.44 -1.64
CA VAL B 63 -43.13 -25.44 -0.42
C VAL B 63 -42.27 -24.19 -0.36
N VAL B 64 -42.49 -23.37 0.66
CA VAL B 64 -41.72 -22.15 0.79
C VAL B 64 -40.66 -22.34 1.83
N PRO B 65 -39.39 -22.29 1.42
CA PRO B 65 -38.32 -22.52 2.36
C PRO B 65 -37.93 -21.24 3.02
N VAL B 66 -37.76 -21.27 4.33
CA VAL B 66 -37.45 -20.08 5.09
C VAL B 66 -36.18 -20.33 5.82
N SER B 67 -35.31 -19.33 5.91
CA SER B 67 -34.05 -19.49 6.62
C SER B 67 -33.69 -18.21 7.32
N ALA B 68 -32.92 -18.34 8.39
CA ALA B 68 -32.54 -17.20 9.19
C ALA B 68 -31.33 -17.53 10.02
N ALA B 69 -30.70 -16.52 10.58
CA ALA B 69 -29.54 -16.75 11.41
C ALA B 69 -29.87 -16.40 12.83
N VAL B 70 -29.72 -17.36 13.73
CA VAL B 70 -30.00 -17.08 15.12
C VAL B 70 -28.84 -17.53 15.99
N TRP B 71 -28.40 -16.65 16.87
CA TRP B 71 -27.27 -16.98 17.71
C TRP B 71 -27.34 -16.26 19.03
N ARG B 72 -26.55 -16.73 19.97
CA ARG B 72 -26.54 -16.19 21.30
C ARG B 72 -25.18 -16.46 21.90
N GLU B 73 -25.00 -16.12 23.17
CA GLU B 73 -23.72 -16.24 23.84
C GLU B 73 -23.21 -17.67 23.94
N GLY B 74 -21.91 -17.84 23.77
CA GLY B 74 -21.24 -19.07 24.13
C GLY B 74 -21.71 -20.37 23.50
N HIS B 75 -21.48 -21.46 24.20
CA HIS B 75 -21.86 -22.77 23.73
C HIS B 75 -23.23 -23.14 24.25
N GLU B 76 -23.90 -22.17 24.85
CA GLU B 76 -25.27 -22.35 25.29
C GLU B 76 -26.16 -22.56 24.08
N ALA B 77 -26.94 -23.62 24.08
CA ALA B 77 -27.73 -23.99 22.91
C ALA B 77 -28.83 -23.01 22.60
N VAL B 78 -29.19 -22.97 21.33
CA VAL B 78 -30.19 -22.05 20.86
C VAL B 78 -31.08 -22.78 19.89
N ALA B 79 -32.32 -22.34 19.76
CA ALA B 79 -33.24 -22.96 18.85
C ALA B 79 -34.15 -21.92 18.24
N ALA B 80 -34.74 -22.24 17.10
CA ALA B 80 -35.62 -21.28 16.47
C ALA B 80 -36.90 -21.93 16.06
N THR B 81 -37.96 -21.14 16.09
CA THR B 81 -39.28 -21.58 15.72
C THR B 81 -39.81 -20.70 14.61
N LEU B 82 -40.24 -21.30 13.51
CA LEU B 82 -40.77 -20.51 12.42
C LEU B 82 -42.25 -20.33 12.66
N VAL B 83 -42.68 -19.08 12.74
CA VAL B 83 -44.07 -18.78 13.09
C VAL B 83 -44.86 -18.29 11.90
N VAL B 84 -45.85 -19.06 11.48
CA VAL B 84 -46.65 -18.69 10.32
C VAL B 84 -48.06 -18.32 10.72
N ARG B 85 -48.59 -17.28 10.09
CA ARG B 85 -49.95 -16.83 10.33
C ARG B 85 -50.58 -16.57 8.99
N TYR B 86 -51.83 -16.96 8.83
CA TYR B 86 -52.56 -16.64 7.60
C TYR B 86 -53.50 -15.52 7.91
N LEU B 87 -53.32 -14.38 7.26
CA LEU B 87 -54.16 -13.25 7.57
C LEU B 87 -55.42 -13.29 6.75
N GLY B 88 -55.52 -12.47 5.73
CA GLY B 88 -56.77 -12.45 5.04
C GLY B 88 -56.67 -12.72 3.57
N VAL B 89 -57.64 -12.17 2.86
CA VAL B 89 -57.63 -12.18 1.43
C VAL B 89 -57.34 -10.74 0.98
N ARG B 90 -57.17 -9.86 1.96
CA ARG B 90 -56.91 -8.47 1.64
C ARG B 90 -55.57 -8.36 0.93
N TYR B 91 -55.25 -7.20 0.41
CA TYR B 91 -53.99 -7.03 -0.27
C TYR B 91 -53.27 -5.80 0.29
N PRO B 92 -51.94 -5.84 0.35
CA PRO B 92 -51.04 -4.82 0.91
C PRO B 92 -51.26 -3.35 0.52
N HIS B 93 -50.54 -2.47 1.21
CA HIS B 93 -50.59 -1.00 1.03
C HIS B 93 -50.62 -0.57 -0.43
N LYS B 114 -54.26 -19.81 17.20
CA LYS B 114 -54.29 -19.24 15.85
C LYS B 114 -52.93 -19.12 15.13
N PRO B 115 -51.80 -19.18 15.85
CA PRO B 115 -50.62 -19.19 14.98
C PRO B 115 -50.17 -20.60 14.70
N LEU B 116 -49.38 -20.80 13.66
CA LEU B 116 -48.91 -22.12 13.32
C LEU B 116 -47.42 -22.15 13.59
N LEU B 117 -46.94 -23.07 14.41
CA LEU B 117 -45.54 -23.08 14.78
C LEU B 117 -44.78 -24.24 14.19
N ILE B 118 -43.69 -23.95 13.50
CA ILE B 118 -42.87 -24.98 12.89
C ILE B 118 -41.46 -24.90 13.40
N PRO B 119 -40.95 -25.99 13.97
CA PRO B 119 -39.58 -25.91 14.45
C PRO B 119 -38.59 -25.95 13.31
N MET B 120 -37.48 -25.23 13.49
CA MET B 120 -36.45 -25.07 12.48
C MET B 120 -35.23 -25.84 12.91
N THR B 121 -34.44 -26.29 11.94
CA THR B 121 -33.33 -27.16 12.22
C THR B 121 -32.05 -26.54 11.76
N SER B 122 -30.98 -26.73 12.51
CA SER B 122 -29.67 -26.21 12.12
C SER B 122 -29.16 -26.98 10.93
N GLY B 123 -27.86 -27.05 10.79
CA GLY B 123 -27.31 -27.71 9.63
C GLY B 123 -25.86 -27.42 9.37
N GLN B 124 -25.54 -27.26 8.09
CA GLN B 124 -24.17 -27.07 7.66
C GLN B 124 -23.56 -25.81 8.21
N GLU B 125 -24.19 -24.68 7.91
CA GLU B 125 -23.72 -23.39 8.36
C GLU B 125 -24.04 -23.17 9.81
N PRO B 126 -23.04 -22.87 10.61
CA PRO B 126 -23.26 -22.63 12.03
C PRO B 126 -24.21 -21.50 12.20
N PHE B 127 -25.12 -21.60 13.14
CA PHE B 127 -26.01 -20.53 13.51
C PHE B 127 -27.07 -20.23 12.50
N VAL B 128 -27.09 -20.95 11.39
CA VAL B 128 -28.11 -20.74 10.38
C VAL B 128 -29.19 -21.77 10.48
N PHE B 129 -30.44 -21.34 10.57
CA PHE B 129 -31.52 -22.28 10.80
C PHE B 129 -32.44 -22.29 9.61
N HIS B 130 -32.97 -23.46 9.29
CA HIS B 130 -33.80 -23.64 8.11
C HIS B 130 -35.18 -24.13 8.45
N GLY B 131 -36.17 -23.71 7.69
CA GLY B 131 -37.54 -24.11 7.91
C GLY B 131 -38.33 -24.02 6.63
N GLN B 132 -39.55 -24.54 6.63
CA GLN B 132 -40.42 -24.50 5.45
C GLN B 132 -41.88 -24.46 5.89
N PHE B 133 -42.74 -23.90 5.04
CA PHE B 133 -44.17 -24.00 5.27
C PHE B 133 -44.89 -24.02 3.94
N THR B 134 -46.02 -24.69 3.88
CA THR B 134 -46.78 -24.80 2.64
C THR B 134 -48.16 -24.21 2.75
N PRO B 135 -48.37 -23.07 2.10
CA PRO B 135 -49.62 -22.31 2.16
C PRO B 135 -50.76 -23.08 1.56
N ASP B 136 -51.91 -23.13 2.20
CA ASP B 136 -52.98 -23.93 1.65
C ASP B 136 -54.18 -23.13 1.15
N ARG B 137 -54.15 -21.82 1.33
CA ARG B 137 -55.22 -20.93 0.87
C ARG B 137 -54.64 -19.70 0.19
N VAL B 138 -55.32 -19.17 -0.81
CA VAL B 138 -54.90 -17.94 -1.46
C VAL B 138 -54.98 -16.78 -0.50
N GLY B 139 -54.05 -15.85 -0.60
CA GLY B 139 -54.10 -14.69 0.28
C GLY B 139 -52.74 -14.29 0.81
N LEU B 140 -52.75 -13.47 1.84
CA LEU B 140 -51.51 -12.97 2.41
C LEU B 140 -51.11 -13.69 3.67
N TRP B 141 -49.92 -14.27 3.67
CA TRP B 141 -49.45 -15.01 4.80
C TRP B 141 -48.34 -14.22 5.44
N THR B 142 -48.05 -14.50 6.71
CA THR B 142 -46.99 -13.83 7.43
C THR B 142 -46.09 -14.85 8.09
N PHE B 143 -44.80 -14.57 8.18
CA PHE B 143 -43.93 -15.44 8.92
C PHE B 143 -42.90 -14.64 9.65
N ARG B 144 -42.39 -15.19 10.73
CA ARG B 144 -41.32 -14.54 11.45
C ARG B 144 -40.58 -15.67 12.13
N VAL B 145 -39.34 -15.43 12.51
CA VAL B 145 -38.59 -16.46 13.20
C VAL B 145 -38.41 -16.07 14.64
N ASP B 146 -38.75 -16.96 15.57
CA ASP B 146 -38.59 -16.68 16.99
C ASP B 146 -37.41 -17.46 17.46
N GLY B 147 -36.55 -16.84 18.24
CA GLY B 147 -35.35 -17.50 18.67
C GLY B 147 -35.39 -17.64 20.17
N TRP B 148 -34.88 -18.74 20.67
CA TRP B 148 -34.91 -18.96 22.10
C TRP B 148 -33.75 -19.83 22.49
N GLY B 149 -33.41 -19.83 23.77
CA GLY B 149 -32.33 -20.70 24.21
C GLY B 149 -32.98 -21.87 24.91
N ASP B 150 -32.67 -23.07 24.45
CA ASP B 150 -33.25 -24.26 25.03
C ASP B 150 -32.22 -24.89 25.96
N PRO B 151 -32.40 -24.67 27.29
CA PRO B 151 -31.45 -25.09 28.31
C PRO B 151 -31.35 -26.59 28.41
N ILE B 152 -32.43 -27.29 28.13
CA ILE B 152 -32.43 -28.73 28.25
C ILE B 152 -31.35 -29.33 27.38
N HIS B 153 -31.28 -28.89 26.13
CA HIS B 153 -30.30 -29.41 25.18
C HIS B 153 -28.90 -29.14 25.70
N THR B 154 -28.67 -27.94 26.24
CA THR B 154 -27.34 -27.62 26.75
C THR B 154 -27.01 -28.64 27.81
N TRP B 155 -27.95 -28.84 28.73
CA TRP B 155 -27.76 -29.70 29.88
C TRP B 155 -27.56 -31.14 29.50
N ARG B 156 -28.40 -31.61 28.60
CA ARG B 156 -28.36 -32.99 28.17
C ARG B 156 -27.03 -33.30 27.50
N HIS B 157 -26.68 -32.53 26.49
CA HIS B 157 -25.49 -32.79 25.70
C HIS B 157 -24.24 -32.75 26.54
N GLY B 158 -24.21 -31.83 27.49
CA GLY B 158 -23.10 -31.71 28.41
C GLY B 158 -22.97 -32.94 29.30
N LEU B 159 -24.11 -33.44 29.73
CA LEU B 159 -24.16 -34.61 30.60
C LEU B 159 -23.65 -35.87 29.93
N ILE B 160 -24.00 -36.08 28.67
CA ILE B 160 -23.57 -37.28 27.97
C ILE B 160 -22.05 -37.38 27.94
N ALA B 161 -21.39 -36.25 27.75
CA ALA B 161 -19.94 -36.19 27.76
C ALA B 161 -19.42 -36.56 29.14
N LYS B 162 -20.05 -36.00 30.16
CA LYS B 162 -19.67 -36.28 31.54
C LYS B 162 -20.04 -37.72 31.93
N LEU B 163 -21.12 -38.23 31.35
CA LEU B 163 -21.58 -39.58 31.69
C LEU B 163 -20.57 -40.65 31.27
N ASP B 164 -19.88 -40.41 30.16
CA ASP B 164 -18.87 -41.35 29.68
C ASP B 164 -17.64 -41.44 30.58
N ALA B 165 -17.27 -40.34 31.21
CA ALA B 165 -16.12 -40.32 32.11
C ALA B 165 -16.53 -40.44 33.59
N GLY B 166 -17.66 -41.10 33.85
CA GLY B 166 -18.15 -41.34 35.19
C GLY B 166 -18.15 -40.19 36.17
N GLU B 171 -19.80 -36.46 43.68
CA GLU B 171 -19.10 -36.85 42.46
C GLU B 171 -19.35 -35.83 41.34
N LEU B 172 -19.86 -36.27 40.20
CA LEU B 172 -20.30 -35.29 39.19
C LEU B 172 -21.61 -34.71 39.70
N SER B 173 -22.15 -35.40 40.69
CA SER B 173 -23.35 -35.05 41.46
C SER B 173 -24.01 -33.69 41.31
N ASN B 174 -23.28 -32.71 40.83
CA ASN B 174 -23.78 -31.34 40.82
C ASN B 174 -24.80 -31.14 39.71
N ASP B 175 -24.45 -31.59 38.51
CA ASP B 175 -25.27 -31.40 37.32
C ASP B 175 -26.64 -32.04 37.40
N LEU B 176 -26.72 -33.19 38.06
CA LEU B 176 -27.96 -33.94 38.12
C LEU B 176 -29.07 -33.13 38.74
N LEU B 177 -28.77 -32.47 39.85
CA LEU B 177 -29.76 -31.63 40.49
C LEU B 177 -30.22 -30.51 39.56
N VAL B 178 -29.28 -29.99 38.78
CA VAL B 178 -29.59 -28.90 37.87
C VAL B 178 -30.59 -29.36 36.85
N GLY B 179 -30.44 -30.59 36.39
CA GLY B 179 -31.41 -31.15 35.46
C GLY B 179 -32.76 -31.18 36.14
N ALA B 180 -32.77 -31.62 37.38
CA ALA B 180 -34.01 -31.84 38.09
C ALA B 180 -34.89 -30.62 38.18
N VAL B 181 -34.29 -29.44 38.21
CA VAL B 181 -35.13 -28.27 38.33
C VAL B 181 -35.55 -27.87 36.93
N LEU B 182 -34.87 -28.43 35.94
CA LEU B 182 -35.23 -28.09 34.58
C LEU B 182 -36.49 -28.83 34.19
N LEU B 183 -36.47 -30.16 34.25
CA LEU B 183 -37.62 -30.92 33.81
C LEU B 183 -38.85 -30.57 34.62
N GLU B 184 -38.67 -30.29 35.91
CA GLU B 184 -39.79 -29.86 36.73
C GLU B 184 -40.36 -28.56 36.20
N ARG B 185 -39.48 -27.59 36.03
CA ARG B 185 -39.87 -26.30 35.48
C ARG B 185 -40.35 -26.49 34.06
N ALA B 186 -39.78 -27.47 33.36
CA ALA B 186 -40.25 -27.80 32.03
C ALA B 186 -41.66 -28.32 32.12
N ALA B 187 -41.92 -29.14 33.12
CA ALA B 187 -43.22 -29.74 33.28
C ALA B 187 -44.31 -28.71 33.56
N THR B 188 -43.99 -27.66 34.29
CA THR B 188 -45.00 -26.67 34.64
C THR B 188 -45.62 -26.08 33.39
N GLY B 189 -44.81 -26.00 32.34
CA GLY B 189 -45.24 -25.49 31.05
C GLY B 189 -46.24 -26.40 30.39
N VAL B 190 -46.21 -27.69 30.72
CA VAL B 190 -47.20 -28.63 30.22
C VAL B 190 -48.28 -28.96 31.26
N PRO B 191 -49.15 -28.00 31.61
CA PRO B 191 -50.03 -28.28 32.77
C PRO B 191 -51.18 -29.25 32.45
N ARG B 192 -50.85 -30.32 31.73
CA ARG B 192 -51.83 -31.32 31.35
C ARG B 192 -51.55 -32.69 31.95
N GLY B 193 -52.61 -33.39 32.32
CA GLY B 193 -52.50 -34.76 32.83
C GLY B 193 -51.68 -35.76 32.03
N LEU B 194 -51.05 -35.32 30.95
CA LEU B 194 -50.18 -36.18 30.13
C LEU B 194 -48.81 -35.95 30.70
N ARG B 195 -48.82 -35.09 31.71
CA ARG B 195 -47.64 -34.70 32.44
C ARG B 195 -47.84 -35.13 33.89
N ASP B 196 -46.78 -35.58 34.52
CA ASP B 196 -45.53 -35.75 33.81
C ASP B 196 -44.82 -37.01 34.17
N PRO B 197 -44.44 -37.77 33.14
CA PRO B 197 -43.36 -38.74 33.19
C PRO B 197 -42.09 -37.99 33.54
N LEU B 198 -42.12 -36.66 33.45
CA LEU B 198 -40.98 -35.87 33.90
C LEU B 198 -40.77 -36.00 35.40
N LEU B 199 -41.79 -35.85 36.27
CA LEU B 199 -41.44 -36.04 37.69
C LEU B 199 -40.94 -37.44 37.87
N ALA B 200 -41.38 -38.34 37.01
CA ALA B 200 -40.82 -39.67 37.07
C ALA B 200 -39.34 -39.53 36.82
N ALA B 201 -38.94 -38.78 35.78
CA ALA B 201 -37.53 -38.46 35.56
C ALA B 201 -37.01 -37.43 36.57
N ALA B 202 -37.85 -36.47 36.92
CA ALA B 202 -37.45 -35.39 37.82
C ALA B 202 -37.28 -35.89 39.25
N ALA B 203 -38.00 -36.95 39.60
CA ALA B 203 -37.75 -37.54 40.89
C ALA B 203 -36.97 -38.81 40.63
N ALA B 204 -36.55 -39.04 39.38
CA ALA B 204 -35.62 -40.15 39.07
C ALA B 204 -34.21 -39.68 38.83
N LEU B 205 -33.91 -38.43 39.14
CA LEU B 205 -32.51 -38.01 39.15
C LEU B 205 -32.04 -37.31 40.46
N ARG B 206 -32.97 -36.98 41.36
CA ARG B 206 -32.58 -36.39 42.65
C ARG B 206 -32.05 -37.27 43.81
N THR B 207 -32.66 -38.41 44.15
CA THR B 207 -32.11 -39.22 45.26
C THR B 207 -30.73 -39.78 44.98
N PRO B 208 -29.89 -39.78 46.01
CA PRO B 208 -28.49 -40.17 45.94
C PRO B 208 -28.33 -41.53 45.30
N GLY B 209 -27.21 -41.71 44.64
CA GLY B 209 -26.90 -42.99 44.03
C GLY B 209 -25.90 -42.83 42.93
N ASP B 210 -25.81 -43.87 42.11
CA ASP B 210 -24.96 -43.89 40.93
C ASP B 210 -25.56 -42.93 39.90
N PRO B 211 -24.73 -42.43 38.97
CA PRO B 211 -25.32 -41.61 37.90
C PRO B 211 -26.24 -42.39 36.95
N VAL B 212 -25.80 -43.52 36.43
CA VAL B 212 -26.59 -44.24 35.44
C VAL B 212 -27.87 -44.77 36.08
N THR B 213 -27.85 -44.92 37.39
CA THR B 213 -29.05 -45.32 38.12
C THR B 213 -30.11 -44.24 38.01
N ARG B 214 -29.66 -43.00 38.15
CA ARG B 214 -30.57 -41.88 38.27
C ARG B 214 -30.68 -41.11 36.96
N THR B 215 -30.00 -41.60 35.91
CA THR B 215 -30.27 -41.07 34.58
C THR B 215 -31.65 -41.50 34.09
N ALA B 216 -32.18 -42.56 34.72
CA ALA B 216 -33.52 -43.13 34.46
C ALA B 216 -34.11 -42.77 33.10
N LEU B 217 -35.12 -41.93 33.12
CA LEU B 217 -35.73 -41.47 31.88
C LEU B 217 -35.18 -40.10 31.56
N ALA B 218 -34.17 -40.07 30.70
CA ALA B 218 -33.59 -38.81 30.31
C ALA B 218 -32.96 -39.01 28.96
N LEU B 219 -32.16 -40.07 28.89
CA LEU B 219 -31.45 -40.42 27.67
C LEU B 219 -32.38 -41.22 26.75
N THR B 220 -33.23 -42.02 27.37
CA THR B 220 -34.24 -42.83 26.67
C THR B 220 -35.28 -41.97 25.93
N PRO B 221 -35.49 -42.28 24.64
CA PRO B 221 -36.41 -41.53 23.78
C PRO B 221 -37.87 -41.45 24.24
N GLU B 222 -38.13 -41.14 25.51
CA GLU B 222 -39.52 -40.98 25.94
C GLU B 222 -39.88 -39.55 26.35
N ILE B 223 -38.92 -38.79 26.88
CA ILE B 223 -39.26 -37.41 27.27
C ILE B 223 -38.83 -36.31 26.31
N GLU B 224 -38.02 -36.62 25.31
CA GLU B 224 -37.63 -35.59 24.34
C GLU B 224 -38.75 -35.40 23.36
N GLU B 225 -39.33 -36.49 22.89
CA GLU B 225 -40.43 -36.39 21.95
C GLU B 225 -41.55 -35.65 22.66
N LEU B 226 -41.69 -35.86 23.97
CA LEU B 226 -42.69 -35.12 24.72
C LEU B 226 -42.23 -33.66 24.75
N LEU B 227 -40.95 -33.46 25.02
CA LEU B 227 -40.41 -32.11 25.05
C LEU B 227 -40.51 -31.49 23.67
N ALA B 228 -40.44 -32.30 22.64
CA ALA B 228 -40.58 -31.79 21.29
C ALA B 228 -41.93 -31.10 21.08
N ASP B 229 -43.03 -31.73 21.50
CA ASP B 229 -44.34 -31.09 21.33
C ASP B 229 -44.44 -29.89 22.25
N TYR B 230 -43.94 -30.01 23.46
CA TYR B 230 -43.92 -28.88 24.37
C TYR B 230 -42.51 -28.61 24.85
N PRO B 231 -41.92 -27.50 24.40
CA PRO B 231 -40.51 -27.29 24.72
C PRO B 231 -40.32 -26.28 25.84
N LEU B 232 -39.18 -26.34 26.53
CA LEU B 232 -38.90 -25.36 27.55
C LEU B 232 -38.07 -24.25 26.94
N ARG B 233 -38.67 -23.08 26.73
CA ARG B 233 -37.97 -22.01 26.01
C ARG B 233 -37.57 -20.87 26.93
N ASP B 234 -36.32 -20.42 26.77
CA ASP B 234 -35.76 -19.33 27.55
C ASP B 234 -35.40 -18.19 26.63
N LEU B 235 -35.50 -16.97 27.12
CA LEU B 235 -35.04 -15.82 26.36
C LEU B 235 -35.71 -15.72 25.02
N VAL B 236 -36.98 -16.08 24.95
CA VAL B 236 -37.65 -16.06 23.67
C VAL B 236 -37.60 -14.66 23.07
N THR B 237 -37.23 -14.56 21.81
CA THR B 237 -37.08 -13.29 21.15
C THR B 237 -37.80 -13.26 19.82
N ARG B 238 -38.50 -12.19 19.50
CA ARG B 238 -39.28 -12.19 18.28
C ARG B 238 -38.53 -11.63 17.10
N GLY B 239 -38.60 -12.32 15.98
CA GLY B 239 -37.96 -11.85 14.78
C GLY B 239 -38.90 -10.89 14.09
N GLU B 240 -38.40 -10.25 13.05
CA GLU B 240 -39.21 -9.32 12.29
C GLU B 240 -40.23 -10.09 11.50
N GLN B 241 -41.33 -9.45 11.12
CA GLN B 241 -42.36 -10.14 10.36
C GLN B 241 -42.39 -9.81 8.89
N PHE B 242 -42.38 -10.83 8.06
CA PHE B 242 -42.39 -10.62 6.64
C PHE B 242 -43.57 -11.34 6.02
N GLY B 243 -43.93 -10.95 4.81
CA GLY B 243 -45.14 -11.47 4.22
C GLY B 243 -44.98 -12.16 2.90
N VAL B 244 -45.84 -13.11 2.65
CA VAL B 244 -45.83 -13.83 1.41
C VAL B 244 -47.19 -13.68 0.82
N TRP B 245 -47.27 -13.39 -0.46
CA TRP B 245 -48.58 -13.32 -1.06
C TRP B 245 -48.76 -14.54 -1.90
N VAL B 246 -49.71 -15.38 -1.52
CA VAL B 246 -49.98 -16.63 -2.19
C VAL B 246 -51.06 -16.49 -3.24
N ASP B 247 -50.82 -17.00 -4.43
CA ASP B 247 -51.74 -16.90 -5.53
C ASP B 247 -52.25 -18.30 -5.89
N ARG B 248 -53.23 -18.40 -6.76
CA ARG B 248 -53.66 -19.70 -7.24
C ARG B 248 -52.54 -20.34 -8.05
N PRO B 249 -52.53 -21.66 -8.17
CA PRO B 249 -51.41 -22.35 -8.78
C PRO B 249 -51.14 -21.98 -10.21
N LEU B 250 -52.13 -21.44 -10.91
CA LEU B 250 -51.92 -21.09 -12.30
C LEU B 250 -50.94 -19.95 -12.42
N ALA B 251 -50.70 -19.26 -11.32
CA ALA B 251 -49.75 -18.16 -11.32
C ALA B 251 -48.35 -18.66 -11.60
N ARG B 252 -48.06 -19.89 -11.22
CA ARG B 252 -46.74 -20.47 -11.42
C ARG B 252 -46.68 -21.48 -12.54
N PHE B 253 -47.62 -22.41 -12.53
CA PHE B 253 -47.59 -23.51 -13.47
C PHE B 253 -48.78 -23.52 -14.40
N GLY B 254 -48.55 -23.24 -15.67
CA GLY B 254 -49.55 -23.34 -16.70
C GLY B 254 -48.90 -23.08 -18.03
N ALA B 255 -49.47 -23.52 -19.13
CA ALA B 255 -48.83 -23.28 -20.42
C ALA B 255 -49.70 -22.38 -21.26
N TRP B 256 -49.09 -21.49 -22.03
CA TRP B 256 -49.81 -20.47 -22.77
C TRP B 256 -49.85 -20.70 -24.26
N TYR B 257 -50.97 -20.37 -24.89
CA TYR B 257 -51.10 -20.41 -26.33
C TYR B 257 -51.62 -19.06 -26.78
N GLU B 258 -50.94 -18.43 -27.71
CA GLU B 258 -51.32 -17.11 -28.19
C GLU B 258 -51.95 -17.23 -29.55
N MET B 259 -53.21 -16.82 -29.67
CA MET B 259 -53.91 -16.92 -30.94
C MET B 259 -54.65 -15.65 -31.27
N PHE B 260 -54.82 -15.39 -32.57
CA PHE B 260 -55.56 -14.22 -33.03
C PHE B 260 -56.97 -14.62 -33.41
N PRO B 261 -57.97 -14.13 -32.69
CA PRO B 261 -59.32 -14.56 -33.04
C PRO B 261 -59.66 -14.28 -34.48
N ARG B 262 -59.25 -13.14 -35.01
CA ARG B 262 -59.60 -12.81 -36.38
C ARG B 262 -59.08 -13.81 -37.38
N SER B 263 -57.95 -14.45 -37.10
CA SER B 263 -57.37 -15.37 -38.08
C SER B 263 -58.10 -16.70 -38.22
N THR B 264 -59.13 -16.93 -37.41
CA THR B 264 -59.84 -18.20 -37.50
C THR B 264 -60.92 -18.21 -38.56
N GLY B 265 -60.72 -17.42 -39.61
CA GLY B 265 -61.73 -17.25 -40.66
C GLY B 265 -61.79 -18.31 -41.73
N GLY B 266 -60.64 -18.71 -42.23
CA GLY B 266 -60.63 -19.89 -43.06
C GLY B 266 -60.93 -19.77 -44.54
N TRP B 267 -60.71 -18.60 -45.11
CA TRP B 267 -60.75 -18.45 -46.57
C TRP B 267 -62.17 -18.51 -47.15
N ASP B 268 -62.33 -18.07 -48.39
CA ASP B 268 -63.61 -18.14 -49.10
C ASP B 268 -63.37 -18.94 -50.36
N ASP B 269 -64.33 -18.96 -51.27
CA ASP B 269 -64.18 -19.76 -52.48
C ASP B 269 -63.01 -19.29 -53.33
N ASP B 270 -62.77 -18.00 -53.38
CA ASP B 270 -61.51 -17.50 -53.91
C ASP B 270 -60.56 -17.72 -52.75
N GLY B 271 -59.27 -17.90 -52.99
CA GLY B 271 -58.40 -18.21 -51.87
C GLY B 271 -58.07 -17.01 -51.01
N ASN B 272 -59.08 -16.41 -50.39
CA ASN B 272 -58.87 -15.18 -49.64
C ASN B 272 -59.29 -15.28 -48.20
N PRO B 273 -58.42 -14.87 -47.28
CA PRO B 273 -58.77 -14.98 -45.87
C PRO B 273 -60.07 -14.29 -45.57
N VAL B 274 -60.78 -14.80 -44.59
CA VAL B 274 -62.03 -14.21 -44.17
C VAL B 274 -61.90 -13.82 -42.72
N HIS B 275 -62.39 -12.67 -42.33
CA HIS B 275 -62.29 -12.27 -40.94
C HIS B 275 -63.05 -13.27 -40.13
N GLY B 276 -62.47 -13.69 -39.03
CA GLY B 276 -63.09 -14.67 -38.17
C GLY B 276 -63.89 -13.95 -37.12
N THR B 277 -64.52 -14.72 -36.24
CA THR B 277 -65.31 -14.17 -35.16
C THR B 277 -65.07 -14.99 -33.91
N PHE B 278 -65.54 -14.49 -32.76
CA PHE B 278 -65.40 -15.23 -31.53
C PHE B 278 -65.97 -16.62 -31.69
N ALA B 279 -67.05 -16.72 -32.44
CA ALA B 279 -67.68 -17.99 -32.67
C ALA B 279 -66.74 -18.93 -33.35
N THR B 280 -66.11 -18.49 -34.43
CA THR B 280 -65.16 -19.35 -35.13
C THR B 280 -63.92 -19.63 -34.31
N ALA B 281 -63.49 -18.65 -33.55
CA ALA B 281 -62.31 -18.84 -32.75
C ALA B 281 -62.58 -19.93 -31.73
N ALA B 282 -63.75 -19.89 -31.14
CA ALA B 282 -64.10 -20.84 -30.10
C ALA B 282 -64.06 -22.25 -30.64
N ALA B 283 -64.23 -22.40 -31.94
CA ALA B 283 -64.15 -23.69 -32.58
C ALA B 283 -62.76 -24.29 -32.54
N GLU B 284 -61.76 -23.43 -32.39
CA GLU B 284 -60.39 -23.91 -32.39
C GLU B 284 -59.88 -24.24 -31.02
N LEU B 285 -60.68 -23.93 -30.01
CA LEU B 285 -60.28 -24.16 -28.64
C LEU B 285 -60.05 -25.61 -28.28
N PRO B 286 -60.82 -26.54 -28.86
CA PRO B 286 -60.49 -27.89 -28.42
C PRO B 286 -59.08 -28.28 -28.79
N ARG B 287 -58.72 -28.06 -30.04
CA ARG B 287 -57.43 -28.52 -30.52
C ARG B 287 -56.35 -27.96 -29.64
N ILE B 288 -56.56 -26.74 -29.20
CA ILE B 288 -55.62 -26.07 -28.31
C ILE B 288 -55.56 -26.77 -27.00
N ALA B 289 -56.71 -27.08 -26.42
CA ALA B 289 -56.74 -27.77 -25.15
C ALA B 289 -56.06 -29.11 -25.29
N GLY B 290 -56.25 -29.70 -26.45
CA GLY B 290 -55.71 -31.00 -26.77
C GLY B 290 -54.21 -31.07 -26.67
N MET B 291 -53.55 -29.95 -26.93
CA MET B 291 -52.11 -29.88 -26.82
C MET B 291 -51.67 -29.63 -25.40
N GLY B 292 -52.62 -29.46 -24.49
CA GLY B 292 -52.23 -29.33 -23.11
C GLY B 292 -52.03 -27.93 -22.56
N PHE B 293 -52.41 -26.93 -23.33
CA PHE B 293 -52.30 -25.55 -22.86
C PHE B 293 -53.40 -25.21 -21.86
N ASP B 294 -53.02 -24.49 -20.82
CA ASP B 294 -53.94 -24.08 -19.77
C ASP B 294 -54.48 -22.66 -19.92
N VAL B 295 -53.83 -21.84 -20.74
CA VAL B 295 -54.24 -20.45 -20.91
C VAL B 295 -54.22 -20.01 -22.36
N VAL B 296 -55.25 -19.31 -22.80
CA VAL B 296 -55.28 -18.80 -24.17
C VAL B 296 -55.13 -17.30 -24.12
N TYR B 297 -54.09 -16.80 -24.76
CA TYR B 297 -53.82 -15.38 -24.71
C TYR B 297 -54.22 -14.76 -26.03
N LEU B 298 -55.03 -13.71 -25.94
CA LEU B 298 -55.59 -13.06 -27.10
C LEU B 298 -55.08 -11.64 -27.25
N PRO B 299 -54.56 -11.29 -28.44
CA PRO B 299 -54.24 -9.91 -28.69
C PRO B 299 -55.49 -9.09 -28.51
N PRO B 300 -55.37 -7.78 -28.35
CA PRO B 300 -56.55 -7.02 -27.94
C PRO B 300 -57.74 -7.28 -28.83
N ILE B 301 -58.90 -7.43 -28.22
CA ILE B 301 -60.11 -7.74 -28.94
C ILE B 301 -60.93 -6.50 -29.23
N HIS B 302 -60.34 -5.34 -29.04
CA HIS B 302 -61.07 -4.09 -29.18
C HIS B 302 -61.06 -3.57 -30.61
N PRO B 303 -61.92 -2.59 -30.92
CA PRO B 303 -61.97 -1.97 -32.23
C PRO B 303 -60.66 -1.33 -32.62
N ILE B 304 -60.28 -1.47 -33.87
CA ILE B 304 -59.01 -0.94 -34.32
C ILE B 304 -59.21 0.42 -34.96
N GLY B 305 -58.36 1.37 -34.62
CA GLY B 305 -58.47 2.71 -35.14
C GLY B 305 -58.44 2.72 -36.65
N LYS B 306 -59.15 3.68 -37.25
CA LYS B 306 -59.19 3.79 -38.69
C LYS B 306 -58.25 4.86 -39.24
N VAL B 307 -57.72 5.72 -38.37
CA VAL B 307 -56.80 6.74 -38.86
C VAL B 307 -55.36 6.32 -38.61
N HIS B 308 -54.55 6.43 -39.66
CA HIS B 308 -53.14 6.08 -39.62
C HIS B 308 -52.99 4.58 -39.40
N ARG B 309 -54.05 3.84 -39.70
CA ARG B 309 -54.07 2.39 -39.55
C ARG B 309 -52.94 1.84 -40.39
N LYS B 310 -52.22 0.83 -39.87
CA LYS B 310 -51.05 0.32 -40.56
C LYS B 310 -51.36 -0.81 -41.54
N GLY B 311 -50.61 -0.89 -42.62
CA GLY B 311 -50.87 -1.90 -43.64
C GLY B 311 -50.06 -3.16 -43.47
N ARG B 312 -50.21 -4.11 -44.39
CA ARG B 312 -49.49 -5.38 -44.30
C ARG B 312 -48.00 -5.10 -44.21
N ASN B 313 -47.30 -5.90 -43.40
CA ASN B 313 -45.85 -5.76 -43.23
C ASN B 313 -45.43 -4.41 -42.65
N ASN B 314 -46.27 -3.83 -41.80
CA ASN B 314 -45.97 -2.59 -41.11
C ASN B 314 -45.86 -1.38 -42.01
N SER B 315 -46.39 -1.49 -43.23
CA SER B 315 -46.37 -0.35 -44.15
C SER B 315 -47.14 0.79 -43.52
N PRO B 316 -46.71 2.02 -43.74
CA PRO B 316 -47.35 3.13 -43.04
C PRO B 316 -48.80 3.39 -43.46
N THR B 317 -49.13 3.18 -44.73
CA THR B 317 -50.46 3.50 -45.22
C THR B 317 -51.27 2.24 -45.45
N ALA B 318 -52.51 2.24 -44.94
CA ALA B 318 -53.34 1.05 -45.01
C ALA B 318 -54.31 1.07 -46.18
N ALA B 319 -54.37 -0.03 -46.91
CA ALA B 319 -55.34 -0.17 -47.99
C ALA B 319 -56.73 -0.17 -47.36
N PRO B 320 -57.79 0.00 -48.17
CA PRO B 320 -59.11 0.12 -47.54
C PRO B 320 -59.57 -1.15 -46.82
N THR B 321 -59.14 -2.32 -47.30
CA THR B 321 -59.58 -3.58 -46.71
C THR B 321 -58.69 -4.10 -45.57
N ASP B 322 -57.48 -3.56 -45.43
CA ASP B 322 -56.55 -4.06 -44.42
C ASP B 322 -57.10 -3.90 -43.02
N VAL B 323 -56.63 -4.74 -42.11
CA VAL B 323 -57.24 -4.83 -40.79
C VAL B 323 -56.55 -4.02 -39.70
N GLY B 324 -55.26 -3.78 -39.83
CA GLY B 324 -54.56 -3.01 -38.82
C GLY B 324 -54.24 -3.81 -37.58
N SER B 325 -53.37 -3.28 -36.72
CA SER B 325 -52.93 -4.04 -35.56
C SER B 325 -53.88 -3.86 -34.43
N PRO B 326 -54.24 -4.96 -33.77
CA PRO B 326 -55.16 -4.93 -32.65
C PRO B 326 -54.71 -3.99 -31.57
N TRP B 327 -53.42 -3.67 -31.55
CA TRP B 327 -52.89 -2.82 -30.51
C TRP B 327 -53.18 -1.34 -30.73
N ALA B 328 -53.72 -1.01 -31.89
CA ALA B 328 -54.24 0.34 -32.15
C ALA B 328 -55.64 0.50 -31.57
N ILE B 329 -55.74 0.48 -30.26
CA ILE B 329 -57.03 0.41 -29.58
C ILE B 329 -57.86 1.64 -29.85
N GLY B 330 -59.14 1.43 -30.05
CA GLY B 330 -60.10 2.52 -30.12
C GLY B 330 -60.53 2.99 -31.49
N SER B 331 -61.81 3.27 -31.61
CA SER B 331 -62.41 3.80 -32.83
C SER B 331 -63.74 4.40 -32.48
N ASP B 332 -64.35 5.10 -33.44
CA ASP B 332 -65.66 5.68 -33.22
C ASP B 332 -66.65 4.62 -32.76
N GLU B 333 -66.37 3.37 -33.13
CA GLU B 333 -67.16 2.23 -32.69
C GLU B 333 -67.04 1.94 -31.18
N GLY B 334 -65.85 2.03 -30.64
CA GLY B 334 -65.72 1.75 -29.22
C GLY B 334 -64.33 1.90 -28.67
N GLY B 335 -64.23 1.77 -27.35
CA GLY B 335 -62.96 1.85 -26.65
C GLY B 335 -62.52 0.53 -26.02
N HIS B 336 -61.76 0.64 -24.95
CA HIS B 336 -61.23 -0.52 -24.26
C HIS B 336 -62.31 -1.39 -23.64
N ASP B 337 -63.52 -0.85 -23.50
CA ASP B 337 -64.55 -1.64 -22.87
C ASP B 337 -65.44 -2.34 -23.88
N THR B 338 -65.14 -2.16 -25.15
CA THR B 338 -66.00 -2.74 -26.18
C THR B 338 -65.29 -3.73 -27.07
N VAL B 339 -66.01 -4.78 -27.45
CA VAL B 339 -65.50 -5.76 -28.39
C VAL B 339 -65.46 -5.22 -29.79
N HIS B 340 -64.40 -5.50 -30.53
CA HIS B 340 -64.32 -5.12 -31.93
C HIS B 340 -65.48 -5.76 -32.64
N PRO B 341 -66.30 -4.96 -33.33
CA PRO B 341 -67.58 -5.42 -33.86
C PRO B 341 -67.44 -6.57 -34.81
N SER B 342 -66.36 -6.62 -35.58
CA SER B 342 -66.15 -7.72 -36.51
C SER B 342 -66.05 -9.07 -35.80
N LEU B 343 -65.61 -9.06 -34.56
CA LEU B 343 -65.54 -10.30 -33.80
C LEU B 343 -66.91 -10.76 -33.34
N GLY B 344 -67.75 -9.83 -32.90
CA GLY B 344 -69.09 -10.18 -32.48
C GLY B 344 -69.59 -9.34 -31.33
N THR B 345 -70.79 -9.64 -30.85
CA THR B 345 -71.33 -8.96 -29.70
C THR B 345 -70.56 -9.40 -28.48
N ILE B 346 -70.66 -8.66 -27.39
CA ILE B 346 -69.94 -9.04 -26.19
C ILE B 346 -70.46 -10.36 -25.65
N ASP B 347 -71.68 -10.72 -26.02
CA ASP B 347 -72.21 -12.00 -25.60
C ASP B 347 -71.38 -13.11 -26.21
N ASP B 348 -70.93 -12.89 -27.44
CA ASP B 348 -70.10 -13.86 -28.13
C ASP B 348 -68.83 -14.13 -27.36
N PHE B 349 -68.24 -13.09 -26.80
CA PHE B 349 -67.05 -13.23 -25.99
C PHE B 349 -67.41 -14.08 -24.79
N ASP B 350 -68.49 -13.72 -24.11
CA ASP B 350 -68.89 -14.44 -22.90
C ASP B 350 -69.01 -15.91 -23.25
N ASP B 351 -69.48 -16.18 -24.46
CA ASP B 351 -69.65 -17.54 -24.95
C ASP B 351 -68.30 -18.20 -25.17
N PHE B 352 -67.36 -17.45 -25.71
CA PHE B 352 -66.01 -17.94 -25.99
C PHE B 352 -65.31 -18.30 -24.70
N VAL B 353 -65.41 -17.41 -23.73
CA VAL B 353 -64.81 -17.66 -22.44
C VAL B 353 -65.35 -18.95 -21.87
N SER B 354 -66.67 -19.09 -21.95
CA SER B 354 -67.31 -20.27 -21.40
C SER B 354 -66.88 -21.52 -22.12
N ALA B 355 -66.61 -21.43 -23.41
CA ALA B 355 -66.13 -22.58 -24.14
C ALA B 355 -64.80 -23.04 -23.57
N ALA B 356 -63.92 -22.09 -23.34
CA ALA B 356 -62.60 -22.39 -22.83
C ALA B 356 -62.74 -23.04 -21.48
N ARG B 357 -63.60 -22.46 -20.65
CA ARG B 357 -63.80 -22.95 -19.30
C ARG B 357 -64.23 -24.40 -19.30
N ASP B 358 -64.99 -24.79 -20.31
CA ASP B 358 -65.44 -26.14 -20.44
C ASP B 358 -64.29 -27.07 -20.71
N LEU B 359 -63.29 -26.58 -21.42
CA LEU B 359 -62.15 -27.39 -21.83
C LEU B 359 -61.03 -27.41 -20.82
N GLY B 360 -61.21 -26.71 -19.71
CA GLY B 360 -60.21 -26.66 -18.68
C GLY B 360 -59.27 -25.49 -18.83
N MET B 361 -59.55 -24.59 -19.75
CA MET B 361 -58.67 -23.48 -20.03
C MET B 361 -59.11 -22.12 -19.49
N GLU B 362 -58.23 -21.14 -19.61
CA GLU B 362 -58.45 -19.79 -19.12
C GLU B 362 -58.17 -18.83 -20.25
N VAL B 363 -58.75 -17.65 -20.20
CA VAL B 363 -58.54 -16.68 -21.25
C VAL B 363 -57.75 -15.51 -20.71
N ALA B 364 -56.71 -15.09 -21.42
CA ALA B 364 -55.94 -13.94 -20.97
C ALA B 364 -55.99 -12.89 -22.02
N LEU B 365 -56.38 -11.68 -21.64
CA LEU B 365 -56.55 -10.60 -22.61
C LEU B 365 -55.42 -9.62 -22.53
N ASP B 366 -55.08 -9.04 -23.67
CA ASP B 366 -54.01 -8.06 -23.72
C ASP B 366 -54.51 -6.75 -23.16
N LEU B 367 -53.76 -6.18 -22.23
CA LEU B 367 -54.12 -4.90 -21.67
C LEU B 367 -53.07 -3.93 -22.15
N ALA B 368 -53.44 -3.10 -23.13
CA ALA B 368 -52.49 -2.15 -23.69
C ALA B 368 -52.97 -0.75 -23.45
N LEU B 369 -52.29 -0.01 -22.58
CA LEU B 369 -52.72 1.33 -22.25
C LEU B 369 -52.17 2.33 -23.23
N GLN B 370 -52.86 2.43 -24.37
CA GLN B 370 -52.50 3.26 -25.50
C GLN B 370 -53.80 3.60 -26.20
N CYS B 371 -53.76 4.53 -27.15
CA CYS B 371 -54.96 4.86 -27.91
C CYS B 371 -54.64 5.12 -29.36
N ALA B 372 -55.55 4.75 -30.25
CA ALA B 372 -55.46 5.17 -31.62
C ALA B 372 -56.14 6.52 -31.64
N PRO B 373 -55.91 7.33 -32.66
CA PRO B 373 -56.55 8.64 -32.58
C PRO B 373 -58.08 8.59 -32.56
N ASP B 374 -58.72 7.69 -33.29
CA ASP B 374 -60.18 7.66 -33.28
C ASP B 374 -60.74 7.19 -31.94
N HIS B 375 -59.86 6.85 -31.01
CA HIS B 375 -60.31 6.40 -29.71
C HIS B 375 -61.14 7.49 -29.07
N PRO B 376 -62.25 7.12 -28.47
CA PRO B 376 -63.10 8.09 -27.81
C PRO B 376 -62.34 8.98 -26.84
N TRP B 377 -61.30 8.46 -26.19
CA TRP B 377 -60.59 9.28 -25.22
C TRP B 377 -59.93 10.49 -25.89
N ALA B 378 -59.60 10.39 -27.16
CA ALA B 378 -58.96 11.50 -27.86
C ALA B 378 -59.80 12.76 -27.80
N ARG B 379 -61.13 12.62 -27.76
CA ARG B 379 -61.96 13.79 -27.59
C ARG B 379 -62.48 13.86 -26.15
N GLU B 380 -63.13 12.81 -25.67
CA GLU B 380 -63.86 12.85 -24.41
C GLU B 380 -62.98 13.28 -23.26
N HIS B 381 -61.83 12.66 -23.11
CA HIS B 381 -60.91 13.12 -22.10
C HIS B 381 -59.54 13.31 -22.75
N ARG B 382 -59.16 14.56 -23.02
CA ARG B 382 -57.93 14.79 -23.76
C ARG B 382 -56.83 15.28 -22.82
N GLN B 383 -57.19 15.56 -21.58
CA GLN B 383 -56.20 15.94 -20.58
C GLN B 383 -55.22 14.79 -20.48
N TRP B 384 -55.71 13.60 -20.77
CA TRP B 384 -54.96 12.37 -20.63
C TRP B 384 -53.83 12.21 -21.62
N PHE B 385 -53.62 13.19 -22.48
CA PHE B 385 -52.51 13.10 -23.42
C PHE B 385 -51.56 14.27 -23.33
N THR B 386 -50.39 14.10 -23.93
CA THR B 386 -49.41 15.16 -23.97
C THR B 386 -49.58 15.89 -25.27
N GLU B 387 -50.24 17.04 -25.19
CA GLU B 387 -50.65 17.80 -26.35
C GLU B 387 -49.56 18.79 -26.73
N LEU B 388 -49.19 18.81 -28.00
CA LEU B 388 -48.10 19.66 -28.46
C LEU B 388 -48.52 21.13 -28.50
N PRO B 389 -47.58 22.05 -28.80
CA PRO B 389 -48.02 23.44 -28.90
C PRO B 389 -49.02 23.68 -30.04
N ASP B 390 -48.85 23.00 -31.16
CA ASP B 390 -49.78 23.15 -32.26
C ASP B 390 -51.02 22.28 -32.09
N GLY B 391 -51.18 21.71 -30.91
CA GLY B 391 -52.39 20.97 -30.58
C GLY B 391 -52.41 19.49 -30.96
N THR B 392 -51.46 19.07 -31.79
CA THR B 392 -51.35 17.66 -32.13
C THR B 392 -50.83 16.86 -30.96
N ILE B 393 -50.95 15.54 -31.08
CA ILE B 393 -50.38 14.66 -30.08
C ILE B 393 -49.36 13.78 -30.74
N ALA B 394 -48.19 13.67 -30.11
CA ALA B 394 -47.09 12.93 -30.70
C ALA B 394 -47.41 11.45 -30.72
N TYR B 395 -47.13 10.78 -31.84
CA TYR B 395 -47.42 9.36 -31.91
C TYR B 395 -46.47 8.60 -31.02
N ALA B 396 -46.93 7.47 -30.50
CA ALA B 396 -46.17 6.66 -29.56
C ALA B 396 -44.86 6.16 -30.12
N GLU B 397 -43.85 6.14 -29.27
CA GLU B 397 -42.54 5.69 -29.68
C GLU B 397 -41.87 4.91 -28.58
N ASN B 398 -41.23 3.81 -28.97
CA ASN B 398 -40.44 2.97 -28.09
C ASN B 398 -39.16 2.65 -28.87
N PRO B 399 -38.04 3.26 -28.48
CA PRO B 399 -36.86 3.18 -29.34
C PRO B 399 -36.35 1.76 -29.50
N PRO B 400 -36.03 1.35 -30.73
CA PRO B 400 -36.20 2.16 -31.94
C PRO B 400 -37.54 1.92 -32.65
N LYS B 401 -38.41 1.12 -32.07
CA LYS B 401 -39.71 0.87 -32.69
C LYS B 401 -40.55 2.14 -32.74
N LYS B 402 -41.27 2.33 -33.83
CA LYS B 402 -42.12 3.48 -33.97
C LYS B 402 -43.57 3.04 -34.10
N TYR B 403 -44.46 3.66 -33.33
CA TYR B 403 -45.84 3.23 -33.31
C TYR B 403 -46.76 4.33 -33.87
N GLN B 404 -46.68 4.57 -35.16
CA GLN B 404 -47.37 5.70 -35.78
C GLN B 404 -48.87 5.64 -35.60
N ASP B 405 -49.42 4.45 -35.37
CA ASP B 405 -50.85 4.32 -35.25
C ASP B 405 -51.42 4.59 -33.86
N ILE B 406 -50.59 4.96 -32.89
CA ILE B 406 -51.13 5.20 -31.55
C ILE B 406 -50.56 6.38 -30.75
N TYR B 407 -51.29 6.77 -29.72
CA TYR B 407 -50.93 7.87 -28.83
C TYR B 407 -50.60 7.32 -27.46
N PRO B 408 -49.48 7.74 -26.87
CA PRO B 408 -49.19 7.33 -25.49
C PRO B 408 -50.08 8.08 -24.53
N LEU B 409 -50.48 7.48 -23.42
CA LEU B 409 -51.27 8.25 -22.47
C LEU B 409 -50.37 9.12 -21.62
N ASN B 410 -50.96 10.07 -20.91
CA ASN B 410 -50.20 10.89 -19.99
C ASN B 410 -50.73 10.72 -18.59
N PHE B 411 -49.94 10.12 -17.72
CA PHE B 411 -50.44 9.76 -16.41
C PHE B 411 -50.27 10.85 -15.37
N ASP B 412 -49.66 11.97 -15.75
CA ASP B 412 -49.41 13.02 -14.77
C ASP B 412 -50.43 14.16 -14.76
N ASN B 413 -51.01 14.53 -15.90
CA ASN B 413 -52.00 15.60 -15.94
C ASN B 413 -53.22 15.34 -15.09
N ASP B 414 -53.83 14.17 -15.27
CA ASP B 414 -55.02 13.83 -14.52
C ASP B 414 -54.89 12.44 -13.97
N PRO B 415 -54.07 12.30 -12.94
CA PRO B 415 -53.79 10.96 -12.46
C PRO B 415 -55.03 10.25 -11.94
N GLU B 416 -55.66 10.74 -10.88
CA GLU B 416 -56.77 9.99 -10.29
C GLU B 416 -57.90 9.94 -11.31
N GLY B 417 -57.85 10.82 -12.31
CA GLY B 417 -58.80 10.76 -13.39
C GLY B 417 -58.61 9.55 -14.27
N LEU B 418 -57.41 9.40 -14.79
CA LEU B 418 -57.06 8.27 -15.67
C LEU B 418 -56.95 6.98 -14.90
N TYR B 419 -56.37 7.04 -13.71
CA TYR B 419 -56.22 5.87 -12.87
C TYR B 419 -57.54 5.17 -12.74
N ASP B 420 -58.56 5.94 -12.37
CA ASP B 420 -59.89 5.40 -12.10
C ASP B 420 -60.53 4.83 -13.33
N GLU B 421 -60.27 5.42 -14.48
CA GLU B 421 -60.84 4.87 -15.70
C GLU B 421 -60.19 3.56 -16.07
N VAL B 422 -58.88 3.47 -16.02
CA VAL B 422 -58.24 2.21 -16.38
C VAL B 422 -58.67 1.11 -15.42
N LEU B 423 -58.83 1.44 -14.15
CA LEU B 423 -59.35 0.46 -13.21
C LEU B 423 -60.73 0.04 -13.65
N ARG B 424 -61.51 1.00 -14.12
CA ARG B 424 -62.85 0.71 -14.57
C ARG B 424 -62.78 -0.31 -15.68
N VAL B 425 -61.90 -0.07 -16.64
CA VAL B 425 -61.80 -0.93 -17.78
C VAL B 425 -61.36 -2.33 -17.40
N VAL B 426 -60.32 -2.43 -16.59
CA VAL B 426 -59.82 -3.74 -16.20
C VAL B 426 -60.91 -4.47 -15.50
N GLN B 427 -61.65 -3.76 -14.68
CA GLN B 427 -62.73 -4.37 -13.93
C GLN B 427 -63.83 -4.93 -14.79
N HIS B 428 -64.01 -4.36 -15.97
CA HIS B 428 -65.08 -4.76 -16.87
C HIS B 428 -64.87 -6.21 -17.23
N TRP B 429 -63.67 -6.51 -17.69
CA TRP B 429 -63.34 -7.84 -18.14
C TRP B 429 -63.24 -8.83 -17.02
N VAL B 430 -62.83 -8.41 -15.83
CA VAL B 430 -62.82 -9.32 -14.71
C VAL B 430 -64.21 -9.86 -14.52
N ASN B 431 -65.21 -9.01 -14.68
CA ASN B 431 -66.60 -9.44 -14.58
C ASN B 431 -67.03 -10.34 -15.71
N HIS B 432 -66.25 -10.41 -16.78
CA HIS B 432 -66.59 -11.29 -17.87
C HIS B 432 -65.72 -12.53 -17.88
N GLY B 433 -65.11 -12.83 -16.75
CA GLY B 433 -64.42 -14.09 -16.58
C GLY B 433 -62.95 -14.08 -16.90
N VAL B 434 -62.39 -12.90 -17.16
CA VAL B 434 -60.97 -12.79 -17.45
C VAL B 434 -60.17 -12.45 -16.23
N LYS B 435 -59.37 -13.37 -15.74
CA LYS B 435 -58.65 -13.12 -14.52
C LYS B 435 -57.15 -13.30 -14.69
N PHE B 436 -56.69 -13.13 -15.92
CA PHE B 436 -55.28 -13.04 -16.24
C PHE B 436 -55.07 -12.02 -17.34
N PHE B 437 -54.25 -11.00 -17.12
CA PHE B 437 -54.05 -9.97 -18.13
C PHE B 437 -52.63 -9.92 -18.58
N ARG B 438 -52.40 -9.83 -19.87
CA ARG B 438 -51.04 -9.69 -20.33
C ARG B 438 -50.77 -8.24 -20.52
N VAL B 439 -50.25 -7.61 -19.47
CA VAL B 439 -49.97 -6.20 -19.50
C VAL B 439 -48.92 -5.90 -20.51
N ASP B 440 -49.13 -4.88 -21.30
CA ASP B 440 -48.35 -4.69 -22.48
C ASP B 440 -47.39 -3.53 -22.28
N ASN B 441 -46.10 -3.78 -22.49
CA ASN B 441 -45.05 -2.78 -22.33
C ASN B 441 -45.10 -2.02 -21.03
N PRO B 442 -45.16 -2.70 -19.89
CA PRO B 442 -45.38 -1.98 -18.64
C PRO B 442 -44.28 -1.00 -18.31
N HIS B 443 -43.12 -1.20 -18.86
CA HIS B 443 -42.01 -0.35 -18.52
C HIS B 443 -42.13 1.04 -19.12
N THR B 444 -43.10 1.27 -20.00
CA THR B 444 -43.26 2.60 -20.57
C THR B 444 -44.37 3.36 -19.88
N LYS B 445 -44.79 2.87 -18.73
CA LYS B 445 -45.81 3.54 -17.95
C LYS B 445 -45.25 3.66 -16.55
N PRO B 446 -45.74 4.62 -15.78
CA PRO B 446 -45.22 4.86 -14.44
C PRO B 446 -45.33 3.67 -13.52
N PRO B 447 -44.26 3.37 -12.79
CA PRO B 447 -44.27 2.28 -11.83
C PRO B 447 -45.37 2.41 -10.82
N ASN B 448 -45.56 3.58 -10.25
CA ASN B 448 -46.52 3.72 -9.17
C ASN B 448 -47.92 3.39 -9.64
N PHE B 449 -48.19 3.63 -10.90
CA PHE B 449 -49.49 3.29 -11.44
C PHE B 449 -49.73 1.80 -11.32
N TRP B 450 -48.80 1.01 -11.83
CA TRP B 450 -48.93 -0.43 -11.82
C TRP B 450 -49.07 -0.92 -10.40
N ALA B 451 -48.27 -0.39 -9.49
CA ALA B 451 -48.37 -0.80 -8.11
C ALA B 451 -49.76 -0.53 -7.60
N TRP B 452 -50.32 0.61 -8.01
CA TRP B 452 -51.66 0.97 -7.60
C TRP B 452 -52.69 0.06 -8.29
N LEU B 453 -52.59 -0.08 -9.60
CA LEU B 453 -53.59 -0.83 -10.35
C LEU B 453 -53.68 -2.25 -9.88
N ILE B 454 -52.54 -2.88 -9.69
CA ILE B 454 -52.51 -4.25 -9.25
C ILE B 454 -53.15 -4.38 -7.89
N ALA B 455 -52.76 -3.56 -6.93
CA ALA B 455 -53.31 -3.66 -5.59
C ALA B 455 -54.77 -3.30 -5.58
N GLN B 456 -55.16 -2.36 -6.40
CA GLN B 456 -56.54 -1.94 -6.46
C GLN B 456 -57.40 -3.07 -7.01
N VAL B 457 -56.98 -3.70 -8.10
CA VAL B 457 -57.74 -4.82 -8.67
C VAL B 457 -57.78 -6.05 -7.81
N LYS B 458 -56.63 -6.48 -7.34
CA LYS B 458 -56.53 -7.72 -6.58
C LYS B 458 -57.25 -7.66 -5.27
N THR B 459 -57.44 -6.47 -4.73
CA THR B 459 -58.12 -6.42 -3.44
C THR B 459 -59.62 -6.73 -3.62
N VAL B 460 -60.24 -6.32 -4.72
CA VAL B 460 -61.63 -6.74 -4.96
C VAL B 460 -61.66 -8.21 -5.37
N ASP B 461 -60.80 -8.61 -6.29
CA ASP B 461 -60.69 -10.02 -6.68
C ASP B 461 -59.23 -10.45 -6.69
N PRO B 462 -58.84 -11.31 -5.75
CA PRO B 462 -57.44 -11.66 -5.56
C PRO B 462 -56.98 -12.76 -6.47
N ASP B 463 -57.86 -13.23 -7.33
CA ASP B 463 -57.47 -14.32 -8.19
C ASP B 463 -57.10 -13.75 -9.55
N VAL B 464 -57.02 -12.44 -9.64
CA VAL B 464 -56.66 -11.80 -10.90
C VAL B 464 -55.16 -11.71 -11.03
N LEU B 465 -54.62 -12.14 -12.15
CA LEU B 465 -53.16 -12.21 -12.32
C LEU B 465 -52.65 -11.41 -13.50
N PHE B 466 -51.43 -10.92 -13.39
CA PHE B 466 -50.87 -10.06 -14.40
C PHE B 466 -49.57 -10.61 -14.94
N LEU B 467 -49.36 -10.50 -16.24
CA LEU B 467 -48.11 -10.89 -16.87
C LEU B 467 -47.47 -9.68 -17.49
N SER B 468 -46.22 -9.37 -17.17
CA SER B 468 -45.62 -8.15 -17.67
C SER B 468 -44.68 -8.38 -18.83
N GLU B 469 -45.00 -7.87 -20.01
CA GLU B 469 -44.14 -8.00 -21.16
C GLU B 469 -43.11 -6.89 -21.16
N ALA B 470 -42.18 -6.93 -20.21
CA ALA B 470 -41.20 -5.88 -20.12
C ALA B 470 -39.85 -6.35 -20.57
N PHE B 471 -39.52 -6.13 -21.83
CA PHE B 471 -38.21 -6.44 -22.33
C PHE B 471 -37.34 -5.24 -22.12
N THR B 472 -36.71 -5.17 -20.96
CA THR B 472 -36.01 -3.99 -20.55
C THR B 472 -34.87 -4.40 -19.64
N PRO B 473 -33.88 -3.55 -19.41
CA PRO B 473 -32.77 -3.95 -18.57
C PRO B 473 -33.21 -4.37 -17.19
N PRO B 474 -32.37 -5.11 -16.48
CA PRO B 474 -32.78 -5.79 -15.25
C PRO B 474 -33.47 -4.92 -14.24
N ALA B 475 -32.86 -3.81 -13.85
CA ALA B 475 -33.38 -3.01 -12.75
C ALA B 475 -34.84 -2.68 -12.94
N ARG B 476 -35.21 -2.49 -14.20
CA ARG B 476 -36.60 -2.27 -14.54
C ARG B 476 -37.38 -3.56 -14.63
N GLN B 477 -36.83 -4.54 -15.32
CA GLN B 477 -37.51 -5.79 -15.57
C GLN B 477 -37.86 -6.46 -14.28
N TYR B 478 -36.88 -6.66 -13.42
CA TYR B 478 -37.13 -7.31 -12.16
C TYR B 478 -37.83 -6.36 -11.19
N GLY B 479 -37.64 -5.07 -11.39
CA GLY B 479 -38.26 -4.10 -10.52
C GLY B 479 -39.74 -4.21 -10.66
N LEU B 480 -40.20 -4.30 -11.90
CA LEU B 480 -41.60 -4.39 -12.19
C LEU B 480 -42.20 -5.63 -11.57
N ALA B 481 -41.45 -6.71 -11.57
CA ALA B 481 -41.97 -7.90 -10.95
C ALA B 481 -42.17 -7.68 -9.47
N LYS B 482 -41.19 -7.03 -8.85
CA LYS B 482 -41.23 -6.85 -7.40
C LYS B 482 -42.47 -6.13 -6.90
N LEU B 483 -42.92 -5.14 -7.64
CA LEU B 483 -44.05 -4.35 -7.17
C LEU B 483 -45.39 -5.05 -7.40
N GLY B 484 -45.37 -6.24 -7.98
CA GLY B 484 -46.57 -7.07 -8.01
C GLY B 484 -46.96 -7.92 -9.18
N PHE B 485 -46.29 -7.77 -10.32
CA PHE B 485 -46.61 -8.60 -11.47
C PHE B 485 -46.38 -10.08 -11.21
N THR B 486 -47.42 -10.88 -11.39
CA THR B 486 -47.38 -12.30 -11.07
C THR B 486 -46.42 -13.10 -11.93
N GLN B 487 -46.27 -12.73 -13.19
CA GLN B 487 -45.28 -13.37 -14.06
C GLN B 487 -44.62 -12.30 -14.88
N SER B 488 -43.47 -12.60 -15.46
CA SER B 488 -42.80 -11.64 -16.30
C SER B 488 -42.21 -12.31 -17.51
N TYR B 489 -42.23 -11.65 -18.65
CA TYR B 489 -41.54 -12.18 -19.80
C TYR B 489 -40.08 -12.13 -19.46
N SER B 490 -39.24 -12.81 -20.22
CA SER B 490 -37.83 -12.86 -19.88
C SER B 490 -36.94 -12.67 -21.07
N TYR B 491 -35.64 -12.68 -20.85
CA TYR B 491 -34.73 -12.50 -21.97
C TYR B 491 -34.50 -13.83 -22.66
N PHE B 492 -35.36 -14.80 -22.38
CA PHE B 492 -35.13 -16.19 -22.75
C PHE B 492 -34.80 -16.39 -24.21
N THR B 493 -35.48 -15.67 -25.07
CA THR B 493 -35.36 -15.90 -26.49
C THR B 493 -33.95 -15.73 -26.96
N TRP B 494 -33.22 -14.87 -26.29
CA TRP B 494 -31.89 -14.52 -26.71
C TRP B 494 -30.82 -15.22 -25.93
N ARG B 495 -31.21 -16.31 -25.28
CA ARG B 495 -30.23 -17.20 -24.67
C ARG B 495 -30.15 -18.48 -25.46
N THR B 496 -29.03 -18.70 -26.16
CA THR B 496 -28.89 -19.86 -27.02
C THR B 496 -27.58 -20.63 -26.97
N THR B 497 -26.67 -20.29 -26.10
CA THR B 497 -25.46 -21.06 -26.06
C THR B 497 -25.50 -21.84 -24.78
N LYS B 498 -24.74 -22.91 -24.68
CA LYS B 498 -24.84 -23.76 -23.50
C LYS B 498 -24.64 -22.94 -22.25
N TRP B 499 -23.67 -22.03 -22.28
CA TRP B 499 -23.38 -21.22 -21.13
C TRP B 499 -24.40 -20.13 -20.89
N GLU B 500 -24.96 -19.55 -21.95
CA GLU B 500 -26.02 -18.56 -21.75
C GLU B 500 -27.22 -19.22 -21.10
N LEU B 501 -27.67 -20.35 -21.63
CA LEU B 501 -28.84 -21.04 -21.10
C LEU B 501 -28.58 -21.50 -19.69
N THR B 502 -27.37 -21.94 -19.40
CA THR B 502 -27.07 -22.36 -18.05
C THR B 502 -27.26 -21.23 -17.08
N GLU B 503 -26.72 -20.08 -17.41
CA GLU B 503 -26.80 -18.93 -16.53
C GLU B 503 -28.24 -18.52 -16.40
N PHE B 504 -28.97 -18.50 -17.51
CA PHE B 504 -30.38 -18.14 -17.50
C PHE B 504 -31.20 -19.04 -16.64
N GLY B 505 -30.94 -20.33 -16.74
CA GLY B 505 -31.65 -21.32 -15.97
C GLY B 505 -31.43 -21.20 -14.49
N ASN B 506 -30.18 -21.07 -14.05
CA ASN B 506 -29.91 -20.93 -12.63
C ASN B 506 -30.54 -19.68 -12.06
N GLN B 507 -30.58 -18.62 -12.84
CA GLN B 507 -31.11 -17.37 -12.33
C GLN B 507 -32.59 -17.49 -12.02
N ILE B 508 -33.28 -18.41 -12.68
CA ILE B 508 -34.73 -18.54 -12.59
C ILE B 508 -35.15 -18.43 -11.15
N ALA B 509 -34.48 -19.20 -10.31
CA ALA B 509 -34.50 -18.96 -8.89
C ALA B 509 -33.19 -19.38 -8.44
N GLU B 510 -32.36 -18.57 -7.77
CA GLU B 510 -32.32 -17.12 -7.50
C GLU B 510 -33.54 -16.22 -7.39
N LEU B 511 -34.05 -15.71 -8.51
CA LEU B 511 -35.08 -14.69 -8.41
C LEU B 511 -36.51 -15.16 -8.14
N ALA B 512 -36.72 -16.41 -7.76
CA ALA B 512 -38.08 -16.92 -7.59
C ALA B 512 -38.88 -16.21 -6.54
N ASP B 513 -38.24 -15.68 -5.51
CA ASP B 513 -39.01 -15.05 -4.46
C ASP B 513 -39.80 -13.87 -4.98
N TYR B 514 -39.36 -13.27 -6.07
CA TYR B 514 -40.11 -12.16 -6.64
C TYR B 514 -40.34 -12.15 -8.14
N ARG B 515 -39.70 -13.02 -8.92
CA ARG B 515 -40.02 -13.07 -10.34
C ARG B 515 -40.39 -14.45 -10.78
N ARG B 516 -41.48 -14.58 -11.50
CA ARG B 516 -41.82 -15.83 -12.13
C ARG B 516 -41.71 -15.63 -13.61
N PRO B 517 -40.83 -16.34 -14.27
CA PRO B 517 -40.74 -16.09 -15.70
C PRO B 517 -41.70 -16.93 -16.51
N ASN B 518 -42.25 -16.35 -17.56
CA ASN B 518 -43.02 -17.08 -18.54
C ASN B 518 -42.21 -17.22 -19.79
N LEU B 519 -41.79 -18.42 -20.14
CA LEU B 519 -40.85 -18.58 -21.21
C LEU B 519 -41.53 -18.81 -22.54
N PHE B 520 -41.47 -17.83 -23.42
CA PHE B 520 -42.16 -17.91 -24.69
C PHE B 520 -41.18 -18.27 -25.74
N VAL B 521 -41.49 -19.31 -26.50
CA VAL B 521 -40.61 -19.76 -27.54
C VAL B 521 -40.53 -18.75 -28.66
N ASN B 522 -41.66 -18.13 -28.94
CA ASN B 522 -41.72 -17.06 -29.91
C ASN B 522 -42.84 -16.16 -29.49
N THR B 523 -42.88 -14.95 -30.03
CA THR B 523 -44.00 -14.08 -29.82
C THR B 523 -44.23 -13.47 -31.19
N PRO B 524 -45.39 -12.85 -31.43
CA PRO B 524 -45.62 -12.26 -32.75
C PRO B 524 -44.54 -11.28 -33.17
N ASP B 525 -43.90 -10.68 -32.18
CA ASP B 525 -42.83 -9.72 -32.37
C ASP B 525 -41.42 -10.30 -32.41
N ILE B 526 -41.27 -11.55 -31.99
CA ILE B 526 -39.95 -12.15 -31.88
C ILE B 526 -39.84 -13.46 -32.61
N LEU B 527 -39.19 -13.46 -33.78
CA LEU B 527 -38.91 -14.73 -34.43
C LEU B 527 -37.41 -14.82 -34.50
N HIS B 528 -36.82 -15.47 -33.50
CA HIS B 528 -35.37 -15.46 -33.35
C HIS B 528 -34.67 -16.08 -34.51
N ALA B 529 -33.48 -15.58 -34.78
CA ALA B 529 -32.72 -16.02 -35.92
C ALA B 529 -32.50 -17.50 -35.90
N VAL B 530 -32.28 -18.05 -34.72
CA VAL B 530 -31.90 -19.45 -34.62
C VAL B 530 -33.03 -20.33 -35.16
N LEU B 531 -34.26 -19.87 -34.99
CA LEU B 531 -35.41 -20.56 -35.55
C LEU B 531 -35.46 -20.42 -37.06
N GLN B 532 -34.93 -19.33 -37.58
CA GLN B 532 -35.02 -19.01 -39.00
C GLN B 532 -34.34 -20.01 -39.91
N HIS B 533 -33.18 -20.52 -39.52
CA HIS B 533 -32.44 -21.35 -40.45
C HIS B 533 -32.12 -22.78 -40.04
N ASN B 534 -32.44 -23.17 -38.81
CA ASN B 534 -32.06 -24.51 -38.37
C ASN B 534 -33.16 -25.55 -38.57
N GLY B 535 -34.29 -25.15 -39.11
CA GLY B 535 -35.26 -26.13 -39.51
C GLY B 535 -36.02 -26.71 -38.33
N PRO B 536 -36.94 -27.63 -38.59
CA PRO B 536 -37.92 -28.08 -37.60
C PRO B 536 -37.25 -28.67 -36.38
N GLY B 537 -36.01 -29.09 -36.52
CA GLY B 537 -35.33 -29.64 -35.37
C GLY B 537 -35.27 -28.63 -34.26
N MET B 538 -34.92 -27.39 -34.59
CA MET B 538 -34.72 -26.41 -33.56
C MET B 538 -35.99 -26.11 -32.81
N PHE B 539 -37.11 -26.11 -33.52
CA PHE B 539 -38.37 -25.79 -32.89
C PHE B 539 -38.63 -26.75 -31.76
N ALA B 540 -38.22 -27.99 -31.94
CA ALA B 540 -38.31 -28.95 -30.87
C ALA B 540 -37.42 -28.51 -29.74
N ILE B 541 -36.20 -28.14 -30.06
CA ILE B 541 -35.20 -27.83 -29.07
C ILE B 541 -35.61 -26.70 -28.15
N ARG B 542 -36.12 -25.63 -28.72
CA ARG B 542 -36.54 -24.52 -27.90
C ARG B 542 -37.72 -24.91 -27.04
N ALA B 543 -38.62 -25.70 -27.61
CA ALA B 543 -39.80 -26.15 -26.88
C ALA B 543 -39.43 -26.98 -25.65
N VAL B 544 -38.44 -27.84 -25.81
CA VAL B 544 -38.00 -28.67 -24.72
C VAL B 544 -37.41 -27.80 -23.65
N LEU B 545 -36.67 -26.79 -24.07
CA LEU B 545 -36.02 -25.88 -23.15
C LEU B 545 -37.03 -25.07 -22.39
N ALA B 546 -37.98 -24.50 -23.10
CA ALA B 546 -38.98 -23.68 -22.46
C ALA B 546 -39.84 -24.48 -21.51
N ALA B 547 -40.34 -25.60 -21.99
CA ALA B 547 -41.27 -26.39 -21.21
C ALA B 547 -40.67 -26.90 -19.93
N THR B 548 -39.42 -27.35 -19.96
CA THR B 548 -38.74 -27.90 -18.78
C THR B 548 -38.13 -26.90 -17.79
N MET B 549 -37.46 -25.88 -18.28
CA MET B 549 -36.79 -24.91 -17.42
C MET B 549 -37.74 -24.13 -16.53
N SER B 550 -38.91 -23.79 -17.01
CA SER B 550 -39.84 -23.00 -16.22
C SER B 550 -41.19 -23.65 -16.04
N PRO B 551 -41.83 -23.42 -14.91
CA PRO B 551 -43.17 -23.92 -14.71
C PRO B 551 -44.13 -23.32 -15.70
N ALA B 552 -43.90 -22.07 -16.09
CA ALA B 552 -44.78 -21.40 -17.04
C ALA B 552 -44.12 -21.15 -18.38
N TRP B 553 -44.74 -21.58 -19.46
CA TRP B 553 -44.18 -21.38 -20.79
C TRP B 553 -45.27 -21.07 -21.79
N GLY B 554 -44.89 -20.66 -22.98
CA GLY B 554 -45.87 -20.28 -23.98
C GLY B 554 -45.36 -20.39 -25.40
N MET B 555 -46.28 -20.38 -26.35
CA MET B 555 -45.92 -20.46 -27.75
C MET B 555 -46.94 -19.63 -28.51
N TYR B 556 -46.48 -18.93 -29.54
CA TYR B 556 -47.35 -18.13 -30.37
C TYR B 556 -47.77 -18.97 -31.55
N CYS B 557 -49.03 -18.84 -31.93
CA CYS B 557 -49.64 -19.69 -32.93
C CYS B 557 -48.81 -19.82 -34.18
N GLY B 558 -48.86 -20.98 -34.79
CA GLY B 558 -48.11 -21.22 -36.01
C GLY B 558 -46.72 -21.73 -35.75
N TYR B 559 -46.27 -21.62 -34.52
CA TYR B 559 -44.97 -22.14 -34.19
C TYR B 559 -44.97 -23.62 -34.46
N GLU B 560 -46.06 -24.29 -34.14
CA GLU B 560 -46.13 -25.72 -34.34
C GLU B 560 -46.10 -26.06 -35.80
N LEU B 561 -46.26 -25.08 -36.67
CA LEU B 561 -46.21 -25.34 -38.09
C LEU B 561 -44.85 -25.05 -38.66
N PHE B 562 -43.92 -24.68 -37.80
CA PHE B 562 -42.55 -24.38 -38.19
C PHE B 562 -42.44 -23.12 -39.04
N GLU B 563 -43.33 -22.16 -38.81
CA GLU B 563 -43.25 -20.88 -39.52
C GLU B 563 -41.94 -20.25 -39.17
N HIS B 564 -41.09 -20.10 -40.17
CA HIS B 564 -39.70 -19.73 -39.94
C HIS B 564 -39.20 -18.67 -40.88
N ARG B 565 -40.09 -17.99 -41.57
CA ARG B 565 -39.65 -17.06 -42.56
C ARG B 565 -39.77 -15.62 -42.07
N ALA B 566 -38.66 -14.89 -42.06
CA ALA B 566 -38.66 -13.51 -41.57
C ALA B 566 -38.73 -12.51 -42.69
N VAL B 567 -39.14 -11.28 -42.38
CA VAL B 567 -39.35 -10.27 -43.40
C VAL B 567 -38.10 -9.94 -44.21
N ARG B 568 -36.96 -9.82 -43.54
CA ARG B 568 -35.70 -9.60 -44.24
C ARG B 568 -34.61 -10.26 -43.41
N GLU B 569 -33.49 -10.60 -44.01
CA GLU B 569 -32.43 -11.19 -43.24
C GLU B 569 -32.01 -10.23 -42.16
N GLY B 570 -31.75 -10.74 -40.96
CA GLY B 570 -31.31 -9.90 -39.87
C GLY B 570 -32.44 -9.28 -39.07
N SER B 571 -33.66 -9.68 -39.35
CA SER B 571 -34.79 -9.15 -38.61
C SER B 571 -35.41 -10.19 -37.71
N GLU B 572 -36.20 -9.74 -36.75
CA GLU B 572 -36.90 -10.65 -35.88
C GLU B 572 -38.40 -10.53 -36.10
N GLU B 573 -38.79 -9.98 -37.24
CA GLU B 573 -40.20 -9.81 -37.54
C GLU B 573 -40.71 -10.86 -38.52
N TYR B 574 -41.86 -11.41 -38.18
CA TYR B 574 -42.46 -12.45 -38.98
C TYR B 574 -42.82 -11.90 -40.34
N LEU B 575 -42.40 -12.58 -41.40
CA LEU B 575 -42.78 -12.13 -42.71
C LEU B 575 -44.28 -12.22 -42.83
N ASP B 576 -44.89 -11.20 -43.40
CA ASP B 576 -46.33 -11.14 -43.54
C ASP B 576 -47.00 -11.26 -42.19
N SER B 577 -46.52 -10.48 -41.23
CA SER B 577 -46.94 -10.65 -39.84
C SER B 577 -48.43 -10.60 -39.62
N GLU B 578 -48.89 -11.45 -38.70
CA GLU B 578 -50.29 -11.58 -38.34
C GLU B 578 -50.82 -10.32 -37.72
N LYS B 579 -49.94 -9.47 -37.22
CA LYS B 579 -50.39 -8.25 -36.59
C LYS B 579 -51.05 -7.36 -37.61
N TYR B 580 -50.51 -7.35 -38.81
CA TYR B 580 -50.96 -6.45 -39.84
C TYR B 580 -51.85 -7.13 -40.87
N GLU B 581 -51.93 -8.45 -40.80
CA GLU B 581 -52.60 -9.23 -41.82
C GLU B 581 -53.41 -10.39 -41.23
N LEU B 582 -54.41 -10.88 -41.95
CA LEU B 582 -55.14 -12.05 -41.52
C LEU B 582 -54.36 -13.29 -41.87
N ARG B 583 -54.22 -14.21 -40.92
CA ARG B 583 -53.48 -15.44 -41.20
C ARG B 583 -54.19 -16.67 -40.72
N PRO B 584 -55.10 -17.20 -41.54
CA PRO B 584 -55.66 -18.50 -41.23
C PRO B 584 -54.62 -19.57 -41.49
N ARG B 585 -54.63 -20.63 -40.69
CA ARG B 585 -53.70 -21.71 -40.85
C ARG B 585 -54.42 -23.02 -40.91
N ASP B 586 -53.84 -24.00 -41.58
CA ASP B 586 -54.47 -25.29 -41.70
C ASP B 586 -53.67 -26.34 -40.98
N PHE B 587 -53.94 -26.47 -39.70
CA PHE B 587 -53.18 -27.35 -38.84
C PHE B 587 -53.36 -28.80 -39.23
N ALA B 588 -54.57 -29.14 -39.66
CA ALA B 588 -54.89 -30.53 -39.94
C ALA B 588 -53.98 -31.12 -40.98
N SER B 589 -53.78 -30.42 -42.09
CA SER B 589 -52.95 -30.97 -43.16
C SER B 589 -51.54 -31.23 -42.69
N ALA B 590 -51.04 -30.35 -41.83
CA ALA B 590 -49.69 -30.52 -41.33
C ALA B 590 -49.60 -31.79 -40.55
N LEU B 591 -50.64 -32.07 -39.78
CA LEU B 591 -50.69 -33.29 -39.01
C LEU B 591 -50.63 -34.47 -39.96
N ASP B 592 -51.42 -34.39 -41.01
CA ASP B 592 -51.52 -35.48 -41.97
C ASP B 592 -50.24 -35.68 -42.75
N GLN B 593 -49.56 -34.60 -43.09
CA GLN B 593 -48.33 -34.70 -43.85
C GLN B 593 -47.11 -34.79 -42.96
N GLY B 594 -47.33 -34.97 -41.67
CA GLY B 594 -46.25 -35.16 -40.74
C GLY B 594 -45.26 -34.03 -40.72
N ARG B 595 -45.76 -32.81 -40.88
CA ARG B 595 -44.91 -31.65 -40.79
C ARG B 595 -45.41 -30.73 -39.69
N SER B 596 -45.89 -31.31 -38.61
CA SER B 596 -46.39 -30.52 -37.49
C SER B 596 -45.75 -30.94 -36.19
N LEU B 597 -45.46 -29.98 -35.32
CA LEU B 597 -44.83 -30.27 -34.04
C LEU B 597 -45.91 -30.36 -32.99
N GLN B 598 -47.15 -30.43 -33.44
CA GLN B 598 -48.26 -30.55 -32.52
C GLN B 598 -48.16 -31.80 -31.65
N PRO B 599 -47.80 -32.95 -32.24
CA PRO B 599 -47.68 -34.12 -31.37
C PRO B 599 -46.66 -33.94 -30.29
N PHE B 600 -45.48 -33.45 -30.65
CA PHE B 600 -44.40 -33.30 -29.70
C PHE B 600 -44.80 -32.40 -28.57
N ILE B 601 -45.38 -31.27 -28.91
CA ILE B 601 -45.78 -30.31 -27.90
C ILE B 601 -46.78 -30.94 -26.94
N THR B 602 -47.69 -31.73 -27.47
CA THR B 602 -48.64 -32.39 -26.61
C THR B 602 -47.90 -33.26 -25.63
N ARG B 603 -46.94 -34.02 -26.13
CA ARG B 603 -46.20 -34.94 -25.29
C ARG B 603 -45.40 -34.16 -24.25
N LEU B 604 -44.95 -32.96 -24.60
CA LEU B 604 -44.24 -32.16 -23.63
C LEU B 604 -45.15 -31.72 -22.51
N ASN B 605 -46.34 -31.24 -22.84
CA ASN B 605 -47.21 -30.80 -21.77
C ASN B 605 -47.70 -31.93 -20.90
N ILE B 606 -47.92 -33.11 -21.47
CA ILE B 606 -48.34 -34.23 -20.65
C ILE B 606 -47.29 -34.53 -19.60
N ILE B 607 -46.04 -34.46 -20.01
CA ILE B 607 -44.92 -34.73 -19.13
C ILE B 607 -44.90 -33.75 -17.99
N ARG B 608 -45.15 -32.48 -18.28
CA ARG B 608 -45.23 -31.47 -17.26
C ARG B 608 -46.34 -31.78 -16.27
N ARG B 609 -47.50 -32.18 -16.77
CA ARG B 609 -48.58 -32.52 -15.85
C ARG B 609 -48.23 -33.77 -15.04
N LEU B 610 -47.56 -34.71 -15.68
CA LEU B 610 -47.24 -35.97 -15.04
C LEU B 610 -46.26 -35.85 -13.89
N HIS B 611 -45.24 -35.01 -14.06
CA HIS B 611 -44.21 -34.85 -13.07
C HIS B 611 -44.24 -33.51 -12.37
N PRO B 612 -44.55 -33.50 -11.08
CA PRO B 612 -44.68 -32.25 -10.35
C PRO B 612 -43.36 -31.54 -10.20
N ALA B 613 -42.29 -32.19 -10.59
CA ALA B 613 -41.01 -31.54 -10.51
C ALA B 613 -41.01 -30.37 -11.46
N PHE B 614 -41.74 -30.51 -12.55
CA PHE B 614 -41.71 -29.47 -13.54
C PHE B 614 -42.51 -28.23 -13.19
N GLN B 615 -43.26 -28.25 -12.11
CA GLN B 615 -43.96 -27.04 -11.71
C GLN B 615 -43.16 -26.23 -10.71
N GLN B 616 -41.92 -26.62 -10.46
CA GLN B 616 -41.08 -25.93 -9.49
C GLN B 616 -40.15 -24.87 -10.09
N LEU B 617 -39.97 -23.76 -9.39
CA LEU B 617 -39.02 -22.73 -9.82
C LEU B 617 -37.65 -23.01 -9.25
N ARG B 618 -37.66 -23.32 -7.97
CA ARG B 618 -36.46 -23.39 -7.16
C ARG B 618 -35.45 -24.48 -7.46
N THR B 619 -35.87 -25.66 -7.86
CA THR B 619 -35.00 -26.81 -7.78
C THR B 619 -34.16 -27.18 -8.99
N ILE B 620 -34.08 -26.33 -9.99
CA ILE B 620 -33.25 -26.68 -11.15
C ILE B 620 -31.81 -26.85 -10.74
N HIS B 621 -31.16 -27.87 -11.25
CA HIS B 621 -29.74 -28.12 -10.98
C HIS B 621 -29.07 -28.65 -12.22
N PHE B 622 -27.90 -28.12 -12.54
CA PHE B 622 -27.24 -28.48 -13.78
C PHE B 622 -26.14 -29.48 -13.52
N HIS B 623 -26.13 -30.52 -14.34
CA HIS B 623 -25.17 -31.59 -14.22
C HIS B 623 -24.22 -31.50 -15.37
N HIS B 624 -23.01 -31.96 -15.17
CA HIS B 624 -21.96 -31.76 -16.16
C HIS B 624 -22.06 -32.72 -17.32
N VAL B 625 -22.06 -32.20 -18.54
CA VAL B 625 -21.92 -33.04 -19.71
C VAL B 625 -20.79 -32.53 -20.58
N ASP B 626 -19.79 -33.34 -20.83
CA ASP B 626 -18.60 -32.87 -21.53
C ASP B 626 -18.82 -32.74 -23.02
N ASN B 627 -19.82 -31.94 -23.38
CA ASN B 627 -20.02 -31.55 -24.76
C ASN B 627 -20.63 -30.18 -24.76
N ASP B 628 -20.03 -29.28 -25.51
CA ASP B 628 -20.47 -27.90 -25.51
C ASP B 628 -21.86 -27.79 -26.09
N ALA B 629 -22.26 -28.81 -26.84
CA ALA B 629 -23.55 -28.75 -27.51
C ALA B 629 -24.64 -29.45 -26.73
N LEU B 630 -24.31 -30.03 -25.59
CA LEU B 630 -25.30 -30.76 -24.83
C LEU B 630 -25.46 -30.10 -23.52
N LEU B 631 -26.70 -29.94 -23.08
CA LEU B 631 -27.00 -29.28 -21.83
C LEU B 631 -27.84 -30.20 -20.98
N ALA B 632 -27.43 -30.47 -19.74
CA ALA B 632 -28.19 -31.38 -18.90
C ALA B 632 -28.46 -30.84 -17.52
N TYR B 633 -29.74 -30.80 -17.14
CA TYR B 633 -30.19 -30.26 -15.86
C TYR B 633 -31.35 -31.07 -15.30
N SER B 634 -31.60 -30.93 -14.01
CA SER B 634 -32.64 -31.70 -13.36
C SER B 634 -33.50 -30.89 -12.40
N LYS B 635 -34.74 -31.30 -12.23
CA LYS B 635 -35.61 -30.63 -11.28
C LYS B 635 -36.22 -31.67 -10.38
N PHE B 636 -36.57 -31.30 -9.15
CA PHE B 636 -37.25 -32.24 -8.28
C PHE B 636 -38.33 -31.53 -7.50
N ASP B 637 -39.27 -32.27 -6.93
CA ASP B 637 -40.33 -31.67 -6.15
C ASP B 637 -40.14 -32.01 -4.68
N PRO B 638 -39.98 -31.00 -3.85
CA PRO B 638 -39.80 -31.14 -2.41
C PRO B 638 -40.89 -31.95 -1.76
N ALA B 639 -42.09 -31.86 -2.29
CA ALA B 639 -43.21 -32.57 -1.71
C ALA B 639 -43.15 -34.06 -1.98
N THR B 640 -43.35 -34.44 -3.22
CA THR B 640 -43.51 -35.83 -3.56
C THR B 640 -42.20 -36.55 -3.80
N GLY B 641 -41.14 -35.80 -3.93
CA GLY B 641 -39.84 -36.39 -4.19
C GLY B 641 -39.60 -36.70 -5.64
N ASP B 642 -40.56 -36.39 -6.49
CA ASP B 642 -40.42 -36.61 -7.93
C ASP B 642 -39.16 -36.01 -8.46
N CYS B 643 -38.50 -36.66 -9.41
CA CYS B 643 -37.26 -36.13 -9.91
C CYS B 643 -37.10 -36.44 -11.37
N VAL B 644 -36.70 -35.45 -12.16
CA VAL B 644 -36.60 -35.62 -13.61
C VAL B 644 -35.34 -34.99 -14.14
N LEU B 645 -34.73 -35.60 -15.16
CA LEU B 645 -33.52 -35.08 -15.76
C LEU B 645 -33.73 -34.85 -17.23
N VAL B 646 -33.30 -33.71 -17.73
CA VAL B 646 -33.44 -33.38 -19.13
C VAL B 646 -32.09 -33.26 -19.76
N VAL B 647 -31.89 -33.91 -20.91
CA VAL B 647 -30.69 -33.69 -21.67
C VAL B 647 -31.07 -33.30 -23.08
N VAL B 648 -30.60 -32.15 -23.54
CA VAL B 648 -30.93 -31.63 -24.86
C VAL B 648 -29.70 -31.28 -25.63
N THR B 649 -29.84 -31.21 -26.93
CA THR B 649 -28.76 -30.79 -27.79
C THR B 649 -29.08 -29.41 -28.24
N LEU B 650 -28.07 -28.56 -28.37
CA LEU B 650 -28.33 -27.23 -28.88
C LEU B 650 -28.00 -27.15 -30.33
N ASN B 651 -27.47 -28.23 -30.87
CA ASN B 651 -27.16 -28.27 -32.27
C ASN B 651 -28.18 -29.14 -32.95
N ALA B 652 -28.93 -28.57 -33.86
CA ALA B 652 -30.05 -29.25 -34.50
C ALA B 652 -29.65 -30.25 -35.57
N PHE B 653 -28.43 -30.12 -36.08
CA PHE B 653 -28.07 -30.88 -37.25
C PHE B 653 -27.22 -32.13 -37.09
N GLY B 654 -26.27 -32.13 -36.18
CA GLY B 654 -25.39 -33.29 -36.11
C GLY B 654 -25.59 -34.07 -34.85
N PRO B 655 -25.44 -35.39 -34.91
CA PRO B 655 -25.50 -36.19 -33.70
C PRO B 655 -24.40 -35.74 -32.79
N GLU B 656 -24.65 -35.71 -31.50
CA GLU B 656 -23.64 -35.28 -30.56
C GLU B 656 -23.61 -36.25 -29.39
N GLU B 657 -22.43 -36.63 -28.92
CA GLU B 657 -22.33 -37.61 -27.84
C GLU B 657 -21.41 -37.18 -26.74
N ALA B 658 -21.61 -37.72 -25.54
CA ALA B 658 -20.83 -37.31 -24.39
C ALA B 658 -20.93 -38.24 -23.20
N THR B 659 -20.17 -37.95 -22.14
CA THR B 659 -20.27 -38.64 -20.87
C THR B 659 -20.98 -37.72 -19.90
N LEU B 660 -22.03 -38.17 -19.26
CA LEU B 660 -22.78 -37.28 -18.40
C LEU B 660 -22.44 -37.56 -16.97
N TRP B 661 -22.04 -36.54 -16.22
CA TRP B 661 -21.63 -36.74 -14.84
C TRP B 661 -22.62 -36.17 -13.85
N LEU B 662 -23.42 -37.03 -13.26
CA LEU B 662 -24.46 -36.60 -12.36
C LEU B 662 -23.86 -36.14 -11.05
N ASP B 663 -24.47 -35.15 -10.41
CA ASP B 663 -24.07 -34.81 -9.05
C ASP B 663 -25.00 -35.56 -8.16
N MET B 664 -24.60 -36.74 -7.74
CA MET B 664 -25.51 -37.65 -7.12
C MET B 664 -26.06 -37.07 -5.86
N ALA B 665 -25.29 -36.26 -5.18
CA ALA B 665 -25.74 -35.68 -3.93
C ALA B 665 -27.00 -34.89 -4.17
N ALA B 666 -27.01 -34.18 -5.29
CA ALA B 666 -28.15 -33.37 -5.70
C ALA B 666 -29.38 -34.18 -6.00
N LEU B 667 -29.17 -35.42 -6.43
CA LEU B 667 -30.25 -36.31 -6.74
C LEU B 667 -30.61 -37.19 -5.57
N GLY B 668 -29.90 -37.03 -4.46
CA GLY B 668 -30.21 -37.78 -3.27
C GLY B 668 -29.62 -39.16 -3.22
N MET B 669 -28.52 -39.37 -3.91
CA MET B 669 -27.88 -40.67 -3.91
C MET B 669 -26.40 -40.56 -3.58
N GLU B 670 -25.79 -41.64 -3.12
CA GLU B 670 -24.35 -41.62 -2.88
C GLU B 670 -23.62 -41.76 -4.19
N ASP B 671 -22.35 -41.38 -4.23
CA ASP B 671 -21.62 -41.40 -5.48
C ASP B 671 -21.54 -42.78 -6.11
N TYR B 672 -21.43 -43.80 -5.28
CA TYR B 672 -21.22 -45.15 -5.77
C TYR B 672 -22.49 -45.82 -6.24
N ASP B 673 -23.61 -45.20 -5.98
CA ASP B 673 -24.91 -45.82 -6.23
C ASP B 673 -25.14 -46.15 -7.68
N ARG B 674 -25.97 -47.14 -7.92
CA ARG B 674 -26.43 -47.47 -9.26
C ARG B 674 -27.96 -47.57 -9.20
N PHE B 675 -28.63 -47.13 -10.25
CA PHE B 675 -30.05 -46.94 -10.15
C PHE B 675 -30.71 -47.06 -11.50
N TRP B 676 -32.04 -47.11 -11.51
CA TRP B 676 -32.77 -47.29 -12.76
C TRP B 676 -33.54 -46.07 -13.18
N VAL B 677 -33.57 -45.80 -14.48
CA VAL B 677 -34.24 -44.64 -14.99
C VAL B 677 -35.15 -45.02 -16.12
N ARG B 678 -36.08 -44.13 -16.45
CA ARG B 678 -37.00 -44.37 -17.54
C ARG B 678 -37.13 -43.15 -18.40
N ASP B 679 -37.19 -43.36 -19.70
CA ASP B 679 -37.28 -42.28 -20.67
C ASP B 679 -38.72 -41.97 -20.96
N GLU B 680 -39.17 -40.78 -20.61
CA GLU B 680 -40.57 -40.45 -20.67
C GLU B 680 -41.14 -40.38 -22.07
N ILE B 681 -40.34 -40.08 -23.07
CA ILE B 681 -40.86 -40.18 -24.43
C ILE B 681 -40.88 -41.64 -24.89
N THR B 682 -39.76 -42.33 -24.73
CA THR B 682 -39.56 -43.71 -25.21
C THR B 682 -40.15 -44.83 -24.37
N GLY B 683 -40.07 -44.71 -23.05
CA GLY B 683 -40.53 -45.76 -22.18
C GLY B 683 -39.44 -46.76 -21.86
N GLU B 684 -38.29 -46.61 -22.49
CA GLU B 684 -37.20 -47.55 -22.30
C GLU B 684 -36.64 -47.39 -20.88
N GLU B 685 -36.11 -48.46 -20.30
CA GLU B 685 -35.56 -48.35 -18.96
C GLU B 685 -34.12 -48.79 -18.99
N TYR B 686 -33.27 -48.14 -18.20
CA TYR B 686 -31.90 -48.61 -18.12
C TYR B 686 -31.24 -48.33 -16.80
N GLN B 687 -30.06 -48.91 -16.62
CA GLN B 687 -29.32 -48.74 -15.40
C GLN B 687 -28.21 -47.74 -15.58
N TRP B 688 -28.09 -46.83 -14.63
CA TRP B 688 -27.14 -45.74 -14.71
C TRP B 688 -26.36 -45.64 -13.41
N GLY B 689 -25.32 -44.83 -13.41
CA GLY B 689 -24.51 -44.62 -12.22
C GLY B 689 -24.06 -43.20 -12.27
N GLN B 690 -22.98 -42.87 -11.59
CA GLN B 690 -22.49 -41.50 -11.60
C GLN B 690 -22.09 -40.97 -12.98
N ALA B 691 -21.41 -41.78 -13.77
CA ALA B 691 -21.01 -41.35 -15.08
C ALA B 691 -21.59 -42.24 -16.14
N ASN B 692 -22.28 -41.64 -17.09
CA ASN B 692 -23.02 -42.41 -18.06
C ASN B 692 -22.84 -41.93 -19.49
N TYR B 693 -22.99 -42.83 -20.44
CA TYR B 693 -22.81 -42.47 -21.83
C TYR B 693 -24.12 -41.98 -22.34
N ILE B 694 -24.09 -40.89 -23.08
CA ILE B 694 -25.32 -40.37 -23.65
C ILE B 694 -25.03 -39.93 -25.06
N ARG B 695 -25.91 -40.25 -26.00
CA ARG B 695 -25.75 -39.79 -27.37
C ARG B 695 -27.08 -39.35 -27.92
N ILE B 696 -27.10 -38.17 -28.51
CA ILE B 696 -28.33 -37.56 -29.00
C ILE B 696 -28.32 -37.36 -30.49
N ASP B 697 -29.34 -37.86 -31.14
CA ASP B 697 -29.43 -37.79 -32.58
C ASP B 697 -30.66 -37.01 -32.89
N PRO B 698 -30.51 -35.81 -33.40
CA PRO B 698 -31.70 -35.08 -33.83
C PRO B 698 -32.27 -35.86 -34.97
N ALA B 699 -33.48 -35.60 -35.38
CA ALA B 699 -34.10 -36.37 -36.46
C ALA B 699 -34.37 -37.76 -35.93
N ARG B 700 -34.16 -37.93 -34.63
CA ARG B 700 -34.70 -39.05 -33.90
C ARG B 700 -35.33 -38.53 -32.63
N ALA B 701 -34.54 -37.88 -31.78
CA ALA B 701 -35.07 -37.14 -30.66
C ALA B 701 -34.06 -36.11 -30.21
N VAL B 702 -34.50 -34.88 -30.03
CA VAL B 702 -33.56 -33.83 -29.68
C VAL B 702 -33.36 -33.81 -28.20
N ALA B 703 -34.05 -34.68 -27.48
CA ALA B 703 -33.88 -34.69 -26.04
C ALA B 703 -34.27 -35.99 -25.38
N HIS B 704 -33.67 -36.23 -24.21
CA HIS B 704 -33.99 -37.36 -23.40
C HIS B 704 -34.60 -36.79 -22.16
N ILE B 705 -35.86 -37.06 -21.90
CA ILE B 705 -36.42 -36.60 -20.65
C ILE B 705 -36.56 -37.82 -19.80
N ILE B 706 -35.78 -37.86 -18.74
CA ILE B 706 -35.56 -39.06 -17.98
C ILE B 706 -36.16 -39.02 -16.61
N ASN B 707 -36.90 -40.05 -16.23
CA ASN B 707 -37.43 -40.09 -14.89
C ASN B 707 -36.39 -40.74 -14.00
N MET B 708 -36.08 -40.13 -12.87
CA MET B 708 -35.00 -40.59 -12.02
C MET B 708 -35.55 -41.08 -10.71
N PRO B 709 -34.79 -41.88 -9.98
CA PRO B 709 -35.32 -42.39 -8.71
C PRO B 709 -35.71 -41.26 -7.80
N ALA B 710 -36.81 -41.39 -7.11
CA ALA B 710 -37.31 -40.29 -6.30
C ALA B 710 -36.37 -39.90 -5.21
N VAL B 711 -36.19 -38.60 -5.05
CA VAL B 711 -35.38 -38.07 -3.97
C VAL B 711 -35.94 -38.50 -2.65
N PRO B 712 -35.11 -39.10 -1.80
CA PRO B 712 -35.56 -39.66 -0.53
C PRO B 712 -36.21 -38.62 0.33
N TYR B 713 -36.69 -38.98 1.51
CA TYR B 713 -37.23 -37.97 2.40
C TYR B 713 -36.07 -37.18 3.04
N GLU B 714 -35.29 -36.57 2.16
CA GLU B 714 -34.29 -35.55 2.46
C GLU B 714 -34.56 -34.47 1.44
N SER B 715 -35.82 -34.47 1.00
CA SER B 715 -36.31 -33.51 0.04
C SER B 715 -36.20 -32.14 0.65
N ARG B 716 -36.60 -32.03 1.90
CA ARG B 716 -36.65 -30.74 2.57
C ARG B 716 -35.28 -30.11 2.66
N ASN B 717 -34.26 -30.90 2.90
CA ASN B 717 -32.95 -30.30 3.06
C ASN B 717 -32.26 -29.98 1.74
N THR B 718 -32.61 -30.66 0.66
CA THR B 718 -32.02 -30.34 -0.64
C THR B 718 -32.70 -29.11 -1.20
N LEU B 719 -33.66 -28.55 -0.46
CA LEU B 719 -34.35 -27.34 -0.88
C LEU B 719 -33.79 -26.15 -0.14
N LEU B 720 -32.95 -26.42 0.86
CA LEU B 720 -32.45 -25.42 1.79
C LEU B 720 -31.93 -24.18 1.05
N ARG B 721 -32.00 -23.03 1.73
CA ARG B 721 -31.62 -21.68 1.27
C ARG B 721 -32.74 -21.00 0.48
N PRO C 37 17.36 67.16 20.20
CA PRO C 37 18.26 66.30 19.41
C PRO C 37 19.05 65.30 20.27
N GLY C 38 18.85 64.00 20.08
CA GLY C 38 18.01 63.42 19.04
C GLY C 38 16.58 63.18 19.46
N ARG C 39 15.63 63.60 18.63
CA ARG C 39 14.21 63.53 18.94
C ARG C 39 13.65 62.13 19.14
N VAL C 40 14.07 61.18 18.33
CA VAL C 40 13.59 59.83 18.51
C VAL C 40 14.75 58.96 18.93
N GLU C 41 14.56 58.20 19.99
CA GLU C 41 15.69 57.50 20.58
C GLU C 41 16.08 56.28 19.78
N ILE C 42 17.36 56.15 19.49
CA ILE C 42 17.86 54.98 18.81
C ILE C 42 19.04 54.44 19.55
N ASP C 43 18.94 53.21 20.02
CA ASP C 43 19.95 52.71 20.93
C ASP C 43 20.10 51.20 20.78
N ASP C 44 21.18 50.67 21.34
CA ASP C 44 21.40 49.23 21.36
C ASP C 44 21.39 48.70 19.95
N VAL C 45 21.99 49.43 19.03
CA VAL C 45 22.06 49.01 17.65
C VAL C 45 22.98 47.83 17.52
N ALA C 46 22.66 46.90 16.63
CA ALA C 46 23.52 45.75 16.35
C ALA C 46 23.44 45.37 14.88
N PRO C 47 24.53 44.87 14.30
CA PRO C 47 25.81 44.49 14.90
C PRO C 47 26.86 45.58 14.93
N VAL C 48 27.40 45.83 16.11
CA VAL C 48 28.53 46.72 16.24
C VAL C 48 29.59 45.99 17.04
N VAL C 49 30.83 46.19 16.65
CA VAL C 49 31.94 45.48 17.25
C VAL C 49 32.85 46.45 17.95
N SER C 50 33.19 46.17 19.20
CA SER C 50 34.07 47.05 19.95
C SER C 50 33.56 48.45 19.87
N CYS C 51 32.26 48.61 20.02
CA CYS C 51 31.62 49.90 20.03
C CYS C 51 31.93 50.73 18.81
N GLY C 52 32.12 50.07 17.68
CA GLY C 52 32.30 50.76 16.41
C GLY C 52 33.72 50.95 15.94
N VAL C 53 34.67 50.51 16.73
CA VAL C 53 36.06 50.65 16.33
C VAL C 53 36.37 49.79 15.11
N TYR C 54 35.84 48.57 15.11
CA TYR C 54 36.11 47.60 14.07
C TYR C 54 34.85 47.26 13.29
N PRO C 55 34.98 47.07 11.98
CA PRO C 55 33.80 46.71 11.21
C PRO C 55 33.36 45.28 11.46
N ALA C 56 32.07 45.03 11.29
CA ALA C 56 31.51 43.71 11.45
C ALA C 56 31.85 42.87 10.26
N LYS C 57 31.65 41.57 10.37
CA LYS C 57 31.99 40.64 9.32
C LYS C 57 30.78 40.03 8.63
N ALA C 58 30.85 39.93 7.32
CA ALA C 58 29.82 39.28 6.55
C ALA C 58 30.43 38.87 5.24
N VAL C 59 29.75 38.03 4.46
CA VAL C 59 30.20 37.70 3.11
C VAL C 59 29.12 37.93 2.09
N VAL C 60 29.49 37.83 0.82
CA VAL C 60 28.52 38.04 -0.23
C VAL C 60 27.42 36.99 -0.20
N GLY C 61 26.19 37.45 -0.27
CA GLY C 61 25.04 36.57 -0.25
C GLY C 61 24.71 36.04 1.12
N GLU C 62 25.23 36.68 2.15
CA GLU C 62 24.91 36.28 3.51
C GLU C 62 23.83 37.20 4.00
N VAL C 63 22.85 36.67 4.70
CA VAL C 63 21.84 37.54 5.23
C VAL C 63 22.36 38.16 6.51
N VAL C 64 22.46 39.48 6.56
CA VAL C 64 22.94 40.11 7.76
C VAL C 64 21.80 40.69 8.51
N PRO C 65 21.54 40.18 9.72
CA PRO C 65 20.40 40.67 10.48
C PRO C 65 20.77 41.86 11.30
N VAL C 66 19.96 42.89 11.27
CA VAL C 66 20.25 44.13 11.97
C VAL C 66 19.12 44.41 12.92
N SER C 67 19.43 44.90 14.11
CA SER C 67 18.38 45.19 15.07
C SER C 67 18.76 46.41 15.86
N ALA C 68 17.75 47.12 16.37
CA ALA C 68 17.98 48.32 17.12
C ALA C 68 16.77 48.63 17.95
N ALA C 69 16.90 49.53 18.92
CA ALA C 69 15.76 49.87 19.74
C ALA C 69 15.39 51.29 19.45
N VAL C 70 14.16 51.53 19.02
CA VAL C 70 13.75 52.89 18.75
C VAL C 70 12.43 53.18 19.45
N TRP C 71 12.36 54.29 20.15
CA TRP C 71 11.17 54.62 20.89
C TRP C 71 10.98 56.11 21.00
N ARG C 72 9.79 56.52 21.39
CA ARG C 72 9.44 57.93 21.47
C ARG C 72 8.36 58.11 22.50
N GLU C 73 7.84 59.33 22.60
CA GLU C 73 6.85 59.67 23.60
C GLU C 73 5.55 58.89 23.46
N GLY C 74 4.97 58.52 24.59
CA GLY C 74 3.61 58.02 24.63
C GLY C 74 3.28 56.81 23.79
N HIS C 75 2.00 56.70 23.44
CA HIS C 75 1.50 55.61 22.63
C HIS C 75 1.46 56.04 21.18
N GLU C 76 2.07 57.18 20.88
CA GLU C 76 2.21 57.62 19.51
C GLU C 76 3.11 56.66 18.76
N ALA C 77 2.67 56.20 17.60
CA ALA C 77 3.37 55.16 16.86
C ALA C 77 4.72 55.61 16.35
N VAL C 78 5.61 54.64 16.20
CA VAL C 78 6.95 54.94 15.75
C VAL C 78 7.35 53.87 14.75
N ALA C 79 8.24 54.21 13.84
CA ALA C 79 8.69 53.26 12.85
C ALA C 79 10.14 53.49 12.55
N ALA C 80 10.81 52.46 12.04
CA ALA C 80 12.21 52.57 11.79
C ALA C 80 12.53 52.11 10.41
N THR C 81 13.54 52.72 9.81
CA THR C 81 13.98 52.36 8.49
C THR C 81 15.45 52.02 8.52
N LEU C 82 15.82 50.85 8.01
CA LEU C 82 17.23 50.47 7.98
C LEU C 82 17.83 50.97 6.68
N VAL C 83 18.85 51.80 6.79
CA VAL C 83 19.46 52.44 5.65
C VAL C 83 20.81 51.84 5.32
N VAL C 84 20.91 51.17 4.19
CA VAL C 84 22.16 50.53 3.78
C VAL C 84 22.79 51.24 2.61
N ARG C 85 24.11 51.38 2.65
CA ARG C 85 24.85 52.02 1.59
C ARG C 85 26.12 51.25 1.32
N TYR C 86 26.51 51.11 0.06
CA TYR C 86 27.76 50.43 -0.30
C TYR C 86 28.80 51.45 -0.65
N LEU C 87 29.89 51.49 0.11
CA LEU C 87 30.89 52.52 -0.12
C LEU C 87 31.97 52.19 -1.11
N GLY C 88 32.22 50.92 -1.39
CA GLY C 88 33.27 50.61 -2.33
C GLY C 88 34.21 49.53 -1.92
N VAL C 89 35.44 49.58 -2.40
CA VAL C 89 36.38 48.57 -1.99
C VAL C 89 37.37 49.00 -0.91
N ARG C 90 37.66 50.29 -0.83
CA ARG C 90 38.62 50.87 0.13
C ARG C 90 39.18 49.93 1.20
N TYR C 91 38.66 50.06 2.41
CA TYR C 91 38.98 49.32 3.64
C TYR C 91 39.36 50.37 4.67
N PRO C 92 38.96 50.16 5.92
CA PRO C 92 39.25 51.06 7.03
C PRO C 92 40.71 51.43 7.21
N HIS C 93 40.99 52.49 7.96
CA HIS C 93 42.35 52.94 8.20
C HIS C 93 43.06 52.13 9.30
N LYS C 114 20.50 56.83 -4.29
CA LYS C 114 21.82 56.26 -4.01
C LYS C 114 21.91 55.41 -2.72
N PRO C 115 21.00 55.61 -1.74
CA PRO C 115 21.02 54.68 -0.61
C PRO C 115 19.97 53.62 -0.77
N LEU C 116 20.06 52.54 0.00
CA LEU C 116 19.09 51.46 -0.06
C LEU C 116 18.24 51.46 1.19
N LEU C 117 16.93 51.52 1.06
CA LEU C 117 16.08 51.59 2.24
C LEU C 117 15.27 50.35 2.48
N ILE C 118 15.39 49.81 3.68
CA ILE C 118 14.66 48.62 4.08
C ILE C 118 13.84 48.89 5.31
N PRO C 119 12.54 48.70 5.25
CA PRO C 119 11.77 48.99 6.45
C PRO C 119 11.95 47.89 7.47
N MET C 120 11.93 48.26 8.75
CA MET C 120 12.18 47.33 9.83
C MET C 120 10.90 47.08 10.56
N THR C 121 10.77 45.91 11.17
CA THR C 121 9.52 45.54 11.79
C THR C 121 9.68 45.24 13.25
N SER C 122 8.70 45.66 14.03
CA SER C 122 8.66 45.39 15.46
C SER C 122 8.39 43.91 15.67
N GLY C 123 8.64 43.42 16.87
CA GLY C 123 8.46 42.01 17.12
C GLY C 123 7.99 41.82 18.53
N GLN C 124 8.42 40.77 19.19
CA GLN C 124 7.89 40.55 20.53
C GLN C 124 8.36 41.62 21.50
N GLU C 125 9.67 41.85 21.53
CA GLU C 125 10.24 42.79 22.45
C GLU C 125 9.84 44.18 22.06
N PRO C 126 9.18 44.89 22.96
CA PRO C 126 8.69 46.23 22.70
C PRO C 126 9.80 47.16 22.33
N PHE C 127 9.56 48.02 21.36
CA PHE C 127 10.47 49.07 20.98
C PHE C 127 11.69 48.55 20.28
N VAL C 128 11.78 47.24 20.09
CA VAL C 128 12.91 46.67 19.38
C VAL C 128 12.55 46.39 17.96
N PHE C 129 13.36 46.88 17.04
CA PHE C 129 13.02 46.74 15.64
C PHE C 129 14.04 45.87 14.97
N HIS C 130 13.61 45.06 14.02
CA HIS C 130 14.48 44.12 13.36
C HIS C 130 14.53 44.34 11.86
N GLY C 131 15.68 44.08 11.27
CA GLY C 131 15.87 44.26 9.84
C GLY C 131 16.98 43.39 9.32
N GLN C 132 17.12 43.33 8.00
CA GLN C 132 18.18 42.56 7.38
C GLN C 132 18.56 43.14 6.03
N PHE C 133 19.79 42.90 5.60
CA PHE C 133 20.18 43.24 4.25
C PHE C 133 21.21 42.25 3.83
N THR C 134 21.24 41.89 2.55
CA THR C 134 22.23 40.93 2.10
C THR C 134 23.10 41.51 1.00
N PRO C 135 24.38 41.72 1.29
CA PRO C 135 25.40 42.36 0.46
C PRO C 135 25.67 41.60 -0.79
N ASP C 136 25.78 42.28 -1.93
CA ASP C 136 25.98 41.57 -3.16
C ASP C 136 27.35 41.77 -3.79
N ARG C 137 28.17 42.63 -3.20
CA ARG C 137 29.52 42.87 -3.71
C ARG C 137 30.54 42.88 -2.57
N VAL C 138 31.76 42.46 -2.84
CA VAL C 138 32.82 42.53 -1.85
C VAL C 138 33.13 43.97 -1.53
N GLY C 139 33.49 44.26 -0.29
CA GLY C 139 33.82 45.63 0.06
C GLY C 139 33.27 46.09 1.39
N LEU C 140 33.26 47.39 1.61
CA LEU C 140 32.80 47.93 2.87
C LEU C 140 31.40 48.50 2.79
N TRP C 141 30.50 47.99 3.60
CA TRP C 141 29.12 48.45 3.58
C TRP C 141 28.82 49.24 4.83
N THR C 142 27.80 50.08 4.78
CA THR C 142 27.39 50.87 5.92
C THR C 142 25.93 50.74 6.18
N PHE C 143 25.54 50.78 7.44
CA PHE C 143 24.13 50.79 7.77
C PHE C 143 23.91 51.69 8.95
N ARG C 144 22.69 52.20 9.07
CA ARG C 144 22.30 52.98 10.21
C ARG C 144 20.82 52.81 10.30
N VAL C 145 20.24 53.06 11.46
CA VAL C 145 18.81 52.92 11.61
C VAL C 145 18.21 54.29 11.75
N ASP C 146 17.19 54.60 10.97
CA ASP C 146 16.54 55.90 11.07
C ASP C 146 15.21 55.72 11.72
N GLY C 147 14.89 56.60 12.66
CA GLY C 147 13.65 56.46 13.38
C GLY C 147 12.75 57.62 13.07
N TRP C 148 11.46 57.34 12.99
CA TRP C 148 10.50 58.37 12.69
C TRP C 148 9.17 58.05 13.31
N GLY C 149 8.30 59.04 13.40
CA GLY C 149 6.98 58.82 13.93
C GLY C 149 6.00 58.73 12.79
N ASP C 150 5.21 57.67 12.77
CA ASP C 150 4.26 57.41 11.71
C ASP C 150 2.88 57.88 12.15
N PRO C 151 2.48 59.09 11.75
CA PRO C 151 1.22 59.66 12.22
C PRO C 151 0.03 58.89 11.72
N ILE C 152 0.15 58.38 10.51
CA ILE C 152 -0.94 57.64 9.90
C ILE C 152 -1.31 56.44 10.74
N HIS C 153 -0.30 55.68 11.15
CA HIS C 153 -0.52 54.48 11.93
C HIS C 153 -1.23 54.83 13.22
N THR C 154 -0.84 55.91 13.89
CA THR C 154 -1.51 56.28 15.12
C THR C 154 -2.98 56.54 14.81
N TRP C 155 -3.20 57.36 13.79
CA TRP C 155 -4.54 57.82 13.44
C TRP C 155 -5.44 56.70 13.03
N ARG C 156 -4.92 55.82 12.19
CA ARG C 156 -5.69 54.73 11.67
C ARG C 156 -6.11 53.79 12.79
N HIS C 157 -5.13 53.31 13.54
CA HIS C 157 -5.38 52.30 14.57
C HIS C 157 -6.33 52.82 15.62
N GLY C 158 -6.20 54.10 15.93
CA GLY C 158 -7.10 54.75 16.88
C GLY C 158 -8.51 54.81 16.34
N LEU C 159 -8.62 55.08 15.04
CA LEU C 159 -9.91 55.18 14.38
C LEU C 159 -10.66 53.85 14.29
N ILE C 160 -9.94 52.78 14.00
CA ILE C 160 -10.58 51.46 13.93
C ILE C 160 -11.23 51.10 15.25
N ALA C 161 -10.57 51.45 16.34
CA ALA C 161 -11.10 51.23 17.69
C ALA C 161 -12.38 52.02 17.87
N LYS C 162 -12.36 53.26 17.39
CA LYS C 162 -13.51 54.14 17.47
C LYS C 162 -14.64 53.62 16.59
N LEU C 163 -14.29 52.97 15.49
CA LEU C 163 -15.28 52.46 14.55
C LEU C 163 -16.18 51.38 15.12
N ASP C 164 -15.64 50.57 16.02
CA ASP C 164 -16.44 49.51 16.63
C ASP C 164 -17.57 50.07 17.50
N ALA C 165 -17.32 51.19 18.15
CA ALA C 165 -18.34 51.84 18.97
C ALA C 165 -19.03 53.02 18.25
N GLY C 166 -19.09 52.94 16.93
CA GLY C 166 -19.77 53.95 16.12
C GLY C 166 -19.50 55.41 16.44
N GLU C 171 -20.19 64.48 15.85
CA GLU C 171 -20.10 63.26 16.64
C GLU C 171 -18.66 62.86 16.95
N LEU C 172 -18.19 61.74 16.40
CA LEU C 172 -16.78 61.39 16.45
C LEU C 172 -16.10 62.29 15.42
N SER C 173 -16.95 62.92 14.61
CA SER C 173 -16.61 63.93 13.61
C SER C 173 -15.25 64.62 13.64
N ASN C 174 -14.60 64.63 14.79
CA ASN C 174 -13.38 65.39 14.93
C ASN C 174 -12.18 64.73 14.27
N ASP C 175 -11.99 63.44 14.57
CA ASP C 175 -10.84 62.68 14.11
C ASP C 175 -10.75 62.58 12.59
N LEU C 176 -11.90 62.47 11.94
CA LEU C 176 -11.94 62.29 10.51
C LEU C 176 -11.31 63.44 9.76
N LEU C 177 -11.63 64.65 10.18
CA LEU C 177 -11.01 65.82 9.55
C LEU C 177 -9.51 65.76 9.72
N VAL C 178 -9.07 65.27 10.87
CA VAL C 178 -7.65 65.16 11.13
C VAL C 178 -7.02 64.21 10.15
N GLY C 179 -7.71 63.12 9.82
CA GLY C 179 -7.19 62.19 8.85
C GLY C 179 -6.98 62.89 7.54
N ALA C 180 -7.98 63.65 7.13
CA ALA C 180 -7.95 64.28 5.83
C ALA C 180 -6.75 65.19 5.65
N VAL C 181 -6.23 65.76 6.72
CA VAL C 181 -5.10 66.65 6.52
C VAL C 181 -3.86 65.79 6.53
N LEU C 182 -3.98 64.54 7.00
CA LEU C 182 -2.83 63.67 6.97
C LEU C 182 -2.60 63.17 5.56
N LEU C 183 -3.59 62.51 4.98
CA LEU C 183 -3.36 61.94 3.66
C LEU C 183 -3.00 63.02 2.65
N GLU C 184 -3.59 64.20 2.79
CA GLU C 184 -3.23 65.31 1.93
C GLU C 184 -1.77 65.69 2.11
N ARG C 185 -1.38 65.87 3.36
CA ARG C 185 0.00 66.18 3.66
C ARG C 185 0.86 65.01 3.22
N ALA C 186 0.31 63.81 3.36
CA ALA C 186 0.99 62.60 2.89
C ALA C 186 1.11 62.61 1.39
N ALA C 187 0.08 63.11 0.74
CA ALA C 187 0.04 63.09 -0.71
C ALA C 187 1.16 63.90 -1.33
N THR C 188 1.54 65.00 -0.68
CA THR C 188 2.53 65.90 -1.28
C THR C 188 3.84 65.18 -1.64
N GLY C 189 4.21 64.19 -0.85
CA GLY C 189 5.39 63.39 -1.13
C GLY C 189 5.25 62.38 -2.27
N VAL C 190 4.04 61.87 -2.50
CA VAL C 190 3.80 60.87 -3.56
C VAL C 190 3.22 61.41 -4.89
N PRO C 191 3.88 61.11 -6.04
CA PRO C 191 3.62 61.65 -7.40
C PRO C 191 2.48 61.10 -8.29
N ARG C 192 1.49 61.93 -8.62
CA ARG C 192 0.43 61.50 -9.55
C ARG C 192 1.05 61.12 -10.88
N GLY C 193 0.39 60.24 -11.65
CA GLY C 193 -0.70 59.39 -11.17
C GLY C 193 -0.23 58.57 -9.99
N LEU C 194 -0.98 58.69 -8.89
CA LEU C 194 -0.78 58.08 -7.58
C LEU C 194 -0.77 59.19 -6.51
N ARG C 195 -1.04 60.43 -6.89
CA ARG C 195 -1.09 61.52 -5.91
C ARG C 195 -2.46 61.32 -5.25
N ASP C 196 -3.46 61.02 -6.06
CA ASP C 196 -4.69 60.39 -5.56
C ASP C 196 -4.48 58.89 -5.66
N PRO C 197 -5.38 58.06 -5.08
CA PRO C 197 -6.63 58.11 -4.33
C PRO C 197 -6.57 58.74 -2.94
N LEU C 198 -5.40 59.22 -2.51
CA LEU C 198 -5.34 59.84 -1.19
C LEU C 198 -6.20 61.11 -1.12
N LEU C 199 -6.03 62.06 -2.04
CA LEU C 199 -6.86 63.27 -2.00
C LEU C 199 -8.32 62.89 -2.14
N ALA C 200 -8.55 61.80 -2.87
CA ALA C 200 -9.88 61.24 -3.00
C ALA C 200 -10.41 60.73 -1.67
N ALA C 201 -9.58 59.97 -0.94
CA ALA C 201 -9.98 59.49 0.37
C ALA C 201 -10.07 60.66 1.34
N ALA C 202 -9.18 61.62 1.17
CA ALA C 202 -9.13 62.80 2.04
C ALA C 202 -10.30 63.75 1.80
N ALA C 203 -10.89 63.72 0.62
CA ALA C 203 -12.06 64.54 0.39
C ALA C 203 -13.25 63.59 0.45
N ALA C 204 -12.95 62.36 0.85
CA ALA C 204 -13.94 61.37 1.18
C ALA C 204 -14.00 61.37 2.69
N LEU C 205 -13.31 62.33 3.29
CA LEU C 205 -13.42 62.54 4.72
C LEU C 205 -13.84 63.95 5.07
N ARG C 206 -13.84 64.86 4.11
CA ARG C 206 -14.33 66.21 4.38
C ARG C 206 -15.84 66.45 4.39
N THR C 207 -16.57 65.95 3.39
CA THR C 207 -18.03 66.10 3.30
C THR C 207 -18.82 65.40 4.42
N PRO C 208 -19.79 66.11 5.02
CA PRO C 208 -20.54 65.53 6.13
C PRO C 208 -21.20 64.19 5.81
N GLY C 209 -21.36 63.34 6.82
CA GLY C 209 -22.02 62.07 6.62
C GLY C 209 -21.73 61.04 7.68
N ASP C 210 -22.04 59.79 7.33
CA ASP C 210 -21.79 58.62 8.18
C ASP C 210 -20.29 58.38 8.31
N PRO C 211 -19.87 57.69 9.37
CA PRO C 211 -18.45 57.35 9.39
C PRO C 211 -18.02 56.32 8.32
N VAL C 212 -18.71 55.20 8.20
CA VAL C 212 -18.26 54.15 7.31
C VAL C 212 -18.28 54.57 5.83
N THR C 213 -19.20 55.47 5.51
CA THR C 213 -19.27 56.02 4.16
C THR C 213 -17.99 56.79 3.90
N ARG C 214 -17.48 57.41 4.96
CA ARG C 214 -16.41 58.37 4.87
C ARG C 214 -15.01 57.81 4.89
N THR C 215 -14.86 56.55 5.22
CA THR C 215 -13.52 55.98 5.20
C THR C 215 -12.95 55.87 3.78
N ALA C 216 -13.70 55.22 2.89
CA ALA C 216 -13.36 55.08 1.45
C ALA C 216 -11.89 54.89 1.01
N LEU C 217 -11.22 53.85 1.47
CA LEU C 217 -11.45 53.28 2.79
C LEU C 217 -10.29 53.72 3.64
N ALA C 218 -10.25 53.15 4.84
CA ALA C 218 -9.17 53.32 5.75
C ALA C 218 -8.38 52.07 5.50
N LEU C 219 -9.13 50.97 5.48
CA LEU C 219 -8.58 49.66 5.23
C LEU C 219 -8.41 49.40 3.74
N THR C 220 -8.40 50.45 2.91
CA THR C 220 -8.17 50.24 1.47
C THR C 220 -6.78 49.61 1.38
N PRO C 221 -6.70 48.35 0.94
CA PRO C 221 -5.36 47.75 0.87
C PRO C 221 -4.51 48.47 -0.17
N GLU C 222 -5.13 49.38 -0.90
CA GLU C 222 -4.44 50.09 -1.95
C GLU C 222 -3.66 51.25 -1.38
N ILE C 223 -4.11 51.79 -0.25
CA ILE C 223 -3.38 52.92 0.31
C ILE C 223 -2.37 52.44 1.35
N GLU C 224 -2.40 51.16 1.69
CA GLU C 224 -1.36 50.63 2.54
C GLU C 224 -0.16 50.43 1.65
N GLU C 225 -0.42 49.78 0.51
CA GLU C 225 0.64 49.48 -0.44
C GLU C 225 1.23 50.79 -0.94
N LEU C 226 0.37 51.78 -1.14
CA LEU C 226 0.87 53.07 -1.60
C LEU C 226 1.69 53.75 -0.53
N LEU C 227 1.17 53.79 0.68
CA LEU C 227 1.88 54.45 1.77
C LEU C 227 3.14 53.69 2.13
N ALA C 228 3.12 52.38 1.99
CA ALA C 228 4.32 51.59 2.23
C ALA C 228 5.42 52.05 1.28
N ASP C 229 5.02 52.25 0.02
CA ASP C 229 5.96 52.69 -1.01
C ASP C 229 6.45 54.11 -0.75
N TYR C 230 5.54 55.01 -0.40
CA TYR C 230 5.90 56.37 0.00
C TYR C 230 5.30 56.65 1.35
N PRO C 231 6.14 56.74 2.39
CA PRO C 231 5.50 56.85 3.70
C PRO C 231 5.51 58.28 4.21
N LEU C 232 4.59 58.61 5.10
CA LEU C 232 4.61 59.94 5.69
C LEU C 232 5.33 59.87 6.99
N ARG C 233 6.57 60.39 7.03
CA ARG C 233 7.39 60.26 8.23
C ARG C 233 7.60 61.58 8.93
N ASP C 234 7.47 61.55 10.25
CA ASP C 234 7.65 62.74 11.08
C ASP C 234 8.81 62.54 12.02
N LEU C 235 9.46 63.64 12.36
CA LEU C 235 10.51 63.64 13.37
C LEU C 235 11.62 62.68 13.00
N VAL C 236 11.94 62.59 11.72
CA VAL C 236 12.93 61.64 11.29
C VAL C 236 14.24 61.92 12.01
N THR C 237 14.84 60.87 12.56
CA THR C 237 16.05 60.98 13.34
C THR C 237 17.09 59.99 12.87
N ARG C 238 18.34 60.41 12.76
CA ARG C 238 19.36 59.54 12.22
C ARG C 238 20.11 58.77 13.27
N GLY C 239 20.27 57.48 13.05
CA GLY C 239 21.00 56.66 13.98
C GLY C 239 22.46 56.77 13.64
N GLU C 240 23.31 56.20 14.48
CA GLU C 240 24.73 56.21 14.23
C GLU C 240 25.01 55.28 13.06
N GLN C 241 26.13 55.47 12.40
CA GLN C 241 26.47 54.64 11.26
C GLN C 241 27.53 53.62 11.56
N PHE C 242 27.28 52.37 11.25
CA PHE C 242 28.23 51.33 11.53
C PHE C 242 28.57 50.60 10.27
N GLY C 243 29.67 49.88 10.26
CA GLY C 243 30.14 49.30 9.03
C GLY C 243 30.31 47.81 9.01
N VAL C 244 30.14 47.23 7.84
CA VAL C 244 30.30 45.82 7.66
C VAL C 244 31.31 45.62 6.58
N TRP C 245 32.25 44.72 6.77
CA TRP C 245 33.19 44.44 5.70
C TRP C 245 32.90 43.11 5.10
N VAL C 246 32.49 43.12 3.84
CA VAL C 246 32.12 41.91 3.14
C VAL C 246 33.25 41.29 2.37
N ASP C 247 33.44 39.99 2.52
CA ASP C 247 34.51 39.26 1.86
C ASP C 247 33.91 38.28 0.85
N ARG C 248 34.74 37.66 0.03
CA ARG C 248 34.24 36.63 -0.87
C ARG C 248 33.74 35.45 -0.05
N PRO C 249 32.84 34.65 -0.60
CA PRO C 249 32.19 33.63 0.21
C PRO C 249 33.12 32.64 0.82
N LEU C 250 34.31 32.48 0.27
CA LEU C 250 35.23 31.49 0.79
C LEU C 250 35.71 31.89 2.18
N ALA C 251 35.49 33.15 2.54
CA ALA C 251 35.88 33.60 3.86
C ALA C 251 35.12 32.85 4.93
N ARG C 252 33.91 32.44 4.60
CA ARG C 252 33.05 31.74 5.54
C ARG C 252 32.92 30.25 5.27
N PHE C 253 32.65 29.90 4.03
CA PHE C 253 32.36 28.52 3.70
C PHE C 253 33.36 27.90 2.74
N GLY C 254 34.17 26.99 3.25
CA GLY C 254 35.09 26.23 2.42
C GLY C 254 35.75 25.20 3.30
N ALA C 255 36.28 24.14 2.72
CA ALA C 255 36.90 23.12 3.54
C ALA C 255 38.37 23.04 3.24
N TRP C 256 39.18 22.79 4.27
CA TRP C 256 40.63 22.84 4.15
C TRP C 256 41.30 21.49 4.19
N TYR C 257 42.37 21.34 3.44
CA TYR C 257 43.21 20.16 3.49
C TYR C 257 44.64 20.59 3.68
N GLU C 258 45.30 20.05 4.69
CA GLU C 258 46.67 20.44 5.00
C GLU C 258 47.59 19.35 4.54
N MET C 259 48.48 19.65 3.61
CA MET C 259 49.40 18.65 3.09
C MET C 259 50.80 19.19 3.01
N PHE C 260 51.78 18.29 3.09
CA PHE C 260 53.19 18.65 3.00
C PHE C 260 53.71 18.35 1.61
N PRO C 261 54.09 19.37 0.84
CA PRO C 261 54.51 19.05 -0.52
C PRO C 261 55.64 18.04 -0.56
N ARG C 262 56.61 18.18 0.34
CA ARG C 262 57.76 17.30 0.31
C ARG C 262 57.42 15.84 0.52
N SER C 263 56.35 15.53 1.26
CA SER C 263 56.03 14.13 1.52
C SER C 263 55.46 13.39 0.33
N THR C 264 55.28 14.07 -0.79
CA THR C 264 54.72 13.43 -1.97
C THR C 264 55.76 12.74 -2.82
N GLY C 265 56.84 12.26 -2.20
CA GLY C 265 57.94 11.65 -2.91
C GLY C 265 57.79 10.19 -3.29
N GLY C 266 57.32 9.37 -2.37
CA GLY C 266 56.91 8.04 -2.77
C GLY C 266 57.95 6.95 -2.81
N TRP C 267 59.01 7.09 -2.03
CA TRP C 267 59.95 5.98 -1.83
C TRP C 267 60.82 5.69 -3.07
N ASP C 268 61.90 4.93 -2.85
CA ASP C 268 62.81 4.53 -3.91
C ASP C 268 62.83 3.01 -3.91
N ASP C 269 63.75 2.42 -4.65
CA ASP C 269 63.79 0.97 -4.75
C ASP C 269 64.03 0.32 -3.39
N ASP C 270 64.84 0.96 -2.56
CA ASP C 270 64.91 0.61 -1.15
C ASP C 270 63.72 1.28 -0.49
N GLY C 271 63.21 0.76 0.61
CA GLY C 271 62.00 1.36 1.16
C GLY C 271 62.27 2.68 1.88
N ASN C 272 62.74 3.67 1.14
CA ASN C 272 63.13 4.95 1.74
C ASN C 272 62.42 6.14 1.16
N PRO C 273 61.85 6.99 2.01
CA PRO C 273 61.13 8.14 1.48
C PRO C 273 62.00 8.97 0.56
N VAL C 274 61.38 9.63 -0.39
CA VAL C 274 62.08 10.49 -1.31
C VAL C 274 61.52 11.88 -1.22
N HIS C 275 62.35 12.90 -1.22
CA HIS C 275 61.83 14.25 -1.15
C HIS C 275 61.00 14.50 -2.39
N GLY C 276 59.84 15.11 -2.20
CA GLY C 276 58.94 15.37 -3.29
C GLY C 276 59.20 16.74 -3.87
N THR C 277 58.41 17.13 -4.85
CA THR C 277 58.53 18.44 -5.44
C THR C 277 57.15 19.01 -5.71
N PHE C 278 57.09 20.29 -6.07
CA PHE C 278 55.82 20.90 -6.42
C PHE C 278 55.19 20.08 -7.51
N ALA C 279 56.04 19.55 -8.37
CA ALA C 279 55.61 18.73 -9.47
C ALA C 279 54.87 17.52 -8.99
N THR C 280 55.46 16.77 -8.07
CA THR C 280 54.80 15.57 -7.55
C THR C 280 53.61 15.89 -6.70
N ALA C 281 53.70 16.98 -5.94
CA ALA C 281 52.60 17.33 -5.09
C ALA C 281 51.38 17.61 -5.93
N ALA C 282 51.58 18.31 -7.03
CA ALA C 282 50.48 18.71 -7.87
C ALA C 282 49.72 17.50 -8.37
N ALA C 283 50.41 16.37 -8.44
CA ALA C 283 49.78 15.13 -8.86
C ALA C 283 48.76 14.65 -7.85
N GLU C 284 48.90 15.07 -6.60
CA GLU C 284 48.01 14.62 -5.56
C GLU C 284 46.80 15.50 -5.39
N LEU C 285 46.77 16.60 -6.13
CA LEU C 285 45.69 17.55 -6.07
C LEU C 285 44.37 16.98 -6.56
N PRO C 286 44.37 16.11 -7.57
CA PRO C 286 43.04 15.63 -7.92
C PRO C 286 42.35 14.89 -6.79
N ARG C 287 43.06 13.96 -6.16
CA ARG C 287 42.44 13.13 -5.15
C ARG C 287 41.83 14.00 -4.09
N ILE C 288 42.49 15.10 -3.79
CA ILE C 288 42.03 16.03 -2.80
C ILE C 288 40.74 16.67 -3.22
N ALA C 289 40.67 17.17 -4.44
CA ALA C 289 39.45 17.80 -4.91
C ALA C 289 38.33 16.81 -4.85
N GLY C 290 38.67 15.57 -5.13
CA GLY C 290 37.72 14.49 -5.15
C GLY C 290 37.00 14.37 -3.85
N MET C 291 37.68 14.71 -2.76
CA MET C 291 37.08 14.67 -1.44
C MET C 291 36.30 15.92 -1.14
N GLY C 292 36.32 16.89 -2.02
CA GLY C 292 35.49 18.06 -1.80
C GLY C 292 36.11 19.24 -1.11
N PHE C 293 37.42 19.21 -0.90
CA PHE C 293 38.09 20.34 -0.29
C PHE C 293 38.24 21.51 -1.24
N ASP C 294 38.01 22.71 -0.71
CA ASP C 294 38.12 23.93 -1.49
C ASP C 294 39.45 24.65 -1.33
N VAL C 295 40.22 24.33 -0.30
CA VAL C 295 41.48 25.00 -0.03
C VAL C 295 42.59 24.05 0.36
N VAL C 296 43.78 24.22 -0.20
CA VAL C 296 44.92 23.39 0.20
C VAL C 296 45.89 24.22 0.99
N TYR C 297 46.17 23.81 2.21
CA TYR C 297 47.05 24.59 3.05
C TYR C 297 48.39 23.90 3.12
N LEU C 298 49.44 24.66 2.83
CA LEU C 298 50.78 24.13 2.74
C LEU C 298 51.65 24.70 3.85
N PRO C 299 52.32 23.84 4.60
CA PRO C 299 53.33 24.34 5.53
C PRO C 299 54.35 25.12 4.73
N PRO C 300 55.14 25.96 5.38
CA PRO C 300 55.96 26.89 4.62
C PRO C 300 56.78 26.20 3.54
N ILE C 301 56.82 26.82 2.36
CA ILE C 301 57.53 26.26 1.24
C ILE C 301 58.92 26.84 1.09
N HIS C 302 59.40 27.52 2.10
CA HIS C 302 60.68 28.20 2.00
C HIS C 302 61.83 27.31 2.41
N PRO C 303 63.07 27.72 2.10
CA PRO C 303 64.25 26.96 2.48
C PRO C 303 64.36 26.74 3.96
N ILE C 304 64.77 25.56 4.37
CA ILE C 304 64.85 25.25 5.78
C ILE C 304 66.26 25.50 6.27
N GLY C 305 66.38 26.16 7.42
CA GLY C 305 67.68 26.50 7.97
C GLY C 305 68.53 25.27 8.17
N LYS C 306 69.85 25.43 8.03
CA LYS C 306 70.74 24.30 8.23
C LYS C 306 71.37 24.27 9.60
N VAL C 307 71.29 25.38 10.34
CA VAL C 307 71.88 25.39 11.67
C VAL C 307 70.83 25.16 12.75
N HIS C 308 71.14 24.24 13.64
CA HIS C 308 70.29 23.87 14.76
C HIS C 308 69.00 23.24 14.27
N ARG C 309 68.99 22.83 13.01
CA ARG C 309 67.85 22.19 12.39
C ARG C 309 67.51 20.96 13.21
N LYS C 310 66.23 20.71 13.46
CA LYS C 310 65.83 19.61 14.35
C LYS C 310 65.72 18.26 13.64
N GLY C 311 65.99 17.19 14.36
CA GLY C 311 65.93 15.86 13.79
C GLY C 311 64.60 15.19 14.01
N ARG C 312 64.46 13.94 13.59
CA ARG C 312 63.19 13.24 13.69
C ARG C 312 62.72 13.25 15.13
N ASN C 313 61.42 13.39 15.32
CA ASN C 313 60.80 13.41 16.64
C ASN C 313 61.26 14.54 17.56
N ASN C 314 61.57 15.68 16.95
CA ASN C 314 61.96 16.89 17.67
C ASN C 314 63.29 16.76 18.39
N SER C 315 64.11 15.79 18.01
CA SER C 315 65.43 15.65 18.61
C SER C 315 66.21 16.92 18.32
N PRO C 316 67.04 17.36 19.26
CA PRO C 316 67.74 18.64 19.05
C PRO C 316 68.77 18.60 17.93
N THR C 317 69.43 17.46 17.73
CA THR C 317 70.50 17.38 16.74
C THR C 317 70.07 16.64 15.50
N ALA C 318 70.30 17.24 14.35
CA ALA C 318 69.85 16.67 13.08
C ALA C 318 70.92 15.90 12.33
N ALA C 319 70.58 14.71 11.87
CA ALA C 319 71.49 13.92 11.05
C ALA C 319 71.70 14.67 9.74
N PRO C 320 72.72 14.30 8.95
CA PRO C 320 72.97 15.08 7.73
C PRO C 320 71.84 15.03 6.72
N THR C 321 71.10 13.93 6.69
CA THR C 321 70.03 13.75 5.72
C THR C 321 68.65 14.23 6.20
N ASP C 322 68.48 14.47 7.50
CA ASP C 322 67.17 14.87 8.03
C ASP C 322 66.75 16.19 7.42
N VAL C 323 65.45 16.40 7.34
CA VAL C 323 64.93 17.51 6.56
C VAL C 323 64.65 18.78 7.34
N GLY C 324 64.36 18.65 8.62
CA GLY C 324 64.09 19.82 9.45
C GLY C 324 62.69 20.35 9.25
N SER C 325 62.25 21.22 10.17
CA SER C 325 60.88 21.67 10.15
C SER C 325 60.73 22.82 9.22
N PRO C 326 59.71 22.77 8.38
CA PRO C 326 59.48 23.82 7.40
C PRO C 326 59.37 25.16 8.07
N TRP C 327 59.05 25.19 9.35
CA TRP C 327 58.87 26.46 10.04
C TRP C 327 60.17 27.11 10.46
N ALA C 328 61.28 26.40 10.32
CA ALA C 328 62.61 26.99 10.50
C ALA C 328 63.04 27.73 9.24
N ILE C 329 62.34 28.81 8.93
CA ILE C 329 62.50 29.46 7.64
C ILE C 329 63.85 30.09 7.44
N GLY C 330 64.37 29.97 6.23
CA GLY C 330 65.57 30.70 5.83
C GLY C 330 66.88 29.95 5.85
N SER C 331 67.70 30.21 4.85
CA SER C 331 69.04 29.66 4.73
C SER C 331 69.79 30.48 3.72
N ASP C 332 71.08 30.21 3.59
CA ASP C 332 71.90 30.90 2.61
C ASP C 332 71.28 30.83 1.22
N GLU C 333 70.49 29.79 0.98
CA GLU C 333 69.73 29.65 -0.25
C GLU C 333 68.65 30.70 -0.42
N GLY C 334 67.94 31.01 0.64
CA GLY C 334 66.88 32.00 0.49
C GLY C 334 66.09 32.35 1.72
N GLY C 335 65.22 33.34 1.57
CA GLY C 335 64.34 33.79 2.62
C GLY C 335 62.86 33.50 2.38
N HIS C 336 62.03 34.35 2.96
CA HIS C 336 60.59 34.19 2.85
C HIS C 336 60.09 34.38 1.43
N ASP C 337 60.91 34.96 0.58
CA ASP C 337 60.45 35.23 -0.76
C ASP C 337 60.91 34.18 -1.73
N THR C 338 61.62 33.17 -1.24
CA THR C 338 62.16 32.16 -2.13
C THR C 338 61.63 30.77 -1.84
N VAL C 339 61.39 30.00 -2.88
CA VAL C 339 60.98 28.62 -2.74
C VAL C 339 62.14 27.73 -2.33
N HIS C 340 61.90 26.82 -1.40
CA HIS C 340 62.91 25.86 -1.00
C HIS C 340 63.32 25.06 -2.23
N PRO C 341 64.62 25.06 -2.55
CA PRO C 341 65.12 24.54 -3.82
C PRO C 341 64.78 23.10 -4.04
N SER C 342 64.69 22.30 -2.99
CA SER C 342 64.32 20.90 -3.15
C SER C 342 62.94 20.74 -3.76
N LEU C 343 62.08 21.72 -3.55
CA LEU C 343 60.75 21.68 -4.14
C LEU C 343 60.74 22.04 -5.61
N GLY C 344 61.54 23.02 -6.00
CA GLY C 344 61.62 23.39 -7.40
C GLY C 344 61.80 24.86 -7.64
N THR C 345 61.81 25.27 -8.90
CA THR C 345 61.89 26.68 -9.24
C THR C 345 60.55 27.33 -8.88
N ILE C 346 60.50 28.64 -8.80
CA ILE C 346 59.26 29.30 -8.46
C ILE C 346 58.24 29.11 -9.56
N ASP C 347 58.68 28.83 -10.77
CA ASP C 347 57.75 28.56 -11.85
C ASP C 347 56.96 27.31 -11.47
N ASP C 348 57.61 26.36 -10.83
CA ASP C 348 56.95 25.14 -10.41
C ASP C 348 55.77 25.43 -9.51
N PHE C 349 55.96 26.37 -8.59
CA PHE C 349 54.89 26.78 -7.71
C PHE C 349 53.77 27.34 -8.56
N ASP C 350 54.11 28.25 -9.45
CA ASP C 350 53.12 28.90 -10.30
C ASP C 350 52.31 27.82 -11.02
N ASP C 351 52.99 26.74 -11.38
CA ASP C 351 52.35 25.60 -12.02
C ASP C 351 51.45 24.86 -11.07
N PHE C 352 51.88 24.73 -9.82
CA PHE C 352 51.09 24.04 -8.80
C PHE C 352 49.82 24.79 -8.50
N VAL C 353 49.93 26.09 -8.32
CA VAL C 353 48.76 26.90 -8.07
C VAL C 353 47.80 26.73 -9.21
N SER C 354 48.32 26.81 -10.41
CA SER C 354 47.49 26.73 -11.59
C SER C 354 46.81 25.40 -11.68
N ALA C 355 47.50 24.36 -11.23
CA ALA C 355 46.91 23.03 -11.22
C ALA C 355 45.70 23.00 -10.31
N ALA C 356 45.88 23.57 -9.13
CA ALA C 356 44.83 23.58 -8.14
C ALA C 356 43.64 24.33 -8.67
N ARG C 357 43.89 25.49 -9.23
CA ARG C 357 42.81 26.33 -9.74
C ARG C 357 42.02 25.63 -10.81
N ASP C 358 42.69 24.77 -11.57
CA ASP C 358 42.00 23.99 -12.58
C ASP C 358 41.01 23.07 -11.93
N LEU C 359 41.32 22.60 -10.73
CA LEU C 359 40.46 21.65 -10.03
C LEU C 359 39.41 22.31 -9.16
N GLY C 360 39.39 23.63 -9.16
CA GLY C 360 38.43 24.37 -8.38
C GLY C 360 38.92 24.76 -7.01
N MET C 361 40.17 24.49 -6.72
CA MET C 361 40.68 24.76 -5.39
C MET C 361 41.55 26.00 -5.30
N GLU C 362 41.93 26.35 -4.09
CA GLU C 362 42.71 27.55 -3.81
C GLU C 362 43.88 27.12 -2.97
N VAL C 363 44.96 27.88 -2.99
CA VAL C 363 46.14 27.51 -2.20
C VAL C 363 46.37 28.48 -1.07
N ALA C 364 46.62 27.97 0.13
CA ALA C 364 46.87 28.83 1.26
C ALA C 364 48.22 28.52 1.83
N LEU C 365 49.05 29.55 1.98
CA LEU C 365 50.42 29.37 2.46
C LEU C 365 50.60 29.80 3.90
N ASP C 366 51.49 29.12 4.61
CA ASP C 366 51.78 29.45 6.00
C ASP C 366 52.64 30.69 6.04
N LEU C 367 52.23 31.65 6.85
CA LEU C 367 53.00 32.86 7.03
C LEU C 367 53.53 32.85 8.43
N ALA C 368 54.81 32.56 8.57
CA ALA C 368 55.40 32.47 9.90
C ALA C 368 56.49 33.50 10.04
N LEU C 369 56.25 34.53 10.84
CA LEU C 369 57.20 35.60 10.98
C LEU C 369 58.25 35.25 12.01
N GLN C 370 59.22 34.47 11.55
CA GLN C 370 60.31 33.94 12.35
C GLN C 370 61.48 33.74 11.43
N CYS C 371 62.65 33.46 11.98
CA CYS C 371 63.81 33.19 11.15
C CYS C 371 64.66 32.09 11.74
N ALA C 372 65.24 31.28 10.89
CA ALA C 372 66.26 30.35 11.33
C ALA C 372 67.51 31.18 11.31
N PRO C 373 68.56 30.75 11.99
CA PRO C 373 69.72 31.62 12.00
C PRO C 373 70.32 31.87 10.62
N ASP C 374 70.37 30.88 9.73
CA ASP C 374 70.97 31.13 8.42
C ASP C 374 70.13 32.05 7.54
N HIS C 375 68.98 32.47 8.04
CA HIS C 375 68.12 33.37 7.27
C HIS C 375 68.92 34.61 6.96
N PRO C 376 68.80 35.10 5.73
CA PRO C 376 69.50 36.31 5.33
C PRO C 376 69.27 37.47 6.29
N TRP C 377 68.11 37.56 6.92
CA TRP C 377 67.86 38.69 7.79
C TRP C 377 68.82 38.70 8.98
N ALA C 378 69.27 37.53 9.41
CA ALA C 378 70.19 37.46 10.54
C ALA C 378 71.46 38.26 10.26
N ARG C 379 71.85 38.36 8.99
CA ARG C 379 73.03 39.15 8.66
C ARG C 379 72.55 40.48 8.13
N GLU C 380 71.73 40.46 7.08
CA GLU C 380 71.37 41.68 6.34
C GLU C 380 70.72 42.74 7.22
N HIS C 381 69.69 42.36 7.95
CA HIS C 381 69.08 43.31 8.85
C HIS C 381 68.99 42.71 10.24
N ARG C 382 69.83 43.13 11.17
CA ARG C 382 69.86 42.47 12.47
C ARG C 382 69.19 43.32 13.53
N GLN C 383 68.82 44.55 13.18
CA GLN C 383 68.10 45.40 14.12
C GLN C 383 66.80 44.69 14.46
N TRP C 384 66.32 43.91 13.52
CA TRP C 384 65.04 43.22 13.63
C TRP C 384 65.01 42.13 14.66
N PHE C 385 66.11 41.93 15.36
CA PHE C 385 66.13 40.93 16.41
C PHE C 385 66.50 41.51 17.76
N THR C 386 66.20 40.76 18.81
CA THR C 386 66.57 41.17 20.14
C THR C 386 67.85 40.45 20.53
N GLU C 387 68.95 41.18 20.41
CA GLU C 387 70.29 40.63 20.59
C GLU C 387 70.77 40.78 22.02
N LEU C 388 71.29 39.67 22.54
CA LEU C 388 71.73 39.62 23.92
C LEU C 388 73.04 40.40 24.09
N PRO C 389 73.56 40.49 25.32
CA PRO C 389 74.86 41.16 25.49
C PRO C 389 76.02 40.53 24.73
N ASP C 390 76.06 39.20 24.60
CA ASP C 390 77.13 38.56 23.86
C ASP C 390 76.88 38.57 22.37
N GLY C 391 75.86 39.32 21.95
CA GLY C 391 75.61 39.51 20.53
C GLY C 391 74.79 38.39 19.94
N THR C 392 74.67 37.29 20.69
CA THR C 392 73.86 36.17 20.29
C THR C 392 72.39 36.53 20.37
N ILE C 393 71.55 35.71 19.76
CA ILE C 393 70.11 35.93 19.83
C ILE C 393 69.40 34.74 20.46
N ALA C 394 68.49 35.02 21.37
CA ALA C 394 67.80 33.98 22.11
C ALA C 394 66.89 33.20 21.19
N TYR C 395 66.88 31.88 21.31
CA TYR C 395 66.01 31.09 20.46
C TYR C 395 64.57 31.34 20.86
N ALA C 396 63.68 31.23 19.89
CA ALA C 396 62.27 31.52 20.10
C ALA C 396 61.67 30.60 21.13
N GLU C 397 60.76 31.13 21.93
CA GLU C 397 60.11 30.32 22.93
C GLU C 397 58.63 30.68 23.02
N ASN C 398 57.81 29.65 23.16
CA ASN C 398 56.38 29.78 23.37
C ASN C 398 56.03 28.76 24.46
N PRO C 399 55.74 29.23 25.67
CA PRO C 399 55.67 28.31 26.82
C PRO C 399 54.54 27.29 26.69
N PRO C 400 54.84 26.02 26.99
CA PRO C 400 56.15 25.52 27.39
C PRO C 400 56.95 25.01 26.21
N LYS C 401 56.42 25.16 25.00
CA LYS C 401 57.08 24.69 23.79
C LYS C 401 58.37 25.46 23.56
N LYS C 402 59.41 24.77 23.10
CA LYS C 402 60.67 25.42 22.81
C LYS C 402 61.01 25.31 21.34
N TYR C 403 61.40 26.43 20.74
CA TYR C 403 61.67 26.48 19.30
C TYR C 403 63.14 26.77 19.04
N GLN C 404 64.00 25.82 19.36
CA GLN C 404 65.44 26.06 19.33
C GLN C 404 65.96 26.41 17.95
N ASP C 405 65.25 26.00 16.92
CA ASP C 405 65.74 26.23 15.58
C ASP C 405 65.40 27.59 14.99
N ILE C 406 64.74 28.45 15.76
CA ILE C 406 64.39 29.76 15.20
C ILE C 406 64.55 30.98 16.10
N TYR C 407 64.58 32.15 15.47
CA TYR C 407 64.71 33.43 16.16
C TYR C 407 63.43 34.20 16.05
N PRO C 408 62.90 34.70 17.16
CA PRO C 408 61.72 35.57 17.09
C PRO C 408 62.12 36.92 16.59
N LEU C 409 61.26 37.62 15.86
CA LEU C 409 61.60 38.97 15.40
C LEU C 409 61.34 40.02 16.47
N ASN C 410 61.91 41.20 16.28
CA ASN C 410 61.65 42.30 17.18
C ASN C 410 61.01 43.43 16.42
N PHE C 411 59.76 43.72 16.70
CA PHE C 411 59.01 44.66 15.91
C PHE C 411 59.16 46.09 16.40
N ASP C 412 59.90 46.29 17.48
CA ASP C 412 60.02 47.63 18.06
C ASP C 412 61.27 48.42 17.66
N ASN C 413 62.40 47.74 17.45
CA ASN C 413 63.61 48.45 17.05
C ASN C 413 63.46 49.17 15.73
N ASP C 414 62.97 48.47 14.71
CA ASP C 414 62.80 49.09 13.40
C ASP C 414 61.43 48.77 12.85
N PRO C 415 60.42 49.46 13.37
CA PRO C 415 59.07 49.12 12.98
C PRO C 415 58.82 49.33 11.50
N GLU C 416 58.91 50.55 10.99
CA GLU C 416 58.56 50.78 9.58
C GLU C 416 59.57 50.05 8.70
N GLY C 417 60.71 49.68 9.27
CA GLY C 417 61.66 48.85 8.55
C GLY C 417 61.17 47.44 8.33
N LEU C 418 60.81 46.76 9.42
CA LEU C 418 60.31 45.39 9.36
C LEU C 418 58.91 45.33 8.79
N TYR C 419 58.07 46.26 9.20
CA TYR C 419 56.70 46.32 8.71
C TYR C 419 56.70 46.26 7.21
N ASP C 420 57.48 47.13 6.60
CA ASP C 420 57.51 47.25 5.15
C ASP C 420 58.06 46.03 4.47
N GLU C 421 59.03 45.36 5.09
CA GLU C 421 59.55 44.16 4.45
C GLU C 421 58.51 43.04 4.49
N VAL C 422 57.88 42.82 5.63
CA VAL C 422 56.91 41.74 5.68
C VAL C 422 55.77 42.02 4.71
N LEU C 423 55.36 43.27 4.56
CA LEU C 423 54.33 43.58 3.59
C LEU C 423 54.81 43.20 2.21
N ARG C 424 56.07 43.49 1.95
CA ARG C 424 56.68 43.14 0.69
C ARG C 424 56.60 41.64 0.50
N VAL C 425 56.95 40.90 1.53
CA VAL C 425 56.98 39.46 1.39
C VAL C 425 55.60 38.89 1.12
N VAL C 426 54.61 39.32 1.90
CA VAL C 426 53.27 38.81 1.74
C VAL C 426 52.79 39.13 0.35
N GLN C 427 53.09 40.33 -0.10
CA GLN C 427 52.65 40.78 -1.40
C GLN C 427 53.20 39.97 -2.56
N HIS C 428 54.37 39.37 -2.34
CA HIS C 428 55.02 38.59 -3.37
C HIS C 428 54.13 37.45 -3.77
N TRP C 429 53.69 36.70 -2.77
CA TRP C 429 52.86 35.52 -3.00
C TRP C 429 51.48 35.87 -3.48
N VAL C 430 50.96 37.01 -3.06
CA VAL C 430 49.68 37.45 -3.60
C VAL C 430 49.81 37.56 -5.10
N ASN C 431 50.94 38.06 -5.56
CA ASN C 431 51.19 38.19 -6.99
C ASN C 431 51.31 36.84 -7.67
N HIS C 432 51.51 35.79 -6.89
CA HIS C 432 51.60 34.46 -7.47
C HIS C 432 50.36 33.63 -7.24
N GLY C 433 49.25 34.28 -6.97
CA GLY C 433 47.97 33.60 -6.93
C GLY C 433 47.52 33.11 -5.57
N VAL C 434 48.25 33.45 -4.53
CA VAL C 434 47.91 33.04 -3.19
C VAL C 434 47.15 34.11 -2.45
N LYS C 435 45.87 33.90 -2.20
CA LYS C 435 45.09 34.95 -1.57
C LYS C 435 44.43 34.50 -0.29
N PHE C 436 45.02 33.50 0.34
CA PHE C 436 44.65 33.08 1.69
C PHE C 436 45.92 32.70 2.45
N PHE C 437 46.18 33.30 3.60
CA PHE C 437 47.40 33.01 4.35
C PHE C 437 47.09 32.43 5.70
N ARG C 438 47.79 31.39 6.11
CA ARG C 438 47.59 30.93 7.46
C ARG C 438 48.60 31.55 8.34
N VAL C 439 48.23 32.67 8.96
CA VAL C 439 49.13 33.38 9.83
C VAL C 439 49.45 32.50 11.00
N ASP C 440 50.71 32.46 11.37
CA ASP C 440 51.15 31.47 12.30
C ASP C 440 51.43 32.12 13.64
N ASN C 441 50.81 31.60 14.69
CA ASN C 441 51.01 32.13 16.04
C ASN C 441 50.84 33.63 16.17
N PRO C 442 49.74 34.20 15.68
CA PRO C 442 49.66 35.65 15.64
C PRO C 442 49.73 36.30 17.00
N HIS C 443 49.40 35.57 18.04
CA HIS C 443 49.35 36.14 19.36
C HIS C 443 50.73 36.42 19.92
N THR C 444 51.79 35.95 19.28
CA THR C 444 53.13 36.21 19.76
C THR C 444 53.77 37.35 19.02
N LYS C 445 52.97 38.11 18.31
CA LYS C 445 53.44 39.27 17.61
C LYS C 445 52.50 40.40 17.95
N PRO C 446 52.98 41.63 17.85
CA PRO C 446 52.19 42.79 18.24
C PRO C 446 50.88 42.93 17.50
N PRO C 447 49.80 43.21 18.23
CA PRO C 447 48.48 43.43 17.67
C PRO C 447 48.46 44.49 16.63
N ASN C 448 49.09 45.62 16.90
CA ASN C 448 48.98 46.74 15.97
C ASN C 448 49.59 46.37 14.64
N PHE C 449 50.60 45.51 14.66
CA PHE C 449 51.19 45.09 13.41
C PHE C 449 50.17 44.40 12.53
N TRP C 450 49.49 43.40 13.08
CA TRP C 450 48.53 42.66 12.32
C TRP C 450 47.46 43.59 11.78
N ALA C 451 47.01 44.51 12.60
CA ALA C 451 46.01 45.44 12.14
C ALA C 451 46.54 46.22 10.96
N TRP C 452 47.81 46.57 11.02
CA TRP C 452 48.43 47.31 9.94
C TRP C 452 48.58 46.42 8.72
N LEU C 453 49.15 45.23 8.91
CA LEU C 453 49.44 44.34 7.79
C LEU C 453 48.18 43.96 7.06
N ILE C 454 47.14 43.64 7.80
CA ILE C 454 45.91 43.25 7.17
C ILE C 454 45.33 44.38 6.36
N ALA C 455 45.23 45.56 6.94
CA ALA C 455 44.64 46.68 6.23
C ALA C 455 45.49 47.09 5.06
N GLN C 456 46.79 46.99 5.22
CA GLN C 456 47.67 47.40 4.15
C GLN C 456 47.47 46.50 2.96
N VAL C 457 47.49 45.18 3.16
CA VAL C 457 47.31 44.21 2.08
C VAL C 457 45.95 44.25 1.43
N LYS C 458 44.91 44.26 2.25
CA LYS C 458 43.57 44.24 1.75
C LYS C 458 43.23 45.49 0.97
N THR C 459 43.98 46.56 1.19
CA THR C 459 43.73 47.80 0.45
C THR C 459 44.10 47.66 -1.02
N VAL C 460 45.22 47.01 -1.29
CA VAL C 460 45.62 46.75 -2.65
C VAL C 460 44.80 45.65 -3.29
N ASP C 461 44.62 44.54 -2.58
CA ASP C 461 43.79 43.43 -3.02
C ASP C 461 42.87 42.98 -1.89
N PRO C 462 41.57 43.22 -2.04
CA PRO C 462 40.66 42.99 -0.93
C PRO C 462 40.18 41.55 -0.89
N ASP C 463 40.70 40.72 -1.76
CA ASP C 463 40.25 39.36 -1.80
C ASP C 463 41.24 38.46 -1.06
N VAL C 464 42.22 39.09 -0.42
CA VAL C 464 43.22 38.34 0.33
C VAL C 464 42.69 38.06 1.73
N LEU C 465 42.78 36.81 2.19
CA LEU C 465 42.20 36.44 3.47
C LEU C 465 43.20 35.83 4.43
N PHE C 466 42.98 36.03 5.72
CA PHE C 466 43.92 35.56 6.71
C PHE C 466 43.28 34.63 7.73
N LEU C 467 43.98 33.58 8.11
CA LEU C 467 43.52 32.67 9.12
C LEU C 467 44.49 32.70 10.29
N SER C 468 44.01 32.94 11.50
CA SER C 468 44.91 33.08 12.63
C SER C 468 44.96 31.85 13.52
N GLU C 469 46.10 31.21 13.60
CA GLU C 469 46.26 30.06 14.46
C GLU C 469 46.61 30.51 15.86
N ALA C 470 45.67 31.13 16.53
CA ALA C 470 45.96 31.65 17.86
C ALA C 470 45.29 30.81 18.91
N PHE C 471 46.01 29.85 19.45
CA PHE C 471 45.50 29.06 20.55
C PHE C 471 45.87 29.77 21.82
N THR C 472 45.02 30.67 22.26
CA THR C 472 45.36 31.54 23.35
C THR C 472 44.06 31.90 24.06
N PRO C 473 44.14 32.38 25.30
CA PRO C 473 42.91 32.70 26.02
C PRO C 473 42.05 33.70 25.30
N PRO C 474 40.76 33.75 25.65
CA PRO C 474 39.76 34.44 24.85
C PRO C 474 40.09 35.86 24.48
N ALA C 475 40.42 36.71 25.44
CA ALA C 475 40.61 38.13 25.19
C ALA C 475 41.57 38.37 24.04
N ARG C 476 42.56 37.51 23.93
CA ARG C 476 43.49 37.58 22.84
C ARG C 476 42.93 36.92 21.60
N GLN C 477 42.40 35.71 21.76
CA GLN C 477 41.92 34.92 20.64
C GLN C 477 40.87 35.66 19.87
N TYR C 478 39.84 36.11 20.55
CA TYR C 478 38.77 36.83 19.88
C TYR C 478 39.22 38.23 19.57
N GLY C 479 40.16 38.74 20.32
CA GLY C 479 40.64 40.08 20.08
C GLY C 479 41.28 40.15 18.73
N LEU C 480 42.10 39.15 18.44
CA LEU C 480 42.80 39.08 17.18
C LEU C 480 41.82 39.02 16.05
N ALA C 481 40.75 38.29 16.25
CA ALA C 481 39.75 38.22 15.22
C ALA C 481 39.17 39.59 14.98
N LYS C 482 38.87 40.30 16.06
CA LYS C 482 38.21 41.59 15.95
C LYS C 482 39.00 42.57 15.10
N LEU C 483 40.31 42.55 15.20
CA LEU C 483 41.07 43.56 14.48
C LEU C 483 41.21 43.21 13.00
N GLY C 484 40.68 42.07 12.58
CA GLY C 484 40.62 41.79 11.16
C GLY C 484 40.86 40.42 10.57
N PHE C 485 41.32 39.47 11.35
CA PHE C 485 41.52 38.13 10.82
C PHE C 485 40.22 37.51 10.34
N THR C 486 40.20 37.09 9.08
CA THR C 486 38.99 36.58 8.46
C THR C 486 38.48 35.29 9.09
N GLN C 487 39.37 34.41 9.54
CA GLN C 487 38.96 33.20 10.25
C GLN C 487 39.90 32.99 11.41
N SER C 488 39.54 32.16 12.37
CA SER C 488 40.40 31.90 13.49
C SER C 488 40.37 30.45 13.86
N TYR C 489 41.49 29.87 14.24
CA TYR C 489 41.45 28.52 14.76
C TYR C 489 40.70 28.62 16.06
N SER C 490 40.25 27.50 16.61
CA SER C 490 39.44 27.56 17.81
C SER C 490 39.83 26.54 18.80
N TYR C 491 39.15 26.52 19.93
CA TYR C 491 39.47 25.56 20.96
C TYR C 491 38.78 24.23 20.67
N PHE C 492 38.30 24.06 19.44
CA PHE C 492 37.40 22.96 19.10
C PHE C 492 37.92 21.59 19.47
N THR C 493 39.17 21.33 19.18
CA THR C 493 39.70 19.99 19.30
C THR C 493 39.57 19.50 20.74
N TRP C 494 39.55 20.43 21.68
CA TRP C 494 39.52 20.10 23.09
C TRP C 494 38.13 20.20 23.65
N ARG C 495 37.12 20.18 22.80
CA ARG C 495 35.75 20.05 23.27
C ARG C 495 35.22 18.68 22.90
N THR C 496 34.98 17.83 23.89
CA THR C 496 34.54 16.47 23.61
C THR C 496 33.39 15.92 24.42
N THR C 497 32.77 16.70 25.28
CA THR C 497 31.66 16.15 26.00
C THR C 497 30.42 16.80 25.47
N LYS C 498 29.26 16.18 25.65
CA LYS C 498 28.04 16.73 25.10
C LYS C 498 27.86 18.15 25.57
N TRP C 499 28.20 18.42 26.82
CA TRP C 499 28.07 19.75 27.37
C TRP C 499 29.09 20.72 26.80
N GLU C 500 30.31 20.27 26.60
CA GLU C 500 31.35 21.11 26.00
C GLU C 500 31.01 21.47 24.55
N LEU C 501 30.65 20.48 23.76
CA LEU C 501 30.32 20.70 22.38
C LEU C 501 29.11 21.59 22.25
N THR C 502 28.13 21.42 23.13
CA THR C 502 26.98 22.29 23.04
C THR C 502 27.37 23.73 23.22
N GLU C 503 28.16 24.01 24.24
CA GLU C 503 28.55 25.37 24.49
C GLU C 503 29.40 25.90 23.37
N PHE C 504 30.34 25.10 22.90
CA PHE C 504 31.20 25.52 21.80
C PHE C 504 30.39 25.84 20.57
N GLY C 505 29.40 25.00 20.32
CA GLY C 505 28.54 25.19 19.17
C GLY C 505 27.73 26.45 19.25
N ASN C 506 27.05 26.68 20.36
CA ASN C 506 26.26 27.87 20.52
C ASN C 506 27.11 29.11 20.44
N GLN C 507 28.34 29.01 20.89
CA GLN C 507 29.22 30.16 20.92
C GLN C 507 29.49 30.64 19.53
N ILE C 508 29.50 29.71 18.58
CA ILE C 508 29.87 30.01 17.22
C ILE C 508 29.08 31.17 16.69
N ALA C 509 27.76 31.07 16.79
CA ALA C 509 26.90 32.22 16.59
C ALA C 509 26.81 32.98 17.87
N GLU C 510 27.19 34.24 17.83
CA GLU C 510 27.49 35.07 19.01
C GLU C 510 28.61 35.87 18.51
N LEU C 511 29.72 35.17 18.43
CA LEU C 511 30.94 35.79 18.01
C LEU C 511 30.95 35.86 16.49
N ALA C 512 29.82 35.51 15.89
CA ALA C 512 29.71 35.44 14.44
C ALA C 512 29.95 36.79 13.81
N ASP C 513 29.54 37.85 14.49
CA ASP C 513 29.72 39.17 13.94
C ASP C 513 31.17 39.54 13.79
N TYR C 514 32.05 38.90 14.55
CA TYR C 514 33.48 39.19 14.40
C TYR C 514 34.41 38.00 14.36
N ARG C 515 33.97 36.80 14.67
CA ARG C 515 34.86 35.65 14.55
C ARG C 515 34.28 34.55 13.68
N ARG C 516 35.06 34.06 12.76
CA ARG C 516 34.67 32.89 11.99
C ARG C 516 35.59 31.78 12.37
N PRO C 517 35.06 30.70 12.92
CA PRO C 517 35.99 29.67 13.32
C PRO C 517 36.26 28.69 12.21
N ASN C 518 37.50 28.22 12.11
CA ASN C 518 37.84 27.15 11.21
C ASN C 518 38.07 25.89 12.02
N LEU C 519 37.21 24.91 11.89
CA LEU C 519 37.28 23.78 12.79
C LEU C 519 38.15 22.68 12.21
N PHE C 520 39.30 22.47 12.81
CA PHE C 520 40.25 21.48 12.33
C PHE C 520 40.17 20.25 13.17
N VAL C 521 40.01 19.11 12.55
CA VAL C 521 39.95 17.88 13.29
C VAL C 521 41.26 17.54 13.91
N ASN C 522 42.34 17.82 13.18
CA ASN C 522 43.67 17.65 13.69
C ASN C 522 44.56 18.65 13.01
N THR C 523 45.75 18.88 13.55
CA THR C 523 46.78 19.65 12.87
C THR C 523 48.01 18.87 13.12
N PRO C 524 49.10 19.17 12.41
CA PRO C 524 50.35 18.44 12.65
C PRO C 524 50.78 18.47 14.10
N ASP C 525 50.37 19.52 14.81
CA ASP C 525 50.67 19.72 16.21
C ASP C 525 49.66 19.12 17.19
N ILE C 526 48.49 18.74 16.71
CA ILE C 526 47.45 18.30 17.62
C ILE C 526 46.88 16.95 17.24
N LEU C 527 47.26 15.91 17.99
CA LEU C 527 46.63 14.61 17.86
C LEU C 527 45.95 14.34 19.16
N HIS C 528 44.68 14.70 19.23
CA HIS C 528 43.96 14.66 20.48
C HIS C 528 43.86 13.27 21.03
N ALA C 529 43.81 13.18 22.35
CA ALA C 529 43.79 11.91 23.02
C ALA C 529 42.65 11.06 22.54
N VAL C 530 41.50 11.68 22.35
CA VAL C 530 40.30 10.93 22.03
C VAL C 530 40.46 10.17 20.72
N LEU C 531 41.19 10.75 19.79
CA LEU C 531 41.48 10.11 18.52
C LEU C 531 42.44 8.95 18.71
N GLN C 532 43.30 9.04 19.71
CA GLN C 532 44.34 8.05 19.94
C GLN C 532 43.84 6.65 20.26
N HIS C 533 42.74 6.53 21.01
CA HIS C 533 42.36 5.20 21.44
C HIS C 533 40.98 4.68 21.02
N ASN C 534 40.15 5.50 20.40
CA ASN C 534 38.80 5.05 20.09
C ASN C 534 38.63 4.48 18.70
N GLY C 535 39.70 4.40 17.92
CA GLY C 535 39.58 3.68 16.67
C GLY C 535 38.85 4.48 15.64
N PRO C 536 38.64 3.89 14.46
CA PRO C 536 38.19 4.59 13.26
C PRO C 536 36.86 5.27 13.49
N GLY C 537 36.11 4.78 14.45
CA GLY C 537 34.82 5.37 14.71
C GLY C 537 34.95 6.82 15.08
N MET C 538 35.89 7.13 15.94
CA MET C 538 35.99 8.48 16.44
C MET C 538 36.35 9.44 15.34
N PHE C 539 37.20 8.99 14.42
CA PHE C 539 37.64 9.84 13.33
C PHE C 539 36.44 10.29 12.54
N ALA C 540 35.46 9.40 12.40
CA ALA C 540 34.22 9.76 11.77
C ALA C 540 33.51 10.78 12.60
N ILE C 541 33.44 10.53 13.89
CA ILE C 541 32.66 11.37 14.78
C ILE C 541 33.12 12.80 14.78
N ARG C 542 34.41 13.01 14.88
CA ARG C 542 34.91 14.37 14.89
C ARG C 542 34.65 15.03 13.55
N ALA C 543 34.79 14.28 12.47
CA ALA C 543 34.58 14.80 11.14
C ALA C 543 33.17 15.30 10.95
N VAL C 544 32.21 14.55 11.48
CA VAL C 544 30.82 14.94 11.39
C VAL C 544 30.62 16.20 12.15
N LEU C 545 31.28 16.30 13.30
CA LEU C 545 31.14 17.46 14.16
C LEU C 545 31.72 18.67 13.51
N ALA C 546 32.94 18.56 13.00
CA ALA C 546 33.58 19.70 12.39
C ALA C 546 32.84 20.18 11.17
N ALA C 547 32.51 19.24 10.30
CA ALA C 547 31.90 19.56 9.02
C ALA C 547 30.56 20.22 9.18
N THR C 548 29.74 19.73 10.11
CA THR C 548 28.41 20.29 10.33
C THR C 548 28.32 21.55 11.18
N MET C 549 29.07 21.62 12.27
CA MET C 549 29.00 22.77 13.15
C MET C 549 29.44 24.08 12.53
N SER C 550 30.47 24.07 11.71
CA SER C 550 30.96 25.30 11.13
C SER C 550 31.02 25.31 9.64
N PRO C 551 30.77 26.47 9.03
CA PRO C 551 30.89 26.56 7.59
C PRO C 551 32.28 26.26 7.14
N ALA C 552 33.28 26.60 7.93
CA ALA C 552 34.66 26.34 7.56
C ALA C 552 35.29 25.30 8.42
N TRP C 553 35.84 24.25 7.83
CA TRP C 553 36.45 23.18 8.60
C TRP C 553 37.70 22.70 7.91
N GLY C 554 38.47 21.87 8.58
CA GLY C 554 39.74 21.45 8.01
C GLY C 554 40.22 20.12 8.49
N MET C 555 41.19 19.57 7.76
CA MET C 555 41.72 18.27 8.06
C MET C 555 43.19 18.23 7.74
N TYR C 556 44.01 17.63 8.60
CA TYR C 556 45.42 17.47 8.31
C TYR C 556 45.64 16.12 7.72
N CYS C 557 46.50 16.05 6.70
CA CYS C 557 46.72 14.85 5.91
C CYS C 557 46.97 13.62 6.75
N GLY C 558 46.51 12.48 6.27
CA GLY C 558 46.69 11.24 6.99
C GLY C 558 45.57 10.98 7.96
N TYR C 559 44.76 12.00 8.19
CA TYR C 559 43.64 11.87 9.07
C TYR C 559 42.76 10.78 8.52
N GLU C 560 42.60 10.82 7.20
CA GLU C 560 41.75 9.85 6.55
C GLU C 560 42.30 8.46 6.61
N LEU C 561 43.54 8.31 7.01
CA LEU C 561 44.11 6.99 7.11
C LEU C 561 44.05 6.46 8.52
N PHE C 562 43.42 7.23 9.40
CA PHE C 562 43.26 6.87 10.79
C PHE C 562 44.57 6.83 11.55
N GLU C 563 45.52 7.68 11.16
CA GLU C 563 46.79 7.77 11.87
C GLU C 563 46.53 8.19 13.29
N HIS C 564 46.85 7.31 14.24
CA HIS C 564 46.46 7.51 15.62
C HIS C 564 47.54 7.23 16.65
N ARG C 565 48.79 7.14 16.25
CA ARG C 565 49.83 6.82 17.21
C ARG C 565 50.60 8.06 17.60
N ALA C 566 50.63 8.35 18.90
CA ALA C 566 51.34 9.51 19.40
C ALA C 566 52.68 9.09 19.94
N VAL C 567 53.59 10.05 20.07
CA VAL C 567 54.96 9.76 20.47
C VAL C 567 55.05 9.09 21.85
N ARG C 568 54.29 9.58 22.82
CA ARG C 568 54.25 8.93 24.12
C ARG C 568 52.87 9.13 24.70
N GLU C 569 52.47 8.26 25.61
CA GLU C 569 51.16 8.40 26.20
C GLU C 569 51.09 9.75 26.88
N GLY C 570 49.97 10.43 26.76
CA GLY C 570 49.80 11.73 27.38
C GLY C 570 50.28 12.90 26.56
N SER C 571 50.68 12.63 25.32
CA SER C 571 51.12 13.71 24.46
C SER C 571 50.15 13.96 23.34
N GLU C 572 50.27 15.11 22.70
CA GLU C 572 49.45 15.43 21.55
C GLU C 572 50.29 15.54 20.30
N GLU C 573 51.48 14.95 20.33
CA GLU C 573 52.37 15.03 19.18
C GLU C 573 52.37 13.73 18.39
N TYR C 574 52.27 13.87 17.07
CA TYR C 574 52.20 12.72 16.20
C TYR C 574 53.52 11.97 16.26
N LEU C 575 53.47 10.66 16.47
CA LEU C 575 54.69 9.88 16.48
C LEU C 575 55.34 9.93 15.13
N ASP C 576 56.65 10.11 15.11
CA ASP C 576 57.39 10.24 13.87
C ASP C 576 56.83 11.39 13.05
N SER C 577 56.63 12.53 13.71
CA SER C 577 55.90 13.65 13.12
C SER C 577 56.43 14.11 11.77
N GLU C 578 55.50 14.48 10.90
CA GLU C 578 55.80 14.90 9.55
C GLU C 578 56.59 16.19 9.52
N LYS C 579 56.55 16.94 10.61
CA LYS C 579 57.26 18.19 10.66
C LYS C 579 58.74 17.94 10.56
N TYR C 580 59.18 16.87 11.19
CA TYR C 580 60.59 16.57 11.28
C TYR C 580 61.06 15.49 10.30
N GLU C 581 60.10 14.83 9.66
CA GLU C 581 60.39 13.66 8.84
C GLU C 581 59.54 13.63 7.56
N LEU C 582 60.02 12.94 6.54
CA LEU C 582 59.25 12.76 5.32
C LEU C 582 58.24 11.66 5.53
N ARG C 583 56.99 11.88 5.14
CA ARG C 583 55.98 10.86 5.33
C ARG C 583 55.15 10.63 4.09
N PRO C 584 55.62 9.78 3.19
CA PRO C 584 54.76 9.40 2.08
C PRO C 584 53.66 8.53 2.61
N ARG C 585 52.47 8.61 2.03
CA ARG C 585 51.38 7.77 2.44
C ARG C 585 50.79 7.13 1.23
N ASP C 586 50.21 5.95 1.41
CA ASP C 586 49.65 5.23 0.29
C ASP C 586 48.14 5.19 0.45
N PHE C 587 47.50 6.24 -0.04
CA PHE C 587 46.07 6.38 0.12
C PHE C 587 45.30 5.33 -0.64
N ALA C 588 45.80 4.98 -1.81
CA ALA C 588 45.09 4.06 -2.67
C ALA C 588 44.88 2.73 -1.99
N SER C 589 45.92 2.19 -1.39
CA SER C 589 45.82 0.88 -0.76
C SER C 589 44.76 0.87 0.32
N ALA C 590 44.67 1.97 1.06
CA ALA C 590 43.70 2.07 2.14
C ALA C 590 42.31 1.97 1.59
N LEU C 591 42.09 2.61 0.46
CA LEU C 591 40.81 2.56 -0.19
C LEU C 591 40.48 1.12 -0.51
N ASP C 592 41.47 0.42 -1.04
CA ASP C 592 41.29 -0.95 -1.47
C ASP C 592 41.06 -1.90 -0.31
N GLN C 593 41.75 -1.69 0.80
CA GLN C 593 41.59 -2.57 1.94
C GLN C 593 40.50 -2.07 2.86
N GLY C 594 39.74 -1.08 2.40
CA GLY C 594 38.62 -0.59 3.17
C GLY C 594 38.99 -0.08 4.53
N ARG C 595 40.15 0.54 4.64
CA ARG C 595 40.54 1.13 5.90
C ARG C 595 40.82 2.62 5.73
N SER C 596 40.02 3.29 4.90
CA SER C 596 40.18 4.71 4.66
C SER C 596 38.88 5.46 4.89
N LEU C 597 38.98 6.66 5.44
CA LEU C 597 37.80 7.45 5.71
C LEU C 597 37.60 8.43 4.57
N GLN C 598 38.33 8.22 3.49
CA GLN C 598 38.20 9.09 2.34
C GLN C 598 36.79 9.10 1.77
N PRO C 599 36.12 7.94 1.66
CA PRO C 599 34.77 8.00 1.15
C PRO C 599 33.85 8.82 2.01
N PHE C 600 33.92 8.62 3.32
CA PHE C 600 33.01 9.29 4.24
C PHE C 600 33.14 10.77 4.12
N ILE C 601 34.37 11.24 4.13
CA ILE C 601 34.62 12.67 4.06
C ILE C 601 34.03 13.26 2.80
N THR C 602 34.17 12.52 1.72
CA THR C 602 33.64 13.00 0.46
C THR C 602 32.16 13.23 0.64
N ARG C 603 31.48 12.26 1.23
CA ARG C 603 30.05 12.34 1.42
C ARG C 603 29.74 13.50 2.34
N LEU C 604 30.60 13.78 3.29
CA LEU C 604 30.37 14.90 4.18
C LEU C 604 30.47 16.19 3.42
N ASN C 605 31.50 16.35 2.60
CA ASN C 605 31.63 17.60 1.88
C ASN C 605 30.54 17.80 0.85
N ILE C 606 30.09 16.73 0.22
CA ILE C 606 28.98 16.87 -0.73
C ILE C 606 27.76 17.39 -0.03
N ILE C 607 27.52 16.87 1.15
CA ILE C 607 26.35 17.27 1.92
C ILE C 607 26.41 18.73 2.20
N ARG C 608 27.58 19.21 2.58
CA ARG C 608 27.77 20.63 2.83
C ARG C 608 27.48 21.48 1.61
N ARG C 609 27.95 21.04 0.45
CA ARG C 609 27.66 21.78 -0.75
C ARG C 609 26.18 21.72 -1.08
N LEU C 610 25.58 20.57 -0.84
CA LEU C 610 24.19 20.37 -1.19
C LEU C 610 23.22 21.24 -0.44
N HIS C 611 23.45 21.39 0.86
CA HIS C 611 22.56 22.15 1.72
C HIS C 611 23.18 23.44 2.19
N PRO C 612 22.63 24.56 1.74
CA PRO C 612 23.20 25.86 2.07
C PRO C 612 23.05 26.17 3.54
N ALA C 613 22.35 25.33 4.25
CA ALA C 613 22.19 25.52 5.67
C ALA C 613 23.54 25.40 6.30
N PHE C 614 24.38 24.57 5.72
CA PHE C 614 25.67 24.34 6.30
C PHE C 614 26.67 25.45 6.07
N GLN C 615 26.34 26.45 5.27
CA GLN C 615 27.23 27.58 5.11
C GLN C 615 26.93 28.67 6.11
N GLN C 616 26.02 28.43 7.03
CA GLN C 616 25.62 29.45 7.99
C GLN C 616 26.34 29.40 9.33
N LEU C 617 26.65 30.56 9.89
CA LEU C 617 27.22 30.64 11.23
C LEU C 617 26.13 30.75 12.27
N ARG C 618 25.19 31.64 11.97
CA ARG C 618 24.23 32.12 12.92
C ARG C 618 23.20 31.12 13.42
N THR C 619 22.78 30.19 12.57
CA THR C 619 21.54 29.48 12.84
C THR C 619 21.60 28.14 13.56
N ILE C 620 22.72 27.76 14.13
CA ILE C 620 22.75 26.49 14.84
C ILE C 620 21.76 26.53 15.99
N HIS C 621 21.03 25.44 16.18
CA HIS C 621 20.08 25.30 17.30
C HIS C 621 20.13 23.90 17.82
N PHE C 622 20.18 23.73 19.14
CA PHE C 622 20.33 22.42 19.69
C PHE C 622 19.00 21.89 20.19
N HIS C 623 18.69 20.66 19.85
CA HIS C 623 17.45 20.04 20.23
C HIS C 623 17.75 19.00 21.28
N HIS C 624 16.79 18.74 22.16
CA HIS C 624 17.04 17.90 23.30
C HIS C 624 17.03 16.42 22.97
N VAL C 625 18.08 15.70 23.36
CA VAL C 625 18.09 14.25 23.28
C VAL C 625 18.46 13.64 24.60
N ASP C 626 17.58 12.83 25.18
CA ASP C 626 17.81 12.33 26.52
C ASP C 626 18.81 11.21 26.54
N ASN C 627 20.00 11.49 26.03
CA ASN C 627 21.13 10.59 26.18
C ASN C 627 22.38 11.42 26.26
N ASP C 628 23.18 11.19 27.27
CA ASP C 628 24.36 12.00 27.48
C ASP C 628 25.34 11.81 26.37
N ALA C 629 25.23 10.70 25.65
CA ALA C 629 26.19 10.37 24.63
C ALA C 629 25.75 10.81 23.25
N LEU C 630 24.57 11.38 23.15
CA LEU C 630 24.06 11.75 21.85
C LEU C 630 23.88 13.22 21.84
N LEU C 631 24.28 13.86 20.75
CA LEU C 631 24.19 15.29 20.60
C LEU C 631 23.41 15.60 19.35
N ALA C 632 22.37 16.42 19.44
CA ALA C 632 21.56 16.72 18.26
C ALA C 632 21.29 18.18 18.05
N TYR C 633 21.63 18.71 16.88
CA TYR C 633 21.50 20.13 16.57
C TYR C 633 21.09 20.36 15.13
N SER C 634 20.58 21.55 14.82
CA SER C 634 20.10 21.84 13.49
C SER C 634 20.52 23.19 12.96
N LYS C 635 20.66 23.30 11.65
CA LYS C 635 21.00 24.56 11.04
C LYS C 635 20.02 24.83 9.95
N PHE C 636 19.77 26.10 9.63
CA PHE C 636 18.92 26.41 8.50
C PHE C 636 19.46 27.60 7.73
N ASP C 637 19.00 27.80 6.51
CA ASP C 637 19.45 28.95 5.73
C ASP C 637 18.33 29.94 5.58
N PRO C 638 18.54 31.16 6.06
CA PRO C 638 17.58 32.25 6.02
C PRO C 638 17.09 32.55 4.62
N ALA C 639 17.93 32.34 3.63
CA ALA C 639 17.56 32.63 2.28
C ALA C 639 16.59 31.61 1.70
N THR C 640 17.07 30.40 1.51
CA THR C 640 16.33 29.38 0.79
C THR C 640 15.40 28.58 1.66
N GLY C 641 15.54 28.72 2.95
CA GLY C 641 14.70 27.97 3.87
C GLY C 641 15.21 26.58 4.12
N ASP C 642 16.31 26.21 3.50
CA ASP C 642 16.90 24.89 3.72
C ASP C 642 17.10 24.61 5.19
N CYS C 643 16.88 23.38 5.61
CA CYS C 643 16.99 23.05 7.02
C CYS C 643 17.51 21.64 7.19
N VAL C 644 18.48 21.44 8.08
CA VAL C 644 19.11 20.15 8.26
C VAL C 644 19.32 19.84 9.74
N LEU C 645 19.17 18.59 10.14
CA LEU C 645 19.37 18.20 11.52
C LEU C 645 20.43 17.13 11.60
N VAL C 646 21.34 17.25 12.55
CA VAL C 646 22.39 16.28 12.73
C VAL C 646 22.23 15.65 14.07
N VAL C 647 22.25 14.33 14.12
CA VAL C 647 22.28 13.65 15.39
C VAL C 647 23.48 12.74 15.34
N VAL C 648 24.42 12.94 16.26
CA VAL C 648 25.65 12.19 16.26
C VAL C 648 25.91 11.66 17.65
N THR C 649 26.71 10.60 17.76
CA THR C 649 27.06 10.03 19.04
C THR C 649 28.47 10.40 19.40
N LEU C 650 28.72 10.59 20.68
CA LEU C 650 30.07 10.90 21.12
C LEU C 650 30.79 9.67 21.64
N ASN C 651 30.08 8.56 21.68
CA ASN C 651 30.66 7.31 22.13
C ASN C 651 30.86 6.47 20.91
N ALA C 652 32.12 6.13 20.63
CA ALA C 652 32.49 5.42 19.42
C ALA C 652 32.22 3.93 19.44
N PHE C 653 32.06 3.37 20.64
CA PHE C 653 32.01 1.93 20.76
C PHE C 653 30.67 1.26 20.95
N GLY C 654 29.77 1.86 21.71
CA GLY C 654 28.52 1.18 21.98
C GLY C 654 27.33 1.84 21.36
N PRO C 655 26.34 1.05 20.91
CA PRO C 655 25.12 1.63 20.39
C PRO C 655 24.46 2.42 21.46
N GLU C 656 23.88 3.54 21.11
CA GLU C 656 23.24 4.38 22.10
C GLU C 656 21.89 4.81 21.55
N GLU C 657 20.85 4.78 22.36
CA GLU C 657 19.52 5.11 21.87
C GLU C 657 18.83 6.09 22.78
N ALA C 658 17.85 6.84 22.26
CA ALA C 658 17.19 7.87 23.03
C ALA C 658 15.92 8.38 22.38
N THR C 659 15.23 9.28 23.06
CA THR C 659 14.09 9.99 22.47
C THR C 659 14.50 11.40 22.13
N LEU C 660 14.27 11.84 20.91
CA LEU C 660 14.74 13.16 20.51
C LEU C 660 13.57 14.12 20.52
N TRP C 661 13.71 15.24 21.21
CA TRP C 661 12.60 16.18 21.31
C TRP C 661 12.88 17.45 20.55
N LEU C 662 12.27 17.59 19.39
CA LEU C 662 12.52 18.75 18.54
C LEU C 662 11.86 19.98 19.09
N ASP C 663 12.48 21.15 18.88
CA ASP C 663 11.82 22.42 19.18
C ASP C 663 11.19 22.86 17.90
N MET C 664 9.93 22.52 17.71
CA MET C 664 9.32 22.70 16.42
C MET C 664 9.30 24.15 16.03
N ALA C 665 9.19 25.03 17.02
CA ALA C 665 9.13 26.45 16.73
C ALA C 665 10.36 26.88 15.98
N ALA C 666 11.50 26.35 16.41
CA ALA C 666 12.78 26.63 15.79
C ALA C 666 12.86 26.10 14.38
N LEU C 667 12.13 25.04 14.09
CA LEU C 667 12.12 24.44 12.77
C LEU C 667 10.99 24.97 11.94
N GLY C 668 10.20 25.88 12.49
CA GLY C 668 9.16 26.50 11.72
C GLY C 668 7.87 25.72 11.64
N MET C 669 7.62 24.88 12.63
CA MET C 669 6.40 24.08 12.64
C MET C 669 5.67 24.18 13.97
N GLU C 670 4.39 23.87 13.99
CA GLU C 670 3.64 23.85 15.24
C GLU C 670 3.98 22.60 16.01
N ASP C 671 3.71 22.57 17.31
CA ASP C 671 4.09 21.43 18.12
C ASP C 671 3.43 20.15 17.67
N TYR C 672 2.19 20.25 17.21
CA TYR C 672 1.43 19.07 16.85
C TYR C 672 1.76 18.52 15.49
N ASP C 673 2.54 19.25 14.72
CA ASP C 673 2.79 18.90 13.33
C ASP C 673 3.44 17.54 13.19
N ARG C 674 3.22 16.90 12.05
CA ARG C 674 3.93 15.69 11.66
C ARG C 674 4.46 15.90 10.25
N PHE C 675 5.66 15.40 9.97
CA PHE C 675 6.34 15.81 8.76
C PHE C 675 7.30 14.75 8.26
N TRP C 676 7.81 14.91 7.06
CA TRP C 676 8.68 13.90 6.50
C TRP C 676 10.12 14.33 6.38
N VAL C 677 11.04 13.41 6.64
CA VAL C 677 12.44 13.73 6.61
C VAL C 677 13.19 12.73 5.76
N ARG C 678 14.39 13.08 5.35
CA ARG C 678 15.22 12.19 4.57
C ARG C 678 16.62 12.15 5.10
N ASP C 679 17.22 10.97 5.12
CA ASP C 679 18.57 10.77 5.63
C ASP C 679 19.56 10.93 4.51
N GLU C 680 20.41 11.94 4.58
CA GLU C 680 21.26 12.26 3.46
C GLU C 680 22.32 11.22 3.15
N ILE C 681 22.73 10.44 4.13
CA ILE C 681 23.64 9.35 3.78
C ILE C 681 22.90 8.17 3.18
N THR C 682 21.84 7.74 3.86
CA THR C 682 21.06 6.55 3.49
C THR C 682 20.08 6.72 2.34
N GLY C 683 19.42 7.85 2.32
CA GLY C 683 18.39 8.12 1.34
C GLY C 683 17.02 7.69 1.80
N GLU C 684 16.96 7.06 2.98
CA GLU C 684 15.70 6.56 3.52
C GLU C 684 14.82 7.71 3.93
N GLU C 685 13.51 7.55 3.86
CA GLU C 685 12.60 8.61 4.26
C GLU C 685 11.70 8.12 5.36
N TYR C 686 11.38 8.97 6.32
CA TYR C 686 10.43 8.57 7.32
C TYR C 686 9.60 9.70 7.86
N GLN C 687 8.60 9.36 8.64
CA GLN C 687 7.71 10.34 9.22
C GLN C 687 8.06 10.59 10.66
N TRP C 688 8.11 11.85 11.06
CA TRP C 688 8.50 12.23 12.38
C TRP C 688 7.50 13.22 12.94
N GLY C 689 7.64 13.51 14.22
CA GLY C 689 6.78 14.46 14.90
C GLY C 689 7.64 15.10 15.95
N GLN C 690 7.02 15.68 16.97
CA GLN C 690 7.79 16.34 18.01
C GLN C 690 8.73 15.43 18.78
N ALA C 691 8.30 14.23 19.12
CA ALA C 691 9.18 13.33 19.84
C ALA C 691 9.40 12.07 19.06
N ASN C 692 10.65 11.73 18.82
CA ASN C 692 10.95 10.64 17.93
C ASN C 692 12.00 9.72 18.49
N TYR C 693 11.97 8.47 18.08
CA TYR C 693 12.92 7.51 18.58
C TYR C 693 14.13 7.54 17.70
N ILE C 694 15.29 7.51 18.30
CA ILE C 694 16.51 7.50 17.52
C ILE C 694 17.48 6.54 18.16
N ARG C 695 18.14 5.72 17.35
CA ARG C 695 19.16 4.82 17.86
C ARG C 695 20.35 4.83 16.93
N ILE C 696 21.54 4.97 17.49
CA ILE C 696 22.78 5.13 16.73
C ILE C 696 23.71 3.96 16.96
N ASP C 697 24.14 3.32 15.89
CA ASP C 697 25.01 2.19 16.02
C ASP C 697 26.27 2.54 15.30
N PRO C 698 27.35 2.75 16.04
CA PRO C 698 28.62 2.97 15.37
C PRO C 698 28.92 1.68 14.67
N ALA C 699 29.86 1.69 13.76
CA ALA C 699 30.16 0.47 13.02
C ALA C 699 28.99 0.17 12.10
N ARG C 700 28.03 1.09 12.05
CA ARG C 700 27.09 1.12 10.96
C ARG C 700 27.04 2.56 10.48
N ALA C 701 26.68 3.47 11.38
CA ALA C 701 26.80 4.89 11.08
C ALA C 701 26.85 5.71 12.35
N VAL C 702 27.82 6.59 12.45
CA VAL C 702 27.99 7.34 13.68
C VAL C 702 27.11 8.55 13.73
N ALA C 703 26.36 8.81 12.68
CA ALA C 703 25.48 9.96 12.70
C ALA C 703 24.37 9.87 11.69
N HIS C 704 23.30 10.59 11.96
CA HIS C 704 22.19 10.69 11.05
C HIS C 704 22.15 12.12 10.61
N ILE C 705 22.34 12.38 9.33
CA ILE C 705 22.22 13.73 8.86
C ILE C 705 20.93 13.79 8.11
N ILE C 706 19.98 14.55 8.65
CA ILE C 706 18.61 14.46 8.27
C ILE C 706 18.17 15.69 7.54
N ASN C 707 17.54 15.55 6.39
CA ASN C 707 17.00 16.71 5.73
C ASN C 707 15.61 16.95 6.26
N MET C 708 15.30 18.17 6.67
CA MET C 708 14.04 18.45 7.33
C MET C 708 13.21 19.37 6.47
N PRO C 709 11.89 19.42 6.70
CA PRO C 709 11.04 20.26 5.86
C PRO C 709 11.46 21.69 5.89
N ALA C 710 11.46 22.36 4.76
CA ALA C 710 11.98 23.68 4.67
C ALA C 710 11.29 24.67 5.55
N VAL C 711 12.06 25.48 6.25
CA VAL C 711 11.51 26.53 7.09
C VAL C 711 10.69 27.47 6.25
N PRO C 712 9.43 27.69 6.62
CA PRO C 712 8.52 28.51 5.84
C PRO C 712 9.04 29.89 5.62
N TYR C 713 8.32 30.73 4.91
CA TYR C 713 8.72 32.12 4.77
C TYR C 713 8.44 32.89 6.08
N GLU C 714 9.04 32.39 7.13
CA GLU C 714 9.18 33.03 8.43
C GLU C 714 10.65 32.82 8.75
N SER C 715 11.41 32.65 7.68
CA SER C 715 12.84 32.45 7.76
C SER C 715 13.45 33.69 8.36
N ARG C 716 13.00 34.84 7.89
CA ARG C 716 13.60 36.10 8.28
C ARG C 716 13.51 36.34 9.77
N ASN C 717 12.39 35.99 10.37
CA ASN C 717 12.23 36.26 11.77
C ASN C 717 12.84 35.19 12.67
N THR C 718 13.07 33.98 12.18
CA THR C 718 13.71 32.98 13.02
C THR C 718 15.20 33.26 13.08
N LEU C 719 15.62 34.33 12.41
CA LEU C 719 17.00 34.77 12.41
C LEU C 719 17.19 35.95 13.33
N LEU C 720 16.08 36.49 13.84
CA LEU C 720 16.08 37.74 14.60
C LEU C 720 17.17 37.76 15.67
N ARG C 721 17.64 38.97 15.98
CA ARG C 721 18.70 39.27 16.94
C ARG C 721 20.08 39.14 16.32
N PRO D 37 49.78 51.51 16.47
CA PRO D 37 48.92 52.45 17.21
C PRO D 37 47.44 52.01 17.23
N GLY D 38 46.81 51.76 18.38
CA GLY D 38 47.32 51.30 19.66
C GLY D 38 48.29 50.15 19.83
N ARG D 39 49.49 50.41 20.36
CA ARG D 39 50.47 49.33 20.54
C ARG D 39 50.02 48.24 21.51
N VAL D 40 49.38 48.63 22.60
CA VAL D 40 48.92 47.64 23.55
C VAL D 40 47.41 47.65 23.55
N GLU D 41 46.80 46.48 23.45
CA GLU D 41 45.38 46.44 23.24
C GLU D 41 44.60 46.67 24.51
N ILE D 42 43.64 47.58 24.44
CA ILE D 42 42.75 47.87 25.54
C ILE D 42 41.34 47.84 25.06
N ASP D 43 40.53 46.96 25.61
CA ASP D 43 39.22 46.71 25.05
C ASP D 43 38.26 46.29 26.16
N ASP D 44 36.97 46.31 25.86
CA ASP D 44 35.96 45.83 26.79
C ASP D 44 36.06 46.57 28.10
N VAL D 45 36.30 47.87 28.03
CA VAL D 45 36.38 48.68 29.23
C VAL D 45 35.03 48.80 29.87
N ALA D 46 34.98 48.84 31.21
CA ALA D 46 33.73 49.05 31.93
C ALA D 46 33.98 49.86 33.18
N PRO D 47 33.04 50.70 33.60
CA PRO D 47 31.68 50.87 33.09
C PRO D 47 31.53 51.90 32.01
N VAL D 48 30.94 51.50 30.90
CA VAL D 48 30.60 52.45 29.86
C VAL D 48 29.15 52.23 29.54
N VAL D 49 28.45 53.31 29.30
CA VAL D 49 27.02 53.27 29.09
C VAL D 49 26.72 53.74 27.69
N SER D 50 25.95 52.95 26.94
CA SER D 50 25.62 53.29 25.57
C SER D 50 26.87 53.66 24.82
N CYS D 51 27.91 52.87 25.05
CA CYS D 51 29.18 53.04 24.37
C CYS D 51 29.72 54.45 24.51
N GLY D 52 29.46 55.06 25.65
CA GLY D 52 30.03 56.35 25.98
C GLY D 52 29.19 57.57 25.73
N VAL D 53 28.00 57.39 25.22
CA VAL D 53 27.15 58.54 24.98
C VAL D 53 26.77 59.21 26.28
N TYR D 54 26.46 58.40 27.28
CA TYR D 54 25.99 58.87 28.56
C TYR D 54 26.96 58.51 29.67
N PRO D 55 27.14 59.40 30.63
CA PRO D 55 28.04 59.07 31.72
C PRO D 55 27.47 58.03 32.67
N ALA D 56 28.34 57.27 33.30
CA ALA D 56 27.93 56.27 34.26
C ALA D 56 27.55 56.94 35.55
N LYS D 57 26.88 56.22 36.43
CA LYS D 57 26.39 56.77 37.68
C LYS D 57 27.13 56.28 38.91
N ALA D 58 27.38 57.19 39.83
CA ALA D 58 27.97 56.85 41.10
C ALA D 58 27.66 57.96 42.06
N VAL D 59 27.88 57.75 43.35
CA VAL D 59 27.73 58.79 44.37
C VAL D 59 28.97 58.94 45.20
N VAL D 60 29.02 59.99 45.99
CA VAL D 60 30.19 60.23 46.80
C VAL D 60 30.42 59.12 47.83
N GLY D 61 31.64 58.66 47.89
CA GLY D 61 32.01 57.61 48.80
C GLY D 61 31.55 56.24 48.37
N GLU D 62 31.23 56.09 47.10
CA GLU D 62 30.83 54.79 46.57
C GLU D 62 32.02 54.18 45.90
N VAL D 63 32.25 52.90 46.09
CA VAL D 63 33.36 52.28 45.43
C VAL D 63 32.97 51.95 44.01
N VAL D 64 33.67 52.52 43.05
CA VAL D 64 33.38 52.24 41.66
C VAL D 64 34.39 51.30 41.10
N PRO D 65 33.95 50.11 40.71
CA PRO D 65 34.86 49.11 40.19
C PRO D 65 35.03 49.28 38.72
N VAL D 66 36.26 49.25 38.24
CA VAL D 66 36.56 49.47 36.84
C VAL D 66 37.28 48.27 36.32
N SER D 67 37.00 47.85 35.10
CA SER D 67 37.67 46.69 34.55
C SER D 67 37.91 46.86 33.08
N ALA D 68 38.93 46.20 32.57
CA ALA D 68 39.29 46.32 31.18
C ALA D 68 40.11 45.14 30.74
N ALA D 69 40.25 44.95 29.44
CA ALA D 69 41.04 43.85 28.97
C ALA D 69 42.27 44.42 28.35
N VAL D 70 43.43 44.03 28.85
CA VAL D 70 44.67 44.56 28.32
C VAL D 70 45.62 43.44 27.97
N TRP D 71 46.13 43.44 26.75
CA TRP D 71 47.01 42.37 26.33
C TRP D 71 48.01 42.82 25.30
N ARG D 72 49.03 42.01 25.10
CA ARG D 72 50.11 42.33 24.18
C ARG D 72 50.73 41.05 23.68
N GLU D 73 51.79 41.17 22.90
CA GLU D 73 52.44 40.01 22.29
C GLU D 73 53.02 39.02 23.28
N GLY D 74 52.88 37.73 22.97
CA GLY D 74 53.59 36.69 23.67
C GLY D 74 53.42 36.59 25.17
N HIS D 75 54.42 36.04 25.84
CA HIS D 75 54.41 35.89 27.28
C HIS D 75 55.11 37.06 27.94
N GLU D 76 55.40 38.09 27.18
CA GLU D 76 55.95 39.32 27.73
C GLU D 76 54.92 39.95 28.65
N ALA D 77 55.32 40.30 29.86
CA ALA D 77 54.38 40.77 30.87
C ALA D 77 53.76 42.10 30.53
N VAL D 78 52.57 42.31 31.03
CA VAL D 78 51.85 43.54 30.75
C VAL D 78 51.21 44.00 32.03
N ALA D 79 51.00 45.30 32.16
CA ALA D 79 50.37 45.85 33.34
C ALA D 79 49.52 47.04 32.94
N ALA D 80 48.55 47.37 33.79
CA ALA D 80 47.70 48.48 33.46
C ALA D 80 47.54 49.39 34.63
N THR D 81 47.32 50.66 34.34
CA THR D 81 47.15 51.68 35.34
C THR D 81 45.82 52.37 35.12
N LEU D 82 45.00 52.44 36.16
CA LEU D 82 43.72 53.11 36.04
C LEU D 82 43.91 54.57 36.36
N VAL D 83 43.57 55.44 35.42
CA VAL D 83 43.83 56.85 35.55
C VAL D 83 42.57 57.63 35.83
N VAL D 84 42.45 58.21 37.01
CA VAL D 84 41.26 58.95 37.37
C VAL D 84 41.54 60.43 37.43
N ARG D 85 40.62 61.22 36.91
CA ARG D 85 40.76 62.66 36.90
C ARG D 85 39.42 63.25 37.28
N TYR D 86 39.42 64.26 38.13
CA TYR D 86 38.19 64.94 38.51
C TYR D 86 38.07 66.27 37.82
N LEU D 87 37.04 66.44 37.01
CA LEU D 87 36.86 67.71 36.32
C LEU D 87 36.04 68.58 37.24
N GLY D 88 35.40 69.61 36.71
CA GLY D 88 34.68 70.53 37.57
C GLY D 88 33.36 70.01 38.05
N VAL D 89 32.38 70.90 38.13
CA VAL D 89 31.02 70.49 38.32
C VAL D 89 30.44 70.31 36.93
N ARG D 90 30.42 71.38 36.16
CA ARG D 90 29.99 71.25 34.77
C ARG D 90 28.68 70.48 34.67
N TYR D 91 28.70 69.49 33.78
CA TYR D 91 27.68 68.52 33.42
C TYR D 91 27.72 68.48 31.91
N PRO D 92 27.60 67.28 31.35
CA PRO D 92 27.63 66.94 29.93
C PRO D 92 26.70 67.72 29.01
N HIS D 93 26.92 67.53 27.72
CA HIS D 93 26.17 68.14 26.63
C HIS D 93 24.66 68.14 26.87
N LYS D 114 48.51 66.34 38.65
CA LYS D 114 47.06 66.54 38.70
C LYS D 114 46.19 65.28 38.46
N PRO D 115 46.74 64.22 37.85
CA PRO D 115 45.83 63.08 37.77
C PRO D 115 46.06 62.10 38.89
N LEU D 116 45.12 61.20 39.10
CA LEU D 116 45.22 60.18 40.13
C LEU D 116 45.45 58.82 39.52
N LEU D 117 46.53 58.16 39.91
CA LEU D 117 46.86 56.88 39.30
C LEU D 117 46.67 55.73 40.24
N ILE D 118 45.92 54.73 39.81
CA ILE D 118 45.64 53.56 40.61
C ILE D 118 46.06 52.32 39.87
N PRO D 119 46.95 51.53 40.43
CA PRO D 119 47.36 50.35 39.69
C PRO D 119 46.28 49.27 39.71
N MET D 120 46.18 48.53 38.61
CA MET D 120 45.15 47.52 38.42
C MET D 120 45.78 46.17 38.49
N THR D 121 45.02 45.17 38.91
CA THR D 121 45.60 43.85 39.10
C THR D 121 44.91 42.79 38.29
N SER D 122 45.69 41.91 37.72
CA SER D 122 45.19 40.79 36.94
C SER D 122 44.52 39.84 37.89
N GLY D 123 43.70 38.95 37.36
CA GLY D 123 42.98 38.05 38.24
C GLY D 123 42.73 36.70 37.61
N GLN D 124 41.52 36.21 37.84
CA GLN D 124 41.11 34.90 37.39
C GLN D 124 41.11 34.81 35.87
N GLU D 125 40.40 35.73 35.24
CA GLU D 125 40.30 35.78 33.79
C GLU D 125 41.56 36.33 33.17
N PRO D 126 42.18 35.57 32.27
CA PRO D 126 43.43 36.02 31.67
C PRO D 126 43.26 37.33 30.94
N PHE D 127 44.22 38.22 31.08
CA PHE D 127 44.27 39.46 30.34
C PHE D 127 43.26 40.48 30.80
N VAL D 128 42.44 40.13 31.79
CA VAL D 128 41.43 41.06 32.29
C VAL D 128 41.91 41.73 33.54
N PHE D 129 41.87 43.06 33.58
CA PHE D 129 42.43 43.77 34.71
C PHE D 129 41.35 44.49 35.46
N HIS D 130 41.49 44.56 36.77
CA HIS D 130 40.48 45.12 37.63
C HIS D 130 40.98 46.30 38.42
N GLY D 131 40.11 47.25 38.69
CA GLY D 131 40.48 48.48 39.39
C GLY D 131 39.32 49.12 40.12
N GLN D 132 39.62 50.15 40.88
CA GLN D 132 38.64 50.83 41.69
C GLN D 132 38.97 52.29 41.91
N PHE D 133 37.97 53.13 42.13
CA PHE D 133 38.24 54.47 42.61
C PHE D 133 37.03 54.96 43.36
N THR D 134 37.25 55.78 44.37
CA THR D 134 36.14 56.29 45.17
C THR D 134 36.05 57.79 45.14
N PRO D 135 35.04 58.32 44.45
CA PRO D 135 34.84 59.74 44.24
C PRO D 135 34.55 60.43 45.53
N ASP D 136 35.20 61.54 45.81
CA ASP D 136 34.99 62.20 47.08
C ASP D 136 34.30 63.54 46.96
N ARG D 137 34.03 63.97 45.73
CA ARG D 137 33.36 65.24 45.50
C ARG D 137 32.25 65.07 44.49
N VAL D 138 31.17 65.84 44.60
CA VAL D 138 30.12 65.82 43.60
C VAL D 138 30.62 66.35 42.27
N GLY D 139 30.16 65.80 41.16
CA GLY D 139 30.62 66.32 39.89
C GLY D 139 30.92 65.26 38.85
N LEU D 140 31.63 65.66 37.80
CA LEU D 140 31.94 64.77 36.70
C LEU D 140 33.35 64.24 36.78
N TRP D 141 33.49 62.93 36.80
CA TRP D 141 34.80 62.33 36.90
C TRP D 141 35.16 61.64 35.60
N THR D 142 36.45 61.41 35.39
CA THR D 142 36.91 60.73 34.19
C THR D 142 37.83 59.60 34.54
N PHE D 143 37.78 58.52 33.77
CA PHE D 143 38.74 57.46 33.97
C PHE D 143 39.11 56.88 32.63
N ARG D 144 40.29 56.30 32.55
CA ARG D 144 40.71 55.62 31.35
C ARG D 144 41.70 54.59 31.82
N VAL D 145 41.94 53.56 31.04
CA VAL D 145 42.91 52.57 31.44
C VAL D 145 44.15 52.70 30.58
N ASP D 146 45.32 52.77 31.20
CA ASP D 146 46.55 52.87 30.44
C ASP D 146 47.25 51.54 30.52
N GLY D 147 47.72 51.05 29.40
CA GLY D 147 48.33 49.74 29.38
C GLY D 147 49.79 49.92 29.03
N TRP D 148 50.64 49.11 29.63
CA TRP D 148 52.05 49.23 29.37
C TRP D 148 52.71 47.90 29.52
N GLY D 149 53.93 47.77 29.00
CA GLY D 149 54.65 46.53 29.14
C GLY D 149 55.66 46.74 30.24
N ASP D 150 55.63 45.83 31.21
CA ASP D 150 56.49 45.89 32.37
C ASP D 150 57.68 44.95 32.17
N PRO D 151 58.84 45.49 31.74
CA PRO D 151 59.98 44.65 31.40
C PRO D 151 60.56 43.96 32.61
N ILE D 152 60.51 44.65 33.74
CA ILE D 152 61.10 44.12 34.96
C ILE D 152 60.48 42.79 35.35
N HIS D 153 59.15 42.74 35.34
CA HIS D 153 58.44 41.54 35.76
C HIS D 153 58.81 40.38 34.89
N THR D 154 58.91 40.59 33.59
CA THR D 154 59.25 39.50 32.69
C THR D 154 60.60 38.94 33.11
N TRP D 155 61.55 39.85 33.27
CA TRP D 155 62.93 39.49 33.55
C TRP D 155 63.06 38.78 34.87
N ARG D 156 62.38 39.32 35.87
CA ARG D 156 62.43 38.77 37.20
C ARG D 156 61.88 37.36 37.18
N HIS D 157 60.65 37.21 36.70
CA HIS D 157 59.97 35.94 36.73
C HIS D 157 60.72 34.88 35.96
N GLY D 158 61.30 35.28 34.84
CA GLY D 158 62.11 34.37 34.04
C GLY D 158 63.38 33.92 34.76
N LEU D 159 64.03 34.87 35.43
CA LEU D 159 65.25 34.56 36.16
C LEU D 159 64.99 33.66 37.37
N ILE D 160 63.88 33.92 38.05
CA ILE D 160 63.51 33.09 39.19
C ILE D 160 63.35 31.63 38.78
N ALA D 161 62.80 31.42 37.59
CA ALA D 161 62.66 30.06 37.05
C ALA D 161 64.05 29.47 36.85
N LYS D 162 64.95 30.29 36.33
CA LYS D 162 66.32 29.90 36.10
C LYS D 162 67.13 29.73 37.39
N LEU D 163 66.75 30.40 38.46
CA LEU D 163 67.54 30.34 39.71
C LEU D 163 67.64 28.94 40.28
N ASP D 164 66.61 28.12 40.15
CA ASP D 164 66.66 26.78 40.71
C ASP D 164 67.69 25.87 40.02
N ALA D 165 67.88 26.06 38.72
CA ALA D 165 68.86 25.27 37.96
C ALA D 165 70.20 25.98 37.73
N GLY D 166 70.57 26.86 38.66
CA GLY D 166 71.85 27.57 38.62
C GLY D 166 72.30 28.16 37.30
N GLU D 171 77.93 31.70 31.98
CA GLU D 171 77.04 30.57 32.21
C GLU D 171 75.59 30.93 31.90
N LEU D 172 74.77 31.06 32.93
CA LEU D 172 73.44 31.65 32.77
C LEU D 172 73.68 33.15 32.64
N SER D 173 74.90 33.54 33.01
CA SER D 173 75.47 34.89 32.94
C SER D 173 74.81 35.95 32.05
N ASN D 174 74.03 35.51 31.07
CA ASN D 174 73.52 36.44 30.08
C ASN D 174 72.38 37.33 30.58
N ASP D 175 71.38 36.72 31.21
CA ASP D 175 70.18 37.41 31.63
C ASP D 175 70.53 38.48 32.65
N LEU D 176 71.52 38.17 33.46
CA LEU D 176 71.94 39.02 34.55
C LEU D 176 72.39 40.39 34.08
N LEU D 177 73.18 40.45 33.01
CA LEU D 177 73.57 41.75 32.49
C LEU D 177 72.34 42.55 32.05
N VAL D 178 71.37 41.83 31.49
CA VAL D 178 70.16 42.47 31.00
C VAL D 178 69.39 43.11 32.13
N GLY D 179 69.36 42.45 33.28
CA GLY D 179 68.70 43.03 34.42
C GLY D 179 69.39 44.33 34.75
N ALA D 180 70.71 44.28 34.78
CA ALA D 180 71.48 45.44 35.20
C ALA D 180 71.23 46.66 34.34
N VAL D 181 70.87 46.48 33.07
CA VAL D 181 70.65 47.64 32.25
C VAL D 181 69.20 48.06 32.45
N LEU D 182 68.41 47.17 33.02
CA LEU D 182 67.02 47.51 33.27
C LEU D 182 66.97 48.40 34.49
N LEU D 183 67.46 47.93 35.62
CA LEU D 183 67.35 48.72 36.83
C LEU D 183 68.05 50.07 36.65
N GLU D 184 69.15 50.10 35.90
CA GLU D 184 69.79 51.38 35.59
C GLU D 184 68.83 52.27 34.85
N ARG D 185 68.25 51.73 33.79
CA ARG D 185 67.28 52.45 33.00
C ARG D 185 66.07 52.74 33.86
N ALA D 186 65.76 51.82 34.75
CA ALA D 186 64.67 52.03 35.68
C ALA D 186 65.01 53.18 36.58
N ALA D 187 66.27 53.25 36.99
CA ALA D 187 66.68 54.28 37.92
C ALA D 187 66.57 55.69 37.36
N THR D 188 66.87 55.89 36.08
CA THR D 188 66.87 57.24 35.52
C THR D 188 65.50 57.90 35.58
N GLY D 189 64.49 57.09 35.32
CA GLY D 189 63.11 57.51 35.30
C GLY D 189 62.63 57.83 36.69
N VAL D 190 63.34 57.29 37.67
CA VAL D 190 63.02 57.53 39.06
C VAL D 190 64.06 58.43 39.79
N PRO D 191 64.09 59.73 39.48
CA PRO D 191 65.15 60.69 39.86
C PRO D 191 65.17 61.29 41.28
N ARG D 192 66.20 60.99 42.08
CA ARG D 192 66.52 61.65 43.36
C ARG D 192 67.51 60.83 44.18
N GLY D 193 67.54 61.05 45.50
CA GLY D 193 68.51 60.41 46.37
C GLY D 193 68.10 59.03 46.81
N LEU D 194 66.84 58.68 46.58
CA LEU D 194 66.35 57.36 46.96
C LEU D 194 66.54 56.52 45.71
N ARG D 195 67.11 57.14 44.69
CA ARG D 195 67.28 56.45 43.42
C ARG D 195 68.48 55.55 43.35
N ASP D 196 69.29 55.54 44.40
CA ASP D 196 70.56 54.86 44.27
C ASP D 196 70.53 53.35 44.56
N PRO D 197 69.67 52.84 45.49
CA PRO D 197 69.89 51.42 45.80
C PRO D 197 69.63 50.55 44.57
N LEU D 198 68.95 51.13 43.58
CA LEU D 198 68.80 50.50 42.29
C LEU D 198 70.18 50.43 41.66
N LEU D 199 70.93 51.53 41.69
CA LEU D 199 72.31 51.51 41.19
C LEU D 199 73.14 50.49 41.95
N ALA D 200 72.77 50.23 43.20
CA ALA D 200 73.38 49.13 43.94
C ALA D 200 73.01 47.83 43.24
N ALA D 201 71.76 47.73 42.85
CA ALA D 201 71.28 46.62 42.03
C ALA D 201 71.90 46.74 40.63
N ALA D 202 72.25 47.94 40.19
CA ALA D 202 72.88 48.10 38.87
C ALA D 202 74.23 47.42 38.95
N ALA D 203 74.70 47.28 40.18
CA ALA D 203 75.87 46.51 40.49
C ALA D 203 75.30 45.22 41.04
N ALA D 204 74.39 44.61 40.30
CA ALA D 204 73.91 43.27 40.66
C ALA D 204 74.45 42.14 39.80
N LEU D 205 75.42 42.40 38.93
CA LEU D 205 76.19 41.33 38.26
C LEU D 205 77.06 41.83 37.14
N ARG D 206 77.58 43.03 37.30
CA ARG D 206 78.56 43.53 36.39
C ARG D 206 79.74 42.67 36.81
N THR D 207 79.90 42.57 38.13
CA THR D 207 80.87 41.70 38.76
C THR D 207 80.56 40.22 38.56
N PRO D 208 81.53 39.47 38.06
CA PRO D 208 81.43 38.03 37.80
C PRO D 208 81.11 37.24 39.07
N GLY D 209 80.48 36.08 38.92
CA GLY D 209 80.26 35.24 40.07
C GLY D 209 79.21 34.16 39.98
N ASP D 210 78.85 33.65 41.16
CA ASP D 210 77.82 32.64 41.35
C ASP D 210 76.47 33.25 41.01
N PRO D 211 75.44 32.41 40.86
CA PRO D 211 74.14 33.04 40.61
C PRO D 211 73.68 33.91 41.78
N VAL D 212 73.74 33.38 43.00
CA VAL D 212 73.22 34.09 44.16
C VAL D 212 74.00 35.38 44.46
N THR D 213 75.21 35.47 43.91
CA THR D 213 76.13 36.61 44.09
C THR D 213 75.53 37.95 44.34
N ARG D 214 74.55 38.30 43.52
CA ARG D 214 74.04 39.65 43.52
C ARG D 214 72.55 39.65 43.22
N THR D 215 72.00 38.46 42.95
CA THR D 215 70.56 38.28 42.86
C THR D 215 69.99 38.55 44.25
N ALA D 216 70.90 38.57 45.22
CA ALA D 216 70.60 38.97 46.60
C ALA D 216 69.62 40.14 46.63
N LEU D 217 69.91 41.19 45.87
CA LEU D 217 69.06 42.36 45.92
C LEU D 217 68.07 42.39 44.76
N ALA D 218 67.61 41.20 44.37
CA ALA D 218 66.57 41.07 43.36
C ALA D 218 65.24 40.76 44.04
N LEU D 219 65.24 39.79 44.94
CA LEU D 219 64.03 39.39 45.64
C LEU D 219 63.74 40.22 46.88
N THR D 220 64.62 41.17 47.22
CA THR D 220 64.37 41.95 48.44
C THR D 220 63.05 42.66 48.38
N PRO D 221 62.22 42.45 49.42
CA PRO D 221 60.91 43.09 49.48
C PRO D 221 61.04 44.61 49.44
N GLU D 222 62.26 45.12 49.43
CA GLU D 222 62.48 46.55 49.37
C GLU D 222 62.38 47.07 47.95
N ILE D 223 62.74 46.26 46.96
CA ILE D 223 62.72 46.74 45.59
C ILE D 223 61.39 46.48 44.94
N GLU D 224 60.50 45.86 45.68
CA GLU D 224 59.15 45.73 45.18
C GLU D 224 58.62 47.13 45.37
N GLU D 225 58.84 47.65 46.57
CA GLU D 225 58.30 48.95 46.94
C GLU D 225 58.82 50.15 46.18
N LEU D 226 60.11 50.26 45.88
CA LEU D 226 60.50 51.45 45.13
C LEU D 226 59.94 51.35 43.72
N LEU D 227 60.08 50.18 43.13
CA LEU D 227 59.60 49.98 41.77
C LEU D 227 58.09 50.10 41.71
N ALA D 228 57.41 49.66 42.75
CA ALA D 228 55.96 49.83 42.80
C ALA D 228 55.61 51.31 42.78
N ASP D 229 56.32 52.09 43.58
CA ASP D 229 56.06 53.52 43.66
C ASP D 229 56.36 54.21 42.35
N TYR D 230 57.49 53.88 41.75
CA TYR D 230 57.81 54.40 40.43
C TYR D 230 58.15 53.22 39.53
N PRO D 231 57.32 52.95 38.53
CA PRO D 231 57.55 51.74 37.76
C PRO D 231 58.25 52.03 36.45
N LEU D 232 58.90 51.03 35.88
CA LEU D 232 59.53 51.20 34.59
C LEU D 232 58.54 50.75 33.54
N ARG D 233 57.96 51.70 32.81
CA ARG D 233 56.89 51.36 31.88
C ARG D 233 57.30 51.49 30.42
N ASP D 234 56.94 50.48 29.64
CA ASP D 234 57.25 50.45 28.21
C ASP D 234 55.98 50.41 27.40
N LEU D 235 56.03 51.00 26.22
CA LEU D 235 54.94 50.89 25.28
C LEU D 235 53.66 51.44 25.86
N VAL D 236 53.76 52.48 26.65
CA VAL D 236 52.57 53.01 27.30
C VAL D 236 51.53 53.39 26.28
N THR D 237 50.30 52.95 26.50
CA THR D 237 49.21 53.18 25.57
C THR D 237 47.98 53.72 26.26
N ARG D 238 47.34 54.72 25.68
CA ARG D 238 46.21 55.33 26.36
C ARG D 238 44.90 54.71 25.95
N GLY D 239 44.08 54.39 26.92
CA GLY D 239 42.78 53.83 26.66
C GLY D 239 41.83 54.96 26.41
N GLU D 240 40.60 54.63 26.03
CA GLU D 240 39.60 55.67 25.82
C GLU D 240 39.20 56.24 27.14
N GLN D 241 38.68 57.46 27.14
CA GLN D 241 38.28 58.10 28.38
C GLN D 241 36.79 58.10 28.56
N PHE D 242 36.34 57.64 29.71
CA PHE D 242 34.92 57.58 29.98
C PHE D 242 34.59 58.37 31.21
N GLY D 243 33.32 58.70 31.39
CA GLY D 243 32.96 59.59 32.47
C GLY D 243 31.96 59.04 33.44
N VAL D 244 32.07 59.50 34.67
CA VAL D 244 31.15 59.12 35.71
C VAL D 244 30.56 60.36 36.26
N TRP D 245 29.28 60.41 36.49
CA TRP D 245 28.72 61.57 37.10
C TRP D 245 28.36 61.24 38.53
N VAL D 246 29.05 61.88 39.46
CA VAL D 246 28.85 61.61 40.86
C VAL D 246 27.87 62.56 41.50
N ASP D 247 26.92 62.03 42.24
CA ASP D 247 25.88 62.80 42.89
C ASP D 247 26.03 62.74 44.41
N ARG D 248 25.27 63.52 45.15
CA ARG D 248 25.27 63.39 46.58
C ARG D 248 24.70 62.04 46.99
N PRO D 249 25.05 61.54 48.18
CA PRO D 249 24.69 60.19 48.55
C PRO D 249 23.23 59.90 48.56
N LEU D 250 22.41 60.93 48.69
CA LEU D 250 20.98 60.74 48.75
C LEU D 250 20.45 60.21 47.44
N ALA D 251 21.25 60.33 46.39
CA ALA D 251 20.84 59.82 45.09
C ALA D 251 20.67 58.32 45.12
N ARG D 252 21.45 57.66 45.95
CA ARG D 252 21.40 56.22 46.07
C ARG D 252 20.72 55.72 47.32
N PHE D 253 21.07 56.29 48.46
CA PHE D 253 20.58 55.78 49.71
C PHE D 253 19.73 56.79 50.47
N GLY D 254 18.42 56.55 50.52
CA GLY D 254 17.51 57.36 51.28
C GLY D 254 16.15 56.69 51.24
N ALA D 255 15.28 56.98 52.20
CA ALA D 255 13.98 56.33 52.18
C ALA D 255 12.88 57.34 52.00
N TRP D 256 11.86 56.99 51.26
CA TRP D 256 10.83 57.95 50.88
C TRP D 256 9.51 57.74 51.60
N TYR D 257 8.84 58.85 51.92
CA TYR D 257 7.51 58.81 52.48
C TYR D 257 6.64 59.69 51.65
N GLU D 258 5.53 59.17 51.16
CA GLU D 258 4.64 59.92 50.31
C GLU D 258 3.43 60.33 51.10
N MET D 259 3.20 61.63 51.25
CA MET D 259 2.07 62.10 52.02
C MET D 259 1.33 63.20 51.28
N PHE D 260 0.04 63.34 51.55
CA PHE D 260 -0.79 64.39 50.97
C PHE D 260 -0.95 65.53 51.94
N PRO D 261 -0.40 66.72 51.63
CA PRO D 261 -0.50 67.77 52.64
C PRO D 261 -1.93 68.07 53.04
N ARG D 262 -2.83 68.08 52.07
CA ARG D 262 -4.20 68.43 52.36
C ARG D 262 -4.88 67.48 53.33
N SER D 263 -4.46 66.22 53.36
CA SER D 263 -5.11 65.24 54.24
C SER D 263 -4.78 65.40 55.72
N THR D 264 -3.93 66.37 56.05
CA THR D 264 -3.56 66.57 57.45
C THR D 264 -4.51 67.49 58.19
N GLY D 265 -5.78 67.47 57.80
CA GLY D 265 -6.78 68.35 58.39
C GLY D 265 -7.43 67.92 59.68
N GLY D 266 -7.78 66.65 59.79
CA GLY D 266 -8.16 66.13 61.09
C GLY D 266 -9.59 66.30 61.55
N TRP D 267 -10.52 66.44 60.63
CA TRP D 267 -11.95 66.41 60.97
C TRP D 267 -12.43 67.66 61.72
N ASP D 268 -13.75 67.84 61.77
CA ASP D 268 -14.35 68.97 62.48
C ASP D 268 -15.25 68.35 63.52
N ASP D 269 -16.09 69.15 64.16
CA ASP D 269 -16.91 68.62 65.23
C ASP D 269 -17.86 67.53 64.73
N ASP D 270 -18.35 67.69 63.52
CA ASP D 270 -19.03 66.60 62.83
C ASP D 270 -17.91 65.73 62.28
N GLY D 271 -18.14 64.44 62.07
CA GLY D 271 -17.04 63.61 61.65
C GLY D 271 -16.67 63.80 60.19
N ASN D 272 -16.25 65.01 59.85
CA ASN D 272 -15.97 65.34 58.46
C ASN D 272 -14.58 65.85 58.22
N PRO D 273 -13.86 65.27 57.26
CA PRO D 273 -12.48 65.71 57.03
C PRO D 273 -12.40 67.20 56.74
N VAL D 274 -11.28 67.80 57.09
CA VAL D 274 -11.04 69.21 56.86
C VAL D 274 -9.81 69.41 56.01
N HIS D 275 -9.84 70.32 55.06
CA HIS D 275 -8.67 70.53 54.24
C HIS D 275 -7.53 71.00 55.12
N GLY D 276 -6.35 70.44 54.91
CA GLY D 276 -5.21 70.78 55.72
C GLY D 276 -4.45 71.91 55.07
N THR D 277 -3.34 72.28 55.69
CA THR D 277 -2.51 73.34 55.18
C THR D 277 -1.06 72.95 55.37
N PHE D 278 -0.15 73.69 54.76
CA PHE D 278 1.27 73.42 54.94
C PHE D 278 1.58 73.42 56.41
N ALA D 279 0.89 74.30 57.13
CA ALA D 279 1.07 74.44 58.56
C ALA D 279 0.73 73.15 59.26
N THR D 280 -0.43 72.59 59.00
CA THR D 280 -0.79 71.35 59.67
C THR D 280 0.05 70.18 59.20
N ALA D 281 0.38 70.19 57.92
CA ALA D 281 1.16 69.10 57.40
C ALA D 281 2.50 69.04 58.09
N ALA D 282 3.09 70.22 58.28
CA ALA D 282 4.41 70.30 58.88
C ALA D 282 4.41 69.70 60.27
N ALA D 283 3.25 69.69 60.91
CA ALA D 283 3.11 69.10 62.22
C ALA D 283 3.31 67.60 62.19
N GLU D 284 3.12 66.99 61.03
CA GLU D 284 3.23 65.56 60.92
C GLU D 284 4.63 65.10 60.56
N LEU D 285 5.50 66.05 60.29
CA LEU D 285 6.87 65.77 59.89
C LEU D 285 7.70 65.08 60.96
N PRO D 286 7.50 65.42 62.24
CA PRO D 286 8.35 64.69 63.18
C PRO D 286 8.09 63.21 63.11
N ARG D 287 6.83 62.82 63.14
CA ARG D 287 6.47 61.42 63.18
C ARG D 287 7.12 60.70 62.05
N ILE D 288 7.14 61.35 60.91
CA ILE D 288 7.71 60.80 59.70
C ILE D 288 9.18 60.63 59.87
N ALA D 289 9.85 61.65 60.36
CA ALA D 289 11.28 61.55 60.55
C ALA D 289 11.57 60.44 61.53
N GLY D 290 10.68 60.30 62.49
CA GLY D 290 10.79 59.32 63.54
C GLY D 290 10.90 57.92 63.00
N MET D 291 10.28 57.67 61.87
CA MET D 291 10.34 56.36 61.24
C MET D 291 11.58 56.19 60.40
N GLY D 292 12.39 57.21 60.29
CA GLY D 292 13.64 57.06 59.59
C GLY D 292 13.67 57.43 58.13
N PHE D 293 12.61 58.05 57.63
CA PHE D 293 12.59 58.49 56.26
C PHE D 293 13.43 59.74 56.03
N ASP D 294 14.15 59.74 54.91
CA ASP D 294 15.00 60.87 54.57
C ASP D 294 14.38 61.84 53.58
N VAL D 295 13.32 61.42 52.91
CA VAL D 295 12.66 62.26 51.90
C VAL D 295 11.16 62.22 52.00
N VAL D 296 10.52 63.37 51.91
CA VAL D 296 9.06 63.44 51.92
C VAL D 296 8.58 63.84 50.56
N TYR D 297 7.78 63.00 49.95
CA TYR D 297 7.33 63.25 48.60
C TYR D 297 5.89 63.71 48.63
N LEU D 298 5.63 64.83 47.99
CA LEU D 298 4.34 65.46 48.02
C LEU D 298 3.70 65.45 46.65
N PRO D 299 2.46 64.98 46.55
CA PRO D 299 1.71 65.15 45.31
C PRO D 299 1.65 66.63 45.01
N PRO D 300 1.33 67.00 43.78
CA PRO D 300 1.48 68.40 43.42
C PRO D 300 0.79 69.33 44.38
N ILE D 301 1.45 70.43 44.73
CA ILE D 301 0.92 71.37 45.67
C ILE D 301 0.26 72.53 44.98
N HIS D 302 0.01 72.39 43.69
CA HIS D 302 -0.53 73.50 42.91
C HIS D 302 -2.04 73.54 42.94
N PRO D 303 -2.63 74.66 42.50
CA PRO D 303 -4.08 74.80 42.42
C PRO D 303 -4.70 73.77 41.53
N ILE D 304 -5.84 73.24 41.92
CA ILE D 304 -6.49 72.20 41.15
C ILE D 304 -7.55 72.80 40.26
N GLY D 305 -7.57 72.37 39.01
CA GLY D 305 -8.53 72.90 38.06
C GLY D 305 -9.94 72.70 38.52
N LYS D 306 -10.80 73.63 38.13
CA LYS D 306 -12.22 73.56 38.47
C LYS D 306 -13.02 73.00 37.29
N VAL D 307 -12.39 72.87 36.13
CA VAL D 307 -13.10 72.36 34.96
C VAL D 307 -12.89 70.88 34.80
N HIS D 308 -13.99 70.14 34.71
CA HIS D 308 -13.97 68.70 34.53
C HIS D 308 -13.32 68.00 35.71
N ARG D 309 -13.29 68.67 36.85
CA ARG D 309 -12.68 68.13 38.07
C ARG D 309 -13.31 66.80 38.42
N LYS D 310 -12.49 65.85 38.85
CA LYS D 310 -12.97 64.51 39.12
C LYS D 310 -13.49 64.33 40.54
N GLY D 311 -14.51 63.49 40.71
CA GLY D 311 -15.11 63.28 42.02
C GLY D 311 -14.55 62.08 42.75
N ARG D 312 -15.11 61.78 43.91
CA ARG D 312 -14.67 60.68 44.74
C ARG D 312 -14.66 59.41 43.91
N ASN D 313 -13.65 58.57 44.11
CA ASN D 313 -13.56 57.29 43.39
C ASN D 313 -13.46 57.41 41.86
N ASN D 314 -12.82 58.46 41.38
CA ASN D 314 -12.58 58.68 39.96
C ASN D 314 -13.87 58.98 39.21
N SER D 315 -14.90 59.39 39.94
CA SER D 315 -16.16 59.76 39.31
C SER D 315 -15.93 60.89 38.33
N PRO D 316 -16.60 60.87 37.18
CA PRO D 316 -16.35 61.90 36.19
C PRO D 316 -16.82 63.29 36.62
N THR D 317 -17.92 63.36 37.36
CA THR D 317 -18.48 64.65 37.75
C THR D 317 -18.22 64.96 39.21
N ALA D 318 -17.74 66.16 39.48
CA ALA D 318 -17.36 66.56 40.83
C ALA D 318 -18.44 67.34 41.57
N ALA D 319 -18.73 66.94 42.81
CA ALA D 319 -19.66 67.68 43.65
C ALA D 319 -19.04 69.03 43.96
N PRO D 320 -19.81 70.00 44.48
CA PRO D 320 -19.22 71.32 44.69
C PRO D 320 -18.09 71.33 45.73
N THR D 321 -18.16 70.45 46.71
CA THR D 321 -17.18 70.43 47.79
C THR D 321 -15.97 69.52 47.51
N ASP D 322 -16.06 68.62 46.53
CA ASP D 322 -14.98 67.67 46.27
C ASP D 322 -13.71 68.42 45.91
N VAL D 323 -12.57 67.79 46.17
CA VAL D 323 -11.29 68.49 46.06
C VAL D 323 -10.56 68.32 44.74
N GLY D 324 -10.82 67.22 44.05
CA GLY D 324 -10.19 66.98 42.77
C GLY D 324 -8.76 66.47 42.91
N SER D 325 -8.19 65.94 41.84
CA SER D 325 -6.88 65.33 41.94
C SER D 325 -5.80 66.35 41.81
N PRO D 326 -4.82 66.29 42.70
CA PRO D 326 -3.73 67.25 42.70
C PRO D 326 -3.04 67.29 41.37
N TRP D 327 -3.18 66.23 40.60
CA TRP D 327 -2.50 66.16 39.31
C TRP D 327 -3.22 66.93 38.19
N ALA D 328 -4.43 67.40 38.46
CA ALA D 328 -5.12 68.31 37.55
C ALA D 328 -4.63 69.74 37.73
N ILE D 329 -3.38 69.97 37.37
CA ILE D 329 -2.73 71.21 37.73
C ILE D 329 -3.31 72.43 37.06
N GLY D 330 -3.42 73.51 37.81
CA GLY D 330 -3.78 74.80 37.23
C GLY D 330 -5.23 75.23 37.35
N SER D 331 -5.42 76.52 37.61
CA SER D 331 -6.74 77.13 37.68
C SER D 331 -6.57 78.63 37.55
N ASP D 332 -7.68 79.35 37.46
CA ASP D 332 -7.62 80.80 37.37
C ASP D 332 -6.82 81.37 38.53
N GLU D 333 -6.76 80.64 39.64
CA GLU D 333 -5.95 81.03 40.79
C GLU D 333 -4.46 80.99 40.50
N GLY D 334 -4.00 79.97 39.82
CA GLY D 334 -2.57 79.91 39.55
C GLY D 334 -2.12 78.71 38.75
N GLY D 335 -0.84 78.73 38.38
CA GLY D 335 -0.25 77.65 37.64
C GLY D 335 0.79 76.85 38.41
N HIS D 336 1.73 76.28 37.66
CA HIS D 336 2.77 75.46 38.23
C HIS D 336 3.70 76.20 39.15
N ASP D 337 3.69 77.51 39.10
CA ASP D 337 4.60 78.26 39.96
C ASP D 337 3.93 78.73 41.23
N THR D 338 2.65 78.41 41.39
CA THR D 338 1.93 78.91 42.55
C THR D 338 1.40 77.80 43.45
N VAL D 339 1.45 78.04 44.75
CA VAL D 339 0.89 77.12 45.72
C VAL D 339 -0.62 77.17 45.73
N HIS D 340 -1.25 76.01 45.80
CA HIS D 340 -2.69 75.94 45.91
C HIS D 340 -3.11 76.71 47.14
N PRO D 341 -4.00 77.69 46.99
CA PRO D 341 -4.30 78.65 48.06
C PRO D 341 -4.80 77.98 49.30
N SER D 342 -5.53 76.87 49.16
CA SER D 342 -6.04 76.18 50.34
C SER D 342 -4.92 75.70 51.24
N LEU D 343 -3.74 75.43 50.66
CA LEU D 343 -2.60 75.04 51.46
C LEU D 343 -1.98 76.20 52.19
N GLY D 344 -1.90 77.36 51.55
CA GLY D 344 -1.34 78.53 52.21
C GLY D 344 -0.55 79.41 51.28
N THR D 345 0.03 80.46 51.82
CA THR D 345 0.89 81.33 51.03
C THR D 345 2.17 80.58 50.72
N ILE D 346 2.95 81.05 49.78
CA ILE D 346 4.20 80.37 49.45
C ILE D 346 5.18 80.45 50.61
N ASP D 347 4.99 81.42 51.48
CA ASP D 347 5.84 81.51 52.65
C ASP D 347 5.60 80.27 53.51
N ASP D 348 4.35 79.81 53.55
CA ASP D 348 4.01 78.63 54.32
C ASP D 348 4.81 77.43 53.85
N PHE D 349 4.98 77.30 52.55
CA PHE D 349 5.77 76.23 51.99
C PHE D 349 7.19 76.34 52.51
N ASP D 350 7.76 77.54 52.37
CA ASP D 350 9.14 77.75 52.78
C ASP D 350 9.30 77.34 54.22
N ASP D 351 8.26 77.56 55.02
CA ASP D 351 8.25 77.18 56.43
C ASP D 351 8.21 75.67 56.57
N PHE D 352 7.44 75.01 55.72
CA PHE D 352 7.34 73.55 55.74
C PHE D 352 8.65 72.91 55.37
N VAL D 353 9.27 73.42 54.31
CA VAL D 353 10.56 72.92 53.89
C VAL D 353 11.55 73.06 55.03
N SER D 354 11.53 74.21 55.66
CA SER D 354 12.44 74.49 56.73
C SER D 354 12.21 73.53 57.88
N ALA D 355 10.95 73.16 58.10
CA ALA D 355 10.64 72.21 59.16
C ALA D 355 11.32 70.89 58.89
N ALA D 356 11.18 70.42 57.66
CA ALA D 356 11.73 69.14 57.28
C ALA D 356 13.23 69.16 57.44
N ARG D 357 13.85 70.22 56.98
CA ARG D 357 15.29 70.35 57.05
C ARG D 357 15.78 70.30 58.48
N ASP D 358 14.98 70.83 59.39
CA ASP D 358 15.33 70.82 60.80
C ASP D 358 15.37 69.39 61.28
N LEU D 359 14.54 68.55 60.70
CA LEU D 359 14.44 67.15 61.11
C LEU D 359 15.36 66.22 60.36
N GLY D 360 16.15 66.75 59.45
CA GLY D 360 17.06 65.93 58.69
C GLY D 360 16.49 65.43 57.39
N MET D 361 15.30 65.88 57.03
CA MET D 361 14.65 65.40 55.83
C MET D 361 14.70 66.37 54.64
N GLU D 362 14.21 65.89 53.50
CA GLU D 362 14.21 66.64 52.26
C GLU D 362 12.82 66.60 51.70
N VAL D 363 12.46 67.57 50.89
CA VAL D 363 11.12 67.60 50.31
C VAL D 363 11.23 67.29 48.84
N ALA D 364 10.39 66.40 48.34
CA ALA D 364 10.41 66.09 46.92
C ALA D 364 9.07 66.39 46.33
N LEU D 365 9.04 67.22 45.29
CA LEU D 365 7.77 67.65 44.71
C LEU D 365 7.47 66.93 43.41
N ASP D 366 6.20 66.71 43.14
CA ASP D 366 5.78 66.07 41.90
C ASP D 366 5.89 67.05 40.76
N LEU D 367 6.55 66.64 39.69
CA LEU D 367 6.65 67.47 38.52
C LEU D 367 5.85 66.79 37.44
N ALA D 368 4.67 67.31 37.18
CA ALA D 368 3.80 66.70 36.19
C ALA D 368 3.52 67.70 35.09
N LEU D 369 4.06 67.45 33.91
CA LEU D 369 3.91 68.40 32.82
C LEU D 369 2.61 68.14 32.08
N GLN D 370 1.54 68.68 32.65
CA GLN D 370 0.17 68.54 32.17
C GLN D 370 -0.58 69.78 32.57
N CYS D 371 -1.78 69.98 32.06
CA CYS D 371 -2.58 71.11 32.44
C CYS D 371 -4.05 70.76 32.54
N ALA D 372 -4.73 71.37 33.48
CA ALA D 372 -6.17 71.30 33.56
C ALA D 372 -6.68 72.39 32.65
N PRO D 373 -7.96 72.35 32.27
CA PRO D 373 -8.39 73.40 31.35
C PRO D 373 -8.24 74.83 31.88
N ASP D 374 -8.57 75.12 33.14
CA ASP D 374 -8.44 76.49 33.64
C ASP D 374 -7.02 76.94 33.84
N HIS D 375 -6.05 76.07 33.56
CA HIS D 375 -4.66 76.45 33.71
C HIS D 375 -4.41 77.65 32.85
N PRO D 376 -3.70 78.64 33.38
CA PRO D 376 -3.39 79.83 32.60
C PRO D 376 -2.79 79.52 31.24
N TRP D 377 -2.03 78.45 31.11
CA TRP D 377 -1.40 78.16 29.83
C TRP D 377 -2.45 77.89 28.75
N ALA D 378 -3.61 77.36 29.12
CA ALA D 378 -4.64 77.07 28.13
C ALA D 378 -5.07 78.32 27.35
N ARG D 379 -4.98 79.48 27.99
CA ARG D 379 -5.30 80.72 27.28
C ARG D 379 -4.00 81.43 26.91
N GLU D 380 -3.12 81.69 27.88
CA GLU D 380 -1.95 82.54 27.65
C GLU D 380 -1.06 82.00 26.55
N HIS D 381 -0.71 80.73 26.63
CA HIS D 381 0.05 80.14 25.55
C HIS D 381 -0.62 78.88 25.07
N ARG D 382 -1.28 78.92 23.92
CA ARG D 382 -2.06 77.77 23.49
C ARG D 382 -1.34 77.01 22.38
N GLN D 383 -0.25 77.58 21.89
CA GLN D 383 0.55 76.89 20.88
C GLN D 383 1.01 75.56 21.46
N TRP D 384 1.18 75.56 22.77
CA TRP D 384 1.72 74.43 23.50
C TRP D 384 0.84 73.21 23.58
N PHE D 385 -0.34 73.28 22.98
CA PHE D 385 -1.25 72.14 23.02
C PHE D 385 -1.61 71.68 21.62
N THR D 386 -2.13 70.47 21.51
CA THR D 386 -2.59 69.96 20.24
C THR D 386 -4.08 70.11 20.11
N GLU D 387 -4.51 71.15 19.39
CA GLU D 387 -5.92 71.50 19.28
C GLU D 387 -6.57 70.87 18.07
N LEU D 388 -7.76 70.31 18.29
CA LEU D 388 -8.48 69.59 17.27
C LEU D 388 -9.01 70.55 16.20
N PRO D 389 -9.66 70.03 15.15
CA PRO D 389 -10.21 70.97 14.17
C PRO D 389 -11.24 71.94 14.73
N ASP D 390 -12.08 71.50 15.65
CA ASP D 390 -13.07 72.37 16.24
C ASP D 390 -12.52 73.23 17.37
N GLY D 391 -11.20 73.24 17.52
CA GLY D 391 -10.55 74.13 18.45
C GLY D 391 -10.41 73.61 19.87
N THR D 392 -11.15 72.55 20.20
CA THR D 392 -11.02 71.92 21.51
C THR D 392 -9.71 71.20 21.58
N ILE D 393 -9.34 70.81 22.79
CA ILE D 393 -8.12 70.05 23.00
C ILE D 393 -8.44 68.70 23.60
N ALA D 394 -7.83 67.66 23.06
CA ALA D 394 -8.12 66.30 23.49
C ALA D 394 -7.63 66.08 24.90
N TYR D 395 -8.43 65.43 25.74
CA TYR D 395 -8.03 65.19 27.11
C TYR D 395 -6.92 64.16 27.12
N ALA D 396 -6.04 64.26 28.12
CA ALA D 396 -4.90 63.38 28.20
C ALA D 396 -5.30 61.93 28.31
N GLU D 397 -4.54 61.07 27.66
CA GLU D 397 -4.82 59.65 27.72
C GLU D 397 -3.54 58.86 27.79
N ASN D 398 -3.56 57.84 28.64
CA ASN D 398 -2.47 56.90 28.77
C ASN D 398 -3.08 55.51 28.84
N PRO D 399 -2.95 54.71 27.78
CA PRO D 399 -3.76 53.49 27.73
C PRO D 399 -3.41 52.51 28.85
N PRO D 400 -4.43 51.95 29.50
CA PRO D 400 -5.85 52.24 29.26
C PRO D 400 -6.38 53.34 30.16
N LYS D 401 -5.52 53.94 30.97
CA LYS D 401 -5.91 54.96 31.92
C LYS D 401 -6.45 56.16 31.15
N LYS D 402 -7.53 56.77 31.61
CA LYS D 402 -7.99 57.96 30.92
C LYS D 402 -8.01 59.15 31.88
N TYR D 403 -7.48 60.27 31.44
CA TYR D 403 -7.29 61.44 32.29
C TYR D 403 -8.14 62.62 31.83
N GLN D 404 -9.45 62.52 32.01
CA GLN D 404 -10.36 63.52 31.48
C GLN D 404 -10.14 64.92 32.04
N ASP D 405 -9.53 65.01 33.20
CA ASP D 405 -9.35 66.30 33.83
C ASP D 405 -8.13 67.07 33.36
N ILE D 406 -7.35 66.54 32.43
CA ILE D 406 -6.17 67.27 31.99
C ILE D 406 -5.85 67.27 30.50
N TYR D 407 -5.01 68.20 30.09
CA TYR D 407 -4.57 68.32 28.70
C TYR D 407 -3.11 67.97 28.62
N PRO D 408 -2.73 67.09 27.69
CA PRO D 408 -1.31 66.82 27.49
C PRO D 408 -0.66 67.98 26.78
N LEU D 409 0.60 68.28 27.05
CA LEU D 409 1.26 69.36 26.34
C LEU D 409 1.74 68.91 24.99
N ASN D 410 2.10 69.88 24.15
CA ASN D 410 2.67 69.57 22.85
C ASN D 410 4.06 70.18 22.75
N PHE D 411 5.08 69.34 22.70
CA PHE D 411 6.43 69.84 22.77
C PHE D 411 7.02 70.19 21.41
N ASP D 412 6.27 69.97 20.35
CA ASP D 412 6.81 70.20 19.02
C ASP D 412 6.49 71.56 18.38
N ASN D 413 5.30 72.10 18.65
CA ASN D 413 4.91 73.39 18.08
C ASN D 413 5.83 74.52 18.49
N ASP D 414 6.07 74.66 19.79
CA ASP D 414 6.92 75.72 20.28
C ASP D 414 7.92 75.17 21.26
N PRO D 415 8.92 74.47 20.75
CA PRO D 415 9.84 73.81 21.64
C PRO D 415 10.58 74.79 22.54
N GLU D 416 11.40 75.68 22.00
CA GLU D 416 12.20 76.54 22.87
C GLU D 416 11.29 77.45 23.67
N GLY D 417 10.05 77.59 23.22
CA GLY D 417 9.07 78.33 23.99
C GLY D 417 8.66 77.63 25.27
N LEU D 418 8.23 76.39 25.13
CA LEU D 418 7.80 75.56 26.27
C LEU D 418 8.97 75.08 27.09
N TYR D 419 10.05 74.69 26.44
CA TYR D 419 11.25 74.22 27.11
C TYR D 419 11.65 75.23 28.16
N ASP D 420 11.76 76.49 27.74
CA ASP D 420 12.25 77.55 28.61
C ASP D 420 11.29 77.83 29.76
N GLU D 421 10.00 77.67 29.51
CA GLU D 421 9.05 77.89 30.58
C GLU D 421 9.13 76.79 31.63
N VAL D 422 9.18 75.54 31.21
CA VAL D 422 9.25 74.45 32.20
C VAL D 422 10.53 74.58 32.99
N LEU D 423 11.61 74.98 32.35
CA LEU D 423 12.84 75.20 33.09
C LEU D 423 12.62 76.29 34.11
N ARG D 424 11.88 77.32 33.73
CA ARG D 424 11.63 78.42 34.64
C ARG D 424 10.92 77.84 35.84
N VAL D 425 9.91 77.03 35.58
CA VAL D 425 9.09 76.51 36.64
C VAL D 425 9.88 75.62 37.58
N VAL D 426 10.64 74.70 37.04
CA VAL D 426 11.41 73.79 37.87
C VAL D 426 12.36 74.60 38.70
N GLN D 427 12.95 75.60 38.07
CA GLN D 427 13.92 76.45 38.74
C GLN D 427 13.35 77.23 39.92
N HIS D 428 12.05 77.50 39.87
CA HIS D 428 11.38 78.27 40.89
C HIS D 428 11.52 77.55 42.21
N TRP D 429 11.14 76.28 42.19
CA TRP D 429 11.14 75.47 43.38
C TRP D 429 12.53 75.15 43.85
N VAL D 430 13.48 75.03 42.94
CA VAL D 430 14.85 74.83 43.38
C VAL D 430 15.24 76.00 44.27
N ASN D 431 14.81 77.19 43.90
CA ASN D 431 15.10 78.36 44.71
C ASN D 431 14.39 78.33 46.05
N HIS D 432 13.40 77.46 46.18
CA HIS D 432 12.70 77.33 47.45
C HIS D 432 13.08 76.09 48.24
N GLY D 433 14.22 75.52 47.92
CA GLY D 433 14.78 74.45 48.71
C GLY D 433 14.44 73.05 48.27
N VAL D 434 13.79 72.91 47.13
CA VAL D 434 13.43 71.59 46.62
C VAL D 434 14.44 71.08 45.63
N LYS D 435 15.20 70.07 45.98
CA LYS D 435 16.22 69.61 45.08
C LYS D 435 16.09 68.14 44.73
N PHE D 436 14.87 67.64 44.82
CA PHE D 436 14.51 66.32 44.32
C PHE D 436 13.11 66.38 43.70
N PHE D 437 12.97 65.98 42.45
CA PHE D 437 11.67 66.05 41.79
C PHE D 437 11.20 64.69 41.37
N ARG D 438 9.94 64.38 41.60
CA ARG D 438 9.45 63.12 41.12
C ARG D 438 8.82 63.37 39.79
N VAL D 439 9.57 63.21 38.73
CA VAL D 439 9.06 63.46 37.40
C VAL D 439 7.96 62.48 37.12
N ASP D 440 6.87 62.97 36.56
CA ASP D 440 5.67 62.19 36.50
C ASP D 440 5.47 61.72 35.08
N ASN D 441 5.32 60.40 34.91
CA ASN D 441 5.12 59.80 33.60
C ASN D 441 6.10 60.26 32.54
N PRO D 442 7.40 60.19 32.81
CA PRO D 442 8.34 60.78 31.87
C PRO D 442 8.29 60.15 30.49
N HIS D 443 7.80 58.94 30.41
CA HIS D 443 7.80 58.24 29.15
C HIS D 443 6.76 58.77 28.19
N THR D 444 5.87 59.65 28.64
CA THR D 444 4.87 60.20 27.73
C THR D 444 5.25 61.58 27.25
N LYS D 445 6.50 61.93 27.42
CA LYS D 445 7.02 63.21 26.96
C LYS D 445 8.27 62.88 26.18
N PRO D 446 8.69 63.76 25.30
CA PRO D 446 9.84 63.49 24.46
C PRO D 446 11.10 63.23 25.24
N PRO D 447 11.86 62.20 24.88
CA PRO D 447 13.13 61.89 25.48
C PRO D 447 14.09 63.03 25.46
N ASN D 448 14.24 63.68 24.32
CA ASN D 448 15.26 64.72 24.21
C ASN D 448 14.96 65.86 25.16
N PHE D 449 13.69 66.08 25.45
CA PHE D 449 13.34 67.13 26.39
C PHE D 449 13.96 66.85 27.75
N TRP D 450 13.71 65.66 28.28
CA TRP D 450 14.22 65.31 29.58
C TRP D 450 15.72 65.45 29.58
N ALA D 451 16.36 64.98 28.54
CA ALA D 451 17.80 65.09 28.47
C ALA D 451 18.23 66.54 28.56
N TRP D 452 17.47 67.41 27.91
CA TRP D 452 17.75 68.83 27.94
C TRP D 452 17.44 69.40 29.32
N LEU D 453 16.26 69.08 29.84
CA LEU D 453 15.82 69.65 31.11
C LEU D 453 16.76 69.28 32.23
N ILE D 454 17.16 68.03 32.28
CA ILE D 454 18.04 67.58 33.33
C ILE D 454 19.36 68.31 33.25
N ALA D 455 19.98 68.35 32.09
CA ALA D 455 21.29 68.97 31.97
C ALA D 455 21.20 70.46 32.20
N GLN D 456 20.12 71.05 31.76
CA GLN D 456 19.98 72.48 31.92
C GLN D 456 19.91 72.83 33.40
N VAL D 457 19.08 72.11 34.16
CA VAL D 457 18.97 72.35 35.61
C VAL D 457 20.22 72.02 36.39
N LYS D 458 20.78 70.85 36.14
CA LYS D 458 21.93 70.39 36.88
C LYS D 458 23.16 71.26 36.62
N THR D 459 23.17 72.00 35.53
CA THR D 459 24.32 72.87 35.28
C THR D 459 24.36 74.04 36.26
N VAL D 460 23.20 74.62 36.55
CA VAL D 460 23.14 75.69 37.53
C VAL D 460 23.30 75.15 38.94
N ASP D 461 22.58 74.08 39.27
CA ASP D 461 22.69 73.42 40.56
C ASP D 461 22.80 71.92 40.38
N PRO D 462 23.97 71.36 40.67
CA PRO D 462 24.21 69.95 40.38
C PRO D 462 23.69 69.04 41.46
N ASP D 463 23.07 69.60 42.49
CA ASP D 463 22.59 68.79 43.58
C ASP D 463 21.11 68.50 43.41
N VAL D 464 20.54 68.87 42.27
CA VAL D 464 19.13 68.61 42.00
C VAL D 464 18.97 67.22 41.41
N LEU D 465 18.06 66.40 41.93
CA LEU D 465 17.97 65.01 41.47
C LEU D 465 16.56 64.68 40.99
N PHE D 466 16.43 63.77 40.05
CA PHE D 466 15.13 63.47 39.49
C PHE D 466 14.77 62.01 39.63
N LEU D 467 13.52 61.72 39.94
CA LEU D 467 13.03 60.36 40.02
C LEU D 467 11.99 60.17 38.96
N SER D 468 12.14 59.15 38.12
CA SER D 468 11.23 58.96 36.99
C SER D 468 10.22 57.86 37.23
N GLU D 469 8.96 58.21 37.28
CA GLU D 469 7.91 57.23 37.46
C GLU D 469 7.52 56.65 36.13
N ALA D 470 8.41 55.87 35.53
CA ALA D 470 8.12 55.34 34.21
C ALA D 470 7.81 53.87 34.26
N PHE D 471 6.53 53.53 34.37
CA PHE D 471 6.15 52.14 34.32
C PHE D 471 5.92 51.77 32.89
N THR D 472 6.98 51.34 32.23
CA THR D 472 6.92 51.14 30.80
C THR D 472 7.90 50.04 30.44
N PRO D 473 7.75 49.42 29.27
CA PRO D 473 8.65 48.32 28.93
C PRO D 473 10.11 48.71 28.98
N PRO D 474 11.00 47.72 29.08
CA PRO D 474 12.40 47.99 29.42
C PRO D 474 13.08 49.04 28.59
N ALA D 475 13.04 48.92 27.27
CA ALA D 475 13.81 49.78 26.40
C ALA D 475 13.57 51.24 26.70
N ARG D 476 12.34 51.55 27.08
CA ARG D 476 12.00 52.89 27.49
C ARG D 476 12.40 53.15 28.92
N GLN D 477 12.05 52.22 29.80
CA GLN D 477 12.27 52.40 31.23
C GLN D 477 13.72 52.64 31.51
N TYR D 478 14.57 51.76 31.02
CA TYR D 478 15.99 51.91 31.23
C TYR D 478 16.57 52.99 30.34
N GLY D 479 15.91 53.25 29.23
CA GLY D 479 16.42 54.26 28.34
C GLY D 479 16.35 55.58 29.06
N LEU D 480 15.24 55.82 29.71
CA LEU D 480 15.01 57.05 30.42
C LEU D 480 16.03 57.22 31.51
N ALA D 481 16.35 56.13 32.18
CA ALA D 481 17.34 56.21 33.21
C ALA D 481 18.67 56.62 32.63
N LYS D 482 19.02 56.02 31.50
CA LYS D 482 20.33 56.27 30.90
C LYS D 482 20.57 57.72 30.59
N LEU D 483 19.56 58.44 30.12
CA LEU D 483 19.79 59.80 29.69
C LEU D 483 19.91 60.78 30.86
N GLY D 484 19.74 60.29 32.08
CA GLY D 484 20.03 61.12 33.23
C GLY D 484 19.20 61.07 34.49
N PHE D 485 18.06 60.40 34.48
CA PHE D 485 17.27 60.31 35.68
C PHE D 485 18.05 59.60 36.80
N THR D 486 18.17 60.26 37.93
CA THR D 486 18.98 59.78 39.05
C THR D 486 18.42 58.51 39.67
N GLN D 487 17.11 58.35 39.69
CA GLN D 487 16.48 57.13 40.16
C GLN D 487 15.33 56.80 39.25
N SER D 488 14.84 55.58 39.29
CA SER D 488 13.70 55.22 38.47
C SER D 488 12.79 54.33 39.25
N TYR D 489 11.48 54.45 39.07
CA TYR D 489 10.57 53.50 39.68
C TYR D 489 10.84 52.18 39.01
N SER D 490 10.33 51.08 39.56
CA SER D 490 10.64 49.79 38.98
C SER D 490 9.45 48.90 38.89
N TYR D 491 9.65 47.71 38.35
CA TYR D 491 8.54 46.79 38.23
C TYR D 491 8.35 46.03 39.52
N PHE D 492 8.95 46.51 40.59
CA PHE D 492 9.07 45.76 41.85
C PHE D 492 7.74 45.25 42.36
N THR D 493 6.70 46.06 42.26
CA THR D 493 5.43 45.72 42.86
C THR D 493 4.89 44.42 42.33
N TRP D 494 5.25 44.11 41.10
CA TRP D 494 4.69 42.96 40.44
C TRP D 494 5.65 41.80 40.42
N ARG D 495 6.62 41.81 41.31
CA ARG D 495 7.46 40.65 41.52
C ARG D 495 7.12 40.03 42.86
N THR D 496 6.52 38.84 42.85
CA THR D 496 6.10 38.22 44.09
C THR D 496 6.39 36.74 44.28
N THR D 497 7.08 36.11 43.36
CA THR D 497 7.39 34.72 43.57
C THR D 497 8.86 34.64 43.82
N LYS D 498 9.30 33.57 44.46
CA LYS D 498 10.70 33.47 44.82
C LYS D 498 11.57 33.67 43.62
N TRP D 499 11.13 33.12 42.50
CA TRP D 499 11.92 33.19 41.28
C TRP D 499 11.87 34.58 40.66
N GLU D 500 10.74 35.25 40.72
CA GLU D 500 10.63 36.61 40.21
C GLU D 500 11.52 37.57 41.00
N LEU D 501 11.42 37.52 42.32
CA LEU D 501 12.18 38.40 43.17
C LEU D 501 13.65 38.13 43.00
N THR D 502 14.03 36.87 42.82
CA THR D 502 15.43 36.57 42.61
C THR D 502 15.94 37.24 41.36
N GLU D 503 15.19 37.10 40.28
CA GLU D 503 15.61 37.68 39.01
C GLU D 503 15.63 39.18 39.13
N PHE D 504 14.59 39.73 39.74
CA PHE D 504 14.51 41.17 39.95
C PHE D 504 15.64 41.69 40.78
N GLY D 505 15.98 40.96 41.82
CA GLY D 505 17.05 41.38 42.71
C GLY D 505 18.38 41.43 42.03
N ASN D 506 18.74 40.36 41.33
CA ASN D 506 20.01 40.31 40.63
C ASN D 506 20.10 41.39 39.58
N GLN D 507 18.96 41.74 39.00
CA GLN D 507 18.95 42.70 37.94
C GLN D 507 19.44 44.04 38.43
N ILE D 508 19.24 44.32 39.71
CA ILE D 508 19.47 45.66 40.25
C ILE D 508 20.82 46.21 39.85
N ALA D 509 21.87 45.45 40.11
CA ALA D 509 23.12 45.66 39.41
C ALA D 509 23.46 44.30 39.06
N GLU D 510 23.71 43.87 37.83
CA GLU D 510 23.56 44.43 36.48
C GLU D 510 23.40 45.90 36.15
N LEU D 511 22.20 46.44 36.30
CA LEU D 511 21.96 47.78 35.79
C LEU D 511 22.42 48.96 36.62
N ALA D 512 23.21 48.73 37.67
CA ALA D 512 23.60 49.83 38.56
C ALA D 512 24.37 50.92 37.88
N ASP D 513 25.12 50.59 36.84
CA ASP D 513 25.92 51.60 36.19
C ASP D 513 25.07 52.71 35.62
N TYR D 514 23.81 52.46 35.32
CA TYR D 514 22.95 53.53 34.84
C TYR D 514 21.56 53.61 35.42
N ARG D 515 21.08 52.62 36.17
CA ARG D 515 19.76 52.74 36.80
C ARG D 515 19.81 52.52 38.28
N ARG D 516 19.20 53.43 39.04
CA ARG D 516 19.03 53.23 40.46
C ARG D 516 17.58 53.05 40.72
N PRO D 517 17.17 51.91 41.23
CA PRO D 517 15.74 51.75 41.42
C PRO D 517 15.27 52.26 42.76
N ASN D 518 14.09 52.87 42.80
CA ASN D 518 13.46 53.23 44.05
C ASN D 518 12.32 52.29 44.27
N LEU D 519 12.41 51.44 45.28
CA LEU D 519 11.42 50.39 45.46
C LEU D 519 10.29 50.84 46.35
N PHE D 520 9.11 51.00 45.78
CA PHE D 520 7.96 51.48 46.52
C PHE D 520 7.05 50.32 46.80
N VAL D 521 6.68 50.10 48.06
CA VAL D 521 5.80 49.01 48.41
C VAL D 521 4.40 49.27 47.87
N ASN D 522 4.01 50.53 47.88
CA ASN D 522 2.76 50.94 47.29
C ASN D 522 2.89 52.36 46.81
N THR D 523 1.98 52.80 45.95
CA THR D 523 1.86 54.20 45.59
C THR D 523 0.39 54.44 45.58
N PRO D 524 -0.05 55.69 45.53
CA PRO D 524 -1.49 55.94 45.49
C PRO D 524 -2.22 55.20 44.39
N ASP D 525 -1.50 54.91 43.32
CA ASP D 525 -2.02 54.20 42.16
C ASP D 525 -1.92 52.68 42.21
N ILE D 526 -1.12 52.15 43.12
CA ILE D 526 -0.85 50.73 43.13
C ILE D 526 -1.10 50.07 44.46
N LEU D 527 -2.20 49.35 44.57
CA LEU D 527 -2.45 48.53 45.74
C LEU D 527 -2.47 47.10 45.26
N HIS D 528 -1.32 46.46 45.32
CA HIS D 528 -1.17 45.15 44.71
C HIS D 528 -2.07 44.14 45.34
N ALA D 529 -2.46 43.15 44.55
CA ALA D 529 -3.40 42.15 44.98
C ALA D 529 -2.91 41.46 46.22
N VAL D 530 -1.62 41.19 46.24
CA VAL D 530 -1.07 40.40 47.32
C VAL D 530 -1.25 41.11 48.66
N LEU D 531 -1.19 42.42 48.65
CA LEU D 531 -1.44 43.20 49.85
C LEU D 531 -2.90 43.15 50.25
N GLN D 532 -3.76 43.01 49.26
CA GLN D 532 -5.20 43.05 49.47
C GLN D 532 -5.73 41.95 50.37
N HIS D 533 -5.19 40.73 50.28
CA HIS D 533 -5.79 39.63 51.01
C HIS D 533 -4.96 38.90 52.04
N ASN D 534 -3.68 39.19 52.16
CA ASN D 534 -2.85 38.42 53.06
C ASN D 534 -2.67 39.03 54.44
N GLY D 535 -3.30 40.16 54.69
CA GLY D 535 -3.32 40.66 56.05
C GLY D 535 -1.99 41.27 56.42
N PRO D 536 -1.89 41.79 57.64
CA PRO D 536 -0.78 42.65 58.04
C PRO D 536 0.54 41.95 57.90
N GLY D 537 0.54 40.62 57.87
CA GLY D 537 1.78 39.91 57.73
C GLY D 537 2.47 40.32 56.46
N MET D 538 1.74 40.41 55.36
CA MET D 538 2.35 40.68 54.07
C MET D 538 2.97 42.04 54.02
N PHE D 539 2.33 43.02 54.65
CA PHE D 539 2.85 44.37 54.62
C PHE D 539 4.25 44.39 55.18
N ALA D 540 4.49 43.56 56.17
CA ALA D 540 5.82 43.41 56.69
C ALA D 540 6.72 42.84 55.64
N ILE D 541 6.25 41.80 54.97
CA ILE D 541 7.07 41.08 54.03
C ILE D 541 7.56 41.97 52.91
N ARG D 542 6.69 42.76 52.34
CA ARG D 542 7.09 43.62 51.26
C ARG D 542 8.06 44.68 51.76
N ALA D 543 7.82 45.18 52.96
CA ALA D 543 8.68 46.19 53.54
C ALA D 543 10.09 45.67 53.71
N VAL D 544 10.23 44.44 54.14
CA VAL D 544 11.54 43.83 54.32
C VAL D 544 12.22 43.73 52.99
N LEU D 545 11.45 43.35 51.98
CA LEU D 545 11.98 43.15 50.65
C LEU D 545 12.42 44.47 50.07
N ALA D 546 11.58 45.48 50.19
CA ALA D 546 11.92 46.77 49.61
C ALA D 546 13.12 47.39 50.30
N ALA D 547 13.07 47.42 51.62
CA ALA D 547 14.08 48.10 52.39
C ALA D 547 15.43 47.47 52.22
N THR D 548 15.50 46.15 52.19
CA THR D 548 16.78 45.46 52.06
C THR D 548 17.36 45.36 50.65
N MET D 549 16.53 45.05 49.67
CA MET D 549 17.01 44.87 48.30
C MET D 549 17.64 46.11 47.69
N SER D 550 17.09 47.27 47.95
CA SER D 550 17.63 48.48 47.36
C SER D 550 18.01 49.57 48.33
N PRO D 551 19.05 50.32 48.02
CA PRO D 551 19.45 51.44 48.84
C PRO D 551 18.37 52.48 48.96
N ALA D 552 17.56 52.64 47.92
CA ALA D 552 16.48 53.60 47.97
C ALA D 552 15.13 52.92 47.93
N TRP D 553 14.27 53.21 48.88
CA TRP D 553 12.95 52.58 48.93
C TRP D 553 11.92 53.61 49.35
N GLY D 554 10.65 53.26 49.25
CA GLY D 554 9.63 54.23 49.55
C GLY D 554 8.33 53.62 50.00
N MET D 555 7.49 54.45 50.59
CA MET D 555 6.23 54.01 51.14
C MET D 555 5.19 55.09 50.98
N TYR D 556 3.98 54.71 50.59
CA TYR D 556 2.90 55.68 50.47
C TYR D 556 2.10 55.64 51.74
N CYS D 557 1.69 56.81 52.20
CA CYS D 557 1.04 56.99 53.49
C CYS D 557 -0.07 56.00 53.71
N GLY D 558 -0.25 55.59 54.95
CA GLY D 558 -1.31 54.65 55.27
C GLY D 558 -0.90 53.22 55.12
N TYR D 559 0.23 52.99 54.47
CA TYR D 559 0.72 51.64 54.32
C TYR D 559 0.91 51.09 55.70
N GLU D 560 1.45 51.92 56.58
CA GLU D 560 1.72 51.48 57.92
C GLU D 560 0.44 51.19 58.68
N LEU D 561 -0.71 51.56 58.12
CA LEU D 561 -1.95 51.25 58.78
C LEU D 561 -2.61 50.02 58.23
N PHE D 562 -1.93 49.34 57.31
CA PHE D 562 -2.45 48.12 56.73
C PHE D 562 -3.69 48.36 55.89
N GLU D 563 -3.79 49.54 55.29
CA GLU D 563 -4.91 49.85 54.41
C GLU D 563 -4.89 48.89 53.25
N HIS D 564 -5.94 48.07 53.15
CA HIS D 564 -5.91 46.95 52.23
C HIS D 564 -7.16 46.77 51.41
N ARG D 565 -8.02 47.77 51.33
CA ARG D 565 -9.26 47.60 50.58
C ARG D 565 -9.18 48.27 49.22
N ALA D 566 -9.43 47.50 48.17
CA ALA D 566 -9.40 48.05 46.83
C ALA D 566 -10.81 48.36 46.40
N VAL D 567 -10.96 49.23 45.41
CA VAL D 567 -12.27 49.70 45.00
C VAL D 567 -13.20 48.58 44.55
N ARG D 568 -12.67 47.65 43.76
CA ARG D 568 -13.42 46.49 43.34
C ARG D 568 -12.44 45.34 43.18
N GLU D 569 -12.91 44.11 43.28
CA GLU D 569 -11.99 42.99 43.17
C GLU D 569 -11.30 43.03 41.83
N GLY D 570 -10.01 42.72 41.81
CA GLY D 570 -9.28 42.71 40.58
C GLY D 570 -8.72 44.04 40.16
N SER D 571 -8.83 45.05 41.01
CA SER D 571 -8.28 46.35 40.69
C SER D 571 -7.10 46.67 41.57
N GLU D 572 -6.31 47.64 41.16
CA GLU D 572 -5.18 48.06 41.95
C GLU D 572 -5.39 49.46 42.46
N GLU D 573 -6.64 49.92 42.48
CA GLU D 573 -6.92 51.27 42.93
C GLU D 573 -7.47 51.27 44.34
N TYR D 574 -6.94 52.17 45.14
CA TYR D 574 -7.34 52.26 46.54
C TYR D 574 -8.80 52.67 46.64
N LEU D 575 -9.59 51.94 47.40
CA LEU D 575 -10.97 52.29 47.59
C LEU D 575 -11.05 53.61 48.29
N ASP D 576 -11.93 54.49 47.83
CA ASP D 576 -12.06 55.81 48.40
C ASP D 576 -10.72 56.54 48.30
N SER D 577 -10.11 56.47 47.13
CA SER D 577 -8.74 56.94 46.94
C SER D 577 -8.46 58.35 47.38
N GLU D 578 -7.28 58.54 47.93
CA GLU D 578 -6.85 59.83 48.45
C GLU D 578 -6.70 60.85 47.34
N LYS D 579 -6.54 60.38 46.12
CA LYS D 579 -6.34 61.31 45.03
C LYS D 579 -7.57 62.15 44.80
N TYR D 580 -8.73 61.54 44.99
CA TYR D 580 -9.98 62.20 44.68
C TYR D 580 -10.70 62.72 45.91
N GLU D 581 -10.24 62.32 47.09
CA GLU D 581 -10.94 62.63 48.33
C GLU D 581 -9.96 62.95 49.44
N LEU D 582 -10.40 63.69 50.45
CA LEU D 582 -9.55 63.97 51.60
C LEU D 582 -9.53 62.78 52.50
N ARG D 583 -8.35 62.34 52.91
CA ARG D 583 -8.33 61.21 53.80
C ARG D 583 -7.36 61.38 54.94
N PRO D 584 -7.81 62.02 56.03
CA PRO D 584 -7.01 62.07 57.25
C PRO D 584 -7.03 60.73 57.95
N ARG D 585 -5.93 60.36 58.58
CA ARG D 585 -5.87 59.12 59.33
C ARG D 585 -5.30 59.37 60.71
N ASP D 586 -5.60 58.48 61.63
CA ASP D 586 -5.22 58.63 63.02
C ASP D 586 -4.16 57.61 63.37
N PHE D 587 -2.91 57.95 63.14
CA PHE D 587 -1.82 57.04 63.33
C PHE D 587 -1.64 56.66 64.78
N ALA D 588 -1.85 57.62 65.67
CA ALA D 588 -1.59 57.40 67.08
C ALA D 588 -2.44 56.26 67.60
N SER D 589 -3.73 56.25 67.27
CA SER D 589 -4.61 55.22 67.77
C SER D 589 -4.15 53.86 67.35
N ALA D 590 -3.64 53.76 66.13
CA ALA D 590 -3.18 52.49 65.61
C ALA D 590 -2.03 51.97 66.43
N LEU D 591 -1.16 52.87 66.82
CA LEU D 591 -0.03 52.52 67.64
C LEU D 591 -0.54 51.95 68.94
N ASP D 592 -1.52 52.62 69.52
CA ASP D 592 -2.03 52.24 70.82
C ASP D 592 -2.74 50.91 70.79
N GLN D 593 -3.47 50.64 69.72
CA GLN D 593 -4.20 49.38 69.63
C GLN D 593 -3.37 48.29 68.97
N GLY D 594 -2.09 48.57 68.80
CA GLY D 594 -1.18 47.58 68.26
C GLY D 594 -1.54 47.07 66.89
N ARG D 595 -2.08 47.94 66.06
CA ARG D 595 -2.38 47.55 64.71
C ARG D 595 -1.65 48.45 63.72
N SER D 596 -0.42 48.82 64.04
CA SER D 596 0.36 49.67 63.17
C SER D 596 1.72 49.08 62.85
N LEU D 597 2.19 49.27 61.63
CA LEU D 597 3.48 48.72 61.22
C LEU D 597 4.52 49.80 61.38
N GLN D 598 4.15 50.87 62.05
CA GLN D 598 5.08 51.96 62.28
C GLN D 598 6.31 51.51 63.05
N PRO D 599 6.14 50.69 64.10
CA PRO D 599 7.36 50.28 64.79
C PRO D 599 8.30 49.49 63.93
N PHE D 600 7.76 48.54 63.17
CA PHE D 600 8.59 47.67 62.36
C PHE D 600 9.38 48.48 61.36
N ILE D 601 8.72 49.39 60.69
CA ILE D 601 9.38 50.19 59.68
C ILE D 601 10.50 51.00 60.28
N THR D 602 10.25 51.52 61.46
CA THR D 602 11.26 52.31 62.12
C THR D 602 12.48 51.45 62.29
N ARG D 603 12.28 50.24 62.78
CA ARG D 603 13.40 49.32 62.99
C ARG D 603 14.03 48.93 61.66
N LEU D 604 13.27 48.87 60.58
CA LEU D 604 13.87 48.54 59.32
C LEU D 604 14.79 49.65 58.92
N ASN D 605 14.34 50.88 59.03
CA ASN D 605 15.19 51.97 58.59
C ASN D 605 16.41 52.16 59.46
N ILE D 606 16.31 51.89 60.75
CA ILE D 606 17.49 51.97 61.60
C ILE D 606 18.53 50.99 61.15
N ILE D 607 18.07 49.82 60.77
CA ILE D 607 18.97 48.78 60.33
C ILE D 607 19.72 49.22 59.11
N ARG D 608 19.03 49.84 58.16
CA ARG D 608 19.68 50.32 56.95
C ARG D 608 20.73 51.35 57.29
N ARG D 609 20.44 52.27 58.19
CA ARG D 609 21.42 53.25 58.55
C ARG D 609 22.61 52.59 59.25
N LEU D 610 22.32 51.58 60.05
CA LEU D 610 23.35 50.92 60.84
C LEU D 610 24.39 50.17 60.03
N HIS D 611 23.93 49.47 58.99
CA HIS D 611 24.80 48.66 58.15
C HIS D 611 24.96 49.24 56.77
N PRO D 612 26.15 49.70 56.44
CA PRO D 612 26.37 50.34 55.16
C PRO D 612 26.24 49.39 54.01
N ALA D 613 26.09 48.11 54.30
CA ALA D 613 25.91 47.13 53.24
C ALA D 613 24.63 47.44 52.54
N PHE D 614 23.67 47.98 53.26
CA PHE D 614 22.39 48.24 52.67
C PHE D 614 22.37 49.47 51.79
N GLN D 615 23.45 50.25 51.74
CA GLN D 615 23.48 51.36 50.81
C GLN D 615 24.09 50.98 49.50
N GLN D 616 24.37 49.70 49.31
CA GLN D 616 25.00 49.25 48.08
C GLN D 616 24.03 48.72 47.02
N LEU D 617 24.30 49.01 45.76
CA LEU D 617 23.52 48.45 44.64
C LEU D 617 24.14 47.14 44.18
N ARG D 618 25.44 47.16 44.04
CA ARG D 618 26.16 46.11 43.39
C ARG D 618 26.19 44.74 44.05
N THR D 619 26.22 44.70 45.38
CA THR D 619 26.68 43.48 46.02
C THR D 619 25.67 42.44 46.43
N ILE D 620 24.42 42.54 46.02
CA ILE D 620 23.46 41.53 46.40
C ILE D 620 23.88 40.17 45.91
N HIS D 621 23.74 39.15 46.74
CA HIS D 621 24.06 37.77 46.35
C HIS D 621 23.04 36.84 46.96
N PHE D 622 22.54 35.91 46.17
CA PHE D 622 21.47 35.04 46.64
C PHE D 622 22.04 33.70 47.02
N HIS D 623 21.63 33.21 48.18
CA HIS D 623 22.09 31.95 48.70
C HIS D 623 20.97 30.95 48.64
N HIS D 624 21.30 29.68 48.54
CA HIS D 624 20.28 28.68 48.30
C HIS D 624 19.51 28.31 49.56
N VAL D 625 18.19 28.37 49.49
CA VAL D 625 17.35 27.83 50.56
C VAL D 625 16.30 26.89 50.00
N ASP D 626 16.32 25.63 50.42
CA ASP D 626 15.47 24.63 49.79
C ASP D 626 14.04 24.73 50.27
N ASN D 627 13.45 25.91 50.09
CA ASN D 627 12.04 26.09 50.29
C ASN D 627 11.56 27.14 49.31
N ASP D 628 10.51 26.83 48.58
CA ASP D 628 10.05 27.73 47.55
C ASP D 628 9.52 29.00 48.15
N ALA D 629 9.18 28.96 49.42
CA ALA D 629 8.58 30.12 50.05
C ALA D 629 9.59 30.96 50.77
N LEU D 630 10.83 30.56 50.77
CA LEU D 630 11.82 31.30 51.52
C LEU D 630 12.82 31.83 50.56
N LEU D 631 13.20 33.08 50.75
CA LEU D 631 14.14 33.74 49.87
C LEU D 631 15.28 34.26 50.71
N ALA D 632 16.52 33.94 50.37
CA ALA D 632 17.64 34.40 51.18
C ALA D 632 18.76 35.00 50.38
N TYR D 633 19.14 36.23 50.69
CA TYR D 633 20.16 36.96 49.96
C TYR D 633 21.02 37.80 50.88
N SER D 634 22.20 38.20 50.43
CA SER D 634 23.12 38.94 51.26
C SER D 634 23.76 40.12 50.56
N LYS D 635 24.09 41.16 51.30
CA LYS D 635 24.74 42.30 50.72
C LYS D 635 25.95 42.61 51.54
N PHE D 636 26.98 43.21 50.95
CA PHE D 636 28.14 43.62 51.73
C PHE D 636 28.66 44.96 51.27
N ASP D 637 29.47 45.62 52.09
CA ASP D 637 30.02 46.92 51.71
C ASP D 637 31.50 46.79 51.46
N PRO D 638 31.95 47.13 50.26
CA PRO D 638 33.33 47.06 49.82
C PRO D 638 34.25 47.84 50.71
N ALA D 639 33.76 48.93 51.24
CA ALA D 639 34.59 49.80 52.04
C ALA D 639 34.89 49.18 53.39
N THR D 640 33.86 49.05 54.22
CA THR D 640 34.05 48.67 55.60
C THR D 640 34.04 47.18 55.82
N GLY D 641 33.62 46.43 54.82
CA GLY D 641 33.54 45.00 54.96
C GLY D 641 32.27 44.53 55.60
N ASP D 642 31.40 45.45 55.96
CA ASP D 642 30.12 45.10 56.56
C ASP D 642 29.39 44.09 55.72
N CYS D 643 28.71 43.15 56.34
CA CYS D 643 28.02 42.09 55.62
C CYS D 643 26.76 41.69 56.32
N VAL D 644 25.66 41.57 55.59
CA VAL D 644 24.36 41.27 56.19
C VAL D 644 23.59 40.25 55.36
N LEU D 645 22.84 39.37 56.02
CA LEU D 645 22.04 38.37 55.33
C LEU D 645 20.59 38.47 55.71
N VAL D 646 19.71 38.41 54.72
CA VAL D 646 18.28 38.50 54.94
C VAL D 646 17.63 37.23 54.51
N VAL D 647 16.77 36.67 55.35
CA VAL D 647 15.94 35.56 54.96
C VAL D 647 14.50 35.91 55.23
N VAL D 648 13.65 35.84 54.20
CA VAL D 648 12.24 36.20 54.31
C VAL D 648 11.36 35.10 53.81
N THR D 649 10.11 35.12 54.24
CA THR D 649 9.15 34.17 53.74
C THR D 649 8.27 34.92 52.81
N LEU D 650 7.81 34.29 51.75
CA LEU D 650 6.89 34.98 50.86
C LEU D 650 5.46 34.58 51.12
N ASN D 651 5.24 33.62 52.01
CA ASN D 651 3.89 33.26 52.36
C ASN D 651 3.64 33.78 53.75
N ALA D 652 2.63 34.61 53.89
CA ALA D 652 2.35 35.30 55.13
C ALA D 652 1.69 34.44 56.17
N PHE D 653 1.12 33.32 55.77
CA PHE D 653 0.28 32.57 56.68
C PHE D 653 0.86 31.35 57.36
N GLY D 654 1.70 30.58 56.70
CA GLY D 654 2.16 29.37 57.35
C GLY D 654 3.62 29.42 57.72
N PRO D 655 3.98 28.79 58.86
CA PRO D 655 5.39 28.70 59.20
C PRO D 655 6.04 27.91 58.11
N GLU D 656 7.26 28.26 57.74
CA GLU D 656 7.95 27.56 56.69
C GLU D 656 9.38 27.31 57.13
N GLU D 657 9.92 26.11 56.88
CA GLU D 657 11.24 25.80 57.36
C GLU D 657 12.09 25.19 56.27
N ALA D 658 13.40 25.30 56.40
CA ALA D 658 14.31 24.82 55.36
C ALA D 658 15.75 24.72 55.81
N THR D 659 16.61 24.24 54.92
CA THR D 659 18.05 24.24 55.16
C THR D 659 18.70 25.32 54.30
N LEU D 660 19.48 26.20 54.88
CA LEU D 660 20.03 27.30 54.12
C LEU D 660 21.47 27.02 53.80
N TRP D 661 21.83 27.10 52.54
CA TRP D 661 23.20 26.76 52.14
C TRP D 661 23.96 27.98 51.70
N LEU D 662 24.82 28.49 52.56
CA LEU D 662 25.53 29.71 52.25
C LEU D 662 26.58 29.45 51.21
N ASP D 663 26.86 30.44 50.37
CA ASP D 663 28.00 30.37 49.46
C ASP D 663 29.11 31.06 50.18
N MET D 664 29.91 30.30 50.91
CA MET D 664 30.85 30.90 51.82
C MET D 664 31.85 31.75 51.10
N ALA D 665 32.17 31.36 49.88
CA ALA D 665 33.15 32.11 49.11
C ALA D 665 32.70 33.53 48.96
N ALA D 666 31.41 33.70 48.69
CA ALA D 666 30.78 34.99 48.52
C ALA D 666 30.79 35.83 49.78
N LEU D 667 30.81 35.17 50.93
CA LEU D 667 30.82 35.86 52.20
C LEU D 667 32.21 36.01 52.72
N GLY D 668 33.19 35.54 51.96
CA GLY D 668 34.58 35.71 52.33
C GLY D 668 35.12 34.68 53.30
N MET D 669 34.53 33.50 53.31
CA MET D 669 34.97 32.43 54.19
C MET D 669 35.20 31.13 53.44
N GLU D 670 35.97 30.22 54.02
CA GLU D 670 36.17 28.89 53.42
C GLU D 670 34.95 28.01 53.67
N ASP D 671 34.80 26.95 52.89
CA ASP D 671 33.61 26.13 53.01
C ASP D 671 33.45 25.49 54.39
N TYR D 672 34.58 25.13 54.99
CA TYR D 672 34.55 24.42 56.25
C TYR D 672 34.36 25.31 57.47
N ASP D 673 34.44 26.61 57.27
CA ASP D 673 34.46 27.55 58.37
C ASP D 673 33.22 27.49 59.22
N ARG D 674 33.35 27.87 60.49
CA ARG D 674 32.21 28.04 61.36
C ARG D 674 32.34 29.42 62.00
N PHE D 675 31.21 30.11 62.18
CA PHE D 675 31.28 31.53 62.50
C PHE D 675 30.06 31.98 63.27
N TRP D 676 30.11 33.19 63.80
CA TRP D 676 29.01 33.69 64.62
C TRP D 676 28.22 34.81 63.98
N VAL D 677 26.91 34.80 64.20
CA VAL D 677 26.04 35.79 63.59
C VAL D 677 25.14 36.40 64.64
N ARG D 678 24.52 37.53 64.33
CA ARG D 678 23.61 38.17 65.28
C ARG D 678 22.36 38.57 64.56
N ASP D 679 21.21 38.41 65.19
CA ASP D 679 19.94 38.78 64.59
C ASP D 679 19.63 40.21 64.94
N GLU D 680 19.57 41.09 63.95
CA GLU D 680 19.44 42.50 64.20
C GLU D 680 18.14 42.94 64.83
N ILE D 681 17.08 42.19 64.62
CA ILE D 681 15.85 42.51 65.34
C ILE D 681 15.91 41.97 66.76
N THR D 682 16.28 40.70 66.90
CA THR D 682 16.29 39.99 68.19
C THR D 682 17.45 40.27 69.12
N GLY D 683 18.64 40.38 68.57
CA GLY D 683 19.84 40.53 69.35
C GLY D 683 20.46 39.20 69.71
N GLU D 684 19.80 38.12 69.35
CA GLU D 684 20.28 36.78 69.67
C GLU D 684 21.52 36.48 68.86
N GLU D 685 22.42 35.67 69.39
CA GLU D 685 23.63 35.32 68.66
C GLU D 685 23.69 33.83 68.53
N TYR D 686 24.19 33.33 67.42
CA TYR D 686 24.37 31.91 67.30
C TYR D 686 25.50 31.53 66.39
N GLN D 687 25.85 30.25 66.39
CA GLN D 687 26.92 29.75 65.57
C GLN D 687 26.39 29.05 64.35
N TRP D 688 26.96 29.36 63.20
CA TRP D 688 26.50 28.84 61.92
C TRP D 688 27.65 28.28 61.16
N GLY D 689 27.34 27.59 60.06
CA GLY D 689 28.36 27.04 59.20
C GLY D 689 27.81 27.11 57.80
N GLN D 690 28.33 26.29 56.91
CA GLN D 690 27.85 26.28 55.54
C GLN D 690 26.38 25.92 55.37
N ALA D 691 25.91 24.93 56.11
CA ALA D 691 24.51 24.54 56.00
C ALA D 691 23.84 24.70 57.33
N ASN D 692 22.76 25.43 57.35
CA ASN D 692 22.13 25.77 58.60
C ASN D 692 20.62 25.61 58.56
N TYR D 693 20.04 25.36 59.72
CA TYR D 693 18.61 25.16 59.78
C TYR D 693 17.98 26.50 60.01
N ILE D 694 16.91 26.77 59.29
CA ILE D 694 16.21 28.03 59.48
C ILE D 694 14.72 27.76 59.43
N ARG D 695 13.97 28.34 60.36
CA ARG D 695 12.53 28.20 60.36
C ARG D 695 11.88 29.53 60.65
N ILE D 696 10.93 29.91 59.81
CA ILE D 696 10.30 31.22 59.90
C ILE D 696 8.82 31.14 60.21
N ASP D 697 8.42 31.85 61.24
CA ASP D 697 7.06 31.83 61.68
C ASP D 697 6.53 33.22 61.57
N PRO D 698 5.63 33.44 60.63
CA PRO D 698 5.01 34.74 60.57
C PRO D 698 4.22 34.88 61.84
N ALA D 699 3.77 36.08 62.17
CA ALA D 699 3.03 36.27 63.41
C ALA D 699 3.98 36.10 64.57
N ARG D 700 5.25 35.93 64.26
CA ARG D 700 6.30 36.09 65.23
C ARG D 700 7.35 36.99 64.59
N ALA D 701 7.91 36.55 63.47
CA ALA D 701 8.74 37.42 62.65
C ALA D 701 8.83 36.91 61.22
N VAL D 702 8.59 37.78 60.24
CA VAL D 702 8.56 37.34 58.87
C VAL D 702 9.94 37.33 58.25
N ALA D 703 10.94 37.73 59.00
CA ALA D 703 12.27 37.73 58.46
C ALA D 703 13.34 37.70 59.51
N HIS D 704 14.49 37.19 59.12
CA HIS D 704 15.65 37.19 59.98
C HIS D 704 16.63 38.08 59.29
N ILE D 705 17.00 39.19 59.90
CA ILE D 705 18.03 40.01 59.31
C ILE D 705 19.25 39.78 60.14
N ILE D 706 20.25 39.17 59.55
CA ILE D 706 21.38 38.58 60.25
C ILE D 706 22.65 39.35 60.02
N ASN D 707 23.36 39.70 61.06
CA ASN D 707 24.64 40.35 60.87
C ASN D 707 25.67 39.26 60.72
N MET D 708 26.50 39.30 59.69
CA MET D 708 27.42 38.22 59.41
C MET D 708 28.84 38.70 59.58
N PRO D 709 29.79 37.78 59.74
CA PRO D 709 31.18 38.22 59.94
C PRO D 709 31.70 39.05 58.81
N ALA D 710 32.40 40.13 59.13
CA ALA D 710 32.81 41.06 58.11
C ALA D 710 33.71 40.45 57.07
N VAL D 711 33.41 40.76 55.82
CA VAL D 711 34.19 40.30 54.70
C VAL D 711 35.62 40.77 54.85
N PRO D 712 36.57 39.84 54.79
CA PRO D 712 37.96 40.18 55.03
C PRO D 712 38.44 41.23 54.06
N TYR D 713 39.67 41.69 54.18
CA TYR D 713 40.20 42.62 53.21
C TYR D 713 40.52 41.86 51.91
N GLU D 714 39.48 41.23 51.39
CA GLU D 714 39.38 40.66 50.07
C GLU D 714 38.04 41.18 49.61
N SER D 715 37.65 42.29 50.22
CA SER D 715 36.41 42.97 49.93
C SER D 715 36.49 43.41 48.49
N ARG D 716 37.64 43.93 48.14
CA ARG D 716 37.86 44.55 46.87
C ARG D 716 37.64 43.64 45.69
N ASN D 717 38.11 42.40 45.77
CA ASN D 717 37.91 41.50 44.65
C ASN D 717 36.57 40.80 44.65
N THR D 718 35.85 40.76 45.76
CA THR D 718 34.52 40.16 45.72
C THR D 718 33.56 41.17 45.09
N LEU D 719 34.10 42.32 44.70
CA LEU D 719 33.33 43.36 44.04
C LEU D 719 33.59 43.36 42.54
N LEU D 720 34.58 42.57 42.13
CA LEU D 720 35.07 42.56 40.75
C LEU D 720 33.92 42.47 39.76
N ARG D 721 34.18 42.99 38.55
CA ARG D 721 33.27 43.11 37.41
C ARG D 721 32.49 44.43 37.45
N PRO E 37 19.84 30.55 -64.07
CA PRO E 37 19.17 29.37 -63.53
C PRO E 37 20.15 28.26 -63.16
N GLY E 38 20.29 27.78 -61.91
CA GLY E 38 19.95 28.39 -60.62
C GLY E 38 20.35 29.79 -60.18
N ARG E 39 19.39 30.69 -59.95
CA ARG E 39 19.73 32.05 -59.52
C ARG E 39 20.43 32.12 -58.16
N VAL E 40 20.00 31.32 -57.21
CA VAL E 40 20.64 31.31 -55.92
C VAL E 40 21.30 29.98 -55.72
N GLU E 41 22.56 29.98 -55.34
CA GLU E 41 23.31 28.74 -55.33
C GLU E 41 22.97 27.87 -54.14
N ILE E 42 22.69 26.60 -54.39
CA ILE E 42 22.42 25.65 -53.33
C ILE E 42 23.27 24.43 -53.53
N ASP E 43 24.13 24.14 -52.58
CA ASP E 43 25.14 23.13 -52.82
C ASP E 43 25.51 22.43 -51.52
N ASP E 44 26.18 21.30 -51.62
CA ASP E 44 26.68 20.58 -50.46
C ASP E 44 25.57 20.26 -49.49
N VAL E 45 24.43 19.86 -50.03
CA VAL E 45 23.28 19.48 -49.24
C VAL E 45 23.52 18.19 -48.49
N ALA E 46 22.98 18.07 -47.29
CA ALA E 46 23.08 16.85 -46.50
C ALA E 46 21.81 16.64 -45.70
N PRO E 47 21.41 15.39 -45.45
CA PRO E 47 22.09 14.15 -45.76
C PRO E 47 21.72 13.61 -47.12
N VAL E 48 22.75 13.35 -47.91
CA VAL E 48 22.54 12.69 -49.16
C VAL E 48 23.51 11.53 -49.21
N VAL E 49 23.05 10.41 -49.74
CA VAL E 49 23.82 9.18 -49.75
C VAL E 49 24.13 8.76 -51.16
N SER E 50 25.40 8.49 -51.44
CA SER E 50 25.79 8.07 -52.76
C SER E 50 25.23 9.00 -53.80
N CYS E 51 25.35 10.28 -53.53
CA CYS E 51 24.93 11.34 -54.43
C CYS E 51 23.48 11.12 -54.86
N GLY E 52 22.68 10.56 -53.97
CA GLY E 52 21.26 10.45 -54.20
C GLY E 52 20.71 9.15 -54.72
N VAL E 53 21.56 8.18 -54.97
CA VAL E 53 21.07 6.90 -55.46
C VAL E 53 20.23 6.20 -54.42
N TYR E 54 20.67 6.27 -53.17
CA TYR E 54 20.02 5.58 -52.08
C TYR E 54 19.44 6.55 -51.06
N PRO E 55 18.28 6.24 -50.51
CA PRO E 55 17.70 7.12 -49.51
C PRO E 55 18.44 7.05 -48.18
N ALA E 56 18.40 8.15 -47.43
CA ALA E 56 19.01 8.21 -46.13
C ALA E 56 18.15 7.50 -45.13
N LYS E 57 18.70 7.23 -43.96
CA LYS E 57 18.01 6.48 -42.93
C LYS E 57 17.60 7.33 -41.73
N ALA E 58 16.39 7.08 -41.24
CA ALA E 58 15.90 7.72 -40.04
C ALA E 58 14.78 6.88 -39.48
N VAL E 59 14.37 7.15 -38.24
CA VAL E 59 13.21 6.47 -37.65
C VAL E 59 12.19 7.45 -37.13
N VAL E 60 11.03 6.95 -36.76
CA VAL E 60 10.00 7.83 -36.27
C VAL E 60 10.40 8.50 -34.98
N GLY E 61 10.22 9.81 -34.93
CA GLY E 61 10.57 10.59 -33.77
C GLY E 61 12.04 10.85 -33.61
N GLU E 62 12.81 10.69 -34.67
CA GLU E 62 14.23 10.97 -34.62
C GLU E 62 14.44 12.33 -35.18
N VAL E 63 15.30 13.12 -34.60
CA VAL E 63 15.55 14.42 -35.19
C VAL E 63 16.54 14.27 -36.31
N VAL E 64 16.14 14.65 -37.52
CA VAL E 64 17.04 14.55 -38.64
C VAL E 64 17.59 15.91 -38.96
N PRO E 65 18.90 16.08 -38.82
CA PRO E 65 19.47 17.38 -39.08
C PRO E 65 19.84 17.52 -40.54
N VAL E 66 19.47 18.65 -41.13
CA VAL E 66 19.67 18.89 -42.54
C VAL E 66 20.50 20.13 -42.70
N SER E 67 21.42 20.14 -43.66
CA SER E 67 22.24 21.32 -43.86
C SER E 67 22.55 21.49 -45.31
N ALA E 68 22.83 22.71 -45.71
CA ALA E 68 23.12 23.03 -47.10
C ALA E 68 23.85 24.34 -47.16
N ALA E 69 24.44 24.63 -48.30
CA ALA E 69 25.13 25.90 -48.45
C ALA E 69 24.39 26.72 -49.44
N VAL E 70 23.95 27.91 -49.06
CA VAL E 70 23.24 28.75 -49.99
C VAL E 70 23.86 30.14 -50.01
N TRP E 71 24.12 30.66 -51.19
CA TRP E 71 24.77 31.95 -51.29
C TRP E 71 24.35 32.65 -52.55
N ARG E 72 24.60 33.95 -52.59
CA ARG E 72 24.19 34.78 -53.70
C ARG E 72 25.14 35.95 -53.80
N GLU E 73 24.86 36.86 -54.71
CA GLU E 73 25.76 37.98 -54.94
C GLU E 73 25.92 38.88 -53.74
N GLY E 74 27.14 39.34 -53.50
CA GLY E 74 27.37 40.43 -52.57
C GLY E 74 26.90 40.28 -51.14
N HIS E 75 26.64 41.43 -50.51
CA HIS E 75 26.16 41.46 -49.13
C HIS E 75 24.65 41.52 -49.09
N GLU E 76 24.01 41.30 -50.22
CA GLU E 76 22.56 41.16 -50.24
C GLU E 76 22.18 39.91 -49.46
N ALA E 77 21.27 40.05 -48.51
CA ALA E 77 20.94 38.96 -47.60
C ALA E 77 20.26 37.81 -48.31
N VAL E 78 20.41 36.62 -47.75
CA VAL E 78 19.87 35.43 -48.35
C VAL E 78 19.27 34.60 -47.25
N ALA E 79 18.28 33.79 -47.58
CA ALA E 79 17.63 32.96 -46.58
C ALA E 79 17.26 31.62 -47.17
N ALA E 80 17.08 30.64 -46.30
CA ALA E 80 16.76 29.33 -46.79
C ALA E 80 15.58 28.74 -46.07
N THR E 81 14.82 27.94 -46.78
CA THR E 81 13.67 27.26 -46.24
C THR E 81 13.82 25.77 -46.48
N LEU E 82 13.73 24.97 -45.44
CA LEU E 82 13.82 23.52 -45.61
C LEU E 82 12.42 23.01 -45.88
N VAL E 83 12.24 22.35 -47.02
CA VAL E 83 10.93 21.91 -47.44
C VAL E 83 10.73 20.42 -47.31
N VAL E 84 9.85 19.98 -46.43
CA VAL E 84 9.64 18.55 -46.22
C VAL E 84 8.29 18.06 -46.73
N ARG E 85 8.28 16.88 -47.34
CA ARG E 85 7.06 16.26 -47.85
C ARG E 85 7.04 14.80 -47.46
N TYR E 86 5.88 14.27 -47.08
CA TYR E 86 5.74 12.85 -46.79
C TYR E 86 5.02 12.16 -47.91
N LEU E 87 5.70 11.26 -48.61
CA LEU E 87 5.12 10.59 -49.78
C LEU E 87 4.39 9.30 -49.53
N GLY E 88 4.29 8.88 -48.28
CA GLY E 88 3.60 7.64 -48.02
C GLY E 88 4.44 6.44 -47.71
N VAL E 89 3.89 5.27 -48.01
CA VAL E 89 4.52 4.01 -47.69
C VAL E 89 5.27 3.30 -48.82
N ARG E 90 4.98 3.64 -50.07
CA ARG E 90 5.64 2.92 -51.15
C ARG E 90 7.15 3.06 -51.00
N TYR E 91 7.86 1.94 -51.14
CA TYR E 91 9.31 1.91 -51.03
C TYR E 91 9.94 2.11 -52.41
N PRO E 92 11.12 2.75 -52.49
CA PRO E 92 11.74 3.08 -53.77
C PRO E 92 11.88 1.95 -54.79
N HIS E 93 11.98 2.31 -56.07
CA HIS E 93 12.07 1.34 -57.17
C HIS E 93 13.13 0.25 -56.96
N LYS E 114 -0.03 21.17 -48.52
CA LYS E 114 0.57 19.84 -48.40
C LYS E 114 2.09 19.81 -48.13
N PRO E 115 2.83 20.90 -48.40
CA PRO E 115 4.23 20.73 -47.98
C PRO E 115 4.47 21.30 -46.60
N LEU E 116 5.56 20.90 -45.98
CA LEU E 116 5.92 21.40 -44.66
C LEU E 116 7.11 22.31 -44.74
N LEU E 117 7.00 23.54 -44.27
CA LEU E 117 8.11 24.47 -44.40
C LEU E 117 8.76 24.82 -43.09
N ILE E 118 10.07 24.61 -43.02
CA ILE E 118 10.84 24.88 -41.83
C ILE E 118 11.93 25.85 -42.15
N PRO E 119 11.98 26.99 -41.47
CA PRO E 119 13.04 27.93 -41.78
C PRO E 119 14.37 27.47 -41.24
N MET E 120 15.43 27.79 -41.97
CA MET E 120 16.79 27.37 -41.64
C MET E 120 17.60 28.55 -41.17
N THR E 121 18.59 28.30 -40.33
CA THR E 121 19.34 29.38 -39.73
C THR E 121 20.83 29.30 -40.00
N SER E 122 21.44 30.44 -40.29
CA SER E 122 22.88 30.53 -40.51
C SER E 122 23.63 30.32 -39.21
N GLY E 123 24.92 30.04 -39.28
CA GLY E 123 25.67 29.77 -38.08
C GLY E 123 27.11 30.23 -38.16
N GLN E 124 28.03 29.45 -37.62
CA GLN E 124 29.43 29.86 -37.58
C GLN E 124 29.99 29.94 -39.00
N GLU E 125 29.81 28.89 -39.78
CA GLU E 125 30.29 28.88 -41.15
C GLU E 125 29.44 29.72 -42.05
N PRO E 126 30.07 30.67 -42.75
CA PRO E 126 29.37 31.58 -43.64
C PRO E 126 28.67 30.82 -44.73
N PHE E 127 27.47 31.22 -45.07
CA PHE E 127 26.75 30.67 -46.19
C PHE E 127 26.22 29.28 -45.95
N VAL E 128 26.46 28.72 -44.78
CA VAL E 128 25.97 27.39 -44.47
C VAL E 128 24.73 27.48 -43.63
N PHE E 129 23.67 26.81 -44.04
CA PHE E 129 22.40 26.93 -43.35
C PHE E 129 22.03 25.60 -42.74
N HIS E 130 21.42 25.64 -41.57
CA HIS E 130 21.07 24.45 -40.84
C HIS E 130 19.59 24.35 -40.59
N GLY E 131 19.08 23.13 -40.59
CA GLY E 131 17.68 22.89 -40.39
C GLY E 131 17.50 21.50 -39.83
N GLN E 132 16.29 21.17 -39.41
CA GLN E 132 16.00 19.88 -38.86
C GLN E 132 14.53 19.55 -39.08
N PHE E 133 14.19 18.27 -39.16
CA PHE E 133 12.80 17.89 -39.17
C PHE E 133 12.69 16.53 -38.55
N THR E 134 11.61 16.26 -37.85
CA THR E 134 11.47 14.94 -37.25
C THR E 134 10.20 14.24 -37.71
N PRO E 135 10.34 13.19 -38.52
CA PRO E 135 9.26 12.45 -39.16
C PRO E 135 8.39 11.72 -38.18
N ASP E 136 7.08 11.77 -38.38
CA ASP E 136 6.19 11.14 -37.42
C ASP E 136 5.47 9.91 -37.92
N ARG E 137 5.68 9.52 -39.17
CA ARG E 137 5.05 8.32 -39.72
C ARG E 137 6.07 7.49 -40.45
N VAL E 138 5.89 6.17 -40.44
CA VAL E 138 6.77 5.30 -41.22
C VAL E 138 6.56 5.55 -42.69
N GLY E 139 7.61 5.45 -43.48
CA GLY E 139 7.47 5.65 -44.90
C GLY E 139 8.58 6.44 -45.52
N LEU E 140 8.35 6.92 -46.73
CA LEU E 140 9.38 7.65 -47.45
C LEU E 140 9.17 9.14 -47.38
N TRP E 141 10.15 9.85 -46.87
CA TRP E 141 10.03 11.28 -46.73
C TRP E 141 10.95 11.96 -47.71
N THR E 142 10.65 13.21 -48.01
CA THR E 142 11.40 13.99 -48.96
C THR E 142 11.78 15.35 -48.43
N PHE E 143 12.95 15.84 -48.78
CA PHE E 143 13.29 17.20 -48.41
C PHE E 143 14.11 17.88 -49.48
N ARG E 144 14.07 19.20 -49.49
CA ARG E 144 14.90 19.98 -50.39
C ARG E 144 15.11 21.31 -49.75
N VAL E 145 16.16 22.03 -50.13
CA VAL E 145 16.39 23.34 -49.55
C VAL E 145 16.09 24.39 -50.57
N ASP E 146 15.27 25.38 -50.22
CA ASP E 146 14.93 26.44 -51.14
C ASP E 146 15.65 27.69 -50.73
N GLY E 147 16.24 28.39 -51.69
CA GLY E 147 17.01 29.56 -51.34
C GLY E 147 16.35 30.79 -51.90
N TRP E 148 16.37 31.87 -51.15
CA TRP E 148 15.77 33.10 -51.59
C TRP E 148 16.48 34.26 -50.93
N GLY E 149 16.32 35.47 -51.48
CA GLY E 149 16.89 36.63 -50.83
C GLY E 149 15.79 37.47 -50.23
N ASP E 150 15.89 37.80 -48.94
CA ASP E 150 14.84 38.65 -48.36
C ASP E 150 15.30 40.10 -48.31
N PRO E 151 14.73 40.94 -49.17
CA PRO E 151 15.17 42.32 -49.28
C PRO E 151 14.98 43.03 -47.97
N ILE E 152 13.96 42.61 -47.23
CA ILE E 152 13.64 43.27 -45.99
C ILE E 152 14.82 43.24 -45.03
N HIS E 153 15.44 42.08 -44.84
CA HIS E 153 16.57 41.99 -43.92
C HIS E 153 17.69 42.89 -44.37
N THR E 154 17.97 42.93 -45.67
CA THR E 154 19.04 43.78 -46.17
C THR E 154 18.73 45.21 -45.76
N TRP E 155 17.51 45.62 -46.06
CA TRP E 155 17.07 46.98 -45.85
C TRP E 155 17.08 47.35 -44.39
N ARG E 156 16.53 46.48 -43.57
CA ARG E 156 16.48 46.72 -42.14
C ARG E 156 17.87 46.87 -41.55
N HIS E 157 18.72 45.87 -41.75
CA HIS E 157 20.04 45.87 -41.15
C HIS E 157 20.84 47.05 -41.63
N GLY E 158 20.66 47.39 -42.91
CA GLY E 158 21.34 48.53 -43.50
C GLY E 158 20.89 49.84 -42.87
N LEU E 159 19.60 49.94 -42.59
CA LEU E 159 19.06 51.15 -42.00
C LEU E 159 19.57 51.35 -40.57
N ILE E 160 19.64 50.26 -39.81
CA ILE E 160 20.11 50.35 -38.43
C ILE E 160 21.51 50.91 -38.36
N ALA E 161 22.37 50.54 -39.30
CA ALA E 161 23.71 51.09 -39.35
C ALA E 161 23.62 52.59 -39.58
N LYS E 162 22.77 52.97 -40.52
CA LYS E 162 22.54 54.37 -40.86
C LYS E 162 21.73 55.17 -39.83
N LEU E 163 20.81 54.54 -39.11
CA LEU E 163 20.00 55.26 -38.12
C LEU E 163 20.91 55.79 -37.01
N ASP E 164 22.01 55.10 -36.81
CA ASP E 164 22.97 55.46 -35.78
C ASP E 164 23.61 56.82 -36.06
N ALA E 165 23.82 57.15 -37.33
CA ALA E 165 24.38 58.44 -37.71
C ALA E 165 23.35 59.47 -38.22
N GLY E 166 22.10 59.37 -37.78
CA GLY E 166 21.04 60.30 -38.15
C GLY E 166 20.93 60.68 -39.62
N GLU E 171 17.66 63.71 -45.81
CA GLU E 171 18.95 63.29 -45.30
C GLU E 171 19.21 61.86 -45.82
N LEU E 172 19.00 60.88 -44.95
CA LEU E 172 18.98 59.48 -45.32
C LEU E 172 17.68 59.22 -46.07
N SER E 173 16.80 60.22 -46.01
CA SER E 173 15.52 60.31 -46.72
C SER E 173 15.22 59.33 -47.87
N ASN E 174 16.25 58.79 -48.49
CA ASN E 174 16.08 57.96 -49.66
C ASN E 174 15.63 56.54 -49.32
N ASP E 175 16.34 55.92 -48.39
CA ASP E 175 16.12 54.52 -48.03
C ASP E 175 14.76 54.23 -47.45
N LEU E 176 14.22 55.20 -46.72
CA LEU E 176 12.95 55.01 -46.05
C LEU E 176 11.88 54.73 -47.08
N LEU E 177 11.88 55.48 -48.17
CA LEU E 177 10.93 55.21 -49.24
C LEU E 177 11.13 53.81 -49.79
N VAL E 178 12.39 53.37 -49.83
CA VAL E 178 12.67 52.03 -50.31
C VAL E 178 12.04 51.00 -49.39
N GLY E 179 12.09 51.25 -48.08
CA GLY E 179 11.39 50.38 -47.16
C GLY E 179 9.94 50.53 -47.52
N ALA E 180 9.54 51.78 -47.67
CA ALA E 180 8.17 52.16 -47.94
C ALA E 180 7.67 51.51 -49.22
N VAL E 181 8.56 51.16 -50.14
CA VAL E 181 8.13 50.46 -51.35
C VAL E 181 8.18 48.94 -51.08
N LEU E 182 8.83 48.52 -49.99
CA LEU E 182 8.90 47.08 -49.65
C LEU E 182 7.75 46.40 -48.89
N LEU E 183 7.42 46.87 -47.69
CA LEU E 183 6.47 46.19 -46.80
C LEU E 183 5.08 45.97 -47.37
N GLU E 184 4.62 46.95 -48.13
CA GLU E 184 3.39 46.94 -48.90
C GLU E 184 3.45 45.83 -49.93
N ARG E 185 4.56 45.75 -50.66
CA ARG E 185 4.70 44.68 -51.62
C ARG E 185 4.70 43.39 -50.82
N ALA E 186 5.30 43.46 -49.63
CA ALA E 186 5.26 42.34 -48.70
C ALA E 186 3.85 42.13 -48.23
N ALA E 187 3.12 43.23 -48.04
CA ALA E 187 1.77 43.16 -47.51
C ALA E 187 0.86 42.37 -48.42
N THR E 188 1.08 42.42 -49.72
CA THR E 188 0.21 41.70 -50.65
C THR E 188 0.20 40.21 -50.31
N GLY E 189 1.32 39.73 -49.79
CA GLY E 189 1.48 38.35 -49.35
C GLY E 189 0.71 37.97 -48.10
N VAL E 190 0.37 38.96 -47.27
CA VAL E 190 -0.38 38.71 -46.05
C VAL E 190 -1.87 38.92 -46.27
N PRO E 191 -2.69 37.92 -45.90
CA PRO E 191 -4.12 37.77 -46.21
C PRO E 191 -5.07 38.69 -45.43
N ARG E 192 -5.80 39.50 -46.21
CA ARG E 192 -6.82 40.42 -45.71
C ARG E 192 -6.46 41.05 -44.37
N GLY E 193 -7.41 41.06 -43.45
CA GLY E 193 -7.31 41.74 -42.17
C GLY E 193 -5.97 41.93 -41.50
N LEU E 194 -5.40 40.86 -40.97
CA LEU E 194 -4.13 40.92 -40.24
C LEU E 194 -2.94 41.49 -41.01
N ARG E 195 -3.16 41.88 -42.26
CA ARG E 195 -2.06 42.40 -43.07
C ARG E 195 -1.81 43.87 -42.76
N ASP E 196 -2.44 44.36 -41.72
CA ASP E 196 -2.73 45.78 -41.66
C ASP E 196 -1.59 46.60 -41.05
N PRO E 197 -0.88 46.07 -40.03
CA PRO E 197 0.15 46.95 -39.50
C PRO E 197 1.23 47.26 -40.52
N LEU E 198 1.38 46.44 -41.56
CA LEU E 198 2.32 46.76 -42.62
C LEU E 198 1.89 47.95 -43.48
N LEU E 199 0.66 47.97 -43.98
CA LEU E 199 0.24 49.12 -44.77
C LEU E 199 0.30 50.33 -43.87
N ALA E 200 0.02 50.09 -42.60
CA ALA E 200 0.20 51.08 -41.57
C ALA E 200 1.67 51.42 -41.47
N ALA E 201 2.51 50.39 -41.51
CA ALA E 201 3.94 50.57 -41.44
C ALA E 201 4.53 51.32 -42.64
N ALA E 202 3.98 51.03 -43.82
CA ALA E 202 4.50 51.63 -45.04
C ALA E 202 4.16 53.10 -45.17
N ALA E 203 3.08 53.52 -44.53
CA ALA E 203 2.75 54.92 -44.55
C ALA E 203 3.15 55.46 -43.19
N ALA E 204 3.87 54.63 -42.45
CA ALA E 204 4.50 55.02 -41.20
C ALA E 204 5.96 55.25 -41.51
N LEU E 205 6.30 55.20 -42.79
CA LEU E 205 7.60 55.67 -43.27
C LEU E 205 7.50 56.62 -44.46
N ARG E 206 6.32 56.70 -45.07
CA ARG E 206 6.16 57.53 -46.25
C ARG E 206 6.08 59.05 -46.08
N THR E 207 5.27 59.54 -45.13
CA THR E 207 5.15 60.97 -44.88
C THR E 207 6.43 61.62 -44.33
N PRO E 208 6.76 62.81 -44.84
CA PRO E 208 7.97 63.56 -44.47
C PRO E 208 8.10 63.79 -42.97
N GLY E 209 9.33 63.91 -42.51
CA GLY E 209 9.59 64.20 -41.11
C GLY E 209 10.99 63.81 -40.69
N ASP E 210 11.18 63.70 -39.39
CA ASP E 210 12.44 63.26 -38.80
C ASP E 210 12.69 61.79 -39.12
N PRO E 211 13.97 61.37 -39.12
CA PRO E 211 14.21 59.93 -39.31
C PRO E 211 13.71 59.07 -38.14
N VAL E 212 14.09 59.43 -36.93
CA VAL E 212 13.78 58.62 -35.76
C VAL E 212 12.26 58.59 -35.50
N THR E 213 11.52 59.51 -36.11
CA THR E 213 10.07 59.50 -35.95
C THR E 213 9.50 58.18 -36.35
N ARG E 214 10.02 57.63 -37.44
CA ARG E 214 9.39 56.47 -38.01
C ARG E 214 10.14 55.15 -37.80
N THR E 215 10.91 55.03 -36.72
CA THR E 215 11.40 53.73 -36.30
C THR E 215 10.25 52.87 -35.78
N ALA E 216 9.01 53.38 -35.85
CA ALA E 216 7.81 52.62 -35.44
C ALA E 216 7.83 51.14 -35.84
N LEU E 217 8.57 50.84 -36.90
CA LEU E 217 8.49 49.53 -37.48
C LEU E 217 9.83 48.82 -37.48
N ALA E 218 10.89 49.58 -37.24
CA ALA E 218 12.25 49.02 -37.27
C ALA E 218 12.57 48.05 -36.16
N LEU E 219 12.59 48.52 -34.93
CA LEU E 219 12.91 47.63 -33.83
C LEU E 219 11.68 46.90 -33.30
N THR E 220 10.51 47.25 -33.84
CA THR E 220 9.28 46.63 -33.38
C THR E 220 9.26 45.13 -33.59
N PRO E 221 9.19 44.38 -32.48
CA PRO E 221 9.10 42.92 -32.54
C PRO E 221 7.78 42.48 -33.16
N GLU E 222 6.88 43.42 -33.45
CA GLU E 222 5.60 43.01 -33.98
C GLU E 222 5.64 42.73 -35.46
N ILE E 223 6.46 43.47 -36.19
CA ILE E 223 6.47 43.26 -37.65
C ILE E 223 7.54 42.26 -38.04
N GLU E 224 8.27 41.78 -37.06
CA GLU E 224 9.17 40.68 -37.30
C GLU E 224 8.31 39.43 -37.31
N GLU E 225 7.46 39.29 -36.31
CA GLU E 225 6.66 38.08 -36.17
C GLU E 225 5.70 37.80 -37.32
N LEU E 226 5.05 38.80 -37.87
CA LEU E 226 4.19 38.50 -39.01
C LEU E 226 5.06 38.13 -40.19
N LEU E 227 6.16 38.86 -40.38
CA LEU E 227 7.03 38.59 -41.50
C LEU E 227 7.65 37.21 -41.36
N ALA E 228 7.91 36.78 -40.12
CA ALA E 228 8.39 35.44 -39.91
C ALA E 228 7.32 34.47 -40.39
N ASP E 229 6.07 34.75 -40.03
CA ASP E 229 4.94 33.91 -40.45
C ASP E 229 4.72 34.00 -41.95
N TYR E 230 4.75 35.21 -42.49
CA TYR E 230 4.63 35.41 -43.93
C TYR E 230 5.83 36.21 -44.41
N PRO E 231 6.72 35.58 -45.18
CA PRO E 231 7.94 36.30 -45.50
C PRO E 231 7.92 36.87 -46.90
N LEU E 232 8.70 37.91 -47.16
CA LEU E 232 8.80 38.43 -48.52
C LEU E 232 10.01 37.82 -49.18
N ARG E 233 9.81 36.89 -50.11
CA ARG E 233 10.95 36.17 -50.70
C ARG E 233 11.14 36.55 -52.14
N ASP E 234 12.39 36.80 -52.51
CA ASP E 234 12.76 37.16 -53.88
C ASP E 234 13.68 36.09 -54.44
N LEU E 235 13.62 35.89 -55.74
CA LEU E 235 14.57 35.01 -56.40
C LEU E 235 14.51 33.60 -55.87
N VAL E 236 13.33 33.12 -55.54
CA VAL E 236 13.21 31.79 -54.96
C VAL E 236 13.79 30.73 -55.88
N THR E 237 14.62 29.85 -55.33
CA THR E 237 15.28 28.82 -56.12
C THR E 237 15.14 27.45 -55.48
N ARG E 238 14.85 26.43 -56.28
CA ARG E 238 14.62 25.13 -55.70
C ARG E 238 15.88 24.30 -55.64
N GLY E 239 16.13 23.70 -54.51
CA GLY E 239 17.30 22.86 -54.35
C GLY E 239 16.94 21.50 -54.86
N GLU E 240 17.91 20.60 -54.95
CA GLU E 240 17.61 19.27 -55.41
C GLU E 240 16.79 18.57 -54.36
N GLN E 241 16.05 17.56 -54.76
CA GLN E 241 15.18 16.87 -53.83
C GLN E 241 15.72 15.51 -53.39
N PHE E 242 15.83 15.29 -52.10
CA PHE E 242 16.39 14.05 -51.60
C PHE E 242 15.46 13.30 -50.67
N GLY E 243 15.75 12.03 -50.44
CA GLY E 243 14.83 11.21 -49.70
C GLY E 243 15.35 10.56 -48.45
N VAL E 244 14.46 10.38 -47.50
CA VAL E 244 14.79 9.72 -46.26
C VAL E 244 13.80 8.61 -46.11
N TRP E 245 14.25 7.44 -45.73
CA TRP E 245 13.31 6.37 -45.50
C TRP E 245 13.19 6.13 -44.03
N VAL E 246 12.01 6.40 -43.49
CA VAL E 246 11.79 6.29 -42.07
C VAL E 246 11.22 4.94 -41.67
N ASP E 247 11.80 4.31 -40.68
CA ASP E 247 11.39 3.00 -40.21
C ASP E 247 10.80 3.09 -38.80
N ARG E 248 10.22 2.01 -38.31
CA ARG E 248 9.76 2.00 -36.93
C ARG E 248 10.95 2.10 -36.00
N PRO E 249 10.73 2.60 -34.78
CA PRO E 249 11.84 2.91 -33.90
C PRO E 249 12.72 1.75 -33.56
N LEU E 250 12.22 0.54 -33.71
CA LEU E 250 13.00 -0.63 -33.34
C LEU E 250 14.17 -0.78 -34.28
N ALA E 251 14.11 -0.11 -35.40
CA ALA E 251 15.20 -0.16 -36.37
C ALA E 251 16.47 0.42 -35.80
N ARG E 252 16.34 1.38 -34.90
CA ARG E 252 17.47 2.03 -34.28
C ARG E 252 17.70 1.60 -32.84
N PHE E 253 16.65 1.58 -32.05
CA PHE E 253 16.80 1.33 -30.63
C PHE E 253 16.08 0.06 -30.19
N GLY E 254 16.84 -0.97 -29.86
CA GLY E 254 16.31 -2.18 -29.29
C GLY E 254 17.48 -3.06 -28.89
N ALA E 255 17.29 -3.99 -27.97
CA ALA E 255 18.40 -4.81 -27.55
C ALA E 255 18.14 -6.25 -27.91
N TRP E 256 19.19 -6.96 -28.32
CA TRP E 256 19.02 -8.30 -28.84
C TRP E 256 19.52 -9.39 -27.93
N TYR E 257 18.82 -10.52 -27.93
CA TYR E 257 19.24 -11.71 -27.22
C TYR E 257 19.19 -12.87 -28.20
N GLU E 258 20.31 -13.59 -28.34
CA GLU E 258 20.41 -14.69 -29.27
C GLU E 258 20.33 -15.99 -28.51
N MET E 259 19.34 -16.81 -28.80
CA MET E 259 19.18 -18.07 -28.07
C MET E 259 18.90 -19.22 -29.01
N PHE E 260 19.28 -20.42 -28.61
CA PHE E 260 19.02 -21.61 -29.39
C PHE E 260 17.82 -22.33 -28.85
N PRO E 261 16.72 -22.40 -29.61
CA PRO E 261 15.53 -23.04 -29.04
C PRO E 261 15.79 -24.47 -28.58
N ARG E 262 16.54 -25.22 -29.35
CA ARG E 262 16.79 -26.61 -29.00
C ARG E 262 17.51 -26.78 -27.66
N SER E 263 18.33 -25.82 -27.25
CA SER E 263 19.05 -25.96 -25.99
C SER E 263 18.17 -25.79 -24.75
N THR E 264 16.90 -25.48 -24.93
CA THR E 264 16.02 -25.31 -23.78
C THR E 264 15.43 -26.62 -23.29
N GLY E 265 16.16 -27.71 -23.47
CA GLY E 265 15.68 -29.03 -23.13
C GLY E 265 15.82 -29.42 -21.67
N GLY E 266 16.97 -29.16 -21.09
CA GLY E 266 17.06 -29.26 -19.66
C GLY E 266 17.39 -30.62 -19.08
N TRP E 267 18.03 -31.50 -19.84
CA TRP E 267 18.56 -32.74 -19.29
C TRP E 267 17.47 -33.77 -18.96
N ASP E 268 17.90 -35.02 -18.75
CA ASP E 268 17.01 -36.11 -18.37
C ASP E 268 17.52 -36.65 -17.05
N ASP E 269 17.00 -37.78 -16.61
CA ASP E 269 17.41 -38.32 -15.32
C ASP E 269 18.90 -38.65 -15.28
N ASP E 270 19.44 -39.10 -16.40
CA ASP E 270 20.89 -39.15 -16.57
C ASP E 270 21.29 -37.73 -16.93
N GLY E 271 22.51 -37.31 -16.66
CA GLY E 271 22.83 -35.92 -16.94
C GLY E 271 23.06 -35.65 -18.41
N ASN E 272 22.03 -35.85 -19.22
CA ASN E 272 22.17 -35.73 -20.66
C ASN E 272 21.20 -34.73 -21.27
N PRO E 273 21.72 -33.79 -22.07
CA PRO E 273 20.84 -32.79 -22.65
C PRO E 273 19.69 -33.42 -23.40
N VAL E 274 18.57 -32.71 -23.45
CA VAL E 274 17.42 -33.18 -24.18
C VAL E 274 17.05 -32.17 -25.22
N HIS E 275 16.69 -32.60 -26.42
CA HIS E 275 16.31 -31.62 -27.42
C HIS E 275 15.10 -30.89 -26.91
N GLY E 276 15.09 -29.58 -27.06
CA GLY E 276 14.01 -28.76 -26.58
C GLY E 276 13.01 -28.56 -27.67
N THR E 277 11.98 -27.78 -27.39
CA THR E 277 10.97 -27.47 -28.37
C THR E 277 10.56 -26.02 -28.28
N PHE E 278 9.81 -25.55 -29.26
CA PHE E 278 9.32 -24.18 -29.23
C PHE E 278 8.58 -23.96 -27.94
N ALA E 279 7.89 -24.99 -27.50
CA ALA E 279 7.14 -24.95 -26.27
C ALA E 279 8.07 -24.68 -25.11
N THR E 280 9.14 -25.46 -25.00
CA THR E 280 10.07 -25.27 -23.90
C THR E 280 10.84 -23.97 -24.04
N ALA E 281 11.16 -23.60 -25.26
CA ALA E 281 11.90 -22.38 -25.47
C ALA E 281 11.08 -21.20 -25.00
N ALA E 282 9.80 -21.21 -25.33
CA ALA E 282 8.92 -20.10 -24.97
C ALA E 282 8.88 -19.92 -23.47
N ALA E 283 9.15 -21.00 -22.75
CA ALA E 283 9.17 -20.93 -21.30
C ALA E 283 10.27 -20.03 -20.81
N GLU E 284 11.30 -19.83 -21.63
CA GLU E 284 12.43 -19.03 -21.23
C GLU E 284 12.28 -17.58 -21.58
N LEU E 285 11.22 -17.26 -22.30
CA LEU E 285 11.01 -15.89 -22.76
C LEU E 285 10.80 -14.91 -21.63
N PRO E 286 10.16 -15.33 -20.53
CA PRO E 286 10.03 -14.27 -19.53
C PRO E 286 11.35 -13.76 -19.01
N ARG E 287 12.24 -14.64 -18.58
CA ARG E 287 13.47 -14.16 -17.95
C ARG E 287 14.19 -13.26 -18.92
N ILE E 288 14.10 -13.57 -20.20
CA ILE E 288 14.74 -12.79 -21.25
C ILE E 288 14.15 -11.41 -21.30
N ALA E 289 12.83 -11.33 -21.32
CA ALA E 289 12.18 -10.04 -21.35
C ALA E 289 12.56 -9.28 -20.10
N GLY E 290 12.70 -10.03 -19.01
CA GLY E 290 13.03 -9.50 -17.71
C GLY E 290 14.32 -8.74 -17.69
N MET E 291 15.26 -9.14 -18.53
CA MET E 291 16.53 -8.46 -18.65
C MET E 291 16.44 -7.25 -19.53
N GLY E 292 15.30 -7.00 -20.12
CA GLY E 292 15.13 -5.80 -20.90
C GLY E 292 15.38 -5.88 -22.39
N PHE E 293 15.56 -7.09 -22.91
CA PHE E 293 15.75 -7.25 -24.34
C PHE E 293 14.46 -7.09 -25.11
N ASP E 294 14.53 -6.40 -26.24
CA ASP E 294 13.36 -6.16 -27.08
C ASP E 294 13.22 -7.12 -28.25
N VAL E 295 14.29 -7.83 -28.59
CA VAL E 295 14.27 -8.73 -29.73
C VAL E 295 14.93 -10.05 -29.41
N VAL E 296 14.32 -11.15 -29.82
CA VAL E 296 14.92 -12.46 -29.61
C VAL E 296 15.35 -13.02 -30.94
N TYR E 297 16.63 -13.29 -31.09
CA TYR E 297 17.14 -13.78 -32.35
C TYR E 297 17.41 -15.26 -32.26
N LEU E 298 16.86 -15.98 -33.22
CA LEU E 298 16.92 -17.42 -33.24
C LEU E 298 17.74 -17.92 -34.41
N PRO E 299 18.72 -18.79 -34.16
CA PRO E 299 19.40 -19.47 -35.25
C PRO E 299 18.37 -20.21 -36.06
N PRO E 300 18.69 -20.64 -37.27
CA PRO E 300 17.63 -21.17 -38.12
C PRO E 300 16.80 -22.26 -37.46
N ILE E 301 15.49 -22.18 -37.64
CA ILE E 301 14.58 -23.13 -37.04
C ILE E 301 14.20 -24.23 -38.00
N HIS E 302 14.93 -24.34 -39.10
CA HIS E 302 14.58 -25.30 -40.13
C HIS E 302 15.24 -26.66 -39.88
N PRO E 303 14.77 -27.69 -40.59
CA PRO E 303 15.34 -29.04 -40.50
C PRO E 303 16.79 -29.06 -40.87
N ILE E 304 17.59 -29.82 -40.14
CA ILE E 304 19.02 -29.86 -40.39
C ILE E 304 19.37 -31.04 -41.25
N GLY E 305 20.22 -30.83 -42.23
CA GLY E 305 20.59 -31.89 -43.14
C GLY E 305 21.21 -33.08 -42.45
N LYS E 306 20.99 -34.26 -43.05
CA LYS E 306 21.55 -35.50 -42.52
C LYS E 306 22.81 -35.90 -43.28
N VAL E 307 23.08 -35.25 -44.40
CA VAL E 307 24.26 -35.59 -45.20
C VAL E 307 25.44 -34.71 -44.87
N HIS E 308 26.56 -35.33 -44.53
CA HIS E 308 27.79 -34.61 -44.24
C HIS E 308 27.62 -33.73 -43.01
N ARG E 309 26.65 -34.08 -42.19
CA ARG E 309 26.33 -33.36 -40.97
C ARG E 309 27.57 -33.28 -40.09
N LYS E 310 27.79 -32.12 -39.47
CA LYS E 310 28.99 -31.88 -38.69
C LYS E 310 28.84 -32.34 -37.24
N GLY E 311 29.92 -32.84 -36.65
CA GLY E 311 29.85 -33.36 -35.30
C GLY E 311 30.24 -32.34 -34.26
N ARG E 312 30.25 -32.72 -32.99
CA ARG E 312 30.59 -31.78 -31.94
C ARG E 312 31.95 -31.16 -32.23
N ASN E 313 32.10 -29.88 -31.93
CA ASN E 313 33.35 -29.15 -32.14
C ASN E 313 33.80 -29.07 -33.60
N ASN E 314 32.83 -29.01 -34.50
CA ASN E 314 33.08 -28.86 -35.93
C ASN E 314 33.72 -30.10 -36.52
N SER E 315 33.59 -31.23 -35.83
CA SER E 315 34.12 -32.49 -36.34
C SER E 315 33.47 -32.79 -37.68
N PRO E 316 34.24 -33.34 -38.62
CA PRO E 316 33.68 -33.55 -39.95
C PRO E 316 32.61 -34.63 -40.00
N THR E 317 32.75 -35.65 -39.16
CA THR E 317 31.82 -36.78 -39.17
C THR E 317 30.88 -36.71 -37.98
N ALA E 318 29.59 -36.91 -38.24
CA ALA E 318 28.58 -36.78 -37.20
C ALA E 318 28.24 -38.11 -36.56
N ALA E 319 28.24 -38.15 -35.23
CA ALA E 319 27.82 -39.35 -34.51
C ALA E 319 26.34 -39.56 -34.81
N PRO E 320 25.78 -40.74 -34.49
CA PRO E 320 24.39 -40.93 -34.90
C PRO E 320 23.40 -40.00 -34.20
N THR E 321 23.70 -39.63 -32.97
CA THR E 321 22.80 -38.81 -32.16
C THR E 321 23.05 -37.29 -32.24
N ASP E 322 24.19 -36.87 -32.79
CA ASP E 322 24.55 -35.46 -32.82
C ASP E 322 23.52 -34.68 -33.60
N VAL E 323 23.40 -33.40 -33.29
CA VAL E 323 22.32 -32.59 -33.85
C VAL E 323 22.66 -31.79 -35.08
N GLY E 324 23.93 -31.46 -35.25
CA GLY E 324 24.33 -30.71 -36.43
C GLY E 324 24.01 -29.24 -36.32
N SER E 325 24.60 -28.43 -37.20
CA SER E 325 24.45 -26.99 -37.10
C SER E 325 23.20 -26.54 -37.80
N PRO E 326 22.42 -25.68 -37.16
CA PRO E 326 21.17 -25.20 -37.71
C PRO E 326 21.37 -24.56 -39.06
N TRP E 327 22.58 -24.12 -39.36
CA TRP E 327 22.83 -23.43 -40.61
C TRP E 327 22.96 -24.38 -41.79
N ALA E 328 23.00 -25.68 -41.50
CA ALA E 328 22.92 -26.70 -42.55
C ALA E 328 21.47 -26.94 -42.95
N ILE E 329 20.85 -25.94 -43.56
CA ILE E 329 19.43 -25.97 -43.79
C ILE E 329 18.99 -27.04 -44.75
N GLY E 330 17.88 -27.68 -44.45
CA GLY E 330 17.24 -28.61 -45.37
C GLY E 330 17.44 -30.10 -45.14
N SER E 331 16.37 -30.83 -45.35
CA SER E 331 16.37 -32.29 -45.25
C SER E 331 15.17 -32.82 -45.96
N ASP E 332 15.10 -34.14 -46.11
CA ASP E 332 13.95 -34.78 -46.73
C ASP E 332 12.67 -34.34 -46.03
N GLU E 333 12.81 -33.96 -44.77
CA GLU E 333 11.72 -33.45 -43.96
C GLU E 333 11.18 -32.10 -44.45
N GLY E 334 12.06 -31.19 -44.82
CA GLY E 334 11.60 -29.89 -45.26
C GLY E 334 12.68 -28.93 -45.67
N GLY E 335 12.26 -27.78 -46.19
CA GLY E 335 13.16 -26.72 -46.62
C GLY E 335 13.08 -25.48 -45.76
N HIS E 336 13.37 -24.34 -46.38
CA HIS E 336 13.34 -23.07 -45.67
C HIS E 336 11.96 -22.69 -45.20
N ASP E 337 10.93 -23.31 -45.73
CA ASP E 337 9.59 -22.91 -45.36
C ASP E 337 9.00 -23.77 -44.28
N THR E 338 9.77 -24.75 -43.81
CA THR E 338 9.26 -25.67 -42.82
C THR E 338 10.06 -25.65 -41.53
N VAL E 339 9.36 -25.80 -40.41
CA VAL E 339 9.99 -25.90 -39.11
C VAL E 339 10.65 -27.24 -38.90
N HIS E 340 11.83 -27.24 -38.31
CA HIS E 340 12.52 -28.48 -37.95
C HIS E 340 11.62 -29.27 -37.02
N PRO E 341 11.30 -30.51 -37.38
CA PRO E 341 10.26 -31.26 -36.69
C PRO E 341 10.53 -31.44 -35.23
N SER E 342 11.79 -31.59 -34.83
CA SER E 342 12.10 -31.76 -33.41
C SER E 342 11.66 -30.57 -32.58
N LEU E 343 11.58 -29.40 -33.19
CA LEU E 343 11.10 -28.24 -32.47
C LEU E 343 9.59 -28.27 -32.31
N GLY E 344 8.87 -28.72 -33.33
CA GLY E 344 7.42 -28.81 -33.22
C GLY E 344 6.68 -28.50 -34.49
N THR E 345 5.36 -28.49 -34.41
CA THR E 345 4.55 -28.11 -35.55
C THR E 345 4.71 -26.61 -35.75
N ILE E 346 4.33 -26.11 -36.92
CA ILE E 346 4.45 -24.70 -37.17
C ILE E 346 3.56 -23.90 -36.26
N ASP E 347 2.50 -24.52 -35.77
CA ASP E 347 1.61 -23.83 -34.86
C ASP E 347 2.39 -23.50 -33.59
N ASP E 348 3.28 -24.40 -33.21
CA ASP E 348 4.09 -24.19 -32.03
C ASP E 348 4.91 -22.92 -32.17
N PHE E 349 5.41 -22.68 -33.37
CA PHE E 349 6.14 -21.46 -33.63
C PHE E 349 5.21 -20.30 -33.44
N ASP E 350 4.05 -20.37 -34.06
CA ASP E 350 3.09 -19.28 -33.99
C ASP E 350 2.79 -18.96 -32.54
N ASP E 351 2.78 -20.00 -31.73
CA ASP E 351 2.56 -19.87 -30.30
C ASP E 351 3.73 -19.18 -29.62
N PHE E 352 4.94 -19.53 -30.03
CA PHE E 352 6.15 -18.93 -29.47
C PHE E 352 6.25 -17.47 -29.79
N VAL E 353 5.95 -17.12 -31.03
CA VAL E 353 5.95 -15.74 -31.42
C VAL E 353 4.96 -14.97 -30.58
N SER E 354 3.77 -15.52 -30.46
CA SER E 354 2.72 -14.86 -29.72
C SER E 354 3.10 -14.75 -28.27
N ALA E 355 3.84 -15.74 -27.78
CA ALA E 355 4.30 -15.69 -26.41
C ALA E 355 5.18 -14.48 -26.22
N ALA E 356 6.10 -14.29 -27.15
CA ALA E 356 7.03 -13.19 -27.04
C ALA E 356 6.32 -11.88 -27.09
N ARG E 357 5.41 -11.74 -28.04
CA ARG E 357 4.69 -10.50 -28.24
C ARG E 357 3.94 -10.12 -26.98
N ASP E 358 3.53 -11.12 -26.23
CA ASP E 358 2.85 -10.85 -24.98
C ASP E 358 3.79 -10.18 -24.02
N LEU E 359 5.08 -10.49 -24.11
CA LEU E 359 6.08 -9.94 -23.19
C LEU E 359 6.69 -8.65 -23.67
N GLY E 360 6.24 -8.16 -24.81
CA GLY E 360 6.75 -6.93 -25.36
C GLY E 360 7.90 -7.11 -26.31
N MET E 361 8.21 -8.36 -26.63
CA MET E 361 9.35 -8.66 -27.48
C MET E 361 9.00 -9.01 -28.92
N GLU E 362 10.03 -9.16 -29.72
CA GLU E 362 9.90 -9.43 -31.14
C GLU E 362 10.81 -10.60 -31.46
N VAL E 363 10.50 -11.34 -32.52
CA VAL E 363 11.30 -12.49 -32.89
C VAL E 363 12.06 -12.21 -34.18
N ALA E 364 13.36 -12.51 -34.21
CA ALA E 364 14.12 -12.31 -35.42
C ALA E 364 14.71 -13.62 -35.85
N LEU E 365 14.46 -14.01 -37.09
CA LEU E 365 14.92 -15.30 -37.58
C LEU E 365 16.10 -15.19 -38.50
N ASP E 366 16.96 -16.19 -38.46
CA ASP E 366 18.13 -16.24 -39.33
C ASP E 366 17.73 -16.58 -40.75
N LEU E 367 18.19 -15.79 -41.69
CA LEU E 367 17.91 -16.03 -43.08
C LEU E 367 19.22 -16.43 -43.71
N ALA E 368 19.38 -17.72 -43.98
CA ALA E 368 20.62 -18.21 -44.53
C ALA E 368 20.40 -18.80 -45.89
N LEU E 369 20.87 -18.12 -46.93
CA LEU E 369 20.65 -18.62 -48.26
C LEU E 369 21.72 -19.60 -48.66
N GLN E 370 21.53 -20.83 -48.19
CA GLN E 370 22.45 -21.94 -48.40
C GLN E 370 21.59 -23.19 -48.37
N CYS E 371 22.17 -24.33 -48.73
CA CYS E 371 21.45 -25.58 -48.67
C CYS E 371 22.35 -26.69 -48.22
N ALA E 372 21.80 -27.63 -47.47
CA ALA E 372 22.49 -28.86 -47.14
C ALA E 372 22.23 -29.77 -48.30
N PRO E 373 23.01 -30.84 -48.44
CA PRO E 373 22.74 -31.67 -49.61
C PRO E 373 21.33 -32.25 -49.66
N ASP E 374 20.79 -32.73 -48.54
CA ASP E 374 19.44 -33.31 -48.54
C ASP E 374 18.34 -32.29 -48.72
N HIS E 375 18.70 -31.02 -48.84
CA HIS E 375 17.69 -30.00 -49.05
C HIS E 375 16.95 -30.31 -50.32
N PRO E 376 15.63 -30.18 -50.29
CA PRO E 376 14.82 -30.43 -51.47
C PRO E 376 15.30 -29.73 -52.72
N TRP E 377 15.89 -28.55 -52.59
CA TRP E 377 16.32 -27.83 -53.78
C TRP E 377 17.41 -28.60 -54.54
N ALA E 378 18.21 -29.38 -53.83
CA ALA E 378 19.28 -30.15 -54.48
C ALA E 378 18.72 -31.07 -55.56
N ARG E 379 17.50 -31.54 -55.39
CA ARG E 379 16.87 -32.40 -56.38
C ARG E 379 15.90 -31.55 -57.19
N GLU E 380 14.96 -30.91 -56.50
CA GLU E 380 13.85 -30.24 -57.17
C GLU E 380 14.28 -29.16 -58.15
N HIS E 381 15.10 -28.22 -57.69
CA HIS E 381 15.61 -27.22 -58.59
C HIS E 381 17.11 -27.19 -58.50
N ARG E 382 17.81 -27.73 -59.48
CA ARG E 382 19.26 -27.85 -59.35
C ARG E 382 19.96 -26.81 -60.21
N GLN E 383 19.21 -26.08 -61.00
CA GLN E 383 19.79 -24.99 -61.79
C GLN E 383 20.41 -24.01 -60.82
N TRP E 384 19.83 -23.94 -59.64
CA TRP E 384 20.21 -22.97 -58.63
C TRP E 384 21.57 -23.22 -58.01
N PHE E 385 22.27 -24.24 -58.47
CA PHE E 385 23.60 -24.50 -57.95
C PHE E 385 24.65 -24.49 -59.03
N THR E 386 25.90 -24.37 -58.62
CA THR E 386 27.00 -24.41 -59.56
C THR E 386 27.49 -25.82 -59.61
N GLU E 387 27.08 -26.53 -60.66
CA GLU E 387 27.30 -27.96 -60.78
C GLU E 387 28.62 -28.22 -61.47
N LEU E 388 29.45 -29.07 -60.87
CA LEU E 388 30.79 -29.32 -61.39
C LEU E 388 30.76 -30.18 -62.65
N PRO E 389 31.93 -30.38 -63.30
CA PRO E 389 31.87 -31.27 -64.45
C PRO E 389 31.48 -32.71 -64.11
N ASP E 390 31.89 -33.26 -62.97
CA ASP E 390 31.47 -34.62 -62.64
C ASP E 390 30.09 -34.66 -62.00
N GLY E 391 29.39 -33.54 -62.02
CA GLY E 391 28.01 -33.48 -61.55
C GLY E 391 27.79 -33.23 -60.08
N THR E 392 28.84 -33.37 -59.28
CA THR E 392 28.76 -33.05 -57.86
C THR E 392 28.72 -31.55 -57.71
N ILE E 393 28.41 -31.08 -56.50
CA ILE E 393 28.42 -29.66 -56.21
C ILE E 393 29.43 -29.32 -55.13
N ALA E 394 30.19 -28.26 -55.36
CA ALA E 394 31.27 -27.88 -54.46
C ALA E 394 30.72 -27.40 -53.15
N TYR E 395 31.30 -27.85 -52.04
CA TYR E 395 30.79 -27.43 -50.75
C TYR E 395 31.12 -25.98 -50.49
N ALA E 396 30.26 -25.31 -49.74
CA ALA E 396 30.41 -23.89 -49.48
C ALA E 396 31.71 -23.57 -48.78
N GLU E 397 32.28 -22.44 -49.15
CA GLU E 397 33.53 -21.99 -48.56
C GLU E 397 33.56 -20.49 -48.37
N ASN E 398 34.09 -20.08 -47.23
CA ASN E 398 34.33 -18.68 -46.92
C ASN E 398 35.70 -18.60 -46.25
N PRO E 399 36.69 -18.08 -46.96
CA PRO E 399 38.09 -18.19 -46.50
C PRO E 399 38.32 -17.46 -45.18
N PRO E 400 39.01 -18.11 -44.24
CA PRO E 400 39.51 -19.48 -44.38
C PRO E 400 38.56 -20.54 -43.85
N LYS E 401 37.37 -20.13 -43.40
CA LYS E 401 36.38 -21.07 -42.87
C LYS E 401 35.86 -22.00 -43.95
N LYS E 402 35.66 -23.26 -43.59
CA LYS E 402 35.12 -24.23 -44.55
C LYS E 402 33.78 -24.77 -44.07
N TYR E 403 32.81 -24.80 -44.97
CA TYR E 403 31.45 -25.20 -44.61
C TYR E 403 31.05 -26.49 -45.33
N GLN E 404 31.66 -27.60 -44.94
CA GLN E 404 31.50 -28.86 -45.67
C GLN E 404 30.06 -29.33 -45.75
N ASP E 405 29.23 -28.91 -44.81
CA ASP E 405 27.85 -29.36 -44.77
C ASP E 405 26.87 -28.62 -45.66
N ILE E 406 27.30 -27.64 -46.45
CA ILE E 406 26.35 -26.91 -47.28
C ILE E 406 26.76 -26.54 -48.69
N TYR E 407 25.77 -26.20 -49.52
CA TYR E 407 26.00 -25.79 -50.90
C TYR E 407 25.65 -24.33 -51.06
N PRO E 408 26.53 -23.54 -51.68
CA PRO E 408 26.18 -22.15 -51.95
C PRO E 408 25.20 -22.10 -53.07
N LEU E 409 24.30 -21.13 -53.11
CA LEU E 409 23.39 -21.05 -54.23
C LEU E 409 24.06 -20.37 -55.42
N ASN E 410 23.47 -20.49 -56.59
CA ASN E 410 23.98 -19.81 -57.77
C ASN E 410 22.90 -18.87 -58.27
N PHE E 411 23.14 -17.57 -58.16
CA PHE E 411 22.08 -16.62 -58.45
C PHE E 411 22.06 -16.21 -59.90
N ASP E 412 22.99 -16.72 -60.69
CA ASP E 412 23.08 -16.31 -62.09
C ASP E 412 22.42 -17.25 -63.10
N ASN E 413 22.42 -18.56 -62.84
CA ASN E 413 21.78 -19.50 -63.76
C ASN E 413 20.29 -19.24 -63.92
N ASP E 414 19.57 -19.13 -62.82
CA ASP E 414 18.13 -18.90 -62.89
C ASP E 414 17.75 -17.78 -61.95
N PRO E 415 18.05 -16.55 -62.34
CA PRO E 415 17.85 -15.45 -61.42
C PRO E 415 16.40 -15.26 -61.04
N GLU E 416 15.51 -14.92 -61.97
CA GLU E 416 14.13 -14.61 -61.59
C GLU E 416 13.48 -15.88 -61.03
N GLY E 417 14.08 -17.02 -61.31
CA GLY E 417 13.64 -18.27 -60.72
C GLY E 417 13.92 -18.34 -59.24
N LEU E 418 15.18 -18.15 -58.87
CA LEU E 418 15.60 -18.18 -57.47
C LEU E 418 15.15 -16.93 -56.73
N TYR E 419 15.24 -15.79 -57.39
CA TYR E 419 14.82 -14.53 -56.79
C TYR E 419 13.43 -14.67 -56.25
N ASP E 420 12.51 -15.15 -57.09
CA ASP E 420 11.10 -15.28 -56.72
C ASP E 420 10.88 -16.30 -55.64
N GLU E 421 11.69 -17.35 -55.61
CA GLU E 421 11.52 -18.33 -54.55
C GLU E 421 11.97 -17.80 -53.20
N VAL E 422 13.12 -17.15 -53.12
CA VAL E 422 13.57 -16.65 -51.83
C VAL E 422 12.60 -15.60 -51.32
N LEU E 423 12.04 -14.79 -52.19
CA LEU E 423 11.03 -13.83 -51.78
C LEU E 423 9.87 -14.57 -51.19
N ARG E 424 9.53 -15.70 -51.80
CA ARG E 424 8.43 -16.50 -51.32
C ARG E 424 8.71 -16.95 -49.90
N VAL E 425 9.92 -17.43 -49.68
CA VAL E 425 10.27 -17.97 -48.39
C VAL E 425 10.25 -16.90 -47.32
N VAL E 426 10.87 -15.77 -47.59
CA VAL E 426 10.92 -14.71 -46.61
C VAL E 426 9.53 -14.27 -46.29
N GLN E 427 8.70 -14.20 -47.31
CA GLN E 427 7.33 -13.75 -47.16
C GLN E 427 6.53 -14.67 -46.26
N HIS E 428 6.91 -15.94 -46.22
CA HIS E 428 6.20 -16.94 -45.44
C HIS E 428 6.23 -16.56 -43.99
N TRP E 429 7.42 -16.29 -43.50
CA TRP E 429 7.61 -15.96 -42.11
C TRP E 429 7.08 -14.59 -41.75
N VAL E 430 7.10 -13.66 -42.69
CA VAL E 430 6.50 -12.37 -42.43
C VAL E 430 5.04 -12.60 -42.07
N ASN E 431 4.40 -13.51 -42.77
CA ASN E 431 3.03 -13.85 -42.48
C ASN E 431 2.85 -14.55 -41.15
N HIS E 432 3.93 -15.02 -40.56
CA HIS E 432 3.84 -15.67 -39.27
C HIS E 432 4.36 -14.80 -38.15
N GLY E 433 4.42 -13.51 -38.38
CA GLY E 433 4.72 -12.56 -37.33
C GLY E 433 6.17 -12.17 -37.18
N VAL E 434 7.01 -12.61 -38.12
CA VAL E 434 8.42 -12.27 -38.08
C VAL E 434 8.76 -11.09 -38.97
N LYS E 435 9.11 -9.96 -38.38
CA LYS E 435 9.34 -8.78 -39.19
C LYS E 435 10.73 -8.19 -38.96
N PHE E 436 11.65 -9.05 -38.53
CA PHE E 436 13.07 -8.72 -38.47
C PHE E 436 13.88 -9.96 -38.84
N PHE E 437 14.76 -9.87 -39.83
CA PHE E 437 15.51 -11.03 -40.26
C PHE E 437 16.98 -10.82 -40.09
N ARG E 438 17.70 -11.80 -39.58
CA ARG E 438 19.13 -11.64 -39.53
C ARG E 438 19.76 -12.27 -40.74
N VAL E 439 19.95 -11.49 -41.80
CA VAL E 439 20.57 -12.04 -42.98
C VAL E 439 21.99 -12.38 -42.65
N ASP E 440 22.44 -13.59 -42.93
CA ASP E 440 23.76 -13.93 -42.45
C ASP E 440 24.65 -14.10 -43.65
N ASN E 441 25.85 -13.54 -43.56
CA ASN E 441 26.81 -13.52 -44.66
C ASN E 441 26.29 -12.92 -45.94
N PRO E 442 25.63 -11.77 -45.88
CA PRO E 442 25.05 -11.23 -47.10
C PRO E 442 26.09 -10.87 -48.13
N HIS E 443 27.32 -10.65 -47.67
CA HIS E 443 28.35 -10.23 -48.60
C HIS E 443 28.80 -11.34 -49.52
N THR E 444 28.35 -12.56 -49.29
CA THR E 444 28.73 -13.67 -50.16
C THR E 444 27.64 -13.96 -51.16
N LYS E 445 26.71 -13.04 -51.30
CA LYS E 445 25.67 -13.17 -52.29
C LYS E 445 25.64 -11.87 -53.06
N PRO E 446 25.13 -11.89 -54.28
CA PRO E 446 25.15 -10.70 -55.12
C PRO E 446 24.43 -9.54 -54.50
N PRO E 447 25.04 -8.36 -54.54
CA PRO E 447 24.49 -7.13 -54.05
C PRO E 447 23.16 -6.83 -54.64
N ASN E 448 23.01 -6.95 -55.95
CA ASN E 448 21.77 -6.53 -56.57
C ASN E 448 20.62 -7.36 -56.05
N PHE E 449 20.89 -8.59 -55.67
CA PHE E 449 19.84 -9.44 -55.13
C PHE E 449 19.26 -8.80 -53.88
N TRP E 450 20.12 -8.45 -52.93
CA TRP E 450 19.68 -7.87 -51.69
C TRP E 450 18.89 -6.61 -51.96
N ALA E 451 19.36 -5.80 -52.86
CA ALA E 451 18.67 -4.58 -53.18
C ALA E 451 17.27 -4.91 -53.65
N TRP E 452 17.15 -5.96 -54.45
CA TRP E 452 15.87 -6.41 -54.94
C TRP E 452 15.05 -7.00 -53.82
N LEU E 453 15.62 -7.92 -53.06
CA LEU E 453 14.89 -8.63 -52.02
C LEU E 453 14.35 -7.67 -51.00
N ILE E 454 15.19 -6.75 -50.56
CA ILE E 454 14.75 -5.80 -49.56
C ILE E 454 13.62 -4.96 -50.09
N ALA E 455 13.76 -4.39 -51.27
CA ALA E 455 12.73 -3.52 -51.79
C ALA E 455 11.47 -4.28 -52.09
N GLN E 456 11.62 -5.50 -52.55
CA GLN E 456 10.46 -6.31 -52.88
C GLN E 456 9.67 -6.62 -51.62
N VAL E 457 10.34 -7.03 -50.55
CA VAL E 457 9.66 -7.31 -49.28
C VAL E 457 9.08 -6.08 -48.61
N LYS E 458 9.87 -5.04 -48.49
CA LYS E 458 9.44 -3.85 -47.78
C LYS E 458 8.29 -3.15 -48.46
N THR E 459 8.14 -3.33 -49.76
CA THR E 459 7.02 -2.66 -50.41
C THR E 459 5.67 -3.29 -50.03
N VAL E 460 5.62 -4.61 -49.85
CA VAL E 460 4.38 -5.22 -49.36
C VAL E 460 4.19 -4.94 -47.88
N ASP E 461 5.24 -5.09 -47.08
CA ASP E 461 5.21 -4.76 -45.66
C ASP E 461 6.44 -3.95 -45.28
N PRO E 462 6.26 -2.67 -44.97
CA PRO E 462 7.39 -1.77 -44.77
C PRO E 462 7.95 -1.83 -43.38
N ASP E 463 7.39 -2.69 -42.55
CA ASP E 463 7.83 -2.77 -41.19
C ASP E 463 8.79 -3.93 -41.01
N VAL E 464 9.17 -4.55 -42.12
CA VAL E 464 10.10 -5.66 -42.07
C VAL E 464 11.52 -5.14 -42.09
N LEU E 465 12.36 -5.59 -41.18
CA LEU E 465 13.71 -5.04 -41.07
C LEU E 465 14.80 -6.10 -41.21
N PHE E 466 15.94 -5.69 -41.72
CA PHE E 466 17.00 -6.64 -41.97
C PHE E 466 18.29 -6.29 -41.26
N LEU E 467 18.98 -7.29 -40.72
CA LEU E 467 20.26 -7.07 -40.09
C LEU E 467 21.31 -7.84 -40.87
N SER E 468 22.38 -7.17 -41.30
CA SER E 468 23.36 -7.83 -42.14
C SER E 468 24.60 -8.23 -41.38
N GLU E 469 24.85 -9.52 -41.27
CA GLU E 469 26.05 -10.00 -40.60
C GLU E 469 27.19 -10.01 -41.57
N ALA E 470 27.66 -8.83 -41.97
CA ALA E 470 28.72 -8.78 -42.95
C ALA E 470 30.02 -8.35 -42.32
N PHE E 471 30.82 -9.32 -41.92
CA PHE E 471 32.13 -9.03 -41.40
C PHE E 471 33.07 -9.01 -42.57
N THR E 472 33.23 -7.85 -43.17
CA THR E 472 33.95 -7.75 -44.42
C THR E 472 34.55 -6.36 -44.48
N PRO E 473 35.54 -6.14 -45.36
CA PRO E 473 36.14 -4.82 -45.42
C PRO E 473 35.13 -3.73 -45.72
N PRO E 474 35.45 -2.48 -45.39
CA PRO E 474 34.48 -1.39 -45.38
C PRO E 474 33.68 -1.25 -46.63
N ALA E 475 34.32 -1.19 -47.79
CA ALA E 475 33.61 -0.89 -49.02
C ALA E 475 32.42 -1.80 -49.22
N ARG E 476 32.57 -3.04 -48.80
CA ARG E 476 31.47 -3.99 -48.83
C ARG E 476 30.55 -3.82 -47.64
N GLN E 477 31.13 -3.72 -46.45
CA GLN E 477 30.35 -3.67 -45.23
C GLN E 477 29.42 -2.49 -45.24
N TYR E 478 29.94 -1.30 -45.45
CA TYR E 478 29.13 -0.10 -45.47
C TYR E 478 28.35 -0.05 -46.76
N GLY E 479 28.88 -0.70 -47.78
CA GLY E 479 28.22 -0.67 -49.06
C GLY E 479 26.89 -1.34 -48.90
N LEU E 480 26.89 -2.50 -48.27
CA LEU E 480 25.69 -3.30 -48.09
C LEU E 480 24.64 -2.57 -47.32
N ALA E 481 25.06 -1.81 -46.33
CA ALA E 481 24.13 -1.03 -45.55
C ALA E 481 23.43 -0.02 -46.44
N LYS E 482 24.19 0.60 -47.31
CA LYS E 482 23.66 1.63 -48.20
C LYS E 482 22.52 1.07 -49.04
N LEU E 483 22.55 -0.21 -49.40
CA LEU E 483 21.50 -0.75 -50.26
C LEU E 483 20.18 -0.95 -49.58
N GLY E 484 20.14 -0.84 -48.26
CA GLY E 484 18.88 -0.93 -47.57
C GLY E 484 18.87 -1.71 -46.27
N PHE E 485 19.93 -2.40 -45.94
CA PHE E 485 19.95 -3.14 -44.69
C PHE E 485 19.77 -2.19 -43.50
N THR E 486 18.75 -2.46 -42.71
CA THR E 486 18.37 -1.57 -41.61
C THR E 486 19.41 -1.48 -40.51
N GLN E 487 20.12 -2.57 -40.24
CA GLN E 487 21.21 -2.55 -39.28
C GLN E 487 22.35 -3.38 -39.79
N SER E 488 23.54 -3.21 -39.24
CA SER E 488 24.66 -4.01 -39.68
C SER E 488 25.49 -4.45 -38.52
N TYR E 489 26.04 -5.65 -38.54
CA TYR E 489 26.99 -6.05 -37.52
C TYR E 489 28.19 -5.17 -37.74
N SER E 490 29.10 -5.09 -36.79
CA SER E 490 30.22 -4.18 -36.96
C SER E 490 31.51 -4.81 -36.55
N TYR E 491 32.59 -4.06 -36.69
CA TYR E 491 33.89 -4.61 -36.32
C TYR E 491 34.09 -4.45 -34.82
N PHE E 492 33.01 -4.18 -34.10
CA PHE E 492 33.07 -3.78 -32.70
C PHE E 492 33.90 -4.70 -31.83
N THR E 493 33.75 -5.99 -32.05
CA THR E 493 34.33 -6.97 -31.18
C THR E 493 35.82 -6.81 -31.09
N TRP E 494 36.40 -6.32 -32.17
CA TRP E 494 37.85 -6.23 -32.27
C TRP E 494 38.38 -4.86 -31.99
N ARG E 495 37.57 -4.02 -31.35
CA ARG E 495 38.06 -2.76 -30.87
C ARG E 495 38.15 -2.79 -29.37
N THR E 496 39.38 -2.80 -28.84
CA THR E 496 39.58 -2.92 -27.41
C THR E 496 40.58 -1.99 -26.76
N THR E 497 41.15 -1.05 -27.50
CA THR E 497 42.07 -0.14 -26.85
C THR E 497 41.39 1.19 -26.80
N LYS E 498 41.83 2.06 -25.90
CA LYS E 498 41.13 3.32 -25.73
C LYS E 498 41.00 4.05 -27.04
N TRP E 499 42.07 4.02 -27.82
CA TRP E 499 42.08 4.71 -29.09
C TRP E 499 41.26 3.99 -30.15
N GLU E 500 41.25 2.67 -30.15
CA GLU E 500 40.41 1.93 -31.08
C GLU E 500 38.94 2.22 -30.80
N LEU E 501 38.54 2.12 -29.53
CA LEU E 501 37.16 2.36 -29.16
C LEU E 501 36.76 3.78 -29.45
N THR E 502 37.67 4.72 -29.23
CA THR E 502 37.35 6.10 -29.52
C THR E 502 37.03 6.27 -30.98
N GLU E 503 37.87 5.73 -31.84
CA GLU E 503 37.67 5.88 -33.26
C GLU E 503 36.40 5.18 -33.66
N PHE E 504 36.19 3.99 -33.16
CA PHE E 504 34.99 3.22 -33.48
C PHE E 504 33.73 3.94 -33.08
N GLY E 505 33.76 4.55 -31.91
CA GLY E 505 32.62 5.28 -31.40
C GLY E 505 32.30 6.48 -32.24
N ASN E 506 33.30 7.31 -32.53
CA ASN E 506 33.08 8.49 -33.34
C ASN E 506 32.58 8.13 -34.71
N GLN E 507 33.01 6.99 -35.24
CA GLN E 507 32.61 6.61 -36.56
C GLN E 507 31.12 6.38 -36.62
N ILE E 508 30.54 5.94 -35.52
CA ILE E 508 29.14 5.56 -35.47
C ILE E 508 28.27 6.66 -36.00
N ALA E 509 28.46 7.86 -35.45
CA ALA E 509 27.90 9.05 -36.06
C ALA E 509 28.85 9.55 -37.10
N GLU E 510 28.40 9.63 -38.33
CA GLU E 510 29.24 9.75 -39.53
C GLU E 510 28.49 8.93 -40.49
N LEU E 511 28.61 7.64 -40.28
CA LEU E 511 27.97 6.70 -41.15
C LEU E 511 26.53 6.58 -40.73
N ALA E 512 26.12 7.44 -39.81
CA ALA E 512 24.79 7.37 -39.22
C ALA E 512 23.70 7.53 -40.26
N ASP E 513 23.95 8.33 -41.28
CA ASP E 513 22.94 8.55 -42.28
C ASP E 513 22.61 7.28 -43.07
N TYR E 514 23.54 6.33 -43.11
CA TYR E 514 23.25 5.10 -43.82
C TYR E 514 23.60 3.79 -43.13
N ARG E 515 24.35 3.81 -42.05
CA ARG E 515 24.57 2.58 -41.30
C ARG E 515 24.16 2.67 -39.85
N ARG E 516 23.42 1.66 -39.40
CA ARG E 516 23.10 1.53 -38.01
C ARG E 516 23.80 0.32 -37.47
N PRO E 517 24.69 0.50 -36.53
CA PRO E 517 25.39 -0.70 -36.08
C PRO E 517 24.67 -1.40 -34.96
N ASN E 518 24.69 -2.72 -34.97
CA ASN E 518 24.20 -3.50 -33.87
C ASN E 518 25.38 -4.06 -33.13
N LEU E 519 25.63 -3.61 -31.92
CA LEU E 519 26.85 -3.99 -31.26
C LEU E 519 26.65 -5.24 -30.43
N PHE E 520 27.27 -6.33 -30.86
CA PHE E 520 27.13 -7.59 -30.19
C PHE E 520 28.35 -7.85 -29.38
N VAL E 521 28.17 -8.17 -28.11
CA VAL E 521 29.30 -8.46 -27.27
C VAL E 521 29.93 -9.77 -27.67
N ASN E 522 29.10 -10.72 -28.05
CA ASN E 522 29.58 -11.99 -28.56
C ASN E 522 28.58 -12.53 -29.52
N THR E 523 28.97 -13.50 -30.35
CA THR E 523 28.03 -14.27 -31.14
C THR E 523 28.54 -15.67 -30.99
N PRO E 524 27.76 -16.68 -31.38
CA PRO E 524 28.25 -18.05 -31.28
C PRO E 524 29.58 -18.29 -31.98
N ASP E 525 29.87 -17.46 -32.97
CA ASP E 525 31.12 -17.53 -33.73
C ASP E 525 32.28 -16.72 -33.16
N ILE E 526 32.01 -15.80 -32.26
CA ILE E 526 33.04 -14.90 -31.80
C ILE E 526 33.18 -14.85 -30.30
N LEU E 527 34.21 -15.48 -29.76
CA LEU E 527 34.52 -15.35 -28.35
C LEU E 527 35.86 -14.69 -28.27
N HIS E 528 35.85 -13.38 -28.15
CA HIS E 528 37.08 -12.62 -28.26
C HIS E 528 38.06 -12.97 -27.20
N ALA E 529 39.33 -12.83 -27.52
CA ALA E 529 40.39 -13.21 -26.62
C ALA E 529 40.27 -12.46 -25.32
N VAL E 530 39.90 -11.19 -25.41
CA VAL E 530 39.89 -10.36 -24.23
C VAL E 530 38.91 -10.89 -23.19
N LEU E 531 37.81 -11.48 -23.65
CA LEU E 531 36.85 -12.10 -22.75
C LEU E 531 37.39 -13.37 -22.15
N GLN E 532 38.27 -14.05 -22.88
CA GLN E 532 38.78 -15.36 -22.47
C GLN E 532 39.57 -15.36 -21.18
N HIS E 533 40.35 -14.33 -20.93
CA HIS E 533 41.24 -14.38 -19.78
C HIS E 533 41.09 -13.30 -18.72
N ASN E 534 40.23 -12.32 -18.93
CA ASN E 534 40.13 -11.24 -17.96
C ASN E 534 39.03 -11.42 -16.92
N GLY E 535 38.31 -12.52 -16.99
CA GLY E 535 37.38 -12.84 -15.91
C GLY E 535 36.14 -11.98 -15.99
N PRO E 536 35.19 -12.20 -15.07
CA PRO E 536 33.85 -11.65 -15.18
C PRO E 536 33.82 -10.15 -15.26
N GLY E 537 34.89 -9.51 -14.81
CA GLY E 537 34.93 -8.06 -14.87
C GLY E 537 34.80 -7.59 -16.30
N MET E 538 35.50 -8.22 -17.21
CA MET E 538 35.52 -7.74 -18.58
C MET E 538 34.16 -7.84 -19.21
N PHE E 539 33.43 -8.89 -18.87
CA PHE E 539 32.11 -9.10 -19.43
C PHE E 539 31.25 -7.91 -19.13
N ALA E 540 31.43 -7.35 -17.94
CA ALA E 540 30.75 -6.13 -17.59
C ALA E 540 31.20 -5.03 -18.50
N ILE E 541 32.51 -4.92 -18.69
CA ILE E 541 33.08 -3.82 -19.42
C ILE E 541 32.59 -3.76 -20.85
N ARG E 542 32.56 -4.89 -21.52
CA ARG E 542 32.09 -4.89 -22.88
C ARG E 542 30.62 -4.55 -22.95
N ALA E 543 29.86 -5.05 -21.99
CA ALA E 543 28.42 -4.81 -21.93
C ALA E 543 28.13 -3.34 -21.81
N VAL E 544 28.90 -2.65 -20.99
CA VAL E 544 28.73 -1.23 -20.81
C VAL E 544 29.02 -0.51 -22.10
N LEU E 545 30.05 -0.98 -22.78
CA LEU E 545 30.46 -0.36 -24.03
C LEU E 545 29.42 -0.58 -25.09
N ALA E 546 28.95 -1.79 -25.23
CA ALA E 546 27.98 -2.08 -26.27
C ALA E 546 26.69 -1.33 -25.99
N ALA E 547 26.20 -1.43 -24.77
CA ALA E 547 24.92 -0.86 -24.43
C ALA E 547 24.89 0.64 -24.57
N THR E 548 25.94 1.33 -24.17
CA THR E 548 26.00 2.79 -24.25
C THR E 548 26.36 3.39 -25.60
N MET E 549 27.34 2.83 -26.29
CA MET E 549 27.78 3.40 -27.56
C MET E 549 26.72 3.40 -28.64
N SER E 550 25.92 2.36 -28.74
CA SER E 550 24.91 2.28 -29.77
C SER E 550 23.50 2.08 -29.26
N PRO E 551 22.53 2.68 -29.95
CA PRO E 551 21.15 2.43 -29.59
C PRO E 551 20.76 0.98 -29.74
N ALA E 552 21.37 0.26 -30.66
CA ALA E 552 21.06 -1.15 -30.81
C ALA E 552 22.23 -2.03 -30.42
N TRP E 553 22.04 -2.97 -29.51
CA TRP E 553 23.10 -3.87 -29.06
C TRP E 553 22.58 -5.27 -28.84
N GLY E 554 23.47 -6.22 -28.61
CA GLY E 554 23.04 -7.60 -28.45
C GLY E 554 23.97 -8.52 -27.70
N MET E 555 23.47 -9.66 -27.27
CA MET E 555 24.31 -10.62 -26.59
C MET E 555 23.86 -12.01 -26.94
N TYR E 556 24.82 -12.92 -27.06
CA TYR E 556 24.55 -14.31 -27.35
C TYR E 556 24.47 -15.03 -26.04
N CYS E 557 23.52 -15.94 -25.94
CA CYS E 557 23.18 -16.63 -24.72
C CYS E 557 24.36 -17.19 -23.97
N GLY E 558 24.28 -17.19 -22.66
CA GLY E 558 25.34 -17.73 -21.84
C GLY E 558 26.39 -16.71 -21.52
N TYR E 559 26.35 -15.59 -22.22
CA TYR E 559 27.28 -14.52 -21.98
C TYR E 559 27.13 -14.10 -20.53
N GLU E 560 25.90 -14.05 -20.07
CA GLU E 560 25.64 -13.62 -18.72
C GLU E 560 26.17 -14.63 -17.72
N LEU E 561 26.56 -15.81 -18.18
CA LEU E 561 27.09 -16.80 -17.27
C LEU E 561 28.61 -16.80 -17.26
N PHE E 562 29.19 -15.86 -17.99
CA PHE E 562 30.63 -15.69 -18.09
C PHE E 562 31.30 -16.85 -18.79
N GLU E 563 30.61 -17.48 -19.74
CA GLU E 563 31.21 -18.56 -20.50
C GLU E 563 32.41 -18.03 -21.23
N HIS E 564 33.58 -18.57 -20.89
CA HIS E 564 34.84 -17.99 -21.34
C HIS E 564 35.88 -18.98 -21.83
N ARG E 565 35.50 -20.21 -22.11
CA ARG E 565 36.47 -21.21 -22.50
C ARG E 565 36.43 -21.41 -24.00
N ALA E 566 37.56 -21.22 -24.67
CA ALA E 566 37.60 -21.40 -26.12
C ALA E 566 38.15 -22.76 -26.44
N VAL E 567 37.91 -23.22 -27.66
CA VAL E 567 38.29 -24.58 -28.04
C VAL E 567 39.77 -24.85 -27.93
N ARG E 568 40.59 -23.90 -28.37
CA ARG E 568 42.03 -24.01 -28.26
C ARG E 568 42.58 -22.61 -28.10
N GLU E 569 43.75 -22.46 -27.51
CA GLU E 569 44.29 -21.14 -27.33
C GLU E 569 44.49 -20.47 -28.67
N GLY E 570 44.18 -19.19 -28.75
CA GLY E 570 44.35 -18.46 -29.99
C GLY E 570 43.19 -18.56 -30.94
N SER E 571 42.10 -19.15 -30.48
CA SER E 571 40.91 -19.25 -31.31
C SER E 571 39.79 -18.36 -30.82
N GLU E 572 38.82 -18.12 -31.67
CA GLU E 572 37.67 -17.35 -31.28
C GLU E 572 36.42 -18.21 -31.28
N GLU E 573 36.60 -19.53 -31.20
CA GLU E 573 35.48 -20.45 -31.20
C GLU E 573 35.15 -20.97 -29.82
N TYR E 574 33.86 -20.97 -29.51
CA TYR E 574 33.42 -21.41 -28.21
C TYR E 574 33.72 -22.89 -28.06
N LEU E 575 34.36 -23.27 -26.96
CA LEU E 575 34.62 -24.68 -26.71
C LEU E 575 33.32 -25.41 -26.56
N ASP E 576 33.20 -26.57 -27.18
CA ASP E 576 31.98 -27.33 -27.13
C ASP E 576 30.83 -26.50 -27.67
N SER E 577 31.06 -25.86 -28.81
CA SER E 577 30.12 -24.87 -29.32
C SER E 577 28.69 -25.35 -29.46
N GLU E 578 27.77 -24.45 -29.18
CA GLU E 578 26.34 -24.70 -29.23
C GLU E 578 25.86 -24.99 -30.63
N LYS E 579 26.63 -24.59 -31.62
CA LYS E 579 26.23 -24.81 -32.99
C LYS E 579 26.20 -26.29 -33.27
N TYR E 580 27.13 -27.02 -32.69
CA TYR E 580 27.28 -28.43 -32.96
C TYR E 580 26.72 -29.33 -31.86
N GLU E 581 26.37 -28.74 -30.73
CA GLU E 581 26.01 -29.52 -29.55
C GLU E 581 24.81 -28.89 -28.82
N LEU E 582 24.07 -29.68 -28.08
CA LEU E 582 22.99 -29.15 -27.26
C LEU E 582 23.59 -28.60 -26.00
N ARG E 583 23.22 -27.38 -25.64
CA ARG E 583 23.72 -26.80 -24.40
C ARG E 583 22.66 -26.12 -23.56
N PRO E 584 22.01 -26.89 -22.69
CA PRO E 584 21.14 -26.30 -21.69
C PRO E 584 21.98 -25.60 -20.66
N ARG E 585 21.48 -24.51 -20.10
CA ARG E 585 22.19 -23.78 -19.08
C ARG E 585 21.29 -23.58 -17.91
N ASP E 586 21.86 -23.42 -16.73
CA ASP E 586 21.07 -23.29 -15.53
C ASP E 586 21.26 -21.89 -15.01
N PHE E 587 20.45 -20.97 -15.51
CA PHE E 587 20.60 -19.58 -15.15
C PHE E 587 20.28 -19.33 -13.71
N ALA E 588 19.28 -20.03 -13.21
CA ALA E 588 18.81 -19.78 -11.87
C ALA E 588 19.92 -19.98 -10.86
N SER E 589 20.64 -21.08 -10.97
CA SER E 589 21.69 -21.37 -10.01
C SER E 589 22.74 -20.28 -9.99
N ALA E 590 23.03 -19.73 -11.16
CA ALA E 590 24.04 -18.69 -11.24
C ALA E 590 23.63 -17.48 -10.47
N LEU E 591 22.35 -17.13 -10.57
CA LEU E 591 21.81 -16.00 -9.84
C LEU E 591 21.96 -16.25 -8.36
N ASP E 592 21.65 -17.48 -7.96
CA ASP E 592 21.68 -17.85 -6.56
C ASP E 592 23.08 -17.84 -6.01
N GLN E 593 24.05 -18.28 -6.78
CA GLN E 593 25.43 -18.32 -6.33
C GLN E 593 26.21 -17.06 -6.66
N GLY E 594 25.52 -16.02 -7.11
CA GLY E 594 26.18 -14.76 -7.38
C GLY E 594 27.23 -14.85 -8.45
N ARG E 595 26.98 -15.66 -9.46
CA ARG E 595 27.91 -15.80 -10.56
C ARG E 595 27.23 -15.42 -11.85
N SER E 596 26.31 -14.47 -11.82
CA SER E 596 25.62 -14.11 -13.03
C SER E 596 25.63 -12.65 -13.30
N LEU E 597 25.77 -12.28 -14.57
CA LEU E 597 25.82 -10.87 -14.93
C LEU E 597 24.43 -10.45 -15.35
N GLN E 598 23.46 -11.30 -15.09
CA GLN E 598 22.10 -10.98 -15.40
C GLN E 598 21.60 -9.73 -14.70
N PRO E 599 21.92 -9.56 -13.41
CA PRO E 599 21.43 -8.34 -12.78
C PRO E 599 21.98 -7.09 -13.42
N PHE E 600 23.28 -7.09 -13.70
CA PHE E 600 23.93 -5.93 -14.27
C PHE E 600 23.32 -5.56 -15.59
N ILE E 601 23.14 -6.55 -16.42
CA ILE E 601 22.57 -6.34 -17.74
C ILE E 601 21.19 -5.74 -17.64
N THR E 602 20.42 -6.23 -16.68
CA THR E 602 19.09 -5.72 -16.52
C THR E 602 19.21 -4.24 -16.25
N ARG E 603 20.11 -3.86 -15.34
CA ARG E 603 20.27 -2.47 -14.97
C ARG E 603 20.72 -1.66 -16.16
N LEU E 604 21.51 -2.26 -17.04
CA LEU E 604 21.96 -1.54 -18.22
C LEU E 604 20.80 -1.24 -19.13
N ASN E 605 19.96 -2.22 -19.39
CA ASN E 605 18.85 -1.97 -20.28
C ASN E 605 17.83 -1.00 -19.70
N ILE E 606 17.62 -1.03 -18.39
CA ILE E 606 16.71 -0.07 -17.80
C ILE E 606 17.23 1.34 -18.03
N ILE E 607 18.53 1.51 -17.88
CA ILE E 607 19.13 2.83 -18.05
C ILE E 607 18.90 3.32 -19.45
N ARG E 608 19.07 2.45 -20.43
CA ARG E 608 18.81 2.80 -21.81
C ARG E 608 17.37 3.24 -22.02
N ARG E 609 16.42 2.53 -21.45
CA ARG E 609 15.06 2.95 -21.63
C ARG E 609 14.80 4.28 -20.94
N LEU E 610 15.39 4.46 -19.78
CA LEU E 610 15.17 5.65 -18.98
C LEU E 610 15.65 6.95 -19.63
N HIS E 611 16.80 6.88 -20.27
CA HIS E 611 17.41 8.05 -20.87
C HIS E 611 17.38 8.01 -22.39
N PRO E 612 16.63 8.91 -23.01
CA PRO E 612 16.50 8.88 -24.45
C PRO E 612 17.78 9.21 -25.16
N ALA E 613 18.78 9.63 -24.43
CA ALA E 613 20.05 9.94 -25.04
C ALA E 613 20.62 8.68 -25.63
N PHE E 614 20.34 7.57 -25.00
CA PHE E 614 20.92 6.34 -25.44
C PHE E 614 20.29 5.76 -26.69
N GLN E 615 19.22 6.36 -27.19
CA GLN E 615 18.63 5.92 -28.45
C GLN E 615 19.19 6.68 -29.62
N GLN E 616 20.16 7.54 -29.38
CA GLN E 616 20.70 8.38 -30.45
C GLN E 616 21.97 7.84 -31.09
N LEU E 617 22.10 7.98 -32.40
CA LEU E 617 23.33 7.59 -33.09
C LEU E 617 24.29 8.75 -33.11
N ARG E 618 23.75 9.90 -33.47
CA ARG E 618 24.53 11.07 -33.78
C ARG E 618 25.34 11.72 -32.69
N THR E 619 24.85 11.73 -31.46
CA THR E 619 25.38 12.68 -30.49
C THR E 619 26.51 12.25 -29.59
N ILE E 620 27.13 11.12 -29.85
CA ILE E 620 28.24 10.71 -29.00
C ILE E 620 29.36 11.74 -29.04
N HIS E 621 29.92 12.05 -27.89
CA HIS E 621 31.05 12.99 -27.78
C HIS E 621 32.00 12.51 -26.72
N PHE E 622 33.30 12.53 -27.03
CA PHE E 622 34.29 11.99 -26.14
C PHE E 622 34.96 13.10 -25.38
N HIS E 623 35.08 12.92 -24.07
CA HIS E 623 35.69 13.92 -23.21
C HIS E 623 37.02 13.38 -22.74
N HIS E 624 37.95 14.26 -22.46
CA HIS E 624 39.31 13.85 -22.17
C HIS E 624 39.49 13.34 -20.76
N VAL E 625 40.07 12.15 -20.63
CA VAL E 625 40.47 11.64 -19.33
C VAL E 625 41.91 11.19 -19.35
N ASP E 626 42.76 11.78 -18.53
CA ASP E 626 44.18 11.51 -18.62
C ASP E 626 44.58 10.17 -18.05
N ASN E 627 43.96 9.12 -18.55
CA ASN E 627 44.38 7.77 -18.24
C ASN E 627 44.09 6.91 -19.44
N ASP E 628 45.10 6.18 -19.89
CA ASP E 628 44.97 5.39 -21.09
C ASP E 628 43.97 4.28 -20.92
N ALA E 629 43.68 3.95 -19.67
CA ALA E 629 42.79 2.84 -19.38
C ALA E 629 41.38 3.29 -19.14
N LEU E 630 41.14 4.59 -19.20
CA LEU E 630 39.82 5.08 -18.90
C LEU E 630 39.28 5.76 -20.11
N LEU E 631 38.03 5.50 -20.43
CA LEU E 631 37.41 6.08 -21.61
C LEU E 631 36.14 6.81 -21.20
N ALA E 632 35.98 8.06 -21.60
CA ALA E 632 34.81 8.83 -21.20
C ALA E 632 34.13 9.52 -22.35
N TYR E 633 32.83 9.27 -22.51
CA TYR E 633 32.05 9.83 -23.61
C TYR E 633 30.64 10.18 -23.15
N SER E 634 29.96 11.04 -23.90
CA SER E 634 28.63 11.46 -23.52
C SER E 634 27.65 11.49 -24.66
N LYS E 635 26.38 11.26 -24.38
CA LYS E 635 25.37 11.32 -25.41
C LYS E 635 24.27 12.21 -24.93
N PHE E 636 23.55 12.86 -25.84
CA PHE E 636 22.42 13.67 -25.44
C PHE E 636 21.28 13.51 -26.42
N ASP E 637 20.08 13.91 -26.03
CA ASP E 637 18.92 13.78 -26.90
C ASP E 637 18.48 15.14 -27.36
N PRO E 638 18.46 15.38 -28.67
CA PRO E 638 18.06 16.65 -29.26
C PRO E 638 16.70 17.12 -28.82
N ALA E 639 15.79 16.19 -28.60
CA ALA E 639 14.43 16.54 -28.23
C ALA E 639 14.30 17.00 -26.79
N THR E 640 14.49 16.07 -25.87
CA THR E 640 14.20 16.31 -24.46
C THR E 640 15.35 16.94 -23.72
N GLY E 641 16.49 16.99 -24.35
CA GLY E 641 17.66 17.57 -23.73
C GLY E 641 18.39 16.65 -22.80
N ASP E 642 17.89 15.43 -22.67
CA ASP E 642 18.51 14.45 -21.81
C ASP E 642 19.98 14.33 -22.12
N CYS E 643 20.80 14.13 -21.11
CA CYS E 643 22.22 14.05 -21.32
C CYS E 643 22.86 13.10 -20.35
N VAL E 644 23.73 12.21 -20.82
CA VAL E 644 24.33 11.20 -19.97
C VAL E 644 25.81 11.04 -20.28
N LEU E 645 26.62 10.79 -19.26
CA LEU E 645 28.05 10.60 -19.44
C LEU E 645 28.46 9.26 -18.93
N VAL E 646 29.30 8.56 -19.68
CA VAL E 646 29.77 7.24 -19.29
C VAL E 646 31.25 7.28 -19.11
N VAL E 647 31.73 6.75 -18.00
CA VAL E 647 33.15 6.56 -17.81
C VAL E 647 33.42 5.11 -17.48
N VAL E 648 34.25 4.44 -18.28
CA VAL E 648 34.56 3.03 -18.12
C VAL E 648 36.04 2.78 -18.08
N THR E 649 36.43 1.65 -17.51
CA THR E 649 37.82 1.28 -17.50
C THR E 649 38.00 0.17 -18.48
N LEU E 650 39.12 0.14 -19.18
CA LEU E 650 39.34 -0.96 -20.11
C LEU E 650 40.23 -2.03 -19.53
N ASN E 651 40.75 -1.81 -18.34
CA ASN E 651 41.52 -2.85 -17.70
C ASN E 651 40.67 -3.37 -16.56
N ALA E 652 40.39 -4.66 -16.60
CA ALA E 652 39.48 -5.29 -15.65
C ALA E 652 40.07 -5.52 -14.28
N PHE E 653 41.40 -5.47 -14.19
CA PHE E 653 42.04 -5.90 -12.97
C PHE E 653 42.50 -4.85 -11.98
N GLY E 654 42.99 -3.71 -12.43
CA GLY E 654 43.53 -2.77 -11.47
C GLY E 654 42.70 -1.52 -11.32
N PRO E 655 42.63 -0.97 -10.11
CA PRO E 655 41.93 0.31 -9.95
C PRO E 655 42.65 1.32 -10.78
N GLU E 656 41.93 2.23 -11.42
CA GLU E 656 42.57 3.22 -12.24
C GLU E 656 41.96 4.58 -11.95
N GLU E 657 42.79 5.62 -11.83
CA GLU E 657 42.24 6.92 -11.46
C GLU E 657 42.75 8.00 -12.36
N ALA E 658 42.01 9.10 -12.46
CA ALA E 658 42.36 10.17 -13.37
C ALA E 658 41.62 11.45 -13.13
N THR E 659 41.96 12.48 -13.91
CA THR E 659 41.26 13.75 -13.91
C THR E 659 40.43 13.83 -15.17
N LEU E 660 39.14 14.08 -15.07
CA LEU E 660 38.30 14.08 -16.25
C LEU E 660 38.02 15.50 -16.67
N TRP E 661 38.27 15.83 -17.92
CA TRP E 661 38.08 17.19 -18.39
C TRP E 661 36.93 17.31 -19.35
N LEU E 662 35.80 17.81 -18.87
CA LEU E 662 34.61 17.88 -19.68
C LEU E 662 34.74 18.99 -20.71
N ASP E 663 34.14 18.81 -21.88
CA ASP E 663 34.02 19.89 -22.84
C ASP E 663 32.68 20.50 -22.60
N MET E 664 32.66 21.53 -21.77
CA MET E 664 31.41 22.03 -21.28
C MET E 664 30.56 22.53 -22.41
N ALA E 665 31.20 23.05 -23.45
CA ALA E 665 30.46 23.59 -24.57
C ALA E 665 29.58 22.52 -25.13
N ALA E 666 30.12 21.32 -25.23
CA ALA E 666 29.40 20.16 -25.75
C ALA E 666 28.24 19.77 -24.90
N LEU E 667 28.33 20.02 -23.61
CA LEU E 667 27.29 19.66 -22.67
C LEU E 667 26.36 20.82 -22.45
N GLY E 668 26.62 21.94 -23.11
CA GLY E 668 25.73 23.07 -23.05
C GLY E 668 25.93 23.97 -21.86
N MET E 669 27.14 24.00 -21.33
CA MET E 669 27.44 24.84 -20.19
C MET E 669 28.67 25.69 -20.45
N GLU E 670 28.84 26.78 -19.71
CA GLU E 670 30.05 27.58 -19.84
C GLU E 670 31.20 26.92 -19.11
N ASP E 671 32.42 27.28 -19.44
CA ASP E 671 33.56 26.61 -18.83
C ASP E 671 33.57 26.78 -17.32
N TYR E 672 33.13 27.95 -16.84
CA TYR E 672 33.22 28.26 -15.43
C TYR E 672 32.13 27.61 -14.61
N ASP E 673 31.15 27.04 -15.28
CA ASP E 673 29.97 26.52 -14.62
C ASP E 673 30.25 25.42 -13.64
N ARG E 674 29.39 25.30 -12.64
CA ARG E 674 29.40 24.19 -11.71
C ARG E 674 28.00 23.62 -11.63
N PHE E 675 27.89 22.31 -11.51
CA PHE E 675 26.60 21.69 -11.71
C PHE E 675 26.50 20.39 -10.95
N TRP E 676 25.31 19.81 -10.88
CA TRP E 676 25.11 18.57 -10.14
C TRP E 676 24.82 17.39 -11.03
N VAL E 677 25.34 16.23 -10.65
CA VAL E 677 25.15 15.03 -11.44
C VAL E 677 24.67 13.91 -10.56
N ARG E 678 24.11 12.87 -11.15
CA ARG E 678 23.64 11.73 -10.40
C ARG E 678 24.10 10.45 -11.03
N ASP E 679 24.52 9.50 -10.23
CA ASP E 679 25.03 8.23 -10.72
C ASP E 679 23.92 7.21 -10.88
N GLU E 680 23.64 6.78 -12.10
CA GLU E 680 22.48 5.96 -12.34
C GLU E 680 22.54 4.57 -11.75
N ILE E 681 23.73 4.01 -11.55
CA ILE E 681 23.78 2.74 -10.84
C ILE E 681 23.65 2.97 -9.34
N THR E 682 24.41 3.91 -8.78
CA THR E 682 24.42 4.20 -7.33
C THR E 682 23.29 5.05 -6.78
N GLY E 683 22.92 6.07 -7.53
CA GLY E 683 21.92 7.02 -7.10
C GLY E 683 22.45 8.19 -6.31
N GLU E 684 23.73 8.15 -5.94
CA GLU E 684 24.29 9.25 -5.17
C GLU E 684 24.51 10.45 -6.07
N GLU E 685 24.48 11.65 -5.51
CA GLU E 685 24.64 12.86 -6.30
C GLU E 685 25.83 13.64 -5.83
N TYR E 686 26.49 14.31 -6.75
CA TYR E 686 27.57 15.17 -6.34
C TYR E 686 27.70 16.37 -7.24
N GLN E 687 28.56 17.30 -6.83
CA GLN E 687 28.80 18.53 -7.56
C GLN E 687 30.09 18.45 -8.32
N TRP E 688 30.04 18.86 -9.58
CA TRP E 688 31.17 18.76 -10.49
C TRP E 688 31.40 20.08 -11.19
N GLY E 689 32.50 20.17 -11.90
CA GLY E 689 32.86 21.35 -12.65
C GLY E 689 33.58 20.91 -13.90
N GLN E 690 34.36 21.79 -14.51
CA GLN E 690 35.08 21.42 -15.72
C GLN E 690 36.09 20.30 -15.52
N ALA E 691 36.83 20.33 -14.43
CA ALA E 691 37.80 19.28 -14.21
C ALA E 691 37.48 18.55 -12.95
N ASN E 692 37.34 17.24 -13.04
CA ASN E 692 36.88 16.48 -11.90
C ASN E 692 37.69 15.24 -11.65
N TYR E 693 37.71 14.80 -10.42
CA TYR E 693 38.48 13.63 -10.06
C TYR E 693 37.60 12.42 -10.22
N ILE E 694 38.14 11.39 -10.83
CA ILE E 694 37.38 10.15 -10.99
C ILE E 694 38.28 8.96 -10.72
N ARG E 695 37.79 7.98 -9.97
CA ARG E 695 38.54 6.77 -9.74
C ARG E 695 37.65 5.56 -9.87
N ILE E 696 38.10 4.58 -10.64
CA ILE E 696 37.30 3.41 -10.94
C ILE E 696 37.91 2.14 -10.41
N ASP E 697 37.12 1.38 -9.66
CA ASP E 697 37.62 0.18 -9.04
C ASP E 697 36.78 -0.94 -9.57
N PRO E 698 37.37 -1.79 -10.40
CA PRO E 698 36.62 -2.95 -10.83
C PRO E 698 36.38 -3.78 -9.61
N ALA E 699 35.48 -4.74 -9.67
CA ALA E 699 35.19 -5.53 -8.49
C ALA E 699 34.50 -4.65 -7.50
N ARG E 700 34.19 -3.44 -7.92
CA ARG E 700 33.22 -2.65 -7.22
C ARG E 700 32.26 -2.12 -8.26
N ALA E 701 32.78 -1.37 -9.22
CA ALA E 701 32.02 -0.99 -10.40
C ALA E 701 32.96 -0.64 -11.54
N VAL E 702 32.71 -1.21 -12.71
CA VAL E 702 33.59 -0.97 -13.83
C VAL E 702 33.20 0.26 -14.59
N ALA E 703 32.15 0.93 -14.16
CA ALA E 703 31.76 2.14 -14.86
C ALA E 703 30.89 3.07 -14.04
N HIS E 704 30.95 4.34 -14.39
CA HIS E 704 30.09 5.32 -13.77
C HIS E 704 29.20 5.83 -14.87
N ILE E 705 27.91 5.61 -14.75
CA ILE E 705 27.01 6.18 -15.73
C ILE E 705 26.32 7.33 -15.06
N ILE E 706 26.61 8.53 -15.53
CA ILE E 706 26.30 9.74 -14.82
C ILE E 706 25.21 10.52 -15.49
N ASN E 707 24.19 10.93 -14.76
CA ASN E 707 23.18 11.77 -15.36
C ASN E 707 23.67 13.19 -15.27
N MET E 708 23.62 13.93 -16.37
CA MET E 708 24.17 15.27 -16.43
C MET E 708 23.08 16.30 -16.63
N PRO E 709 23.35 17.57 -16.33
CA PRO E 709 22.32 18.58 -16.47
C PRO E 709 21.79 18.62 -17.87
N ALA E 710 20.49 18.75 -18.04
CA ALA E 710 19.93 18.70 -19.36
C ALA E 710 20.42 19.82 -20.22
N VAL E 711 20.79 19.47 -21.44
CA VAL E 711 21.23 20.44 -22.43
C VAL E 711 20.13 21.43 -22.67
N PRO E 712 20.43 22.73 -22.55
CA PRO E 712 19.43 23.78 -22.67
C PRO E 712 18.72 23.73 -24.00
N TYR E 713 17.78 24.61 -24.24
CA TYR E 713 17.16 24.66 -25.55
C TYR E 713 18.15 25.32 -26.54
N GLU E 714 19.32 24.68 -26.63
CA GLU E 714 20.33 24.89 -27.66
C GLU E 714 20.72 23.48 -28.09
N SER E 715 19.78 22.56 -27.88
CA SER E 715 19.89 21.16 -28.23
C SER E 715 20.03 21.09 -29.73
N ARG E 716 19.19 21.89 -30.36
CA ARG E 716 18.99 21.95 -31.79
C ARG E 716 20.29 22.34 -32.44
N ASN E 717 21.01 23.23 -31.78
CA ASN E 717 22.23 23.76 -32.31
C ASN E 717 23.46 22.87 -32.11
N THR E 718 23.48 22.08 -31.06
CA THR E 718 24.61 21.18 -30.80
C THR E 718 24.48 19.91 -31.64
N LEU E 719 23.45 19.84 -32.47
CA LEU E 719 23.26 18.68 -33.34
C LEU E 719 23.70 18.98 -34.76
N LEU E 720 24.01 20.24 -35.04
CA LEU E 720 24.30 20.73 -36.37
C LEU E 720 25.31 19.84 -37.11
N ARG E 721 25.18 19.83 -38.44
CA ARG E 721 25.94 19.04 -39.41
C ARG E 721 25.34 17.66 -39.63
N PRO F 37 -18.66 -96.46 14.15
CA PRO F 37 -18.33 -95.16 13.55
C PRO F 37 -17.90 -95.28 12.09
N GLY F 38 -18.63 -94.70 11.13
CA GLY F 38 -19.71 -93.74 11.32
C GLY F 38 -21.11 -94.29 11.53
N ARG F 39 -21.73 -93.95 12.65
CA ARG F 39 -23.06 -94.47 13.01
C ARG F 39 -24.18 -94.12 12.05
N VAL F 40 -24.19 -92.91 11.53
CA VAL F 40 -25.22 -92.56 10.56
C VAL F 40 -24.53 -92.35 9.24
N GLU F 41 -25.02 -93.00 8.20
CA GLU F 41 -24.30 -93.00 6.95
C GLU F 41 -24.51 -91.71 6.20
N ILE F 42 -23.43 -91.10 5.75
CA ILE F 42 -23.48 -89.89 4.96
C ILE F 42 -22.66 -90.07 3.73
N ASP F 43 -23.28 -89.96 2.56
CA ASP F 43 -22.58 -90.33 1.35
C ASP F 43 -23.10 -89.51 0.19
N ASP F 44 -22.38 -89.53 -0.92
CA ASP F 44 -22.81 -88.88 -2.15
C ASP F 44 -23.06 -87.43 -1.90
N VAL F 45 -22.19 -86.80 -1.13
CA VAL F 45 -22.27 -85.39 -0.84
C VAL F 45 -21.95 -84.58 -2.08
N ALA F 46 -22.62 -83.45 -2.26
CA ALA F 46 -22.35 -82.55 -3.37
C ALA F 46 -22.57 -81.11 -2.91
N PRO F 47 -21.82 -80.15 -3.45
CA PRO F 47 -20.85 -80.23 -4.52
C PRO F 47 -19.46 -80.53 -4.03
N VAL F 48 -18.88 -81.57 -4.61
CA VAL F 48 -17.51 -81.88 -4.34
C VAL F 48 -16.86 -82.09 -5.70
N VAL F 49 -15.64 -81.59 -5.84
CA VAL F 49 -14.94 -81.60 -7.11
C VAL F 49 -13.70 -82.46 -7.04
N SER F 50 -13.54 -83.37 -7.99
CA SER F 50 -12.38 -84.24 -7.98
C SER F 50 -12.20 -84.89 -6.64
N CYS F 51 -13.29 -85.36 -6.08
CA CYS F 51 -13.32 -86.07 -4.81
C CYS F 51 -12.59 -85.25 -3.74
N GLY F 52 -12.71 -83.95 -3.83
CA GLY F 52 -12.20 -83.06 -2.80
C GLY F 52 -10.85 -82.40 -2.97
N VAL F 53 -10.15 -82.69 -4.05
CA VAL F 53 -8.87 -82.05 -4.26
C VAL F 53 -9.00 -80.56 -4.47
N TYR F 54 -10.01 -80.16 -5.23
CA TYR F 54 -10.20 -78.77 -5.59
C TYR F 54 -11.49 -78.21 -5.02
N PRO F 55 -11.48 -76.97 -4.57
CA PRO F 55 -12.69 -76.38 -4.07
C PRO F 55 -13.69 -76.05 -5.17
N ALA F 56 -14.96 -76.06 -4.81
CA ALA F 56 -16.02 -75.74 -5.72
C ALA F 56 -16.09 -74.25 -5.93
N LYS F 57 -16.81 -73.82 -6.94
CA LYS F 57 -16.89 -72.42 -7.29
C LYS F 57 -18.25 -71.80 -6.96
N ALA F 58 -18.21 -70.59 -6.44
CA ALA F 58 -19.42 -69.83 -6.18
C ALA F 58 -19.05 -68.38 -6.10
N VAL F 59 -20.03 -67.48 -6.13
CA VAL F 59 -19.78 -66.05 -5.93
C VAL F 59 -20.66 -65.47 -4.86
N VAL F 60 -20.38 -64.25 -4.47
CA VAL F 60 -21.16 -63.62 -3.43
C VAL F 60 -22.59 -63.43 -3.87
N GLY F 61 -23.51 -63.80 -3.00
CA GLY F 61 -24.92 -63.71 -3.27
C GLY F 61 -25.44 -64.77 -4.20
N GLU F 62 -24.70 -65.84 -4.38
CA GLU F 62 -25.15 -66.92 -5.22
C GLU F 62 -25.75 -67.98 -4.34
N VAL F 63 -26.86 -68.55 -4.72
CA VAL F 63 -27.39 -69.61 -3.90
C VAL F 63 -26.69 -70.90 -4.21
N VAL F 64 -26.02 -71.48 -3.22
CA VAL F 64 -25.32 -72.73 -3.46
C VAL F 64 -26.12 -73.88 -2.92
N PRO F 65 -26.57 -74.77 -3.79
CA PRO F 65 -27.38 -75.89 -3.34
C PRO F 65 -26.52 -77.05 -2.96
N VAL F 66 -26.81 -77.66 -1.83
CA VAL F 66 -26.01 -78.76 -1.31
C VAL F 66 -26.90 -79.97 -1.13
N SER F 67 -26.39 -81.16 -1.41
CA SER F 67 -27.20 -82.34 -1.24
C SER F 67 -26.35 -83.48 -0.77
N ALA F 68 -26.97 -84.42 -0.08
CA ALA F 68 -26.25 -85.56 0.46
C ALA F 68 -27.21 -86.66 0.77
N ALA F 69 -26.69 -87.86 0.97
CA ALA F 69 -27.56 -88.96 1.30
C ALA F 69 -27.26 -89.38 2.69
N VAL F 70 -28.27 -89.36 3.56
CA VAL F 70 -28.06 -89.78 4.92
C VAL F 70 -29.11 -90.81 5.29
N TRP F 71 -28.68 -91.92 5.87
CA TRP F 71 -29.62 -92.97 6.21
C TRP F 71 -29.15 -93.73 7.42
N ARG F 72 -30.05 -94.48 8.01
CA ARG F 72 -29.76 -95.21 9.22
C ARG F 72 -30.65 -96.42 9.28
N GLU F 73 -30.59 -97.15 10.38
CA GLU F 73 -31.33 -98.39 10.53
C GLU F 73 -32.83 -98.19 10.46
N GLY F 74 -33.51 -99.11 9.80
CA GLY F 74 -34.95 -99.21 9.92
C GLY F 74 -35.77 -98.00 9.56
N HIS F 75 -36.95 -97.91 10.15
CA HIS F 75 -37.86 -96.79 9.92
C HIS F 75 -37.68 -95.71 10.98
N GLU F 76 -36.63 -95.84 11.78
CA GLU F 76 -36.28 -94.80 12.73
C GLU F 76 -35.88 -93.53 12.00
N ALA F 77 -36.49 -92.41 12.36
CA ALA F 77 -36.30 -91.17 11.61
C ALA F 77 -34.90 -90.63 11.68
N VAL F 78 -34.53 -89.90 10.65
CA VAL F 78 -33.19 -89.37 10.53
C VAL F 78 -33.33 -87.96 10.03
N ALA F 79 -32.37 -87.12 10.36
CA ALA F 79 -32.40 -85.74 9.94
C ALA F 79 -31.00 -85.27 9.65
N ALA F 80 -30.89 -84.22 8.86
CA ALA F 80 -29.58 -83.73 8.52
C ALA F 80 -29.51 -82.24 8.74
N THR F 81 -28.32 -81.78 9.11
CA THR F 81 -28.06 -80.38 9.32
C THR F 81 -26.88 -79.98 8.46
N LEU F 82 -27.03 -78.95 7.64
CA LEU F 82 -25.94 -78.51 6.80
C LEU F 82 -25.15 -77.49 7.59
N VAL F 83 -23.88 -77.75 7.79
CA VAL F 83 -23.05 -76.91 8.64
C VAL F 83 -22.08 -76.08 7.82
N VAL F 84 -22.26 -74.77 7.82
CA VAL F 84 -21.40 -73.89 7.04
C VAL F 84 -20.50 -73.04 7.91
N ARG F 85 -19.25 -72.89 7.49
CA ARG F 85 -18.28 -72.07 8.21
C ARG F 85 -17.57 -71.21 7.20
N TYR F 86 -17.32 -69.96 7.54
CA TYR F 86 -16.54 -69.09 6.69
C TYR F 86 -15.17 -68.94 7.26
N LEU F 87 -14.16 -69.40 6.53
CA LEU F 87 -12.81 -69.31 7.02
C LEU F 87 -12.30 -67.95 6.60
N GLY F 88 -11.00 -67.78 6.50
CA GLY F 88 -10.48 -66.45 6.21
C GLY F 88 -10.65 -66.05 4.77
N VAL F 89 -9.69 -65.26 4.31
CA VAL F 89 -9.60 -65.03 2.90
C VAL F 89 -8.65 -66.13 2.55
N ARG F 90 -7.35 -65.90 2.47
CA ARG F 90 -6.41 -67.01 2.23
C ARG F 90 -6.75 -67.77 0.95
N TYR F 91 -5.93 -68.72 0.55
CA TYR F 91 -6.30 -69.49 -0.61
C TYR F 91 -5.64 -70.84 -0.45
N PRO F 92 -6.32 -71.89 -0.87
CA PRO F 92 -5.86 -73.26 -0.69
C PRO F 92 -4.42 -73.57 -1.14
N HIS F 93 -3.89 -74.68 -0.63
CA HIS F 93 -2.55 -75.16 -0.97
C HIS F 93 -2.34 -75.19 -2.48
N LYS F 114 -20.27 -69.72 16.45
CA LYS F 114 -19.32 -69.48 15.35
C LYS F 114 -19.62 -70.27 14.06
N PRO F 115 -20.35 -71.39 14.13
CA PRO F 115 -20.71 -72.00 12.84
C PRO F 115 -22.11 -71.60 12.43
N LEU F 116 -22.45 -71.81 11.17
CA LEU F 116 -23.78 -71.53 10.69
C LEU F 116 -24.52 -72.81 10.42
N LEU F 117 -25.68 -73.00 11.03
CA LEU F 117 -26.41 -74.25 10.85
C LEU F 117 -27.70 -74.09 10.07
N ILE F 118 -27.84 -74.88 9.01
CA ILE F 118 -29.02 -74.83 8.18
C ILE F 118 -29.64 -76.19 8.11
N PRO F 119 -30.91 -76.30 8.48
CA PRO F 119 -31.52 -77.61 8.42
C PRO F 119 -31.85 -78.00 6.98
N MET F 120 -31.74 -79.29 6.69
CA MET F 120 -31.92 -79.83 5.36
C MET F 120 -33.18 -80.63 5.32
N THR F 121 -33.80 -80.72 4.16
CA THR F 121 -35.09 -81.36 4.07
C THR F 121 -35.09 -82.52 3.12
N SER F 122 -35.77 -83.60 3.50
CA SER F 122 -35.92 -84.77 2.65
C SER F 122 -36.78 -84.40 1.47
N GLY F 123 -36.74 -85.18 0.41
CA GLY F 123 -37.48 -84.79 -0.78
C GLY F 123 -38.01 -85.94 -1.59
N GLN F 124 -37.87 -85.80 -2.89
CA GLN F 124 -38.43 -86.76 -3.83
C GLN F 124 -37.78 -88.13 -3.61
N GLU F 125 -36.46 -88.15 -3.74
CA GLU F 125 -35.68 -89.37 -3.54
C GLU F 125 -35.47 -89.72 -2.10
N PRO F 126 -35.85 -90.93 -1.70
CA PRO F 126 -35.72 -91.35 -0.31
C PRO F 126 -34.28 -91.30 0.13
N PHE F 127 -34.06 -90.85 1.34
CA PHE F 127 -32.77 -90.79 1.99
C PHE F 127 -31.87 -89.71 1.46
N VAL F 128 -32.35 -88.93 0.51
CA VAL F 128 -31.55 -87.83 -0.03
C VAL F 128 -31.98 -86.51 0.55
N PHE F 129 -31.04 -85.75 1.10
CA PHE F 129 -31.39 -84.53 1.79
C PHE F 129 -30.83 -83.35 1.05
N HIS F 130 -31.57 -82.25 1.03
CA HIS F 130 -31.19 -81.08 0.27
C HIS F 130 -31.05 -79.88 1.14
N GLY F 131 -30.11 -79.01 0.80
CA GLY F 131 -29.81 -77.82 1.57
C GLY F 131 -29.20 -76.75 0.70
N GLN F 132 -29.06 -75.56 1.25
CA GLN F 132 -28.50 -74.43 0.53
C GLN F 132 -27.89 -73.36 1.43
N PHE F 133 -26.94 -72.59 0.90
CA PHE F 133 -26.42 -71.45 1.62
C PHE F 133 -25.94 -70.37 0.68
N THR F 134 -26.04 -69.12 1.09
CA THR F 134 -25.61 -68.01 0.24
C THR F 134 -24.49 -67.20 0.86
N PRO F 135 -23.29 -67.33 0.32
CA PRO F 135 -22.07 -66.72 0.82
C PRO F 135 -22.13 -65.24 0.70
N ASP F 136 -21.77 -64.50 1.73
CA ASP F 136 -21.88 -63.05 1.64
C ASP F 136 -20.56 -62.31 1.64
N ARG F 137 -19.45 -63.04 1.76
CA ARG F 137 -18.14 -62.41 1.73
C ARG F 137 -17.25 -63.21 0.81
N VAL F 138 -16.31 -62.53 0.14
CA VAL F 138 -15.34 -63.21 -0.70
C VAL F 138 -14.44 -64.08 0.14
N GLY F 139 -14.03 -65.23 -0.38
CA GLY F 139 -13.14 -66.07 0.39
C GLY F 139 -13.45 -67.54 0.35
N LEU F 140 -12.87 -68.29 1.26
CA LEU F 140 -13.05 -69.72 1.28
C LEU F 140 -14.05 -70.17 2.32
N TRP F 141 -15.08 -70.87 1.88
CA TRP F 141 -16.12 -71.33 2.76
C TRP F 141 -16.04 -72.83 2.92
N THR F 142 -16.60 -73.35 3.99
CA THR F 142 -16.61 -74.78 4.23
C THR F 142 -18.00 -75.27 4.56
N PHE F 143 -18.33 -76.48 4.13
CA PHE F 143 -19.58 -77.07 4.53
C PHE F 143 -19.41 -78.54 4.75
N ARG F 144 -20.28 -79.10 5.58
CA ARG F 144 -20.28 -80.54 5.81
C ARG F 144 -21.71 -80.85 6.20
N VAL F 145 -22.12 -82.10 6.06
CA VAL F 145 -23.47 -82.46 6.45
C VAL F 145 -23.38 -83.30 7.70
N ASP F 146 -24.15 -82.95 8.73
CA ASP F 146 -24.16 -83.72 9.95
C ASP F 146 -25.44 -84.50 9.98
N GLY F 147 -25.38 -85.77 10.34
CA GLY F 147 -26.58 -86.57 10.31
C GLY F 147 -26.93 -87.00 11.71
N TRP F 148 -28.21 -87.02 12.02
CA TRP F 148 -28.64 -87.41 13.34
C TRP F 148 -30.01 -88.03 13.26
N GLY F 149 -30.41 -88.76 14.29
CA GLY F 149 -31.76 -89.28 14.34
C GLY F 149 -32.58 -88.53 15.37
N ASP F 150 -33.74 -88.01 14.99
CA ASP F 150 -34.56 -87.33 15.99
C ASP F 150 -35.68 -88.23 16.48
N PRO F 151 -35.54 -88.72 17.73
CA PRO F 151 -36.48 -89.69 18.25
C PRO F 151 -37.86 -89.10 18.30
N ILE F 152 -37.94 -87.79 18.47
CA ILE F 152 -39.21 -87.11 18.59
C ILE F 152 -40.08 -87.38 17.36
N HIS F 153 -39.51 -87.21 16.18
CA HIS F 153 -40.24 -87.41 14.95
C HIS F 153 -40.74 -88.83 14.88
N THR F 154 -39.91 -89.80 15.25
CA THR F 154 -40.32 -91.20 15.21
C THR F 154 -41.53 -91.36 16.11
N TRP F 155 -41.38 -90.87 17.34
CA TRP F 155 -42.39 -91.03 18.37
C TRP F 155 -43.67 -90.35 17.99
N ARG F 156 -43.53 -89.14 17.48
CA ARG F 156 -44.69 -88.36 17.12
C ARG F 156 -45.46 -89.09 16.03
N HIS F 157 -44.78 -89.42 14.94
CA HIS F 157 -45.45 -90.01 13.78
C HIS F 157 -46.14 -91.30 14.12
N GLY F 158 -45.50 -92.10 14.98
CA GLY F 158 -46.09 -93.35 15.43
C GLY F 158 -47.35 -93.09 16.23
N LEU F 159 -47.30 -92.08 17.08
CA LEU F 159 -48.43 -91.72 17.91
C LEU F 159 -49.61 -91.21 17.10
N ILE F 160 -49.34 -90.38 16.09
CA ILE F 160 -50.41 -89.82 15.29
C ILE F 160 -51.19 -90.95 14.61
N ALA F 161 -50.44 -91.92 14.13
CA ALA F 161 -50.99 -93.10 13.49
C ALA F 161 -51.78 -93.92 14.49
N LYS F 162 -51.22 -94.11 15.68
CA LYS F 162 -51.89 -94.85 16.72
C LYS F 162 -53.08 -94.07 17.30
N LEU F 163 -52.98 -92.75 17.32
CA LEU F 163 -54.01 -91.93 17.93
C LEU F 163 -55.37 -92.01 17.26
N ASP F 164 -55.42 -92.19 15.95
CA ASP F 164 -56.70 -92.26 15.27
C ASP F 164 -57.53 -93.49 15.69
N ALA F 165 -56.86 -94.60 16.02
CA ALA F 165 -57.55 -95.81 16.44
C ALA F 165 -57.62 -95.99 17.97
N GLY F 166 -57.62 -94.88 18.70
CA GLY F 166 -57.75 -94.87 20.15
C GLY F 166 -56.94 -95.88 20.94
N GLU F 171 -53.46 -99.39 28.08
CA GLU F 171 -54.24 -99.34 26.86
C GLU F 171 -53.36 -99.10 25.64
N LEU F 172 -52.44 -98.15 25.81
CA LEU F 172 -51.43 -97.81 24.84
C LEU F 172 -50.62 -96.73 25.54
N SER F 173 -50.92 -96.62 26.83
CA SER F 173 -50.26 -95.68 27.73
C SER F 173 -48.75 -95.74 27.63
N ASN F 174 -48.27 -96.85 27.13
CA ASN F 174 -46.85 -97.12 27.09
C ASN F 174 -46.13 -96.04 26.31
N ASP F 175 -46.63 -95.73 25.12
CA ASP F 175 -45.98 -94.79 24.23
C ASP F 175 -45.92 -93.40 24.83
N LEU F 176 -46.97 -93.03 25.55
CA LEU F 176 -47.07 -91.71 26.14
C LEU F 176 -45.95 -91.46 27.14
N LEU F 177 -45.69 -92.42 28.01
CA LEU F 177 -44.61 -92.25 28.96
C LEU F 177 -43.27 -92.08 28.24
N VAL F 178 -43.11 -92.80 27.14
CA VAL F 178 -41.88 -92.70 26.37
C VAL F 178 -41.74 -91.30 25.81
N GLY F 179 -42.85 -90.72 25.39
CA GLY F 179 -42.81 -89.36 24.92
C GLY F 179 -42.34 -88.47 26.04
N ALA F 180 -42.94 -88.67 27.21
CA ALA F 180 -42.67 -87.79 28.33
C ALA F 180 -41.19 -87.74 28.72
N VAL F 181 -40.46 -88.80 28.46
CA VAL F 181 -39.06 -88.78 28.84
C VAL F 181 -38.30 -88.14 27.71
N LEU F 182 -38.94 -88.04 26.55
CA LEU F 182 -38.27 -87.43 25.43
C LEU F 182 -38.28 -85.93 25.59
N LEU F 183 -39.46 -85.34 25.68
CA LEU F 183 -39.53 -83.89 25.73
C LEU F 183 -38.75 -83.34 26.91
N GLU F 184 -38.78 -84.07 28.02
CA GLU F 184 -37.99 -83.70 29.19
C GLU F 184 -36.50 -83.71 28.87
N ARG F 185 -36.06 -84.80 28.28
CA ARG F 185 -34.68 -84.92 27.86
C ARG F 185 -34.39 -83.88 26.80
N ALA F 186 -35.41 -83.59 25.99
CA ALA F 186 -35.32 -82.53 24.99
C ALA F 186 -35.18 -81.20 25.68
N ALA F 187 -35.90 -81.05 26.79
CA ALA F 187 -35.92 -79.78 27.49
C ALA F 187 -34.57 -79.36 28.01
N THR F 188 -33.74 -80.30 28.42
CA THR F 188 -32.45 -79.97 28.99
C THR F 188 -31.60 -79.14 28.01
N GLY F 189 -31.77 -79.42 26.73
CA GLY F 189 -31.08 -78.73 25.65
C GLY F 189 -31.50 -77.29 25.38
N VAL F 190 -32.73 -76.94 25.76
CA VAL F 190 -33.22 -75.58 25.56
C VAL F 190 -33.04 -74.80 26.87
N PRO F 191 -32.85 -73.45 26.78
CA PRO F 191 -32.47 -72.74 27.99
C PRO F 191 -33.63 -72.54 28.96
N ARG F 192 -33.29 -72.53 30.24
CA ARG F 192 -34.29 -72.34 31.27
C ARG F 192 -35.04 -71.07 30.98
N GLY F 193 -36.27 -70.97 31.45
CA GLY F 193 -37.05 -69.80 31.17
C GLY F 193 -37.96 -70.09 30.00
N LEU F 194 -37.34 -70.50 28.91
CA LEU F 194 -38.07 -70.82 27.70
C LEU F 194 -38.32 -72.32 27.61
N ARG F 195 -37.80 -73.09 28.55
CA ARG F 195 -37.97 -74.54 28.47
C ARG F 195 -39.32 -74.98 29.02
N ASP F 196 -40.19 -74.03 29.28
CA ASP F 196 -41.24 -74.27 30.25
C ASP F 196 -42.39 -75.04 29.58
N PRO F 197 -42.72 -74.73 28.32
CA PRO F 197 -43.90 -75.46 27.84
C PRO F 197 -43.66 -76.95 27.62
N LEU F 198 -42.41 -77.39 27.46
CA LEU F 198 -42.16 -78.82 27.32
C LEU F 198 -42.42 -79.62 28.58
N LEU F 199 -41.85 -79.19 29.72
CA LEU F 199 -42.08 -79.94 30.94
C LEU F 199 -43.55 -79.95 31.24
N ALA F 200 -44.23 -78.91 30.79
CA ALA F 200 -45.69 -78.86 30.85
C ALA F 200 -46.31 -79.95 29.99
N ALA F 201 -45.78 -80.12 28.79
CA ALA F 201 -46.27 -81.16 27.89
C ALA F 201 -45.96 -82.53 28.45
N ALA F 202 -44.80 -82.65 29.06
CA ALA F 202 -44.35 -83.92 29.59
C ALA F 202 -45.14 -84.38 30.80
N ALA F 203 -45.73 -83.44 31.52
CA ALA F 203 -46.51 -83.84 32.67
C ALA F 203 -47.98 -83.79 32.33
N ALA F 204 -48.25 -83.63 31.04
CA ALA F 204 -49.61 -83.74 30.57
C ALA F 204 -49.72 -85.12 30.02
N LEU F 205 -48.64 -85.88 30.20
CA LEU F 205 -48.58 -87.23 29.68
C LEU F 205 -48.26 -88.22 30.79
N ARG F 206 -47.76 -87.68 31.90
CA ARG F 206 -47.53 -88.47 33.09
C ARG F 206 -48.84 -88.73 33.82
N THR F 207 -49.67 -87.70 33.90
CA THR F 207 -50.99 -87.83 34.51
C THR F 207 -51.88 -88.80 33.75
N PRO F 208 -52.44 -89.78 34.47
CA PRO F 208 -53.34 -90.80 33.91
C PRO F 208 -54.58 -90.17 33.31
N GLY F 209 -55.17 -90.80 32.30
CA GLY F 209 -56.40 -90.27 31.74
C GLY F 209 -56.72 -90.73 30.33
N ASP F 210 -57.61 -89.99 29.69
CA ASP F 210 -57.98 -90.21 28.29
C ASP F 210 -56.76 -89.88 27.46
N PRO F 211 -56.64 -90.45 26.26
CA PRO F 211 -55.47 -90.07 25.45
C PRO F 211 -55.44 -88.62 24.98
N VAL F 212 -56.54 -88.10 24.41
CA VAL F 212 -56.47 -86.77 23.81
C VAL F 212 -56.17 -85.70 24.86
N THR F 213 -56.55 -85.95 26.10
CA THR F 213 -56.22 -85.04 27.19
C THR F 213 -54.71 -84.96 27.32
N ARG F 214 -54.05 -86.10 27.21
CA ARG F 214 -52.62 -86.13 27.50
C ARG F 214 -51.81 -85.57 26.35
N THR F 215 -52.06 -86.10 25.17
CA THR F 215 -51.50 -85.57 23.93
C THR F 215 -52.08 -84.21 23.51
N ALA F 216 -52.50 -83.40 24.48
CA ALA F 216 -53.02 -82.07 24.18
C ALA F 216 -51.92 -81.02 24.11
N LEU F 217 -50.80 -81.31 24.76
CA LEU F 217 -49.67 -80.39 24.82
C LEU F 217 -48.54 -80.75 23.88
N ALA F 218 -48.68 -81.86 23.19
CA ALA F 218 -47.71 -82.31 22.21
C ALA F 218 -48.14 -81.99 20.79
N LEU F 219 -49.41 -82.22 20.49
CA LEU F 219 -49.91 -82.09 19.12
C LEU F 219 -50.06 -80.64 18.69
N THR F 220 -49.90 -79.74 19.64
CA THR F 220 -49.96 -78.31 19.38
C THR F 220 -48.81 -77.87 18.49
N PRO F 221 -49.10 -77.13 17.40
CA PRO F 221 -48.04 -76.63 16.54
C PRO F 221 -47.05 -75.71 17.28
N GLU F 222 -47.25 -75.48 18.57
CA GLU F 222 -46.35 -74.63 19.36
C GLU F 222 -45.10 -75.43 19.76
N ILE F 223 -45.16 -76.76 19.67
CA ILE F 223 -43.98 -77.54 20.04
C ILE F 223 -43.14 -77.84 18.80
N GLU F 224 -43.64 -77.50 17.62
CA GLU F 224 -42.83 -77.71 16.43
C GLU F 224 -41.80 -76.62 16.25
N GLU F 225 -42.20 -75.35 16.28
CA GLU F 225 -41.24 -74.27 16.07
C GLU F 225 -40.22 -74.26 17.19
N LEU F 226 -40.65 -74.55 18.41
CA LEU F 226 -39.70 -74.54 19.51
C LEU F 226 -38.67 -75.65 19.34
N LEU F 227 -39.11 -76.85 18.97
CA LEU F 227 -38.16 -77.93 18.74
C LEU F 227 -37.31 -77.65 17.51
N ALA F 228 -37.90 -76.97 16.55
CA ALA F 228 -37.14 -76.58 15.37
C ALA F 228 -35.98 -75.71 15.78
N ASP F 229 -36.23 -74.79 16.70
CA ASP F 229 -35.18 -73.90 17.17
C ASP F 229 -34.12 -74.67 17.92
N TYR F 230 -34.53 -75.57 18.81
CA TYR F 230 -33.59 -76.44 19.51
C TYR F 230 -34.05 -77.87 19.36
N PRO F 231 -33.29 -78.68 18.62
CA PRO F 231 -33.81 -80.01 18.34
C PRO F 231 -33.19 -81.07 19.24
N LEU F 232 -33.87 -82.19 19.41
CA LEU F 232 -33.29 -83.27 20.19
C LEU F 232 -32.60 -84.22 19.26
N ARG F 233 -31.28 -84.21 19.22
CA ARG F 233 -30.56 -85.00 18.23
C ARG F 233 -29.83 -86.17 18.88
N ASP F 234 -29.95 -87.34 18.27
CA ASP F 234 -29.29 -88.55 18.75
C ASP F 234 -28.32 -89.02 17.70
N LEU F 235 -27.23 -89.65 18.14
CA LEU F 235 -26.31 -90.28 17.23
C LEU F 235 -25.73 -89.32 16.24
N VAL F 236 -25.46 -88.10 16.65
CA VAL F 236 -24.95 -87.11 15.71
C VAL F 236 -23.67 -87.60 15.06
N THR F 237 -23.59 -87.49 13.75
CA THR F 237 -22.44 -87.97 13.02
C THR F 237 -21.92 -86.94 12.06
N ARG F 238 -20.61 -86.74 12.00
CA ARG F 238 -20.10 -85.66 11.20
C ARG F 238 -19.74 -86.12 9.81
N GLY F 239 -20.18 -85.37 8.82
CA GLY F 239 -19.87 -85.70 7.44
C GLY F 239 -18.52 -85.13 7.12
N GLU F 240 -18.01 -85.47 5.95
CA GLU F 240 -16.72 -84.94 5.53
C GLU F 240 -16.87 -83.48 5.24
N GLN F 241 -15.78 -82.73 5.30
CA GLN F 241 -15.84 -81.31 5.04
C GLN F 241 -15.30 -80.92 3.69
N PHE F 242 -16.07 -80.15 2.95
CA PHE F 242 -15.69 -79.73 1.63
C PHE F 242 -15.68 -78.23 1.52
N GLY F 243 -15.03 -77.70 0.50
CA GLY F 243 -14.85 -76.27 0.41
C GLY F 243 -15.37 -75.61 -0.82
N VAL F 244 -15.76 -74.36 -0.68
CA VAL F 244 -16.23 -73.57 -1.78
C VAL F 244 -15.41 -72.31 -1.81
N TRP F 245 -14.95 -71.91 -2.96
CA TRP F 245 -14.21 -70.67 -3.02
C TRP F 245 -15.07 -69.61 -3.65
N VAL F 246 -15.40 -68.60 -2.87
CA VAL F 246 -16.28 -67.55 -3.33
C VAL F 246 -15.53 -66.36 -3.88
N ASP F 247 -15.93 -65.89 -5.06
CA ASP F 247 -15.29 -64.76 -5.72
C ASP F 247 -16.24 -63.58 -5.79
N ARG F 248 -15.77 -62.42 -6.22
CA ARG F 248 -16.66 -61.30 -6.43
C ARG F 248 -17.62 -61.62 -7.56
N PRO F 249 -18.76 -60.95 -7.61
CA PRO F 249 -19.79 -61.34 -8.54
C PRO F 249 -19.38 -61.26 -9.98
N LEU F 250 -18.37 -60.47 -10.29
CA LEU F 250 -17.95 -60.32 -11.67
C LEU F 250 -17.39 -61.61 -12.21
N ALA F 251 -17.04 -62.51 -11.33
CA ALA F 251 -16.51 -63.79 -11.74
C ALA F 251 -17.53 -64.57 -12.53
N ARG F 252 -18.79 -64.35 -12.24
CA ARG F 252 -19.87 -65.06 -12.92
C ARG F 252 -20.65 -64.22 -13.91
N PHE F 253 -21.05 -63.01 -13.51
CA PHE F 253 -21.90 -62.19 -14.33
C PHE F 253 -21.23 -60.89 -14.74
N GLY F 254 -20.89 -60.77 -16.01
CA GLY F 254 -20.35 -59.54 -16.56
C GLY F 254 -20.23 -59.73 -18.05
N ALA F 255 -20.19 -58.67 -18.82
CA ALA F 255 -20.10 -58.81 -20.26
C ALA F 255 -18.80 -58.24 -20.77
N TRP F 256 -18.20 -58.88 -21.76
CA TRP F 256 -16.88 -58.50 -22.21
C TRP F 256 -16.85 -57.82 -23.56
N TYR F 257 -15.97 -56.85 -23.70
CA TYR F 257 -15.72 -56.21 -24.98
C TYR F 257 -14.22 -56.24 -25.24
N GLU F 258 -13.85 -56.79 -26.39
CA GLU F 258 -12.45 -56.93 -26.75
C GLU F 258 -12.12 -55.87 -27.77
N MET F 259 -11.17 -55.00 -27.45
CA MET F 259 -10.80 -53.93 -28.35
C MET F 259 -9.30 -53.81 -28.45
N PHE F 260 -8.82 -53.31 -29.58
CA PHE F 260 -7.40 -53.10 -29.80
C PHE F 260 -7.06 -51.64 -29.58
N PRO F 261 -6.29 -51.33 -28.53
CA PRO F 261 -6.04 -49.92 -28.28
C PRO F 261 -5.43 -49.20 -29.46
N ARG F 262 -4.51 -49.84 -30.14
CA ARG F 262 -3.86 -49.20 -31.26
C ARG F 262 -4.82 -48.85 -32.40
N SER F 263 -5.91 -49.58 -32.56
CA SER F 263 -6.83 -49.30 -33.66
C SER F 263 -7.69 -48.05 -33.48
N THR F 264 -7.58 -47.39 -32.34
CA THR F 264 -8.37 -46.19 -32.09
C THR F 264 -7.71 -44.93 -32.63
N GLY F 265 -6.97 -45.05 -33.71
CA GLY F 265 -6.21 -43.94 -34.27
C GLY F 265 -6.95 -42.98 -35.15
N GLY F 266 -7.76 -43.50 -36.06
CA GLY F 266 -8.69 -42.64 -36.76
C GLY F 266 -8.24 -41.94 -38.02
N TRP F 267 -7.22 -42.47 -38.68
CA TRP F 267 -6.84 -41.98 -40.02
C TRP F 267 -6.19 -40.59 -40.00
N ASP F 268 -5.55 -40.24 -41.12
CA ASP F 268 -4.90 -38.95 -41.29
C ASP F 268 -5.55 -38.30 -42.49
N ASP F 269 -5.00 -37.21 -42.98
CA ASP F 269 -5.63 -36.50 -44.09
C ASP F 269 -5.68 -37.38 -45.34
N ASP F 270 -4.65 -38.20 -45.53
CA ASP F 270 -4.71 -39.27 -46.51
C ASP F 270 -5.49 -40.39 -45.83
N GLY F 271 -6.14 -41.27 -46.58
CA GLY F 271 -6.94 -42.27 -45.90
C GLY F 271 -6.13 -43.39 -45.29
N ASN F 272 -5.26 -43.06 -44.34
CA ASN F 272 -4.37 -44.05 -43.76
C ASN F 272 -4.49 -44.18 -42.26
N PRO F 273 -4.66 -45.39 -41.76
CA PRO F 273 -4.82 -45.56 -40.32
C PRO F 273 -3.68 -44.95 -39.55
N VAL F 274 -3.94 -44.50 -38.34
CA VAL F 274 -2.92 -43.92 -37.50
C VAL F 274 -2.82 -44.73 -36.23
N HIS F 275 -1.63 -45.00 -35.74
CA HIS F 275 -1.52 -45.76 -34.52
C HIS F 275 -2.17 -44.95 -33.43
N GLY F 276 -2.95 -45.61 -32.59
CA GLY F 276 -3.64 -44.95 -31.51
C GLY F 276 -2.81 -44.99 -30.25
N THR F 277 -3.36 -44.45 -29.19
CA THR F 277 -2.68 -44.45 -27.91
C THR F 277 -3.68 -44.73 -26.81
N PHE F 278 -3.20 -45.00 -25.60
CA PHE F 278 -4.09 -45.21 -24.49
C PHE F 278 -5.01 -44.04 -24.35
N ALA F 279 -4.49 -42.87 -24.64
CA ALA F 279 -5.25 -41.65 -24.59
C ALA F 279 -6.41 -41.72 -25.55
N THR F 280 -6.16 -42.08 -26.80
CA THR F 280 -7.24 -42.16 -27.76
C THR F 280 -8.17 -43.31 -27.46
N ALA F 281 -7.63 -44.41 -27.00
CA ALA F 281 -8.47 -45.56 -26.71
C ALA F 281 -9.45 -45.23 -25.62
N ALA F 282 -8.99 -44.53 -24.61
CA ALA F 282 -9.84 -44.16 -23.49
C ALA F 282 -11.01 -43.32 -23.96
N ALA F 283 -10.84 -42.65 -25.07
CA ALA F 283 -11.91 -41.85 -25.63
C ALA F 283 -13.06 -42.72 -26.09
N GLU F 284 -12.77 -43.98 -26.39
CA GLU F 284 -13.80 -44.87 -26.89
C GLU F 284 -14.52 -45.63 -25.79
N LEU F 285 -14.04 -45.49 -24.56
CA LEU F 285 -14.61 -46.20 -23.43
C LEU F 285 -16.04 -45.82 -23.11
N PRO F 286 -16.42 -44.55 -23.29
CA PRO F 286 -17.82 -44.31 -22.95
C PRO F 286 -18.75 -45.12 -23.82
N ARG F 287 -18.54 -45.09 -25.12
CA ARG F 287 -19.46 -45.75 -26.02
C ARG F 287 -19.58 -47.20 -25.63
N ILE F 288 -18.47 -47.77 -25.21
CA ILE F 288 -18.44 -49.15 -24.78
C ILE F 288 -19.27 -49.36 -23.55
N ALA F 289 -19.09 -48.51 -22.56
CA ALA F 289 -19.87 -48.62 -21.35
C ALA F 289 -21.34 -48.47 -21.68
N GLY F 290 -21.60 -47.61 -22.65
CA GLY F 290 -22.94 -47.31 -23.09
C GLY F 290 -23.70 -48.52 -23.55
N MET F 291 -22.98 -49.50 -24.10
CA MET F 291 -23.58 -50.73 -24.54
C MET F 291 -23.76 -51.71 -23.41
N GLY F 292 -23.32 -51.36 -22.23
CA GLY F 292 -23.57 -52.22 -21.10
C GLY F 292 -22.51 -53.22 -20.74
N PHE F 293 -21.35 -53.15 -21.36
CA PHE F 293 -20.28 -54.04 -21.05
C PHE F 293 -19.60 -53.68 -19.74
N ASP F 294 -19.28 -54.70 -18.96
CA ASP F 294 -18.63 -54.50 -17.67
C ASP F 294 -17.11 -54.68 -17.67
N VAL F 295 -16.58 -55.31 -18.70
CA VAL F 295 -15.14 -55.58 -18.77
C VAL F 295 -14.57 -55.28 -20.15
N VAL F 296 -13.42 -54.63 -20.20
CA VAL F 296 -12.77 -54.35 -21.47
C VAL F 296 -11.51 -55.18 -21.57
N TYR F 297 -11.42 -56.02 -22.58
CA TYR F 297 -10.31 -56.93 -22.72
C TYR F 297 -9.38 -56.43 -23.80
N LEU F 298 -8.11 -56.32 -23.45
CA LEU F 298 -7.13 -55.76 -24.34
C LEU F 298 -6.12 -56.78 -24.75
N PRO F 299 -5.90 -56.94 -26.06
CA PRO F 299 -4.80 -57.77 -26.51
C PRO F 299 -3.55 -57.20 -25.91
N PRO F 300 -2.46 -57.95 -25.87
CA PRO F 300 -1.32 -57.49 -25.09
C PRO F 300 -0.90 -56.06 -25.41
N ILE F 301 -0.60 -55.29 -24.37
CA ILE F 301 -0.22 -53.91 -24.52
C ILE F 301 1.28 -53.74 -24.54
N HIS F 302 1.99 -54.84 -24.67
CA HIS F 302 3.44 -54.80 -24.59
C HIS F 302 4.07 -54.53 -25.95
N PRO F 303 5.38 -54.19 -25.96
CA PRO F 303 6.14 -53.95 -27.18
C PRO F 303 6.17 -55.15 -28.08
N ILE F 304 6.07 -54.93 -29.38
CA ILE F 304 6.03 -56.03 -30.31
C ILE F 304 7.41 -56.28 -30.90
N GLY F 305 7.82 -57.53 -30.97
CA GLY F 305 9.14 -57.87 -31.49
C GLY F 305 9.33 -57.37 -32.90
N LYS F 306 10.56 -57.00 -33.23
CA LYS F 306 10.86 -56.51 -34.56
C LYS F 306 11.44 -57.58 -35.47
N VAL F 307 11.84 -58.71 -34.90
CA VAL F 307 12.41 -59.77 -35.73
C VAL F 307 11.38 -60.87 -36.04
N HIS F 308 11.29 -61.21 -37.32
CA HIS F 308 10.38 -62.23 -37.80
C HIS F 308 8.96 -61.76 -37.59
N ARG F 309 8.80 -60.45 -37.43
CA ARG F 309 7.51 -59.83 -37.23
C ARG F 309 6.61 -60.21 -38.38
N LYS F 310 5.35 -60.51 -38.11
CA LYS F 310 4.45 -60.99 -39.16
C LYS F 310 3.78 -59.83 -39.89
N GLY F 311 3.53 -59.99 -41.18
CA GLY F 311 2.94 -58.93 -41.96
C GLY F 311 1.45 -59.07 -42.06
N ARG F 312 0.79 -58.18 -42.79
CA ARG F 312 -0.66 -58.23 -42.90
C ARG F 312 -1.10 -59.60 -43.39
N ASN F 313 -2.23 -60.07 -42.87
CA ASN F 313 -2.81 -61.36 -43.24
C ASN F 313 -1.94 -62.56 -42.93
N ASN F 314 -1.17 -62.47 -41.86
CA ASN F 314 -0.31 -63.55 -41.39
C ASN F 314 0.80 -63.86 -42.35
N SER F 315 1.10 -62.92 -43.25
CA SER F 315 2.18 -63.09 -44.20
C SER F 315 3.47 -63.22 -43.39
N PRO F 316 4.39 -64.06 -43.86
CA PRO F 316 5.58 -64.34 -43.07
C PRO F 316 6.53 -63.15 -42.93
N THR F 317 6.63 -62.32 -43.96
CA THR F 317 7.58 -61.21 -43.95
C THR F 317 6.88 -59.89 -43.74
N ALA F 318 7.41 -59.08 -42.83
CA ALA F 318 6.76 -57.82 -42.46
C ALA F 318 7.33 -56.62 -43.20
N ALA F 319 6.47 -55.80 -43.78
CA ALA F 319 6.91 -54.57 -44.43
C ALA F 319 7.46 -53.65 -43.33
N PRO F 320 8.17 -52.57 -43.72
CA PRO F 320 8.79 -51.76 -42.65
C PRO F 320 7.79 -51.07 -41.74
N THR F 321 6.64 -50.69 -42.27
CA THR F 321 5.66 -49.94 -41.50
C THR F 321 4.63 -50.80 -40.76
N ASP F 322 4.53 -52.08 -41.10
CA ASP F 322 3.53 -52.96 -40.50
C ASP F 322 3.73 -53.05 -39.00
N VAL F 323 2.65 -53.33 -38.28
CA VAL F 323 2.67 -53.26 -36.83
C VAL F 323 2.92 -54.55 -36.10
N GLY F 324 2.60 -55.68 -36.72
CA GLY F 324 2.85 -56.96 -36.08
C GLY F 324 1.83 -57.33 -35.01
N SER F 325 1.83 -58.60 -34.61
CA SER F 325 0.81 -59.07 -33.69
C SER F 325 1.20 -58.81 -32.27
N PRO F 326 0.27 -58.27 -31.48
CA PRO F 326 0.56 -57.95 -30.10
C PRO F 326 1.07 -59.15 -29.32
N TRP F 327 0.76 -60.34 -29.81
CA TRP F 327 1.13 -61.55 -29.10
C TRP F 327 2.58 -61.93 -29.30
N ALA F 328 3.26 -61.21 -30.19
CA ALA F 328 4.71 -61.32 -30.33
C ALA F 328 5.39 -60.46 -29.26
N ILE F 329 5.24 -60.83 -28.00
CA ILE F 329 5.65 -59.96 -26.92
C ILE F 329 7.14 -59.77 -26.88
N GLY F 330 7.57 -58.55 -26.56
CA GLY F 330 8.96 -58.27 -26.28
C GLY F 330 9.78 -57.66 -27.40
N SER F 331 10.62 -56.71 -27.00
CA SER F 331 11.54 -56.04 -27.90
C SER F 331 12.62 -55.38 -27.09
N ASP F 332 13.64 -54.87 -27.76
CA ASP F 332 14.72 -54.17 -27.08
C ASP F 332 14.17 -53.06 -26.21
N GLU F 333 12.99 -52.57 -26.60
CA GLU F 333 12.27 -51.56 -25.83
C GLU F 333 11.76 -52.06 -24.48
N GLY F 334 11.25 -53.28 -24.44
CA GLY F 334 10.75 -53.78 -23.17
C GLY F 334 10.18 -55.18 -23.20
N GLY F 335 9.84 -55.69 -22.02
CA GLY F 335 9.26 -57.00 -21.88
C GLY F 335 7.81 -56.98 -21.40
N HIS F 336 7.42 -58.03 -20.71
CA HIS F 336 6.06 -58.16 -20.23
C HIS F 336 5.69 -57.11 -19.22
N ASP F 337 6.68 -56.43 -18.63
CA ASP F 337 6.37 -55.46 -17.61
C ASP F 337 6.30 -54.06 -18.13
N THR F 338 6.51 -53.90 -19.43
CA THR F 338 6.55 -52.57 -20.01
C THR F 338 5.49 -52.35 -21.07
N VAL F 339 4.92 -51.16 -21.09
CA VAL F 339 3.96 -50.78 -22.10
C VAL F 339 4.60 -50.53 -23.44
N HIS F 340 3.98 -50.99 -24.52
CA HIS F 340 4.45 -50.72 -25.85
C HIS F 340 4.47 -49.22 -26.03
N PRO F 341 5.64 -48.66 -26.38
CA PRO F 341 5.85 -47.22 -26.35
C PRO F 341 4.91 -46.46 -27.24
N SER F 342 4.52 -47.03 -28.37
CA SER F 342 3.60 -46.34 -29.27
C SER F 342 2.26 -46.05 -28.59
N LEU F 343 1.90 -46.86 -27.61
CA LEU F 343 0.69 -46.61 -26.87
C LEU F 343 0.84 -45.47 -25.88
N GLY F 344 2.00 -45.38 -25.23
CA GLY F 344 2.22 -44.29 -24.31
C GLY F 344 3.06 -44.67 -23.11
N THR F 345 3.26 -43.73 -22.20
CA THR F 345 3.98 -44.04 -20.97
C THR F 345 3.06 -44.88 -20.13
N ILE F 346 3.61 -45.52 -19.11
CA ILE F 346 2.79 -46.36 -18.26
C ILE F 346 1.76 -45.53 -17.52
N ASP F 347 2.01 -44.25 -17.34
CA ASP F 347 1.02 -43.42 -16.69
C ASP F 347 -0.24 -43.37 -17.55
N ASP F 348 -0.06 -43.35 -18.87
CA ASP F 348 -1.19 -43.31 -19.78
C ASP F 348 -2.11 -44.49 -19.56
N PHE F 349 -1.52 -45.65 -19.32
CA PHE F 349 -2.30 -46.83 -19.03
C PHE F 349 -3.07 -46.56 -17.75
N ASP F 350 -2.38 -46.10 -16.71
CA ASP F 350 -3.04 -45.83 -15.43
C ASP F 350 -4.21 -44.88 -15.62
N ASP F 351 -4.07 -43.95 -16.56
CA ASP F 351 -5.12 -43.01 -16.87
C ASP F 351 -6.28 -43.71 -17.57
N PHE F 352 -5.97 -44.64 -18.45
CA PHE F 352 -6.99 -45.42 -19.17
C PHE F 352 -7.77 -46.30 -18.22
N VAL F 353 -7.08 -46.98 -17.32
CA VAL F 353 -7.75 -47.78 -16.33
C VAL F 353 -8.69 -46.96 -15.51
N SER F 354 -8.20 -45.82 -15.05
CA SER F 354 -8.99 -44.94 -14.22
C SER F 354 -10.17 -44.42 -14.99
N ALA F 355 -10.00 -44.22 -16.28
CA ALA F 355 -11.10 -43.77 -17.11
C ALA F 355 -12.21 -44.80 -17.10
N ALA F 356 -11.83 -46.05 -17.26
CA ALA F 356 -12.79 -47.13 -17.32
C ALA F 356 -13.54 -47.23 -16.02
N ARG F 357 -12.80 -47.19 -14.93
CA ARG F 357 -13.38 -47.32 -13.60
C ARG F 357 -14.40 -46.23 -13.35
N ASP F 358 -14.18 -45.07 -13.95
CA ASP F 358 -15.11 -43.98 -13.83
C ASP F 358 -16.42 -44.36 -14.45
N LEU F 359 -16.36 -45.17 -15.49
CA LEU F 359 -17.55 -45.57 -16.24
C LEU F 359 -18.20 -46.84 -15.72
N GLY F 360 -17.62 -47.41 -14.68
CA GLY F 360 -18.14 -48.63 -14.10
C GLY F 360 -17.53 -49.88 -14.68
N MET F 361 -16.54 -49.73 -15.54
CA MET F 361 -15.96 -50.88 -16.20
C MET F 361 -14.64 -51.31 -15.59
N GLU F 362 -14.14 -52.44 -16.06
CA GLU F 362 -12.95 -53.05 -15.54
C GLU F 362 -12.07 -53.40 -16.71
N VAL F 363 -10.77 -53.50 -16.49
CA VAL F 363 -9.87 -53.81 -17.59
C VAL F 363 -9.28 -55.20 -17.44
N ALA F 364 -9.28 -55.98 -18.53
CA ALA F 364 -8.69 -57.29 -18.48
C ALA F 364 -7.58 -57.37 -19.49
N LEU F 365 -6.38 -57.74 -19.06
CA LEU F 365 -5.23 -57.75 -19.95
C LEU F 365 -4.88 -59.14 -20.36
N ASP F 366 -4.38 -59.29 -21.56
CA ASP F 366 -3.97 -60.59 -22.07
C ASP F 366 -2.66 -61.02 -21.44
N LEU F 367 -2.63 -62.23 -20.89
CA LEU F 367 -1.42 -62.75 -20.31
C LEU F 367 -0.96 -63.86 -21.20
N ALA F 368 0.07 -63.59 -21.99
CA ALA F 368 0.56 -64.58 -22.94
C ALA F 368 1.99 -64.95 -22.62
N LEU F 369 2.21 -66.16 -22.14
CA LEU F 369 3.55 -66.56 -21.76
C LEU F 369 4.32 -67.10 -22.94
N GLN F 370 4.86 -66.18 -23.72
CA GLN F 370 5.61 -66.46 -24.94
C GLN F 370 6.57 -65.33 -25.08
N CYS F 371 7.53 -65.44 -26.00
CA CYS F 371 8.46 -64.34 -26.24
C CYS F 371 8.76 -64.22 -27.70
N ALA F 372 8.94 -62.99 -28.17
CA ALA F 372 9.45 -62.77 -29.51
C ALA F 372 10.94 -62.86 -29.34
N PRO F 373 11.68 -63.04 -30.43
CA PRO F 373 13.11 -63.18 -30.18
C PRO F 373 13.77 -61.94 -29.56
N ASP F 374 13.40 -60.72 -29.94
CA ASP F 374 14.04 -59.54 -29.37
C ASP F 374 13.68 -59.34 -27.91
N HIS F 375 12.85 -60.22 -27.37
CA HIS F 375 12.47 -60.12 -25.98
C HIS F 375 13.71 -60.20 -25.13
N PRO F 376 13.82 -59.34 -24.13
CA PRO F 376 14.96 -59.37 -23.24
C PRO F 376 15.27 -60.74 -22.68
N TRP F 377 14.26 -61.57 -22.47
CA TRP F 377 14.52 -62.88 -21.88
C TRP F 377 15.37 -63.75 -22.79
N ALA F 378 15.27 -63.56 -24.10
CA ALA F 378 16.05 -64.37 -25.04
C ALA F 378 17.53 -64.26 -24.75
N ARG F 379 17.94 -63.11 -24.23
CA ARG F 379 19.32 -62.91 -23.85
C ARG F 379 19.51 -63.03 -22.35
N GLU F 380 18.80 -62.21 -21.59
CA GLU F 380 19.04 -62.09 -20.15
C GLU F 380 18.88 -63.43 -19.42
N HIS F 381 17.79 -64.13 -19.63
CA HIS F 381 17.63 -65.46 -19.04
C HIS F 381 17.30 -66.43 -20.14
N ARG F 382 18.25 -67.25 -20.58
CA ARG F 382 17.98 -68.11 -21.72
C ARG F 382 17.77 -69.56 -21.30
N GLN F 383 17.96 -69.85 -20.02
CA GLN F 383 17.68 -71.18 -19.51
C GLN F 383 16.22 -71.48 -19.78
N TRP F 384 15.44 -70.41 -19.79
CA TRP F 384 14.00 -70.50 -19.90
C TRP F 384 13.50 -70.97 -21.24
N PHE F 385 14.40 -71.30 -22.15
CA PHE F 385 13.98 -71.81 -23.44
C PHE F 385 14.58 -73.16 -23.76
N THR F 386 13.98 -73.85 -24.72
CA THR F 386 14.48 -75.14 -25.15
C THR F 386 15.37 -74.90 -26.33
N GLU F 387 16.67 -74.91 -26.06
CA GLU F 387 17.68 -74.52 -27.03
C GLU F 387 18.13 -75.71 -27.83
N LEU F 388 18.14 -75.55 -29.15
CA LEU F 388 18.49 -76.64 -30.05
C LEU F 388 19.98 -76.97 -30.06
N PRO F 389 20.39 -78.02 -30.79
CA PRO F 389 21.82 -78.29 -30.90
C PRO F 389 22.63 -77.16 -31.52
N ASP F 390 22.10 -76.51 -32.54
CA ASP F 390 22.82 -75.39 -33.16
C ASP F 390 22.59 -74.09 -32.42
N GLY F 391 21.99 -74.15 -31.25
CA GLY F 391 21.85 -72.98 -30.39
C GLY F 391 20.64 -72.12 -30.64
N THR F 392 20.00 -72.32 -31.79
CA THR F 392 18.77 -71.60 -32.09
C THR F 392 17.64 -72.14 -31.26
N ILE F 393 16.52 -71.41 -31.25
CA ILE F 393 15.32 -71.85 -30.54
C ILE F 393 14.17 -72.04 -31.50
N ALA F 394 13.46 -73.15 -31.36
CA ALA F 394 12.38 -73.50 -32.28
C ALA F 394 11.23 -72.54 -32.12
N TYR F 395 10.64 -72.09 -33.23
CA TYR F 395 9.53 -71.16 -33.12
C TYR F 395 8.32 -71.89 -32.58
N ALA F 396 7.47 -71.17 -31.86
CA ALA F 396 6.30 -71.76 -31.22
C ALA F 396 5.36 -72.36 -32.24
N GLU F 397 4.76 -73.48 -31.88
CA GLU F 397 3.82 -74.15 -32.76
C GLU F 397 2.65 -74.71 -31.99
N ASN F 398 1.47 -74.57 -32.56
CA ASN F 398 0.26 -75.17 -32.03
C ASN F 398 -0.50 -75.74 -33.23
N PRO F 399 -0.51 -77.07 -33.37
CA PRO F 399 -0.99 -77.66 -34.62
C PRO F 399 -2.47 -77.38 -34.87
N PRO F 400 -2.81 -76.98 -36.10
CA PRO F 400 -1.86 -76.78 -37.20
C PRO F 400 -1.35 -75.35 -37.31
N LYS F 401 -1.74 -74.49 -36.38
CA LYS F 401 -1.30 -73.10 -36.39
C LYS F 401 0.20 -72.99 -36.17
N LYS F 402 0.84 -72.08 -36.89
CA LYS F 402 2.27 -71.88 -36.72
C LYS F 402 2.54 -70.45 -36.23
N TYR F 403 3.37 -70.33 -35.21
CA TYR F 403 3.62 -69.02 -34.61
C TYR F 403 5.08 -68.60 -34.79
N GLN F 404 5.45 -68.30 -36.02
CA GLN F 404 6.85 -68.06 -36.34
C GLN F 404 7.44 -66.88 -35.58
N ASP F 405 6.60 -65.95 -35.14
CA ASP F 405 7.12 -64.78 -34.48
C ASP F 405 7.41 -64.95 -32.99
N ILE F 406 7.23 -66.15 -32.44
CA ILE F 406 7.50 -66.32 -31.02
C ILE F 406 8.19 -67.60 -30.58
N TYR F 407 8.75 -67.57 -29.38
CA TYR F 407 9.42 -68.72 -28.79
C TYR F 407 8.58 -69.20 -27.62
N PRO F 408 8.29 -70.49 -27.55
CA PRO F 408 7.58 -71.00 -26.37
C PRO F 408 8.52 -71.08 -25.20
N LEU F 409 8.06 -70.88 -23.98
CA LEU F 409 8.95 -70.99 -22.84
C LEU F 409 9.19 -72.43 -22.44
N ASN F 410 10.20 -72.63 -21.62
CA ASN F 410 10.49 -73.95 -21.07
C ASN F 410 10.39 -73.90 -19.57
N PHE F 411 9.40 -74.56 -19.01
CA PHE F 411 9.14 -74.44 -17.58
C PHE F 411 9.90 -75.45 -16.75
N ASP F 412 10.65 -76.32 -17.41
CA ASP F 412 11.36 -77.38 -16.70
C ASP F 412 12.83 -77.11 -16.37
N ASN F 413 13.54 -76.39 -17.21
CA ASN F 413 14.95 -76.07 -16.93
C ASN F 413 15.12 -75.26 -15.66
N ASP F 414 14.38 -74.17 -15.54
CA ASP F 414 14.49 -73.33 -14.35
C ASP F 414 13.14 -72.98 -13.83
N PRO F 415 12.50 -73.93 -13.17
CA PRO F 415 11.13 -73.69 -12.74
C PRO F 415 11.02 -72.53 -11.75
N GLU F 416 11.61 -72.64 -10.56
CA GLU F 416 11.39 -71.62 -9.54
C GLU F 416 11.99 -70.31 -10.03
N GLY F 417 12.84 -70.37 -11.03
CA GLY F 417 13.36 -69.19 -11.67
C GLY F 417 12.30 -68.48 -12.48
N LEU F 418 11.68 -69.20 -13.40
CA LEU F 418 10.63 -68.66 -14.26
C LEU F 418 9.33 -68.44 -13.51
N TYR F 419 8.99 -69.38 -12.63
CA TYR F 419 7.79 -69.28 -11.82
C TYR F 419 7.74 -67.94 -11.12
N ASP F 420 8.82 -67.59 -10.42
CA ASP F 420 8.90 -66.36 -9.64
C ASP F 420 8.85 -65.15 -10.53
N GLU F 421 9.40 -65.27 -11.73
CA GLU F 421 9.37 -64.16 -12.66
C GLU F 421 7.97 -63.86 -13.19
N VAL F 422 7.25 -64.89 -13.62
CA VAL F 422 5.93 -64.64 -14.16
C VAL F 422 5.05 -64.06 -13.07
N LEU F 423 5.25 -64.52 -11.85
CA LEU F 423 4.50 -63.97 -10.73
C LEU F 423 4.82 -62.50 -10.59
N ARG F 424 6.07 -62.11 -10.80
CA ARG F 424 6.41 -60.69 -10.74
C ARG F 424 5.62 -59.95 -11.80
N VAL F 425 5.58 -60.48 -13.00
CA VAL F 425 4.94 -59.77 -14.08
C VAL F 425 3.45 -59.61 -13.81
N VAL F 426 2.79 -60.68 -13.43
CA VAL F 426 1.36 -60.59 -13.17
C VAL F 426 1.10 -59.63 -12.06
N GLN F 427 1.93 -59.70 -11.03
CA GLN F 427 1.75 -58.85 -9.88
C GLN F 427 1.91 -57.38 -10.19
N HIS F 428 2.68 -57.07 -11.23
CA HIS F 428 2.94 -55.69 -11.60
C HIS F 428 1.64 -55.04 -11.97
N TRP F 429 0.92 -55.67 -12.89
CA TRP F 429 -0.31 -55.12 -13.40
C TRP F 429 -1.40 -55.13 -12.35
N VAL F 430 -1.38 -56.11 -11.46
CA VAL F 430 -2.34 -56.10 -10.37
C VAL F 430 -2.18 -54.79 -9.61
N ASN F 431 -0.94 -54.36 -9.44
CA ASN F 431 -0.66 -53.10 -8.77
C ASN F 431 -1.11 -51.91 -9.58
N HIS F 432 -1.38 -52.12 -10.86
CA HIS F 432 -1.87 -51.02 -11.67
C HIS F 432 -3.34 -51.11 -11.97
N GLY F 433 -4.07 -51.86 -11.17
CA GLY F 433 -5.52 -51.87 -11.24
C GLY F 433 -6.14 -52.93 -12.09
N VAL F 434 -5.34 -53.85 -12.59
CA VAL F 434 -5.84 -54.93 -13.41
C VAL F 434 -6.08 -56.20 -12.64
N LYS F 435 -7.33 -56.58 -12.42
CA LYS F 435 -7.59 -57.73 -11.59
C LYS F 435 -8.40 -58.81 -12.29
N PHE F 436 -8.29 -58.83 -13.61
CA PHE F 436 -8.80 -59.90 -14.44
C PHE F 436 -7.82 -60.15 -15.59
N PHE F 437 -7.34 -61.38 -15.74
CA PHE F 437 -6.37 -61.67 -16.79
C PHE F 437 -6.91 -62.67 -17.74
N ARG F 438 -6.74 -62.43 -19.03
CA ARG F 438 -7.20 -63.40 -19.99
C ARG F 438 -6.01 -64.27 -20.33
N VAL F 439 -5.84 -65.36 -19.61
CA VAL F 439 -4.71 -66.23 -19.82
C VAL F 439 -4.77 -66.83 -21.19
N ASP F 440 -3.65 -66.85 -21.87
CA ASP F 440 -3.68 -67.15 -23.27
C ASP F 440 -3.12 -68.54 -23.51
N ASN F 441 -3.90 -69.37 -24.18
CA ASN F 441 -3.51 -70.74 -24.48
C ASN F 441 -2.98 -71.53 -23.31
N PRO F 442 -3.68 -71.52 -22.19
CA PRO F 442 -3.10 -72.13 -21.00
C PRO F 442 -2.85 -73.60 -21.14
N HIS F 443 -3.50 -74.26 -22.07
CA HIS F 443 -3.31 -75.69 -22.20
C HIS F 443 -1.97 -76.06 -22.78
N THR F 444 -1.21 -75.09 -23.27
CA THR F 444 0.10 -75.38 -23.84
C THR F 444 1.21 -75.12 -22.86
N LYS F 445 0.84 -74.98 -21.59
CA LYS F 445 1.79 -74.80 -20.52
C LYS F 445 1.48 -75.77 -19.42
N PRO F 446 2.44 -76.09 -18.58
CA PRO F 446 2.23 -77.09 -17.56
C PRO F 446 1.12 -76.76 -16.61
N PRO F 447 0.25 -77.71 -16.33
CA PRO F 447 -0.86 -77.58 -15.40
C PRO F 447 -0.43 -77.15 -14.04
N ASN F 448 0.62 -77.76 -13.50
CA ASN F 448 0.99 -77.46 -12.12
C ASN F 448 1.38 -76.00 -12.00
N PHE F 449 1.91 -75.43 -13.06
CA PHE F 449 2.25 -74.02 -13.03
C PHE F 449 1.02 -73.18 -12.77
N TRP F 450 -0.03 -73.37 -13.56
CA TRP F 450 -1.23 -72.59 -13.40
C TRP F 450 -1.77 -72.75 -12.01
N ALA F 451 -1.78 -73.97 -11.52
CA ALA F 451 -2.27 -74.20 -10.18
C ALA F 451 -1.47 -73.38 -9.20
N TRP F 452 -0.17 -73.32 -9.43
CA TRP F 452 0.72 -72.55 -8.57
C TRP F 452 0.50 -71.06 -8.77
N LEU F 453 0.47 -70.61 -10.01
CA LEU F 453 0.39 -69.18 -10.30
C LEU F 453 -0.88 -68.58 -9.75
N ILE F 454 -1.99 -69.27 -9.96
CA ILE F 454 -3.25 -68.79 -9.49
C ILE F 454 -3.25 -68.70 -7.98
N ALA F 455 -2.85 -69.75 -7.30
CA ALA F 455 -2.89 -69.74 -5.85
C ALA F 455 -1.93 -68.71 -5.30
N GLN F 456 -0.80 -68.55 -5.96
CA GLN F 456 0.17 -67.59 -5.49
C GLN F 456 -0.38 -66.17 -5.58
N VAL F 457 -0.95 -65.81 -6.71
CA VAL F 457 -1.53 -64.47 -6.90
C VAL F 457 -2.74 -64.20 -6.03
N LYS F 458 -3.68 -65.13 -6.01
CA LYS F 458 -4.90 -64.95 -5.28
C LYS F 458 -4.66 -64.85 -3.79
N THR F 459 -3.54 -65.36 -3.31
CA THR F 459 -3.27 -65.26 -1.88
C THR F 459 -2.97 -63.83 -1.46
N VAL F 460 -2.23 -63.09 -2.29
CA VAL F 460 -1.98 -61.69 -1.99
C VAL F 460 -3.24 -60.86 -2.26
N ASP F 461 -3.87 -61.06 -3.42
CA ASP F 461 -5.11 -60.39 -3.75
C ASP F 461 -6.13 -61.39 -4.28
N PRO F 462 -7.17 -61.67 -3.50
CA PRO F 462 -8.09 -62.73 -3.85
C PRO F 462 -9.14 -62.28 -4.83
N ASP F 463 -9.05 -61.04 -5.26
CA ASP F 463 -10.04 -60.52 -6.17
C ASP F 463 -9.52 -60.56 -7.58
N VAL F 464 -8.37 -61.18 -7.79
CA VAL F 464 -7.80 -61.29 -9.13
C VAL F 464 -8.39 -62.49 -9.81
N LEU F 465 -8.88 -62.34 -11.03
CA LEU F 465 -9.58 -63.43 -11.69
C LEU F 465 -8.96 -63.80 -13.03
N PHE F 466 -9.06 -65.06 -13.40
CA PHE F 466 -8.42 -65.53 -14.61
C PHE F 466 -9.40 -66.15 -15.59
N LEU F 467 -9.24 -65.88 -16.86
CA LEU F 467 -10.05 -66.49 -17.88
C LEU F 467 -9.15 -67.32 -18.77
N SER F 468 -9.46 -68.60 -18.96
CA SER F 468 -8.58 -69.47 -19.71
C SER F 468 -9.06 -69.73 -21.11
N GLU F 469 -8.31 -69.26 -22.09
CA GLU F 469 -8.67 -69.46 -23.49
C GLU F 469 -8.17 -70.81 -23.93
N ALA F 470 -8.77 -71.87 -23.40
CA ALA F 470 -8.31 -73.20 -23.71
C ALA F 470 -9.26 -73.91 -24.64
N PHE F 471 -9.02 -73.83 -25.93
CA PHE F 471 -9.81 -74.55 -26.88
C PHE F 471 -9.20 -75.90 -27.07
N THR F 472 -9.59 -76.86 -26.25
CA THR F 472 -8.92 -78.14 -26.24
C THR F 472 -9.93 -79.19 -25.80
N PRO F 473 -9.66 -80.47 -26.06
CA PRO F 473 -10.62 -81.50 -25.67
C PRO F 473 -10.96 -81.47 -24.20
N PRO F 474 -12.09 -82.06 -23.81
CA PRO F 474 -12.67 -81.87 -22.49
C PRO F 474 -11.74 -82.06 -21.33
N ALA F 475 -11.04 -83.19 -21.26
CA ALA F 475 -10.24 -83.53 -20.10
C ALA F 475 -9.29 -82.41 -19.74
N ARG F 476 -8.76 -81.75 -20.75
CA ARG F 476 -7.90 -80.62 -20.54
C ARG F 476 -8.69 -79.35 -20.28
N GLN F 477 -9.70 -79.10 -21.11
CA GLN F 477 -10.48 -77.88 -21.03
C GLN F 477 -11.12 -77.75 -19.67
N TYR F 478 -11.87 -78.77 -19.27
CA TYR F 478 -12.53 -78.74 -17.98
C TYR F 478 -11.51 -78.97 -16.89
N GLY F 479 -10.43 -79.66 -17.21
CA GLY F 479 -9.43 -79.94 -16.22
C GLY F 479 -8.81 -78.66 -15.72
N LEU F 480 -8.48 -77.79 -16.67
CA LEU F 480 -7.86 -76.53 -16.36
C LEU F 480 -8.76 -75.69 -15.50
N ALA F 481 -10.04 -75.74 -15.78
CA ALA F 481 -10.98 -74.99 -15.00
C ALA F 481 -10.95 -75.48 -13.56
N LYS F 482 -10.93 -76.80 -13.39
CA LYS F 482 -10.99 -77.38 -12.06
C LYS F 482 -9.88 -76.89 -11.15
N LEU F 483 -8.68 -76.71 -11.68
CA LEU F 483 -7.56 -76.33 -10.83
C LEU F 483 -7.56 -74.86 -10.45
N GLY F 484 -8.52 -74.09 -10.95
CA GLY F 484 -8.68 -72.73 -10.46
C GLY F 484 -9.07 -71.60 -11.37
N PHE F 485 -9.08 -71.80 -12.68
CA PHE F 485 -9.48 -70.72 -13.58
C PHE F 485 -10.91 -70.28 -13.36
N THR F 486 -11.10 -69.01 -13.08
CA THR F 486 -12.41 -68.47 -12.73
C THR F 486 -13.43 -68.55 -13.86
N GLN F 487 -13.01 -68.41 -15.10
CA GLN F 487 -13.91 -68.59 -16.24
C GLN F 487 -13.16 -69.34 -17.31
N SER F 488 -13.86 -69.91 -18.28
CA SER F 488 -13.20 -70.61 -19.37
C SER F 488 -13.87 -70.30 -20.68
N TYR F 489 -13.12 -70.20 -21.77
CA TYR F 489 -13.73 -70.08 -23.07
C TYR F 489 -14.39 -71.41 -23.32
N SER F 490 -15.26 -71.50 -24.31
CA SER F 490 -15.99 -72.74 -24.51
C SER F 490 -16.06 -73.13 -25.94
N TYR F 491 -16.69 -74.26 -26.23
CA TYR F 491 -16.79 -74.67 -27.61
C TYR F 491 -17.97 -73.99 -28.28
N PHE F 492 -18.49 -72.94 -27.67
CA PHE F 492 -19.77 -72.34 -28.04
C PHE F 492 -19.88 -72.01 -29.51
N THR F 493 -18.83 -71.47 -30.08
CA THR F 493 -18.90 -70.97 -31.43
C THR F 493 -19.29 -72.03 -32.42
N TRP F 494 -18.96 -73.27 -32.08
CA TRP F 494 -19.19 -74.36 -32.99
C TRP F 494 -20.42 -75.15 -32.63
N ARG F 495 -21.29 -74.54 -31.84
CA ARG F 495 -22.58 -75.13 -31.62
C ARG F 495 -23.64 -74.30 -32.31
N THR F 496 -24.23 -74.84 -33.38
CA THR F 496 -25.21 -74.08 -34.16
C THR F 496 -26.47 -74.81 -34.57
N THR F 497 -26.68 -76.03 -34.13
CA THR F 497 -27.93 -76.67 -34.47
C THR F 497 -28.73 -76.76 -33.21
N LYS F 498 -30.04 -76.89 -33.33
CA LYS F 498 -30.89 -76.88 -32.16
C LYS F 498 -30.43 -77.91 -31.16
N TRP F 499 -30.06 -79.09 -31.65
CA TRP F 499 -29.67 -80.15 -30.76
C TRP F 499 -28.32 -79.87 -30.15
N GLU F 500 -27.41 -79.28 -30.93
CA GLU F 500 -26.10 -78.90 -30.39
C GLU F 500 -26.23 -77.81 -29.31
N LEU F 501 -27.00 -76.77 -29.60
CA LEU F 501 -27.17 -75.68 -28.66
C LEU F 501 -27.87 -76.18 -27.43
N THR F 502 -28.81 -77.10 -27.58
CA THR F 502 -29.48 -77.63 -26.41
C THR F 502 -28.51 -78.30 -25.48
N GLU F 503 -27.66 -79.16 -26.02
CA GLU F 503 -26.70 -79.86 -25.20
C GLU F 503 -25.72 -78.94 -24.57
N PHE F 504 -25.23 -77.98 -25.33
CA PHE F 504 -24.28 -77.02 -24.82
C PHE F 504 -24.85 -76.28 -23.65
N GLY F 505 -26.12 -75.91 -23.78
CA GLY F 505 -26.81 -75.19 -22.73
C GLY F 505 -26.98 -76.01 -21.49
N ASN F 506 -27.48 -77.23 -21.62
CA ASN F 506 -27.68 -78.07 -20.45
C ASN F 506 -26.36 -78.33 -19.77
N GLN F 507 -25.30 -78.43 -20.55
CA GLN F 507 -23.99 -78.73 -20.01
C GLN F 507 -23.51 -77.64 -19.09
N ILE F 508 -23.96 -76.42 -19.31
CA ILE F 508 -23.43 -75.24 -18.61
C ILE F 508 -23.34 -75.51 -17.13
N ALA F 509 -24.45 -75.92 -16.55
CA ALA F 509 -24.44 -76.60 -15.26
C ALA F 509 -25.38 -77.68 -15.47
N GLU F 510 -25.11 -78.98 -15.28
CA GLU F 510 -23.90 -79.77 -15.03
C GLU F 510 -22.60 -79.22 -14.49
N LEU F 511 -21.79 -78.62 -15.32
CA LEU F 511 -20.45 -78.28 -14.89
C LEU F 511 -20.27 -77.02 -14.05
N ALA F 512 -21.34 -76.42 -13.56
CA ALA F 512 -21.22 -75.14 -12.85
C ALA F 512 -20.35 -75.19 -11.62
N ASP F 513 -20.29 -76.32 -10.95
CA ASP F 513 -19.51 -76.39 -9.74
C ASP F 513 -18.06 -76.08 -9.98
N TYR F 514 -17.57 -76.31 -11.18
CA TYR F 514 -16.18 -75.98 -11.47
C TYR F 514 -15.89 -75.24 -12.76
N ARG F 515 -16.83 -75.11 -13.68
CA ARG F 515 -16.55 -74.32 -14.87
C ARG F 515 -17.55 -73.20 -15.06
N ARG F 516 -17.06 -72.00 -15.28
CA ARG F 516 -17.93 -70.91 -15.65
C ARG F 516 -17.60 -70.57 -17.07
N PRO F 517 -18.53 -70.71 -17.98
CA PRO F 517 -18.13 -70.41 -19.34
C PRO F 517 -18.31 -68.96 -19.70
N ASN F 518 -17.41 -68.41 -20.49
CA ASN F 518 -17.59 -67.10 -21.06
C ASN F 518 -17.92 -67.24 -22.52
N LEU F 519 -19.13 -66.90 -22.90
CA LEU F 519 -19.56 -67.19 -24.24
C LEU F 519 -19.26 -66.03 -25.16
N PHE F 520 -18.31 -66.23 -26.05
CA PHE F 520 -17.89 -65.19 -26.97
C PHE F 520 -18.48 -65.43 -28.32
N VAL F 521 -19.12 -64.42 -28.87
CA VAL F 521 -19.70 -64.56 -30.19
C VAL F 521 -18.65 -64.68 -31.26
N ASN F 522 -17.58 -63.94 -31.10
CA ASN F 522 -16.44 -64.03 -31.98
C ASN F 522 -15.20 -63.65 -31.20
N THR F 523 -14.02 -63.99 -31.72
CA THR F 523 -12.77 -63.47 -31.18
C THR F 523 -11.98 -63.13 -32.42
N PRO F 524 -10.88 -62.41 -32.28
CA PRO F 524 -10.09 -62.09 -33.47
C PRO F 524 -9.69 -63.29 -34.29
N ASP F 525 -9.60 -64.45 -33.64
CA ASP F 525 -9.25 -65.71 -34.28
C ASP F 525 -10.41 -66.51 -34.84
N ILE F 526 -11.63 -66.19 -34.44
CA ILE F 526 -12.76 -67.02 -34.83
C ILE F 526 -13.87 -66.24 -35.48
N LEU F 527 -14.00 -66.37 -36.79
CA LEU F 527 -15.13 -65.81 -37.50
C LEU F 527 -15.90 -66.96 -38.06
N HIS F 528 -16.89 -67.43 -37.31
CA HIS F 528 -17.57 -68.66 -37.67
C HIS F 528 -18.24 -68.58 -39.00
N ALA F 529 -18.34 -69.73 -39.64
CA ALA F 529 -18.88 -69.77 -40.99
C ALA F 529 -20.27 -69.22 -41.01
N VAL F 530 -21.05 -69.53 -40.00
CA VAL F 530 -22.46 -69.17 -40.03
C VAL F 530 -22.62 -67.65 -40.07
N LEU F 531 -21.71 -66.94 -39.43
CA LEU F 531 -21.71 -65.49 -39.45
C LEU F 531 -21.34 -64.96 -40.81
N GLN F 532 -20.53 -65.71 -41.54
CA GLN F 532 -20.02 -65.29 -42.83
C GLN F 532 -21.08 -65.08 -43.90
N HIS F 533 -22.12 -65.90 -43.92
CA HIS F 533 -23.06 -65.82 -45.03
C HIS F 533 -24.52 -65.52 -44.72
N ASN F 534 -24.90 -65.46 -43.46
CA ASN F 534 -26.31 -65.27 -43.13
C ASN F 534 -26.73 -63.82 -42.85
N GLY F 535 -25.80 -62.89 -42.96
CA GLY F 535 -26.21 -61.50 -42.90
C GLY F 535 -26.53 -61.06 -41.49
N PRO F 536 -26.94 -59.80 -41.32
CA PRO F 536 -27.01 -59.14 -40.03
C PRO F 536 -27.93 -59.87 -39.09
N GLY F 537 -28.84 -60.64 -39.63
CA GLY F 537 -29.75 -61.37 -38.78
C GLY F 537 -29.01 -62.30 -37.87
N MET F 538 -28.06 -63.05 -38.40
CA MET F 538 -27.39 -64.05 -37.60
C MET F 538 -26.64 -63.44 -36.45
N PHE F 539 -26.05 -62.26 -36.68
CA PHE F 539 -25.30 -61.59 -35.65
C PHE F 539 -26.19 -61.34 -34.46
N ALA F 540 -27.44 -61.02 -34.73
CA ALA F 540 -28.41 -60.87 -33.67
C ALA F 540 -28.60 -62.20 -32.99
N ILE F 541 -28.76 -63.26 -33.77
CA ILE F 541 -29.08 -64.56 -33.24
C ILE F 541 -28.03 -65.08 -32.29
N ARG F 542 -26.77 -64.97 -32.68
CA ARG F 542 -25.72 -65.45 -31.81
C ARG F 542 -25.65 -64.60 -30.55
N ALA F 543 -25.87 -63.30 -30.71
CA ALA F 543 -25.83 -62.38 -29.59
C ALA F 543 -26.87 -62.73 -28.54
N VAL F 544 -28.06 -63.09 -29.00
CA VAL F 544 -29.14 -63.48 -28.12
C VAL F 544 -28.79 -64.75 -27.41
N LEU F 545 -28.17 -65.67 -28.13
CA LEU F 545 -27.79 -66.96 -27.58
C LEU F 545 -26.75 -66.78 -26.53
N ALA F 546 -25.72 -66.01 -26.84
CA ALA F 546 -24.64 -65.84 -25.89
C ALA F 546 -25.11 -65.12 -24.64
N ALA F 547 -25.79 -64.01 -24.84
CA ALA F 547 -26.18 -63.15 -23.74
C ALA F 547 -27.10 -63.85 -22.78
N THR F 548 -28.04 -64.63 -23.29
CA THR F 548 -29.00 -65.34 -22.45
C THR F 548 -28.53 -66.64 -21.80
N MET F 549 -27.84 -67.49 -22.55
CA MET F 549 -27.38 -68.78 -22.05
C MET F 549 -26.41 -68.70 -20.87
N SER F 550 -25.50 -67.76 -20.90
CA SER F 550 -24.52 -67.65 -19.83
C SER F 550 -24.51 -66.30 -19.17
N PRO F 551 -24.27 -66.27 -17.87
CA PRO F 551 -24.13 -65.01 -17.15
C PRO F 551 -22.97 -64.23 -17.66
N ALA F 552 -21.94 -64.88 -18.17
CA ALA F 552 -20.80 -64.18 -18.71
C ALA F 552 -20.69 -64.34 -20.21
N TRP F 553 -20.62 -63.25 -20.95
CA TRP F 553 -20.50 -63.33 -22.40
C TRP F 553 -19.59 -62.26 -22.93
N GLY F 554 -19.26 -62.34 -24.21
CA GLY F 554 -18.30 -61.41 -24.76
C GLY F 554 -18.45 -61.16 -26.23
N MET F 555 -17.83 -60.09 -26.69
CA MET F 555 -17.92 -59.67 -28.06
C MET F 555 -16.60 -59.07 -28.48
N TYR F 556 -16.14 -59.39 -29.68
CA TYR F 556 -14.91 -58.81 -30.20
C TYR F 556 -15.28 -57.63 -31.06
N CYS F 557 -14.51 -56.55 -30.96
CA CYS F 557 -14.84 -55.30 -31.61
C CYS F 557 -15.17 -55.45 -33.07
N GLY F 558 -16.09 -54.64 -33.56
CA GLY F 558 -16.47 -54.71 -34.95
C GLY F 558 -17.58 -55.69 -35.20
N TYR F 559 -17.86 -56.52 -34.22
CA TYR F 559 -18.93 -57.47 -34.35
C TYR F 559 -20.20 -56.71 -34.60
N GLU F 560 -20.37 -55.61 -33.89
CA GLU F 560 -21.57 -54.82 -34.01
C GLU F 560 -21.68 -54.17 -35.35
N LEU F 561 -20.63 -54.21 -36.14
CA LEU F 561 -20.69 -53.60 -37.48
C LEU F 561 -20.97 -54.63 -38.54
N PHE F 562 -21.22 -55.87 -38.12
CA PHE F 562 -21.52 -56.96 -39.02
C PHE F 562 -20.35 -57.32 -39.89
N GLU F 563 -19.13 -57.14 -39.40
CA GLU F 563 -17.95 -57.53 -40.15
C GLU F 563 -18.02 -59.01 -40.38
N HIS F 564 -18.13 -59.41 -41.63
CA HIS F 564 -18.44 -60.78 -41.98
C HIS F 564 -17.61 -61.38 -43.10
N ARG F 565 -16.51 -60.74 -43.45
CA ARG F 565 -15.72 -61.22 -44.57
C ARG F 565 -14.47 -61.95 -44.12
N ALA F 566 -14.32 -63.20 -44.54
CA ALA F 566 -13.15 -63.99 -44.14
C ALA F 566 -12.11 -64.00 -45.22
N VAL F 567 -10.88 -64.35 -44.85
CA VAL F 567 -9.75 -64.28 -45.77
C VAL F 567 -9.93 -65.17 -47.00
N ARG F 568 -10.41 -66.39 -46.81
CA ARG F 568 -10.71 -67.27 -47.93
C ARG F 568 -11.86 -68.15 -47.53
N GLU F 569 -12.61 -68.66 -48.49
CA GLU F 569 -13.73 -69.51 -48.13
C GLU F 569 -13.24 -70.70 -47.36
N GLY F 570 -13.97 -71.09 -46.33
CA GLY F 570 -13.56 -72.23 -45.55
C GLY F 570 -12.59 -71.92 -44.43
N SER F 571 -12.34 -70.64 -44.21
CA SER F 571 -11.46 -70.26 -43.13
C SER F 571 -12.22 -69.57 -42.02
N GLU F 572 -11.62 -69.50 -40.85
CA GLU F 572 -12.23 -68.80 -39.74
C GLU F 572 -11.43 -67.58 -39.37
N GLU F 573 -10.60 -67.10 -40.29
CA GLU F 573 -9.78 -65.92 -40.03
C GLU F 573 -10.33 -64.68 -40.68
N TYR F 574 -10.36 -63.61 -39.91
CA TYR F 574 -10.92 -62.36 -40.37
C TYR F 574 -10.07 -61.83 -41.52
N LEU F 575 -10.71 -61.46 -42.62
CA LEU F 575 -9.95 -60.90 -43.72
C LEU F 575 -9.33 -59.60 -43.29
N ASP F 576 -8.08 -59.39 -43.64
CA ASP F 576 -7.36 -58.20 -43.24
C ASP F 576 -7.35 -58.07 -41.73
N SER F 577 -7.01 -59.15 -41.04
CA SER F 577 -7.15 -59.23 -39.59
C SER F 577 -6.49 -58.13 -38.80
N GLU F 578 -7.13 -57.73 -37.73
CA GLU F 578 -6.68 -56.68 -36.84
C GLU F 578 -5.41 -57.04 -36.13
N LYS F 579 -5.11 -58.33 -36.04
CA LYS F 579 -3.92 -58.75 -35.34
C LYS F 579 -2.69 -58.28 -36.08
N TYR F 580 -2.78 -58.29 -37.40
CA TYR F 580 -1.65 -57.97 -38.24
C TYR F 580 -1.71 -56.55 -38.81
N GLU F 581 -2.85 -55.89 -38.65
CA GLU F 581 -3.12 -54.62 -39.30
C GLU F 581 -3.85 -53.64 -38.39
N LEU F 582 -3.73 -52.35 -38.65
CA LEU F 582 -4.46 -51.35 -37.91
C LEU F 582 -5.86 -51.25 -38.46
N ARG F 583 -6.86 -51.26 -37.60
CA ARG F 583 -8.24 -51.20 -38.08
C ARG F 583 -9.09 -50.20 -37.34
N PRO F 584 -9.07 -48.94 -37.76
CA PRO F 584 -10.00 -47.96 -37.22
C PRO F 584 -11.38 -48.27 -37.73
N ARG F 585 -12.40 -48.04 -36.93
CA ARG F 585 -13.76 -48.27 -37.35
C ARG F 585 -14.55 -47.04 -37.06
N ASP F 586 -15.59 -46.82 -37.84
CA ASP F 586 -16.40 -45.64 -37.69
C ASP F 586 -17.77 -46.08 -37.21
N PHE F 587 -17.92 -46.24 -35.91
CA PHE F 587 -19.14 -46.75 -35.37
C PHE F 587 -20.29 -45.81 -35.57
N ALA F 588 -20.02 -44.52 -35.42
CA ALA F 588 -21.07 -43.52 -35.47
C ALA F 588 -21.79 -43.58 -36.79
N SER F 589 -21.06 -43.63 -37.89
CA SER F 589 -21.71 -43.62 -39.19
C SER F 589 -22.63 -44.80 -39.33
N ALA F 590 -22.24 -45.94 -38.77
CA ALA F 590 -23.06 -47.13 -38.86
C ALA F 590 -24.36 -46.89 -38.15
N LEU F 591 -24.28 -46.21 -37.01
CA LEU F 591 -25.46 -45.90 -36.24
C LEU F 591 -26.41 -45.06 -37.07
N ASP F 592 -25.86 -44.08 -37.75
CA ASP F 592 -26.64 -43.14 -38.53
C ASP F 592 -27.29 -43.80 -39.71
N GLN F 593 -26.58 -44.73 -40.34
CA GLN F 593 -27.11 -45.43 -41.51
C GLN F 593 -27.84 -46.73 -41.18
N GLY F 594 -28.12 -46.96 -39.91
CA GLY F 594 -28.87 -48.14 -39.52
C GLY F 594 -28.22 -49.44 -39.91
N ARG F 595 -26.91 -49.48 -39.81
CA ARG F 595 -26.17 -50.69 -40.12
C ARG F 595 -25.40 -51.14 -38.90
N SER F 596 -25.92 -50.89 -37.71
CA SER F 596 -25.20 -51.25 -36.52
C SER F 596 -26.05 -52.04 -35.57
N LEU F 597 -25.45 -53.02 -34.91
CA LEU F 597 -26.17 -53.86 -33.98
C LEU F 597 -25.94 -53.32 -32.59
N GLN F 598 -25.37 -52.14 -32.53
CA GLN F 598 -25.11 -51.52 -31.25
C GLN F 598 -26.38 -51.32 -30.43
N PRO F 599 -27.48 -50.86 -31.04
CA PRO F 599 -28.66 -50.71 -30.22
C PRO F 599 -29.14 -52.01 -29.62
N PHE F 600 -29.16 -53.06 -30.43
CA PHE F 600 -29.66 -54.34 -29.99
C PHE F 600 -28.87 -54.83 -28.82
N ILE F 601 -27.56 -54.77 -28.95
CA ILE F 601 -26.69 -55.25 -27.89
C ILE F 601 -26.93 -54.47 -26.61
N THR F 602 -27.14 -53.19 -26.76
CA THR F 602 -27.38 -52.39 -25.60
C THR F 602 -28.61 -52.94 -24.91
N ARG F 603 -29.64 -53.19 -25.71
CA ARG F 603 -30.92 -53.63 -25.19
C ARG F 603 -30.76 -54.98 -24.53
N LEU F 604 -29.90 -55.81 -25.10
CA LEU F 604 -29.65 -57.13 -24.55
C LEU F 604 -28.98 -57.02 -23.21
N ASN F 605 -27.97 -56.18 -23.07
CA ASN F 605 -27.31 -56.08 -21.79
C ASN F 605 -28.19 -55.47 -20.72
N ILE F 606 -29.05 -54.52 -21.08
CA ILE F 606 -29.96 -53.95 -20.11
C ILE F 606 -30.85 -55.04 -19.55
N ILE F 607 -31.29 -55.92 -20.42
CA ILE F 607 -32.16 -57.01 -20.00
C ILE F 607 -31.46 -57.88 -18.99
N ARG F 608 -30.20 -58.21 -19.23
CA ARG F 608 -29.43 -59.00 -18.31
C ARG F 608 -29.34 -58.33 -16.95
N ARG F 609 -29.08 -57.05 -16.94
CA ARG F 609 -28.99 -56.38 -15.67
C ARG F 609 -30.36 -56.36 -14.99
N LEU F 610 -31.40 -56.19 -15.78
CA LEU F 610 -32.74 -56.09 -15.25
C LEU F 610 -33.26 -57.34 -14.57
N HIS F 611 -32.99 -58.49 -15.17
CA HIS F 611 -33.48 -59.76 -14.65
C HIS F 611 -32.37 -60.60 -14.09
N PRO F 612 -32.35 -60.80 -12.78
CA PRO F 612 -31.27 -61.53 -12.14
C PRO F 612 -31.24 -62.99 -12.53
N ALA F 613 -32.25 -63.43 -13.25
CA ALA F 613 -32.27 -64.80 -13.71
C ALA F 613 -31.11 -65.00 -14.64
N PHE F 614 -30.73 -63.96 -15.33
CA PHE F 614 -29.68 -64.09 -16.30
C PHE F 614 -28.29 -64.14 -15.67
N GLN F 615 -28.21 -63.97 -14.35
CA GLN F 615 -26.93 -64.10 -13.67
C GLN F 615 -26.69 -65.51 -13.23
N GLN F 616 -27.60 -66.41 -13.55
CA GLN F 616 -27.51 -67.78 -13.04
C GLN F 616 -26.89 -68.79 -14.01
N LEU F 617 -26.08 -69.70 -13.48
CA LEU F 617 -25.55 -70.79 -14.29
C LEU F 617 -26.50 -71.97 -14.26
N ARG F 618 -26.95 -72.29 -13.06
CA ARG F 618 -27.65 -73.52 -12.78
C ARG F 618 -29.01 -73.73 -13.41
N THR F 619 -29.80 -72.68 -13.54
CA THR F 619 -31.22 -72.89 -13.74
C THR F 619 -31.77 -72.95 -15.14
N ILE F 620 -30.93 -73.02 -16.16
CA ILE F 620 -31.45 -73.09 -17.51
C ILE F 620 -32.30 -74.34 -17.68
N HIS F 621 -33.45 -74.20 -18.34
CA HIS F 621 -34.34 -75.33 -18.59
C HIS F 621 -34.95 -75.20 -19.96
N PHE F 622 -34.97 -76.26 -20.74
CA PHE F 622 -35.41 -76.18 -22.11
C PHE F 622 -36.84 -76.67 -22.27
N HIS F 623 -37.64 -75.89 -22.99
CA HIS F 623 -39.03 -76.20 -23.20
C HIS F 623 -39.24 -76.60 -24.65
N HIS F 624 -40.21 -77.45 -24.91
CA HIS F 624 -40.35 -78.03 -26.23
C HIS F 624 -41.00 -77.09 -27.22
N VAL F 625 -40.37 -76.89 -28.36
CA VAL F 625 -41.00 -76.17 -29.45
C VAL F 625 -40.94 -76.99 -30.72
N ASP F 626 -42.09 -77.33 -31.28
CA ASP F 626 -42.12 -78.27 -32.39
C ASP F 626 -41.70 -77.63 -33.70
N ASN F 627 -40.50 -77.06 -33.69
CA ASN F 627 -39.86 -76.58 -34.90
C ASN F 627 -38.38 -76.76 -34.75
N ASP F 628 -37.75 -77.41 -35.70
CA ASP F 628 -36.34 -77.72 -35.59
C ASP F 628 -35.52 -76.46 -35.60
N ALA F 629 -36.11 -75.38 -36.07
CA ALA F 629 -35.40 -74.12 -36.20
C ALA F 629 -35.63 -73.19 -35.04
N LEU F 630 -36.42 -73.58 -34.07
CA LEU F 630 -36.73 -72.70 -32.97
C LEU F 630 -36.25 -73.35 -31.74
N LEU F 631 -35.63 -72.57 -30.86
CA LEU F 631 -35.08 -73.07 -29.61
C LEU F 631 -35.65 -72.28 -28.45
N ALA F 632 -36.21 -72.94 -27.44
CA ALA F 632 -36.80 -72.22 -26.31
C ALA F 632 -36.36 -72.73 -24.97
N TYR F 633 -35.82 -71.84 -24.15
CA TYR F 633 -35.31 -72.18 -22.84
C TYR F 633 -35.60 -71.09 -21.82
N SER F 634 -35.54 -71.43 -20.54
CA SER F 634 -35.87 -70.48 -19.51
C SER F 634 -34.91 -70.50 -18.34
N LYS F 635 -34.73 -69.36 -17.69
CA LYS F 635 -33.87 -69.30 -16.52
C LYS F 635 -34.63 -68.65 -15.40
N PHE F 636 -34.32 -68.96 -14.16
CA PHE F 636 -34.95 -68.28 -13.04
C PHE F 636 -33.95 -68.02 -11.94
N ASP F 637 -34.28 -67.12 -11.02
CA ASP F 637 -33.39 -66.81 -9.92
C ASP F 637 -33.96 -67.34 -8.62
N PRO F 638 -33.23 -68.21 -7.93
CA PRO F 638 -33.62 -68.82 -6.66
C PRO F 638 -33.98 -67.80 -5.60
N ALA F 639 -33.35 -66.63 -5.65
CA ALA F 639 -33.61 -65.59 -4.68
C ALA F 639 -34.92 -64.86 -4.93
N THR F 640 -34.98 -64.09 -6.01
CA THR F 640 -36.08 -63.18 -6.27
C THR F 640 -37.24 -63.82 -6.95
N GLY F 641 -37.03 -65.02 -7.44
CA GLY F 641 -38.07 -65.73 -8.11
C GLY F 641 -38.20 -65.29 -9.53
N ASP F 642 -37.39 -64.33 -9.93
CA ASP F 642 -37.42 -63.81 -11.28
C ASP F 642 -37.37 -64.94 -12.29
N CYS F 643 -38.10 -64.82 -13.38
CA CYS F 643 -38.14 -65.90 -14.34
C CYS F 643 -38.27 -65.34 -15.74
N VAL F 644 -37.49 -65.84 -16.68
CA VAL F 644 -37.49 -65.32 -18.04
C VAL F 644 -37.42 -66.45 -19.05
N LEU F 645 -38.10 -66.30 -20.18
CA LEU F 645 -38.09 -67.30 -21.22
C LEU F 645 -37.61 -66.71 -22.51
N VAL F 646 -36.72 -67.41 -23.20
CA VAL F 646 -36.19 -66.95 -24.46
C VAL F 646 -36.58 -67.89 -25.56
N VAL F 647 -37.11 -67.36 -26.65
CA VAL F 647 -37.35 -68.17 -27.82
C VAL F 647 -36.67 -67.53 -29.02
N VAL F 648 -35.78 -68.27 -29.67
CA VAL F 648 -35.00 -67.76 -30.79
C VAL F 648 -35.07 -68.66 -32.00
N THR F 649 -34.77 -68.11 -33.16
CA THR F 649 -34.75 -68.88 -34.38
C THR F 649 -33.32 -69.09 -34.77
N LEU F 650 -33.00 -70.23 -35.34
CA LEU F 650 -31.65 -70.45 -35.81
C LEU F 650 -31.57 -70.23 -37.31
N ASN F 651 -32.69 -69.92 -37.92
CA ASN F 651 -32.74 -69.58 -39.32
C ASN F 651 -32.91 -68.09 -39.42
N ALA F 652 -31.93 -67.43 -40.01
CA ALA F 652 -31.89 -65.98 -40.11
C ALA F 652 -32.77 -65.45 -41.21
N PHE F 653 -33.12 -66.30 -42.15
CA PHE F 653 -33.81 -65.84 -43.34
C PHE F 653 -35.30 -66.06 -43.45
N GLY F 654 -35.83 -67.16 -42.93
CA GLY F 654 -37.25 -67.40 -43.12
C GLY F 654 -38.04 -67.30 -41.85
N PRO F 655 -39.28 -66.82 -41.94
CA PRO F 655 -40.17 -66.80 -40.78
C PRO F 655 -40.37 -68.22 -40.37
N GLU F 656 -40.43 -68.50 -39.08
CA GLU F 656 -40.63 -69.86 -38.66
C GLU F 656 -41.66 -69.86 -37.55
N GLU F 657 -42.60 -70.80 -37.56
CA GLU F 657 -43.66 -70.78 -36.57
C GLU F 657 -43.86 -72.13 -35.93
N ALA F 658 -44.42 -72.14 -34.73
CA ALA F 658 -44.57 -73.37 -33.98
C ALA F 658 -45.51 -73.28 -32.80
N THR F 659 -45.72 -74.40 -32.13
CA THR F 659 -46.46 -74.48 -30.89
C THR F 659 -45.49 -74.68 -29.74
N LEU F 660 -45.51 -73.85 -28.72
CA LEU F 660 -44.52 -73.98 -27.68
C LEU F 660 -45.14 -74.64 -26.47
N TRP F 661 -44.52 -75.71 -25.98
CA TRP F 661 -45.10 -76.44 -24.86
C TRP F 661 -44.29 -76.27 -23.60
N LEU F 662 -44.76 -75.42 -22.70
CA LEU F 662 -44.04 -75.13 -21.49
C LEU F 662 -44.09 -76.29 -20.53
N ASP F 663 -43.04 -76.51 -19.75
CA ASP F 663 -43.09 -77.47 -18.67
C ASP F 663 -43.42 -76.68 -17.44
N MET F 664 -44.70 -76.60 -17.13
CA MET F 664 -45.16 -75.67 -16.14
C MET F 664 -44.55 -75.95 -14.80
N ALA F 665 -44.28 -77.21 -14.52
CA ALA F 665 -43.75 -77.57 -13.23
C ALA F 665 -42.45 -76.83 -13.00
N ALA F 666 -41.66 -76.74 -14.06
CA ALA F 666 -40.38 -76.05 -14.04
C ALA F 666 -40.53 -74.57 -13.80
N LEU F 667 -41.64 -74.02 -14.21
CA LEU F 667 -41.90 -72.60 -14.02
C LEU F 667 -42.67 -72.34 -12.76
N GLY F 668 -43.00 -73.38 -12.02
CA GLY F 668 -43.66 -73.20 -10.75
C GLY F 668 -45.16 -73.02 -10.85
N MET F 669 -45.75 -73.55 -11.90
CA MET F 669 -47.19 -73.44 -12.08
C MET F 669 -47.80 -74.81 -12.35
N GLU F 670 -49.10 -74.96 -12.14
CA GLU F 670 -49.78 -76.21 -12.46
C GLU F 670 -50.03 -76.30 -13.95
N ASP F 671 -50.29 -77.50 -14.46
CA ASP F 671 -50.44 -77.65 -15.89
C ASP F 671 -51.60 -76.84 -16.43
N TYR F 672 -52.66 -76.73 -15.66
CA TYR F 672 -53.89 -76.09 -16.11
C TYR F 672 -53.83 -74.58 -16.03
N ASP F 673 -52.81 -74.05 -15.40
CA ASP F 673 -52.73 -72.63 -15.11
C ASP F 673 -52.74 -71.77 -16.35
N ARG F 674 -53.21 -70.55 -16.21
CA ARG F 674 -53.11 -69.54 -17.25
C ARG F 674 -52.54 -68.27 -16.62
N PHE F 675 -51.70 -67.55 -17.35
CA PHE F 675 -50.91 -66.52 -16.73
C PHE F 675 -50.53 -65.45 -17.71
N TRP F 676 -49.96 -64.35 -17.23
CA TRP F 676 -49.60 -63.25 -18.10
C TRP F 676 -48.11 -63.05 -18.24
N VAL F 677 -47.67 -62.67 -19.44
CA VAL F 677 -46.26 -62.51 -19.71
C VAL F 677 -46.04 -61.17 -20.37
N ARG F 678 -44.81 -60.71 -20.38
CA ARG F 678 -44.46 -59.45 -21.02
C ARG F 678 -43.22 -59.62 -21.84
N ASP F 679 -43.22 -59.02 -23.02
CA ASP F 679 -42.09 -59.12 -23.93
C ASP F 679 -41.11 -58.00 -23.69
N GLU F 680 -39.90 -58.31 -23.25
CA GLU F 680 -38.98 -57.29 -22.81
C GLU F 680 -38.46 -56.36 -23.90
N ILE F 681 -38.41 -56.82 -25.14
CA ILE F 681 -38.05 -55.88 -26.19
C ILE F 681 -39.25 -55.01 -26.54
N THR F 682 -40.41 -55.62 -26.79
CA THR F 682 -41.64 -54.92 -27.21
C THR F 682 -42.44 -54.20 -26.14
N GLY F 683 -42.55 -54.80 -24.98
CA GLY F 683 -43.36 -54.26 -23.92
C GLY F 683 -44.79 -54.77 -23.97
N GLU F 684 -45.11 -55.54 -25.00
CA GLU F 684 -46.46 -56.07 -25.16
C GLU F 684 -46.74 -57.10 -24.09
N GLU F 685 -48.01 -57.24 -23.69
CA GLU F 685 -48.35 -58.22 -22.68
C GLU F 685 -49.37 -59.17 -23.26
N TYR F 686 -49.32 -60.44 -22.89
CA TYR F 686 -50.35 -61.33 -23.33
C TYR F 686 -50.60 -62.45 -22.35
N GLN F 687 -51.66 -63.20 -22.60
CA GLN F 687 -52.04 -64.31 -21.77
C GLN F 687 -51.64 -65.61 -22.42
N TRP F 688 -51.05 -66.49 -21.64
CA TRP F 688 -50.52 -67.75 -22.13
C TRP F 688 -50.96 -68.89 -21.25
N GLY F 689 -50.70 -70.11 -21.71
CA GLY F 689 -51.02 -71.31 -20.96
C GLY F 689 -49.97 -72.33 -21.27
N GLN F 690 -50.26 -73.60 -21.05
CA GLN F 690 -49.29 -74.64 -21.34
C GLN F 690 -48.88 -74.71 -22.80
N ALA F 691 -49.82 -74.56 -23.71
CA ALA F 691 -49.48 -74.63 -25.11
C ALA F 691 -49.80 -73.33 -25.77
N ASN F 692 -48.82 -72.74 -26.43
CA ASN F 692 -49.00 -71.41 -26.96
C ASN F 692 -48.47 -71.31 -28.37
N TYR F 693 -49.02 -70.41 -29.14
CA TYR F 693 -48.60 -70.23 -30.50
C TYR F 693 -47.49 -69.23 -30.51
N ILE F 694 -46.45 -69.51 -31.27
CA ILE F 694 -45.36 -68.57 -31.39
C ILE F 694 -44.90 -68.52 -32.83
N ARG F 695 -44.67 -67.33 -33.36
CA ARG F 695 -44.14 -67.18 -34.70
C ARG F 695 -43.07 -66.12 -34.69
N ILE F 696 -41.92 -66.43 -35.29
CA ILE F 696 -40.76 -65.57 -35.25
C ILE F 696 -40.34 -65.08 -36.60
N ASP F 697 -40.13 -63.77 -36.70
CA ASP F 697 -39.82 -63.14 -37.95
C ASP F 697 -38.46 -62.50 -37.88
N PRO F 698 -37.48 -63.10 -38.54
CA PRO F 698 -36.18 -62.45 -38.55
C PRO F 698 -36.35 -61.20 -39.35
N ALA F 699 -35.47 -60.22 -39.28
CA ALA F 699 -35.66 -59.02 -40.08
C ALA F 699 -36.91 -58.28 -39.62
N ARG F 700 -37.50 -58.78 -38.54
CA ARG F 700 -38.52 -58.10 -37.80
C ARG F 700 -38.07 -58.17 -36.34
N ALA F 701 -37.94 -59.38 -35.82
CA ALA F 701 -37.24 -59.60 -34.55
C ALA F 701 -36.84 -61.07 -34.45
N VAL F 702 -35.59 -61.35 -34.16
CA VAL F 702 -35.12 -62.72 -34.19
C VAL F 702 -35.36 -63.48 -32.90
N ALA F 703 -35.91 -62.82 -31.90
CA ALA F 703 -36.17 -63.51 -30.66
C ALA F 703 -37.22 -62.85 -29.81
N HIS F 704 -37.84 -63.64 -28.96
CA HIS F 704 -38.80 -63.14 -28.01
C HIS F 704 -38.20 -63.37 -26.65
N ILE F 705 -37.94 -62.32 -25.91
CA ILE F 705 -37.50 -62.49 -24.55
C ILE F 705 -38.65 -62.14 -23.66
N ILE F 706 -39.18 -63.14 -22.97
CA ILE F 706 -40.45 -63.05 -22.31
C ILE F 706 -40.30 -63.00 -20.82
N ASN F 707 -40.92 -62.05 -20.15
CA ASN F 707 -40.88 -62.05 -18.72
C ASN F 707 -42.02 -62.91 -18.24
N MET F 708 -41.77 -63.84 -17.33
CA MET F 708 -42.76 -64.82 -16.91
C MET F 708 -43.15 -64.65 -15.46
N PRO F 709 -44.27 -65.24 -15.04
CA PRO F 709 -44.68 -65.09 -13.65
C PRO F 709 -43.62 -65.56 -12.71
N ALA F 710 -43.35 -64.82 -11.66
CA ALA F 710 -42.27 -65.16 -10.79
C ALA F 710 -42.47 -66.49 -10.13
N VAL F 711 -41.43 -67.31 -10.12
CA VAL F 711 -41.47 -68.60 -9.47
C VAL F 711 -41.80 -68.42 -8.01
N PRO F 712 -42.82 -69.11 -7.52
CA PRO F 712 -43.30 -68.96 -6.15
C PRO F 712 -42.21 -69.24 -5.16
N TYR F 713 -42.48 -69.10 -3.87
CA TYR F 713 -41.48 -69.48 -2.89
C TYR F 713 -41.44 -71.02 -2.79
N GLU F 714 -41.16 -71.63 -3.93
CA GLU F 714 -40.78 -73.02 -4.10
C GLU F 714 -39.57 -72.92 -5.01
N SER F 715 -38.94 -71.76 -4.92
CA SER F 715 -37.74 -71.46 -5.66
C SER F 715 -36.69 -72.43 -5.18
N ARG F 716 -36.64 -72.60 -3.87
CA ARG F 716 -35.57 -73.35 -3.25
C ARG F 716 -35.50 -74.79 -3.72
N ASN F 717 -36.64 -75.45 -3.88
CA ASN F 717 -36.57 -76.84 -4.32
C ASN F 717 -36.46 -77.03 -5.82
N THR F 718 -36.80 -76.04 -6.62
CA THR F 718 -36.65 -76.19 -8.06
C THR F 718 -35.17 -76.02 -8.44
N LEU F 719 -34.33 -75.76 -7.44
CA LEU F 719 -32.90 -75.64 -7.66
C LEU F 719 -32.21 -76.92 -7.23
N LEU F 720 -32.97 -77.80 -6.60
CA LEU F 720 -32.47 -79.01 -5.97
C LEU F 720 -31.54 -79.78 -6.89
N ARG F 721 -30.61 -80.51 -6.27
CA ARG F 721 -29.54 -81.31 -6.89
C ARG F 721 -28.32 -80.47 -7.22
C1 GLC G . -8.37 -14.22 25.96
C2 GLC G . -6.86 -14.35 26.01
C3 GLC G . -6.51 -15.74 26.49
C4 GLC G . -7.19 -15.93 27.84
C5 GLC G . -8.70 -15.87 27.66
C6 GLC G . -9.33 -14.97 28.69
O1 GLC G . -8.71 -13.86 24.64
O2 GLC G . -6.36 -14.13 24.71
O3 GLC G . -5.11 -15.85 26.58
O4 GLC G . -6.86 -17.16 28.42
O5 GLC G . -9.02 -15.41 26.36
O6 GLC G . -10.62 -14.64 28.27
C1 GLC G . -5.81 -17.10 29.36
C2 GLC G . -5.19 -18.47 29.47
C3 GLC G . -6.18 -19.44 30.06
C4 GLC G . -6.71 -18.85 31.37
C5 GLC G . -7.32 -17.50 31.09
C6 GLC G . -7.82 -16.88 32.38
O2 GLC G . -4.85 -18.90 28.18
O3 GLC G . -5.51 -20.66 30.28
O4 GLC G . -7.71 -19.68 31.90
O5 GLC G . -6.32 -16.66 30.60
O6 GLC G . -6.69 -16.54 33.14
C1 GLC H . -46.89 -5.12 -27.91
C2 GLC H . -47.02 -5.99 -29.15
C3 GLC H . -46.41 -5.26 -30.34
C4 GLC H . -47.16 -3.94 -30.45
C5 GLC H . -46.83 -3.10 -29.24
C6 GLC H . -48.07 -2.38 -28.73
O1 GLC H . -46.12 -5.84 -26.99
O2 GLC H . -46.38 -7.23 -28.95
O3 GLC H . -46.53 -6.06 -31.49
O4 GLC H . -46.80 -3.26 -31.62
O5 GLC H . -46.26 -3.88 -28.21
O6 GLC H . -47.75 -1.78 -27.52
C1 GLC H . -47.68 -3.47 -32.69
C2 GLC H . -46.91 -3.30 -33.98
C3 GLC H . -46.55 -1.85 -34.21
C4 GLC H . -47.78 -0.98 -34.03
C5 GLC H . -48.36 -1.23 -32.66
C6 GLC H . -49.62 -0.41 -32.48
O2 GLC H . -45.72 -4.04 -33.85
O3 GLC H . -46.05 -1.71 -35.52
O4 GLC H . -47.44 0.37 -34.13
O5 GLC H . -48.76 -2.57 -32.62
O6 GLC H . -50.66 -1.15 -33.07
C1 GLC I . 53.24 26.54 14.11
C2 GLC I . 53.33 25.08 13.70
C3 GLC I . 54.29 24.36 14.63
C4 GLC I . 55.62 25.09 14.58
C5 GLC I . 55.43 26.48 15.15
C6 GLC I . 56.11 27.53 14.28
O1 GLC I . 51.89 26.77 14.41
O2 GLC I . 52.05 24.53 13.79
O3 GLC I . 54.42 23.02 14.23
O4 GLC I . 56.62 24.44 15.33
O5 GLC I . 54.04 26.79 15.25
O6 GLC I . 55.66 28.79 14.71
C1 GLC I . 57.45 23.57 14.61
C2 GLC I . 57.91 22.47 15.53
C3 GLC I . 58.85 23.03 16.58
C4 GLC I . 59.95 23.78 15.87
C5 GLC I . 59.34 24.88 15.03
C6 GLC I . 60.40 25.66 14.30
O2 GLC I . 56.79 21.93 16.18
O3 GLC I . 59.38 21.97 17.34
O4 GLC I . 60.83 24.34 16.80
O5 GLC I . 58.52 24.29 14.07
O6 GLC I . 60.82 24.89 13.21
C1 GLC J . 0.70 60.10 38.28
C2 GLC J . -0.16 59.75 39.47
C3 GLC J . -1.55 59.34 39.00
C4 GLC J . -2.09 60.49 38.16
C5 GLC J . -1.25 60.58 36.91
C6 GLC J . -1.01 62.03 36.52
O1 GLC J . 1.80 59.24 38.35
O2 GLC J . 0.44 58.70 40.18
O3 GLC J . -2.36 59.09 40.13
O4 GLC J . -3.45 60.29 37.81
O5 GLC J . -0.01 59.90 37.07
O6 GLC J . -0.12 62.04 35.44
C1 GLC J . -4.38 60.91 38.66
C2 GLC J . -5.68 60.10 38.63
C3 GLC J . -6.38 60.23 37.29
C4 GLC J . -6.49 61.70 36.94
C5 GLC J . -5.11 62.33 36.95
C6 GLC J . -5.21 63.80 36.63
O2 GLC J . -5.35 58.75 38.84
O3 GLC J . -7.65 59.64 37.39
O4 GLC J . -7.05 61.85 35.65
O5 GLC J . -4.61 62.23 38.24
O6 GLC J . -5.72 64.43 37.76
C1 GLC K . 26.60 -17.71 -39.90
C2 GLC K . 26.85 -18.33 -38.53
C3 GLC K . 28.00 -19.31 -38.60
C4 GLC K . 27.66 -20.30 -39.71
C5 GLC K . 27.70 -19.54 -41.03
C6 GLC K . 26.61 -20.06 -41.95
O1 GLC K . 26.66 -16.32 -39.74
O2 GLC K . 27.14 -17.33 -37.58
O3 GLC K . 28.14 -19.95 -37.35
O4 GLC K . 28.56 -21.38 -39.76
O5 GLC K . 27.57 -18.15 -40.83
O6 GLC K . 26.54 -19.21 -43.07
C1 GLC K . 28.10 -22.53 -39.09
C2 GLC K . 29.30 -23.28 -38.55
C3 GLC K . 30.05 -23.99 -39.66
C4 GLC K . 29.07 -24.77 -40.49
C5 GLC K . 28.02 -23.83 -41.03
C6 GLC K . 27.04 -24.60 -41.89
O2 GLC K . 30.14 -22.35 -37.94
O3 GLC K . 31.01 -24.86 -39.10
O4 GLC K . 29.73 -25.35 -41.59
O5 GLC K . 27.32 -23.31 -39.94
O6 GLC K . 26.20 -25.31 -41.03
C1 GLC L . -4.04 -66.21 -28.82
C2 GLC L . -4.57 -65.21 -29.82
C3 GLC L . -4.05 -65.57 -31.20
C4 GLC L . -2.53 -65.63 -31.11
C5 GLC L . -2.15 -66.78 -30.21
C6 GLC L . -1.01 -66.40 -29.29
O1 GLC L . -5.16 -66.80 -28.22
O2 GLC L . -5.98 -65.25 -29.80
O3 GLC L . -4.50 -64.62 -32.14
O4 GLC L . -1.94 -65.81 -32.38
O5 GLC L . -3.27 -67.22 -29.44
O6 GLC L . -0.82 -67.46 -28.40
C1 GLC L . -1.52 -64.62 -33.00
C2 GLC L . -1.52 -64.84 -34.50
C3 GLC L . -0.42 -65.78 -34.89
C4 GLC L . 0.89 -65.26 -34.32
C5 GLC L . 0.75 -65.16 -32.82
C6 GLC L . 2.03 -64.59 -32.22
O2 GLC L . -2.75 -65.43 -34.85
O3 GLC L . -0.35 -65.86 -36.29
O4 GLC L . 1.94 -66.14 -34.65
O5 GLC L . -0.26 -64.24 -32.53
O6 GLC L . 2.11 -63.27 -32.66
#